data_9DIO
#
_entry.id   9DIO
#
_cell.length_a   254.381
_cell.length_b   214.467
_cell.length_c   136.040
_cell.angle_alpha   90.00
_cell.angle_beta   115.08
_cell.angle_gamma   90.00
#
_symmetry.space_group_name_H-M   'C 1 2 1'
#
loop_
_entity.id
_entity.type
_entity.pdbx_description
1 polymer 'Hemagglutinin HA1'
2 polymer 'Hemagglutinin HA2'
3 branched 'N-acetyl-alpha-neuraminic acid-(2-6)-beta-D-galactopyranose-(1-4)-2-acetamido-2-deoxy-beta-D-glucopyranose-(1-3)-beta-D-galactopyranose'
4 branched 2-acetamido-2-deoxy-beta-D-glucopyranose-(1-4)-2-acetamido-2-deoxy-beta-D-glucopyranose
5 branched beta-D-mannopyranose-(1-4)-2-acetamido-2-deoxy-beta-D-glucopyranose-(1-4)-2-acetamido-2-deoxy-beta-D-glucopyranose
6 branched 'N-acetyl-alpha-neuraminic acid-(2-6)-beta-D-galactopyranose-(1-4)-2-acetamido-2-deoxy-beta-D-glucopyranose'
7 branched 'N-acetyl-alpha-neuraminic acid-(2-6)-beta-D-galactopyranose-(1-4)-2-acetamido-2-deoxy-beta-D-glucopyranose-(1-3)-beta-D-galactopyranose-(1-4)-alpha-D-glucopyranose'
8 branched 'N-acetyl-alpha-neuraminic acid-(2-6)-beta-D-galactopyranose-(1-3)-2-acetamido-2-deoxy-beta-D-glucopyranose-(1-3)-beta-D-galactopyranose'
9 non-polymer 2-acetamido-2-deoxy-beta-D-glucopyranose
10 water water
#
loop_
_entity_poly.entity_id
_entity_poly.type
_entity_poly.pdbx_seq_one_letter_code
_entity_poly.pdbx_strand_id
1 'polypeptide(L)'
;ADPGDQICIGYHANNSTEQVDTIMEKNVTVTHAQDILEKTHNGKLCDLNGVKPLILKDCSVAGWLLGNPMCDEFIRVPEW
SYIVERANPANDLCYPGSLNDYEELKHMLSRINHFEKIQIIPKSSWPNHETSLGVSAACPYQGAPSFFRNVVWLIKKNDA
YPTIKISYNNTNREDLLILWGIHHSNNAEEQTNLYKNPITYISVGTSTLNQRLAPKIATRSQVNGLRGRMDFFWTILKPD
DAIHFESNGNFIAPEYAYKIVKKGDSTIMKSGVEYGHCNTKCQTPVGAINSSMPFHNIHPLTIGECPKYVKSNKLVLATG
LRNSP
;
A,C,E,G,I,K,M,O,Q
2 'polypeptide(L)'
;GLFGAIAGFIEGGWQGMVDGWYGYHHSNEQGSGYAADKESTQKAIDGVTNKVNSIIDKMNTQFEAVGREFNNLERRIENL
NKKMEDGFLDVWTYNAELLVLMENERTLDFHDSNVKNLYDKVRLQLRDNAKELGNGCFEFYHKCDNECMESVRNGTYDYP
QYSEEARLKREEISSG
;
B,D,F,H,J,L,N,P,R
#
# COMPACT_ATOMS: atom_id res chain seq x y z
N PRO A 3 -71.41 6.13 63.83
CA PRO A 3 -70.21 5.86 63.03
C PRO A 3 -70.49 6.07 61.53
N GLY A 4 -69.51 5.76 60.69
CA GLY A 4 -69.70 5.85 59.27
C GLY A 4 -68.42 6.29 58.59
N ASP A 5 -68.58 6.91 57.42
CA ASP A 5 -67.49 7.37 56.57
C ASP A 5 -66.56 6.21 56.18
N GLN A 6 -67.12 5.30 55.39
CA GLN A 6 -66.41 4.12 54.93
C GLN A 6 -66.13 4.19 53.43
N ILE A 7 -64.95 3.72 53.04
CA ILE A 7 -64.58 3.52 51.64
C ILE A 7 -64.25 2.04 51.46
N CYS A 8 -64.83 1.41 50.46
CA CYS A 8 -64.69 -0.01 50.24
C CYS A 8 -64.05 -0.29 48.89
N ILE A 9 -63.30 -1.38 48.81
CA ILE A 9 -62.69 -1.85 47.57
C ILE A 9 -63.40 -3.11 47.13
N GLY A 10 -63.86 -3.13 45.87
CA GLY A 10 -64.56 -4.28 45.34
C GLY A 10 -64.29 -4.48 43.87
N TYR A 11 -64.98 -5.44 43.24
CA TYR A 11 -64.73 -5.77 41.85
C TYR A 11 -66.06 -6.03 41.14
N HIS A 12 -65.98 -6.01 39.81
CA HIS A 12 -67.18 -6.09 38.98
C HIS A 12 -67.82 -7.47 39.04
N ALA A 13 -69.14 -7.49 38.86
CA ALA A 13 -69.91 -8.71 38.70
C ALA A 13 -71.13 -8.41 37.85
N ASN A 14 -71.61 -9.41 37.12
CA ASN A 14 -72.75 -9.24 36.23
C ASN A 14 -73.60 -10.51 36.27
N ASN A 15 -74.51 -10.62 35.30
CA ASN A 15 -75.47 -11.72 35.21
C ASN A 15 -74.98 -12.86 34.34
N SER A 16 -73.69 -12.89 34.03
CA SER A 16 -73.15 -13.89 33.12
C SER A 16 -73.20 -15.29 33.72
N THR A 17 -73.46 -16.28 32.86
CA THR A 17 -73.39 -17.68 33.22
C THR A 17 -72.22 -18.39 32.53
N GLU A 18 -71.38 -17.65 31.83
CA GLU A 18 -70.27 -18.25 31.09
C GLU A 18 -69.30 -18.92 32.04
N GLN A 19 -68.97 -20.18 31.77
CA GLN A 19 -68.12 -20.99 32.63
C GLN A 19 -66.84 -21.36 31.91
N VAL A 20 -65.72 -21.22 32.61
CA VAL A 20 -64.42 -21.63 32.10
C VAL A 20 -63.81 -22.62 33.09
N ASP A 21 -62.90 -23.44 32.58
CA ASP A 21 -62.19 -24.43 33.40
C ASP A 21 -60.74 -24.00 33.55
N THR A 22 -60.22 -24.09 34.77
CA THR A 22 -58.83 -23.81 35.06
C THR A 22 -58.10 -25.11 35.38
N ILE A 23 -56.80 -24.99 35.67
CA ILE A 23 -56.00 -26.18 35.92
C ILE A 23 -56.39 -26.82 37.25
N MET A 24 -56.75 -26.01 38.25
CA MET A 24 -57.07 -26.52 39.58
C MET A 24 -58.56 -26.56 39.86
N GLU A 25 -59.40 -26.06 38.95
CA GLU A 25 -60.84 -26.02 39.21
C GLU A 25 -61.59 -26.04 37.88
N LYS A 26 -62.74 -26.70 37.89
CA LYS A 26 -63.57 -26.85 36.70
C LYS A 26 -64.88 -26.10 36.87
N ASN A 27 -65.44 -25.67 35.74
CA ASN A 27 -66.72 -24.97 35.69
C ASN A 27 -66.72 -23.76 36.62
N VAL A 28 -65.84 -22.80 36.31
CA VAL A 28 -65.73 -21.55 37.06
C VAL A 28 -66.48 -20.49 36.26
N THR A 29 -67.57 -19.99 36.82
CA THR A 29 -68.35 -18.95 36.16
C THR A 29 -67.59 -17.63 36.18
N VAL A 30 -67.48 -16.99 35.02
CA VAL A 30 -66.75 -15.74 34.88
C VAL A 30 -67.62 -14.71 34.16
N THR A 31 -67.28 -13.44 34.35
CA THR A 31 -68.07 -12.37 33.76
C THR A 31 -67.98 -12.38 32.23
N HIS A 32 -66.77 -12.49 31.69
CA HIS A 32 -66.56 -12.52 30.25
C HIS A 32 -65.58 -13.63 29.89
N ALA A 33 -65.76 -14.19 28.69
CA ALA A 33 -64.90 -15.25 28.22
C ALA A 33 -64.97 -15.32 26.70
N GLN A 34 -63.92 -15.84 26.10
CA GLN A 34 -63.83 -15.96 24.64
C GLN A 34 -63.40 -17.37 24.27
N ASP A 35 -64.03 -17.93 23.25
CA ASP A 35 -63.73 -19.25 22.75
C ASP A 35 -62.79 -19.13 21.56
N ILE A 36 -61.59 -19.70 21.68
CA ILE A 36 -60.58 -19.60 20.62
C ILE A 36 -60.62 -20.81 19.68
N LEU A 37 -61.70 -21.60 19.72
CA LEU A 37 -61.84 -22.76 18.85
C LEU A 37 -62.89 -22.47 17.80
N GLU A 38 -62.51 -22.59 16.53
CA GLU A 38 -63.46 -22.40 15.44
C GLU A 38 -64.29 -23.67 15.24
N LYS A 39 -65.61 -23.51 15.10
CA LYS A 39 -66.52 -24.63 14.96
C LYS A 39 -67.51 -24.45 13.82
N THR A 40 -67.39 -23.38 13.04
CA THR A 40 -68.40 -22.98 12.07
C THR A 40 -67.81 -23.00 10.66
N HIS A 41 -68.55 -23.60 9.72
CA HIS A 41 -68.22 -23.56 8.30
C HIS A 41 -69.47 -23.16 7.52
N ASN A 42 -69.27 -22.61 6.33
CA ASN A 42 -70.38 -22.11 5.53
C ASN A 42 -71.09 -23.20 4.74
N GLY A 43 -70.58 -24.43 4.76
CA GLY A 43 -71.23 -25.51 4.05
C GLY A 43 -71.17 -25.41 2.54
N LYS A 44 -70.24 -24.61 2.01
CA LYS A 44 -70.12 -24.42 0.57
C LYS A 44 -68.66 -24.52 0.16
N LEU A 45 -68.43 -25.05 -1.04
CA LEU A 45 -67.10 -25.05 -1.64
C LEU A 45 -66.84 -23.70 -2.29
N CYS A 46 -65.73 -23.07 -1.91
CA CYS A 46 -65.44 -21.69 -2.28
C CYS A 46 -64.19 -21.62 -3.15
N ASP A 47 -63.98 -20.44 -3.73
CA ASP A 47 -62.70 -20.12 -4.35
C ASP A 47 -61.62 -20.07 -3.29
N LEU A 48 -60.41 -20.53 -3.65
CA LEU A 48 -59.28 -20.51 -2.74
C LEU A 48 -58.40 -19.32 -3.11
N ASN A 49 -58.46 -18.28 -2.29
CA ASN A 49 -57.69 -17.05 -2.50
C ASN A 49 -57.95 -16.46 -3.89
N GLY A 50 -59.21 -16.46 -4.29
CA GLY A 50 -59.63 -15.82 -5.52
C GLY A 50 -59.66 -16.71 -6.75
N VAL A 51 -59.24 -17.97 -6.66
CA VAL A 51 -59.20 -18.88 -7.79
C VAL A 51 -60.22 -19.98 -7.57
N LYS A 52 -61.11 -20.18 -8.54
CA LYS A 52 -62.16 -21.17 -8.39
C LYS A 52 -61.59 -22.59 -8.53
N PRO A 53 -62.07 -23.53 -7.72
CA PRO A 53 -61.65 -24.92 -7.89
C PRO A 53 -62.17 -25.52 -9.19
N LEU A 54 -61.40 -26.48 -9.71
CA LEU A 54 -61.85 -27.29 -10.83
C LEU A 54 -62.76 -28.39 -10.29
N ILE A 55 -64.04 -28.34 -10.64
CA ILE A 55 -65.04 -29.25 -10.11
C ILE A 55 -65.40 -30.25 -11.20
N LEU A 56 -65.07 -31.51 -10.96
CA LEU A 56 -65.46 -32.60 -11.85
C LEU A 56 -66.74 -33.22 -11.30
N LYS A 57 -67.82 -33.14 -12.08
CA LYS A 57 -69.13 -33.55 -11.57
C LYS A 57 -69.18 -35.04 -11.30
N ASP A 58 -69.05 -35.84 -12.35
CA ASP A 58 -69.16 -37.29 -12.24
C ASP A 58 -67.95 -38.00 -12.81
N CYS A 59 -66.94 -37.26 -13.28
CA CYS A 59 -65.79 -37.84 -13.97
C CYS A 59 -64.57 -37.78 -13.07
N SER A 60 -63.74 -38.81 -13.18
CA SER A 60 -62.41 -38.77 -12.57
C SER A 60 -61.46 -37.95 -13.43
N VAL A 61 -60.27 -37.69 -12.89
CA VAL A 61 -59.28 -36.94 -13.65
C VAL A 61 -58.87 -37.71 -14.89
N ALA A 62 -58.79 -39.04 -14.80
CA ALA A 62 -58.43 -39.85 -15.95
C ALA A 62 -59.48 -39.72 -17.06
N GLY A 63 -60.77 -39.78 -16.70
CA GLY A 63 -61.81 -39.62 -17.69
C GLY A 63 -61.85 -38.23 -18.29
N TRP A 64 -61.65 -37.21 -17.46
CA TRP A 64 -61.66 -35.83 -17.95
C TRP A 64 -60.44 -35.53 -18.80
N LEU A 65 -59.27 -36.09 -18.44
CA LEU A 65 -58.06 -35.87 -19.23
C LEU A 65 -58.16 -36.55 -20.58
N LEU A 66 -58.54 -37.83 -20.60
CA LEU A 66 -58.56 -38.59 -21.84
C LEU A 66 -59.77 -38.31 -22.70
N GLY A 67 -60.75 -37.58 -22.18
CA GLY A 67 -61.93 -37.24 -22.97
C GLY A 67 -62.95 -38.35 -23.04
N ASN A 68 -63.40 -38.82 -21.87
CA ASN A 68 -64.46 -39.81 -21.83
C ASN A 68 -65.71 -39.22 -22.47
N PRO A 69 -66.35 -39.94 -23.41
CA PRO A 69 -67.51 -39.35 -24.11
C PRO A 69 -68.66 -38.95 -23.20
N MET A 70 -68.62 -39.31 -21.91
CA MET A 70 -69.65 -38.89 -20.97
C MET A 70 -69.23 -37.68 -20.14
N CYS A 71 -68.10 -37.07 -20.47
CA CYS A 71 -67.65 -35.85 -19.82
C CYS A 71 -67.60 -34.73 -20.86
N ASP A 72 -67.70 -33.50 -20.38
CA ASP A 72 -67.74 -32.34 -21.27
C ASP A 72 -66.39 -32.15 -21.96
N GLU A 73 -66.46 -31.66 -23.21
CA GLU A 73 -65.27 -31.50 -24.05
C GLU A 73 -64.55 -30.19 -23.73
N PHE A 74 -64.03 -30.12 -22.50
CA PHE A 74 -63.26 -28.98 -22.00
C PHE A 74 -64.15 -27.74 -21.85
N ILE A 75 -63.83 -26.89 -20.89
CA ILE A 75 -64.64 -25.72 -20.57
C ILE A 75 -63.68 -24.60 -20.16
N ARG A 76 -64.24 -23.44 -19.81
CA ARG A 76 -63.42 -22.29 -19.44
C ARG A 76 -62.76 -22.54 -18.09
N VAL A 77 -61.73 -23.38 -18.08
CA VAL A 77 -60.96 -23.65 -16.87
C VAL A 77 -59.48 -23.40 -17.16
N PRO A 78 -59.07 -22.17 -17.49
CA PRO A 78 -57.65 -21.91 -17.72
C PRO A 78 -56.82 -21.89 -16.45
N GLU A 79 -57.46 -22.05 -15.29
CA GLU A 79 -56.77 -21.95 -14.01
C GLU A 79 -57.68 -22.53 -12.93
N TRP A 80 -57.07 -23.22 -11.97
CA TRP A 80 -57.81 -23.68 -10.79
C TRP A 80 -56.85 -23.82 -9.63
N SER A 81 -57.40 -23.74 -8.42
CA SER A 81 -56.60 -23.82 -7.20
C SER A 81 -56.63 -25.19 -6.54
N TYR A 82 -57.70 -25.96 -6.73
CA TYR A 82 -57.77 -27.34 -6.27
C TYR A 82 -58.84 -28.06 -7.07
N ILE A 83 -58.81 -29.39 -7.00
CA ILE A 83 -59.71 -30.24 -7.76
C ILE A 83 -60.69 -30.91 -6.79
N VAL A 84 -61.97 -30.88 -7.13
CA VAL A 84 -63.00 -31.53 -6.34
C VAL A 84 -63.46 -32.77 -7.10
N GLU A 85 -63.31 -33.93 -6.48
CA GLU A 85 -63.76 -35.20 -7.03
C GLU A 85 -64.83 -35.79 -6.14
N ARG A 86 -65.75 -36.52 -6.74
CA ARG A 86 -66.66 -37.34 -5.94
C ARG A 86 -65.90 -38.53 -5.35
N ALA A 87 -66.45 -39.08 -4.27
CA ALA A 87 -65.80 -40.21 -3.61
C ALA A 87 -65.67 -41.39 -4.57
N ASN A 88 -66.72 -41.68 -5.33
CA ASN A 88 -66.71 -42.72 -6.35
C ASN A 88 -67.28 -42.15 -7.64
N PRO A 89 -66.45 -41.56 -8.49
CA PRO A 89 -66.96 -41.00 -9.76
C PRO A 89 -67.42 -42.12 -10.69
N ALA A 90 -68.65 -41.99 -11.18
CA ALA A 90 -69.18 -43.00 -12.08
C ALA A 90 -68.42 -43.02 -13.41
N ASN A 91 -68.07 -41.85 -13.93
CA ASN A 91 -67.37 -41.76 -15.21
C ASN A 91 -65.87 -41.82 -14.97
N ASP A 92 -65.22 -42.79 -15.60
CA ASP A 92 -63.81 -43.08 -15.44
C ASP A 92 -63.32 -43.64 -16.77
N LEU A 93 -62.22 -44.38 -16.75
CA LEU A 93 -61.81 -45.07 -17.96
C LEU A 93 -62.92 -46.04 -18.37
N CYS A 94 -63.69 -45.66 -19.39
CA CYS A 94 -64.80 -46.50 -19.81
C CYS A 94 -64.31 -47.81 -20.40
N TYR A 95 -63.32 -47.74 -21.27
CA TYR A 95 -62.62 -48.94 -21.69
C TYR A 95 -61.70 -49.38 -20.55
N PRO A 96 -61.82 -50.60 -20.06
CA PRO A 96 -61.01 -51.00 -18.90
C PRO A 96 -59.53 -50.93 -19.20
N GLY A 97 -58.76 -50.54 -18.18
CA GLY A 97 -57.32 -50.38 -18.33
C GLY A 97 -56.69 -49.67 -17.15
N SER A 98 -55.74 -48.78 -17.41
CA SER A 98 -55.07 -48.05 -16.35
C SER A 98 -54.37 -46.84 -16.95
N LEU A 99 -54.05 -45.89 -16.07
CA LEU A 99 -53.24 -44.72 -16.41
C LEU A 99 -52.01 -44.73 -15.53
N ASN A 100 -50.84 -44.78 -16.14
CA ASN A 100 -49.60 -44.91 -15.38
C ASN A 100 -49.32 -43.66 -14.56
N ASP A 101 -48.86 -43.87 -13.32
CA ASP A 101 -48.58 -42.77 -12.40
C ASP A 101 -49.78 -41.84 -12.26
N TYR A 102 -50.97 -42.44 -12.13
CA TYR A 102 -52.20 -41.67 -12.07
C TYR A 102 -52.23 -40.78 -10.83
N GLU A 103 -51.74 -41.30 -9.69
CA GLU A 103 -51.73 -40.50 -8.47
C GLU A 103 -50.77 -39.33 -8.59
N GLU A 104 -49.60 -39.54 -9.21
CA GLU A 104 -48.65 -38.44 -9.40
C GLU A 104 -49.17 -37.43 -10.40
N LEU A 105 -49.85 -37.89 -11.44
CA LEU A 105 -50.43 -36.98 -12.42
C LEU A 105 -51.51 -36.10 -11.79
N LYS A 106 -52.35 -36.69 -10.94
CA LYS A 106 -53.40 -35.91 -10.28
C LYS A 106 -52.80 -34.87 -9.34
N HIS A 107 -51.71 -35.22 -8.66
CA HIS A 107 -51.08 -34.27 -7.74
C HIS A 107 -50.53 -33.06 -8.48
N MET A 108 -49.93 -33.28 -9.65
CA MET A 108 -49.45 -32.16 -10.46
C MET A 108 -50.61 -31.30 -10.95
N LEU A 109 -51.70 -31.92 -11.37
CA LEU A 109 -52.85 -31.22 -11.88
C LEU A 109 -53.74 -30.63 -10.80
N SER A 110 -53.37 -30.80 -9.53
CA SER A 110 -54.21 -30.30 -8.44
C SER A 110 -54.38 -28.79 -8.51
N ARG A 111 -53.31 -28.07 -8.82
CA ARG A 111 -53.34 -26.62 -8.98
C ARG A 111 -52.55 -26.25 -10.23
N ILE A 112 -53.24 -25.66 -11.21
CA ILE A 112 -52.65 -25.33 -12.49
C ILE A 112 -52.85 -23.84 -12.75
N ASN A 113 -51.76 -23.15 -13.10
CA ASN A 113 -51.84 -21.72 -13.39
C ASN A 113 -52.42 -21.45 -14.78
N HIS A 114 -52.04 -22.25 -15.78
CA HIS A 114 -52.58 -22.10 -17.12
C HIS A 114 -52.78 -23.46 -17.76
N PHE A 115 -53.92 -23.64 -18.42
CA PHE A 115 -54.33 -24.94 -18.95
C PHE A 115 -55.11 -24.69 -20.24
N GLU A 116 -54.72 -25.35 -21.32
CA GLU A 116 -55.36 -25.11 -22.62
C GLU A 116 -55.16 -26.33 -23.51
N LYS A 117 -56.26 -26.96 -23.90
CA LYS A 117 -56.22 -28.08 -24.82
C LYS A 117 -55.95 -27.60 -26.24
N ILE A 118 -55.01 -28.24 -26.93
CA ILE A 118 -54.71 -27.98 -28.32
C ILE A 118 -54.60 -29.30 -29.05
N GLN A 119 -54.74 -29.24 -30.37
CA GLN A 119 -54.61 -30.41 -31.23
C GLN A 119 -53.18 -30.45 -31.78
N ILE A 120 -52.47 -31.54 -31.51
CA ILE A 120 -51.08 -31.66 -31.92
C ILE A 120 -50.97 -32.56 -33.14
N ILE A 121 -51.88 -33.50 -33.28
CA ILE A 121 -51.87 -34.44 -34.40
C ILE A 121 -53.27 -34.56 -34.97
N PRO A 122 -53.57 -33.90 -36.10
CA PRO A 122 -54.90 -34.03 -36.70
C PRO A 122 -55.09 -35.42 -37.32
N LYS A 123 -56.36 -35.78 -37.51
CA LYS A 123 -56.69 -37.07 -38.10
C LYS A 123 -56.18 -37.20 -39.53
N SER A 124 -55.83 -36.07 -40.17
CA SER A 124 -55.23 -36.10 -41.50
C SER A 124 -53.79 -36.62 -41.47
N SER A 125 -53.19 -36.78 -40.29
CA SER A 125 -51.84 -37.30 -40.18
C SER A 125 -51.77 -38.82 -40.26
N TRP A 126 -52.89 -39.50 -40.50
CA TRP A 126 -52.93 -40.95 -40.63
C TRP A 126 -53.63 -41.32 -41.93
N PRO A 127 -52.96 -41.10 -43.06
CA PRO A 127 -53.58 -41.44 -44.36
C PRO A 127 -53.57 -42.91 -44.69
N ASN A 128 -52.82 -43.73 -43.96
CA ASN A 128 -52.72 -45.16 -44.23
C ASN A 128 -53.26 -46.01 -43.10
N HIS A 129 -53.97 -45.40 -42.15
CA HIS A 129 -54.61 -46.13 -41.06
C HIS A 129 -56.03 -45.62 -40.90
N GLU A 130 -56.90 -46.46 -40.35
CA GLU A 130 -58.29 -46.08 -40.12
C GLU A 130 -58.40 -45.31 -38.80
N THR A 131 -58.98 -44.10 -38.89
CA THR A 131 -59.08 -43.22 -37.73
C THR A 131 -60.49 -43.15 -37.13
N SER A 132 -61.52 -43.51 -37.91
CA SER A 132 -62.89 -43.44 -37.42
C SER A 132 -63.39 -44.77 -36.85
N LEU A 133 -62.63 -45.84 -36.99
CA LEU A 133 -63.08 -47.16 -36.57
C LEU A 133 -62.67 -47.50 -35.14
N GLY A 134 -61.91 -46.64 -34.49
CA GLY A 134 -61.47 -46.89 -33.13
C GLY A 134 -62.55 -46.59 -32.11
N VAL A 135 -63.53 -47.49 -32.00
CA VAL A 135 -64.77 -47.23 -31.28
C VAL A 135 -65.16 -48.48 -30.49
N SER A 136 -65.70 -48.29 -29.30
CA SER A 136 -66.16 -49.39 -28.46
C SER A 136 -67.54 -49.08 -27.88
N ALA A 137 -68.29 -50.14 -27.57
CA ALA A 137 -69.60 -49.97 -26.98
C ALA A 137 -69.53 -49.60 -25.50
N ALA A 138 -68.39 -49.83 -24.85
CA ALA A 138 -68.23 -49.45 -23.45
C ALA A 138 -68.04 -47.96 -23.26
N CYS A 139 -67.90 -47.19 -24.33
CA CYS A 139 -67.77 -45.74 -24.26
C CYS A 139 -68.80 -45.11 -25.19
N PRO A 140 -70.09 -45.25 -24.87
CA PRO A 140 -71.13 -44.70 -25.74
C PRO A 140 -71.32 -43.21 -25.49
N TYR A 141 -71.48 -42.45 -26.57
CA TYR A 141 -71.69 -41.00 -26.44
C TYR A 141 -73.18 -40.66 -26.42
N GLN A 142 -73.86 -40.84 -27.54
CA GLN A 142 -75.31 -40.79 -27.50
C GLN A 142 -75.90 -42.19 -27.60
N GLY A 143 -75.62 -43.06 -26.63
CA GLY A 143 -76.06 -44.44 -26.70
C GLY A 143 -75.40 -45.28 -27.76
N ALA A 144 -74.73 -44.66 -28.73
CA ALA A 144 -73.98 -45.22 -29.84
C ALA A 144 -72.51 -45.33 -29.47
N PRO A 145 -71.87 -46.44 -29.85
CA PRO A 145 -70.49 -46.69 -29.41
C PRO A 145 -69.54 -45.59 -29.87
N SER A 146 -68.61 -45.24 -29.00
CA SER A 146 -67.65 -44.17 -29.24
C SER A 146 -66.36 -44.51 -28.49
N PHE A 147 -65.50 -43.51 -28.30
CA PHE A 147 -64.20 -43.72 -27.67
C PHE A 147 -63.75 -42.42 -27.02
N PHE A 148 -62.58 -42.45 -26.38
CA PHE A 148 -62.01 -41.25 -25.78
C PHE A 148 -61.83 -40.16 -26.84
N ARG A 149 -62.19 -38.93 -26.49
CA ARG A 149 -62.21 -37.84 -27.45
C ARG A 149 -60.82 -37.30 -27.76
N ASN A 150 -59.91 -37.31 -26.79
CA ASN A 150 -58.61 -36.67 -26.94
C ASN A 150 -57.53 -37.61 -27.47
N VAL A 151 -57.87 -38.86 -27.78
CA VAL A 151 -56.91 -39.84 -28.25
C VAL A 151 -57.56 -40.64 -29.38
N VAL A 152 -56.72 -41.27 -30.20
CA VAL A 152 -57.17 -41.97 -31.40
C VAL A 152 -56.79 -43.43 -31.29
N TRP A 153 -57.76 -44.32 -31.51
CA TRP A 153 -57.53 -45.75 -31.58
C TRP A 153 -57.38 -46.11 -33.06
N LEU A 154 -56.12 -46.31 -33.48
CA LEU A 154 -55.83 -46.56 -34.88
C LEU A 154 -56.05 -48.02 -35.25
N ILE A 155 -56.65 -48.25 -36.41
CA ILE A 155 -56.98 -49.58 -36.90
C ILE A 155 -56.40 -49.73 -38.31
N LYS A 156 -56.17 -50.98 -38.71
CA LYS A 156 -55.57 -51.26 -40.01
C LYS A 156 -56.45 -50.75 -41.14
N LYS A 157 -55.80 -50.40 -42.26
CA LYS A 157 -56.49 -50.00 -43.48
C LYS A 157 -55.96 -50.82 -44.64
N ASN A 158 -56.88 -51.29 -45.49
CA ASN A 158 -56.55 -52.13 -46.64
C ASN A 158 -55.82 -53.40 -46.20
N ASP A 159 -56.26 -53.95 -45.06
CA ASP A 159 -55.65 -55.14 -44.47
C ASP A 159 -54.14 -54.93 -44.26
N ALA A 160 -53.76 -53.72 -43.88
CA ALA A 160 -52.36 -53.38 -43.66
C ALA A 160 -52.27 -52.33 -42.57
N TYR A 161 -51.23 -52.45 -41.74
CA TYR A 161 -50.93 -51.48 -40.70
C TYR A 161 -49.47 -51.08 -40.90
N PRO A 162 -49.21 -50.12 -41.78
CA PRO A 162 -47.82 -49.69 -42.00
C PRO A 162 -47.21 -49.14 -40.72
N THR A 163 -45.90 -49.33 -40.57
CA THR A 163 -45.21 -48.89 -39.37
C THR A 163 -45.25 -47.37 -39.26
N ILE A 164 -45.73 -46.89 -38.12
CA ILE A 164 -45.88 -45.46 -37.90
C ILE A 164 -44.54 -44.89 -37.44
N LYS A 165 -44.16 -43.74 -38.02
CA LYS A 165 -42.99 -42.98 -37.57
C LYS A 165 -43.40 -41.51 -37.62
N ILE A 166 -43.92 -41.01 -36.50
CA ILE A 166 -44.42 -39.65 -36.42
C ILE A 166 -43.75 -38.94 -35.26
N SER A 167 -43.68 -37.61 -35.35
CA SER A 167 -43.03 -36.81 -34.34
C SER A 167 -43.73 -35.45 -34.24
N TYR A 168 -43.65 -34.85 -33.06
CA TYR A 168 -44.22 -33.53 -32.81
C TYR A 168 -43.21 -32.69 -32.03
N ASN A 169 -42.87 -31.53 -32.57
CA ASN A 169 -41.98 -30.58 -31.92
C ASN A 169 -42.82 -29.56 -31.16
N ASN A 170 -42.55 -29.43 -29.86
CA ASN A 170 -43.31 -28.53 -28.99
C ASN A 170 -42.84 -27.10 -29.25
N THR A 171 -43.39 -26.50 -30.31
CA THR A 171 -43.08 -25.12 -30.65
C THR A 171 -43.71 -24.12 -29.68
N ASN A 172 -44.61 -24.56 -28.82
CA ASN A 172 -45.20 -23.68 -27.83
C ASN A 172 -44.16 -23.28 -26.79
N ARG A 173 -44.43 -22.15 -26.11
CA ARG A 173 -43.54 -21.64 -25.09
C ARG A 173 -43.88 -22.17 -23.70
N GLU A 174 -44.86 -23.06 -23.60
CA GLU A 174 -45.30 -23.63 -22.34
C GLU A 174 -45.18 -25.15 -22.39
N ASP A 175 -45.10 -25.76 -21.20
CA ASP A 175 -45.02 -27.21 -21.12
C ASP A 175 -46.27 -27.86 -21.71
N LEU A 176 -46.07 -29.02 -22.33
CA LEU A 176 -47.15 -29.78 -22.94
C LEU A 176 -47.33 -31.10 -22.20
N LEU A 177 -48.58 -31.48 -21.97
CA LEU A 177 -48.94 -32.77 -21.39
C LEU A 177 -49.51 -33.64 -22.49
N ILE A 178 -48.80 -34.71 -22.83
CA ILE A 178 -49.15 -35.60 -23.93
C ILE A 178 -49.54 -36.96 -23.36
N LEU A 179 -50.63 -37.52 -23.87
CA LEU A 179 -51.12 -38.82 -23.41
C LEU A 179 -51.29 -39.76 -24.61
N TRP A 180 -50.89 -41.01 -24.40
CA TRP A 180 -51.01 -42.05 -25.41
C TRP A 180 -51.23 -43.38 -24.69
N GLY A 181 -51.68 -44.37 -25.44
CA GLY A 181 -52.00 -45.66 -24.85
C GLY A 181 -51.62 -46.81 -25.76
N ILE A 182 -51.65 -48.00 -25.18
CA ILE A 182 -51.45 -49.26 -25.90
C ILE A 182 -52.63 -50.17 -25.59
N HIS A 183 -53.20 -50.78 -26.62
CA HIS A 183 -54.34 -51.68 -26.45
C HIS A 183 -53.84 -53.11 -26.32
N HIS A 184 -54.36 -53.81 -25.32
CA HIS A 184 -54.03 -55.22 -25.10
C HIS A 184 -55.13 -56.08 -25.71
N SER A 185 -54.75 -56.94 -26.66
CA SER A 185 -55.69 -57.78 -27.35
C SER A 185 -56.10 -58.97 -26.48
N ASN A 186 -57.11 -59.70 -26.95
CA ASN A 186 -57.63 -60.87 -26.26
C ASN A 186 -57.03 -62.17 -26.77
N ASN A 187 -56.85 -62.30 -28.08
CA ASN A 187 -56.28 -63.50 -28.67
C ASN A 187 -55.52 -63.12 -29.94
N ALA A 188 -54.89 -64.11 -30.55
CA ALA A 188 -54.12 -63.87 -31.77
C ALA A 188 -55.02 -63.45 -32.92
N GLU A 189 -56.20 -64.05 -33.03
CA GLU A 189 -57.11 -63.74 -34.13
C GLU A 189 -57.57 -62.29 -34.07
N GLU A 190 -57.92 -61.81 -32.87
CA GLU A 190 -58.31 -60.41 -32.70
C GLU A 190 -57.15 -59.46 -33.01
N GLN A 191 -55.92 -59.87 -32.70
CA GLN A 191 -54.76 -59.03 -32.97
C GLN A 191 -54.62 -58.74 -34.46
N THR A 192 -54.79 -59.77 -35.30
CA THR A 192 -54.68 -59.57 -36.75
C THR A 192 -55.91 -58.90 -37.34
N ASN A 193 -57.09 -59.16 -36.78
CA ASN A 193 -58.30 -58.53 -37.29
C ASN A 193 -58.26 -57.02 -37.13
N LEU A 194 -57.56 -56.53 -36.12
CA LEU A 194 -57.49 -55.09 -35.84
C LEU A 194 -56.25 -54.42 -36.43
N TYR A 195 -55.10 -55.11 -36.43
CA TYR A 195 -53.85 -54.49 -36.83
C TYR A 195 -53.05 -55.30 -37.84
N LYS A 196 -53.44 -56.54 -38.15
CA LYS A 196 -52.86 -57.33 -39.24
C LYS A 196 -51.44 -57.79 -38.93
N ASN A 197 -50.85 -57.26 -37.85
CA ASN A 197 -49.48 -57.60 -37.49
C ASN A 197 -49.49 -58.43 -36.22
N PRO A 198 -49.02 -59.67 -36.27
CA PRO A 198 -49.10 -60.52 -35.05
C PRO A 198 -48.30 -59.97 -33.88
N ILE A 199 -47.03 -59.67 -34.08
CA ILE A 199 -46.16 -59.16 -33.02
C ILE A 199 -45.97 -57.67 -33.24
N THR A 200 -46.35 -56.86 -32.26
CA THR A 200 -46.37 -55.41 -32.41
C THR A 200 -45.63 -54.76 -31.24
N TYR A 201 -45.31 -53.48 -31.42
CA TYR A 201 -44.55 -52.72 -30.43
C TYR A 201 -44.94 -51.25 -30.53
N ILE A 202 -44.65 -50.51 -29.47
CA ILE A 202 -44.79 -49.05 -29.45
C ILE A 202 -43.51 -48.46 -28.90
N SER A 203 -42.92 -47.52 -29.65
CA SER A 203 -41.72 -46.81 -29.23
C SER A 203 -42.06 -45.33 -29.04
N VAL A 204 -41.81 -44.81 -27.85
CA VAL A 204 -42.05 -43.41 -27.53
C VAL A 204 -40.74 -42.81 -27.06
N GLY A 205 -40.32 -41.72 -27.70
CA GLY A 205 -39.03 -41.13 -27.39
C GLY A 205 -39.01 -39.61 -27.35
N THR A 206 -38.48 -39.07 -26.26
CA THR A 206 -38.24 -37.64 -26.12
C THR A 206 -36.77 -37.42 -25.74
N SER A 207 -36.42 -36.20 -25.32
CA SER A 207 -35.07 -35.97 -24.81
C SER A 207 -34.81 -36.74 -23.51
N THR A 208 -35.88 -37.05 -22.75
CA THR A 208 -35.76 -37.79 -21.51
C THR A 208 -36.49 -39.12 -21.52
N LEU A 209 -37.54 -39.27 -22.32
CA LEU A 209 -38.35 -40.48 -22.33
C LEU A 209 -37.80 -41.46 -23.36
N ASN A 210 -37.66 -42.72 -22.95
CA ASN A 210 -37.24 -43.81 -23.83
C ASN A 210 -38.04 -45.04 -23.41
N GLN A 211 -39.21 -45.20 -24.03
CA GLN A 211 -40.19 -46.20 -23.61
C GLN A 211 -40.47 -47.17 -24.75
N ARG A 212 -40.46 -48.46 -24.43
CA ARG A 212 -40.86 -49.50 -25.35
C ARG A 212 -42.01 -50.29 -24.74
N LEU A 213 -43.10 -50.40 -25.50
CA LEU A 213 -44.30 -51.10 -25.04
C LEU A 213 -44.64 -52.22 -26.01
N ALA A 214 -45.07 -53.35 -25.46
CA ALA A 214 -45.54 -54.47 -26.27
C ALA A 214 -46.85 -54.98 -25.71
N PRO A 215 -47.81 -55.32 -26.58
CA PRO A 215 -49.11 -55.81 -26.09
C PRO A 215 -48.97 -57.11 -25.34
N LYS A 216 -49.79 -57.27 -24.30
CA LYS A 216 -49.88 -58.51 -23.53
C LYS A 216 -51.20 -59.17 -23.91
N ILE A 217 -51.12 -60.19 -24.75
CA ILE A 217 -52.29 -60.89 -25.26
C ILE A 217 -52.56 -62.09 -24.36
N ALA A 218 -53.67 -62.04 -23.63
CA ALA A 218 -54.01 -63.09 -22.68
C ALA A 218 -55.50 -63.03 -22.38
N THR A 219 -55.98 -64.07 -21.70
CA THR A 219 -57.37 -64.11 -21.29
C THR A 219 -57.56 -63.37 -19.98
N ARG A 220 -58.55 -62.47 -19.95
CA ARG A 220 -58.83 -61.64 -18.79
C ARG A 220 -60.33 -61.63 -18.53
N SER A 221 -60.69 -61.38 -17.27
CA SER A 221 -62.09 -61.32 -16.89
C SER A 221 -62.77 -60.11 -17.54
N GLN A 222 -64.09 -60.22 -17.71
CA GLN A 222 -64.86 -59.17 -18.35
C GLN A 222 -65.04 -57.98 -17.41
N VAL A 223 -64.66 -56.80 -17.88
CA VAL A 223 -64.95 -55.54 -17.21
C VAL A 223 -65.68 -54.65 -18.21
N ASN A 224 -66.87 -54.20 -17.84
CA ASN A 224 -67.75 -53.45 -18.73
C ASN A 224 -68.03 -54.22 -20.02
N GLY A 225 -68.08 -55.55 -19.92
CA GLY A 225 -68.31 -56.40 -21.06
C GLY A 225 -67.11 -56.65 -21.94
N LEU A 226 -65.93 -56.19 -21.55
CA LEU A 226 -64.73 -56.26 -22.37
C LEU A 226 -63.65 -57.05 -21.66
N ARG A 227 -63.03 -57.98 -22.37
CA ARG A 227 -61.82 -58.64 -21.89
C ARG A 227 -60.56 -57.88 -22.27
N GLY A 228 -60.64 -56.92 -23.20
CA GLY A 228 -59.48 -56.15 -23.58
C GLY A 228 -59.14 -55.09 -22.55
N ARG A 229 -57.90 -54.61 -22.63
CA ARG A 229 -57.40 -53.59 -21.73
C ARG A 229 -56.61 -52.55 -22.51
N MET A 230 -56.54 -51.35 -21.96
CA MET A 230 -55.77 -50.26 -22.55
C MET A 230 -55.02 -49.53 -21.44
N ASP A 231 -53.69 -49.60 -21.49
CA ASP A 231 -52.83 -48.90 -20.55
C ASP A 231 -52.41 -47.58 -21.16
N PHE A 232 -52.72 -46.48 -20.47
CA PHE A 232 -52.40 -45.15 -20.94
C PHE A 232 -51.17 -44.60 -20.21
N PHE A 233 -50.40 -43.78 -20.90
CA PHE A 233 -49.17 -43.20 -20.38
C PHE A 233 -49.16 -41.71 -20.68
N TRP A 234 -48.33 -40.97 -19.94
CA TRP A 234 -48.24 -39.54 -20.11
C TRP A 234 -46.81 -39.07 -19.90
N THR A 235 -46.51 -37.90 -20.46
CA THR A 235 -45.21 -37.26 -20.28
C THR A 235 -45.39 -35.76 -20.40
N ILE A 236 -44.39 -35.03 -19.91
CA ILE A 236 -44.35 -33.58 -20.01
C ILE A 236 -43.28 -33.23 -21.04
N LEU A 237 -43.70 -32.70 -22.19
CA LEU A 237 -42.79 -32.34 -23.27
C LEU A 237 -42.38 -30.88 -23.08
N LYS A 238 -41.10 -30.66 -22.79
CA LYS A 238 -40.62 -29.31 -22.58
C LYS A 238 -40.62 -28.53 -23.90
N PRO A 239 -40.70 -27.20 -23.82
CA PRO A 239 -40.70 -26.40 -25.05
C PRO A 239 -39.43 -26.63 -25.87
N ASP A 240 -39.61 -26.64 -27.19
CA ASP A 240 -38.58 -26.90 -28.20
C ASP A 240 -38.12 -28.35 -28.21
N ASP A 241 -38.60 -29.20 -27.31
CA ASP A 241 -38.33 -30.62 -27.35
C ASP A 241 -39.33 -31.30 -28.27
N ALA A 242 -39.03 -32.56 -28.63
CA ALA A 242 -39.87 -33.31 -29.54
C ALA A 242 -40.10 -34.71 -29.00
N ILE A 243 -41.27 -35.25 -29.31
CA ILE A 243 -41.65 -36.61 -28.94
C ILE A 243 -41.80 -37.41 -30.22
N HIS A 244 -41.25 -38.62 -30.24
CA HIS A 244 -41.26 -39.48 -31.41
C HIS A 244 -42.06 -40.74 -31.11
N PHE A 245 -43.05 -41.03 -31.94
CA PHE A 245 -43.87 -42.23 -31.81
C PHE A 245 -43.55 -43.19 -32.96
N GLU A 246 -43.34 -44.46 -32.61
CA GLU A 246 -43.13 -45.51 -33.60
C GLU A 246 -43.88 -46.76 -33.15
N SER A 247 -44.76 -47.26 -34.01
CA SER A 247 -45.55 -48.43 -33.68
C SER A 247 -46.05 -49.09 -34.96
N ASN A 248 -46.38 -50.38 -34.84
CA ASN A 248 -46.92 -51.17 -35.93
C ASN A 248 -48.22 -51.85 -35.51
N GLY A 249 -48.89 -51.30 -34.52
CA GLY A 249 -50.17 -51.81 -34.08
C GLY A 249 -50.39 -51.53 -32.61
N ASN A 250 -51.65 -51.67 -32.19
CA ASN A 250 -52.09 -51.49 -30.80
C ASN A 250 -51.77 -50.10 -30.27
N PHE A 251 -51.60 -49.13 -31.16
CA PHE A 251 -51.20 -47.78 -30.77
C PHE A 251 -52.45 -46.93 -30.57
N ILE A 252 -52.60 -46.34 -29.39
CA ILE A 252 -53.64 -45.36 -29.12
C ILE A 252 -52.96 -44.00 -29.24
N ALA A 253 -52.95 -43.45 -30.47
CA ALA A 253 -52.18 -42.27 -30.79
C ALA A 253 -52.83 -41.01 -30.23
N PRO A 254 -52.05 -40.10 -29.67
CA PRO A 254 -52.61 -38.83 -29.21
C PRO A 254 -53.14 -37.98 -30.36
N GLU A 255 -54.21 -37.26 -30.08
CA GLU A 255 -54.74 -36.24 -30.97
C GLU A 255 -54.72 -34.86 -30.34
N TYR A 256 -55.12 -34.75 -29.07
CA TYR A 256 -55.10 -33.50 -28.34
C TYR A 256 -54.10 -33.58 -27.19
N ALA A 257 -53.61 -32.41 -26.79
CA ALA A 257 -52.68 -32.29 -25.68
C ALA A 257 -52.94 -30.97 -24.98
N TYR A 258 -52.40 -30.85 -23.76
CA TYR A 258 -52.69 -29.72 -22.90
C TYR A 258 -51.42 -28.94 -22.61
N LYS A 259 -51.47 -27.62 -22.81
CA LYS A 259 -50.39 -26.74 -22.40
C LYS A 259 -50.46 -26.52 -20.89
N ILE A 260 -49.36 -26.77 -20.20
CA ILE A 260 -49.32 -26.77 -18.74
C ILE A 260 -48.37 -25.68 -18.27
N VAL A 261 -48.86 -24.85 -17.36
CA VAL A 261 -48.03 -23.89 -16.63
C VAL A 261 -48.36 -24.08 -15.15
N LYS A 262 -47.43 -24.68 -14.41
CA LYS A 262 -47.62 -24.97 -13.01
C LYS A 262 -46.75 -24.05 -12.17
N LYS A 263 -47.36 -23.38 -11.18
CA LYS A 263 -46.64 -22.48 -10.29
C LYS A 263 -46.80 -22.82 -8.82
N GLY A 264 -47.82 -23.59 -8.45
CA GLY A 264 -48.02 -23.97 -7.07
C GLY A 264 -48.52 -25.39 -6.93
N ASP A 265 -48.87 -25.80 -5.71
CA ASP A 265 -49.29 -27.16 -5.46
C ASP A 265 -50.53 -27.20 -4.58
N SER A 266 -51.30 -28.26 -4.73
CA SER A 266 -52.56 -28.47 -4.02
C SER A 266 -52.75 -29.98 -3.85
N THR A 267 -53.98 -30.39 -3.58
CA THR A 267 -54.32 -31.81 -3.54
C THR A 267 -55.71 -32.00 -4.14
N ILE A 268 -56.16 -33.25 -4.17
CA ILE A 268 -57.50 -33.59 -4.64
C ILE A 268 -58.44 -33.64 -3.45
N MET A 269 -59.54 -32.90 -3.53
CA MET A 269 -60.54 -32.88 -2.47
C MET A 269 -61.71 -33.77 -2.85
N LYS A 270 -62.09 -34.66 -1.94
CA LYS A 270 -63.23 -35.56 -2.15
C LYS A 270 -64.42 -35.00 -1.39
N SER A 271 -65.39 -34.44 -2.13
CA SER A 271 -66.54 -33.83 -1.50
C SER A 271 -67.69 -33.76 -2.49
N GLY A 272 -68.91 -33.91 -1.97
CA GLY A 272 -70.13 -33.69 -2.71
C GLY A 272 -70.78 -32.35 -2.44
N VAL A 273 -70.16 -31.52 -1.61
CA VAL A 273 -70.70 -30.19 -1.32
C VAL A 273 -70.68 -29.35 -2.59
N GLU A 274 -71.71 -28.52 -2.75
CA GLU A 274 -71.85 -27.70 -3.95
C GLU A 274 -70.95 -26.46 -3.87
N TYR A 275 -70.90 -25.72 -4.98
CA TYR A 275 -70.08 -24.52 -5.08
C TYR A 275 -70.93 -23.30 -4.74
N GLY A 276 -70.41 -22.45 -3.86
CA GLY A 276 -71.17 -21.33 -3.32
C GLY A 276 -70.79 -19.94 -3.78
N HIS A 277 -69.95 -19.81 -4.80
CA HIS A 277 -69.57 -18.49 -5.34
C HIS A 277 -68.99 -17.60 -4.25
N CYS A 278 -68.13 -18.19 -3.44
CA CYS A 278 -67.52 -17.54 -2.30
C CYS A 278 -66.00 -17.56 -2.46
N ASN A 279 -65.30 -16.88 -1.55
CA ASN A 279 -63.85 -16.88 -1.48
C ASN A 279 -63.42 -17.15 -0.05
N THR A 280 -62.33 -17.90 0.12
CA THR A 280 -61.87 -18.31 1.43
C THR A 280 -60.37 -18.53 1.40
N LYS A 281 -59.75 -18.45 2.57
CA LYS A 281 -58.35 -18.80 2.75
C LYS A 281 -58.16 -20.23 3.21
N CYS A 282 -59.25 -20.95 3.53
CA CYS A 282 -59.18 -22.30 4.04
C CYS A 282 -60.44 -23.05 3.65
N GLN A 283 -60.27 -24.20 3.00
CA GLN A 283 -61.38 -24.99 2.49
C GLN A 283 -61.33 -26.40 3.07
N THR A 284 -62.43 -26.83 3.66
CA THR A 284 -62.62 -28.18 4.16
C THR A 284 -63.65 -28.90 3.30
N PRO A 285 -63.65 -30.24 3.30
CA PRO A 285 -64.61 -30.96 2.44
C PRO A 285 -66.07 -30.65 2.74
N VAL A 286 -66.38 -30.29 3.99
CA VAL A 286 -67.77 -29.98 4.36
C VAL A 286 -68.10 -28.50 4.26
N GLY A 287 -67.10 -27.65 4.06
CA GLY A 287 -67.34 -26.22 3.93
C GLY A 287 -66.07 -25.44 4.19
N ALA A 288 -66.18 -24.13 3.95
CA ALA A 288 -65.08 -23.21 4.17
C ALA A 288 -65.21 -22.54 5.53
N ILE A 289 -64.08 -22.17 6.11
CA ILE A 289 -64.04 -21.59 7.45
C ILE A 289 -63.24 -20.29 7.41
N ASN A 290 -63.70 -19.29 8.15
CA ASN A 290 -62.98 -18.03 8.27
C ASN A 290 -61.91 -18.15 9.35
N SER A 291 -60.74 -17.56 9.06
CA SER A 291 -59.56 -17.72 9.89
C SER A 291 -59.59 -16.84 11.13
N SER A 292 -58.41 -16.64 11.73
CA SER A 292 -58.10 -15.87 12.94
C SER A 292 -58.37 -16.64 14.22
N MET A 293 -58.91 -17.85 14.15
CA MET A 293 -58.81 -18.56 15.42
C MET A 293 -57.69 -19.59 15.36
N PRO A 294 -56.89 -19.71 16.43
CA PRO A 294 -55.72 -20.59 16.36
C PRO A 294 -56.05 -22.07 16.17
N PHE A 295 -57.27 -22.50 16.49
CA PHE A 295 -57.62 -23.90 16.44
C PHE A 295 -59.01 -24.07 15.85
N HIS A 296 -59.30 -25.29 15.39
CA HIS A 296 -60.59 -25.61 14.79
C HIS A 296 -60.81 -27.11 14.91
N ASN A 297 -62.05 -27.54 14.69
CA ASN A 297 -62.40 -28.95 14.77
C ASN A 297 -63.36 -29.37 13.66
N ILE A 298 -63.32 -28.67 12.52
CA ILE A 298 -64.31 -28.94 11.47
C ILE A 298 -63.96 -30.21 10.71
N HIS A 299 -62.75 -30.30 10.17
CA HIS A 299 -62.36 -31.44 9.34
C HIS A 299 -60.84 -31.46 9.19
N PRO A 300 -60.21 -32.64 9.09
CA PRO A 300 -58.75 -32.68 8.95
C PRO A 300 -58.25 -32.39 7.54
N LEU A 301 -59.01 -32.80 6.52
CA LEU A 301 -58.55 -32.75 5.13
C LEU A 301 -58.78 -31.35 4.55
N THR A 302 -58.01 -30.39 5.05
CA THR A 302 -58.16 -29.00 4.67
C THR A 302 -57.16 -28.60 3.60
N ILE A 303 -57.51 -27.57 2.83
CA ILE A 303 -56.62 -26.95 1.86
C ILE A 303 -56.59 -25.45 2.12
N GLY A 304 -55.39 -24.90 2.28
CA GLY A 304 -55.21 -23.49 2.53
C GLY A 304 -54.57 -23.24 3.88
N GLU A 305 -54.44 -21.95 4.21
CA GLU A 305 -53.93 -21.53 5.51
C GLU A 305 -55.05 -21.68 6.52
N CYS A 306 -54.97 -22.70 7.34
CA CYS A 306 -56.04 -23.13 8.23
C CYS A 306 -55.58 -23.15 9.68
N PRO A 307 -56.50 -23.09 10.63
CA PRO A 307 -56.14 -23.32 12.03
C PRO A 307 -55.69 -24.76 12.25
N LYS A 308 -55.15 -25.01 13.43
CA LYS A 308 -54.69 -26.34 13.80
C LYS A 308 -55.88 -27.20 14.22
N TYR A 309 -56.03 -28.36 13.57
CA TYR A 309 -57.14 -29.25 13.84
C TYR A 309 -56.90 -30.02 15.13
N VAL A 310 -57.87 -29.95 16.05
CA VAL A 310 -57.76 -30.57 17.36
C VAL A 310 -59.03 -31.38 17.63
N LYS A 311 -58.97 -32.19 18.69
CA LYS A 311 -60.08 -33.04 19.11
C LYS A 311 -60.86 -32.42 20.27
N SER A 312 -61.02 -31.11 20.27
CA SER A 312 -61.70 -30.41 21.34
C SER A 312 -63.05 -29.89 20.87
N ASN A 313 -64.01 -29.81 21.80
CA ASN A 313 -65.31 -29.22 21.56
C ASN A 313 -65.43 -27.81 22.09
N LYS A 314 -64.50 -27.38 22.94
CA LYS A 314 -64.52 -26.04 23.51
C LYS A 314 -63.12 -25.68 23.96
N LEU A 315 -62.69 -24.45 23.63
CA LEU A 315 -61.43 -23.89 24.14
C LEU A 315 -61.75 -22.45 24.59
N VAL A 316 -62.20 -22.32 25.81
CA VAL A 316 -62.72 -21.04 26.31
C VAL A 316 -61.67 -20.40 27.20
N LEU A 317 -61.12 -19.28 26.73
CA LEU A 317 -60.21 -18.49 27.54
C LEU A 317 -61.01 -17.56 28.45
N ALA A 318 -60.59 -17.46 29.71
CA ALA A 318 -61.21 -16.53 30.63
C ALA A 318 -60.61 -15.15 30.46
N THR A 319 -61.46 -14.15 30.26
CA THR A 319 -61.05 -12.76 30.14
C THR A 319 -61.50 -11.90 31.31
N GLY A 320 -62.72 -12.11 31.80
CA GLY A 320 -63.25 -11.36 32.91
C GLY A 320 -62.88 -11.96 34.25
N LEU A 321 -63.54 -11.46 35.29
CA LEU A 321 -63.31 -11.89 36.65
C LEU A 321 -64.24 -13.05 37.01
N ARG A 322 -63.95 -13.68 38.14
CA ARG A 322 -64.81 -14.75 38.65
C ARG A 322 -66.13 -14.16 39.10
N ASN A 323 -67.22 -14.64 38.52
CA ASN A 323 -68.54 -14.09 38.80
C ASN A 323 -69.08 -14.66 40.11
N SER A 324 -69.86 -13.84 40.81
CA SER A 324 -70.44 -14.24 42.09
C SER A 324 -71.70 -15.08 41.91
N GLY B 1 -57.78 -16.62 44.40
CA GLY B 1 -57.46 -17.14 45.71
C GLY B 1 -55.98 -17.05 46.04
N LEU B 2 -55.16 -16.80 45.02
CA LEU B 2 -53.72 -16.70 45.25
C LEU B 2 -53.36 -15.50 46.12
N PHE B 3 -54.16 -14.44 46.08
CA PHE B 3 -53.90 -13.25 46.87
C PHE B 3 -54.97 -12.99 47.92
N GLY B 4 -55.97 -13.87 48.01
CA GLY B 4 -56.96 -13.78 49.07
C GLY B 4 -57.86 -12.57 49.01
N ALA B 5 -57.98 -11.93 47.86
CA ALA B 5 -58.80 -10.72 47.72
C ALA B 5 -60.15 -11.01 47.09
N ILE B 6 -60.16 -11.59 45.88
CA ILE B 6 -61.41 -11.73 45.13
C ILE B 6 -62.38 -12.64 45.86
N ALA B 7 -61.87 -13.72 46.46
CA ALA B 7 -62.71 -14.64 47.22
C ALA B 7 -62.43 -14.59 48.72
N GLY B 8 -61.44 -13.82 49.16
CA GLY B 8 -61.03 -13.81 50.55
C GLY B 8 -61.65 -12.71 51.37
N PHE B 9 -60.86 -11.70 51.75
CA PHE B 9 -61.39 -10.64 52.61
C PHE B 9 -62.44 -9.80 51.89
N ILE B 10 -62.46 -9.82 50.57
CA ILE B 10 -63.57 -9.28 49.79
C ILE B 10 -64.38 -10.47 49.30
N GLU B 11 -65.54 -10.69 49.92
CA GLU B 11 -66.27 -11.95 49.74
C GLU B 11 -67.10 -12.00 48.47
N GLY B 12 -67.27 -10.89 47.76
CA GLY B 12 -68.12 -10.92 46.58
C GLY B 12 -67.88 -9.74 45.67
N GLY B 13 -68.55 -9.80 44.52
CA GLY B 13 -68.50 -8.73 43.55
C GLY B 13 -69.72 -7.83 43.63
N TRP B 14 -69.61 -6.67 42.99
CA TRP B 14 -70.65 -5.64 43.03
C TRP B 14 -71.35 -5.59 41.67
N GLN B 15 -72.66 -5.84 41.67
CA GLN B 15 -73.43 -5.68 40.44
C GLN B 15 -73.66 -4.21 40.13
N GLY B 16 -73.67 -3.35 41.15
CA GLY B 16 -73.85 -1.92 40.93
C GLY B 16 -72.69 -1.26 40.23
N MET B 17 -71.49 -1.84 40.32
CA MET B 17 -70.33 -1.33 39.59
C MET B 17 -70.39 -1.85 38.16
N VAL B 18 -70.64 -0.94 37.20
CA VAL B 18 -70.81 -1.31 35.81
C VAL B 18 -69.79 -0.66 34.89
N ASP B 19 -69.04 0.35 35.35
CA ASP B 19 -68.14 1.10 34.51
C ASP B 19 -66.69 0.63 34.61
N GLY B 20 -66.44 -0.50 35.27
CA GLY B 20 -65.08 -1.00 35.35
C GLY B 20 -65.04 -2.37 35.99
N TRP B 21 -63.85 -2.97 35.94
CA TRP B 21 -63.63 -4.27 36.56
C TRP B 21 -63.36 -4.14 38.05
N TYR B 22 -62.57 -3.15 38.44
CA TYR B 22 -62.27 -2.88 39.84
C TYR B 22 -62.65 -1.43 40.14
N GLY B 23 -62.95 -1.18 41.41
CA GLY B 23 -63.36 0.16 41.80
C GLY B 23 -63.64 0.27 43.28
N TYR B 24 -64.35 1.33 43.64
CA TYR B 24 -64.62 1.65 45.03
C TYR B 24 -66.10 1.89 45.25
N HIS B 25 -66.55 1.59 46.46
CA HIS B 25 -67.86 2.02 46.94
C HIS B 25 -67.65 2.85 48.20
N HIS B 26 -68.23 4.05 48.23
CA HIS B 26 -68.05 4.97 49.33
C HIS B 26 -69.37 5.20 50.04
N SER B 27 -69.28 5.67 51.29
CA SER B 27 -70.46 5.93 52.10
C SER B 27 -70.08 7.02 53.10
N ASN B 28 -70.53 8.24 52.85
CA ASN B 28 -70.19 9.38 53.69
C ASN B 28 -71.46 10.19 53.95
N GLU B 29 -71.27 11.39 54.52
CA GLU B 29 -72.42 12.23 54.85
C GLU B 29 -73.21 12.65 53.63
N GLN B 30 -72.54 12.76 52.48
CA GLN B 30 -73.21 13.24 51.26
C GLN B 30 -73.95 12.15 50.51
N GLY B 31 -73.83 10.88 50.94
CA GLY B 31 -74.51 9.77 50.31
C GLY B 31 -73.54 8.65 50.01
N SER B 32 -74.04 7.65 49.30
CA SER B 32 -73.24 6.48 48.93
C SER B 32 -73.37 6.23 47.43
N GLY B 33 -72.31 5.68 46.85
CA GLY B 33 -72.30 5.41 45.43
C GLY B 33 -71.11 4.56 45.04
N TYR B 34 -71.01 4.31 43.73
CA TYR B 34 -69.96 3.48 43.16
C TYR B 34 -69.02 4.32 42.31
N ALA B 35 -67.73 4.01 42.38
CA ALA B 35 -66.71 4.67 41.57
C ALA B 35 -65.70 3.63 41.12
N ALA B 36 -65.48 3.55 39.81
CA ALA B 36 -64.59 2.56 39.22
C ALA B 36 -63.21 3.17 38.99
N ASP B 37 -62.18 2.46 39.44
CA ASP B 37 -60.80 2.92 39.27
C ASP B 37 -60.37 2.60 37.84
N LYS B 38 -60.34 3.62 36.98
CA LYS B 38 -60.02 3.38 35.58
C LYS B 38 -58.54 3.14 35.33
N GLU B 39 -57.65 3.63 36.20
CA GLU B 39 -56.23 3.36 36.02
C GLU B 39 -55.94 1.88 36.10
N SER B 40 -56.56 1.18 37.06
CA SER B 40 -56.41 -0.26 37.18
C SER B 40 -57.22 -1.01 36.12
N THR B 41 -58.41 -0.50 35.80
CA THR B 41 -59.28 -1.18 34.84
C THR B 41 -58.67 -1.17 33.44
N GLN B 42 -58.05 -0.06 33.04
CA GLN B 42 -57.46 0.00 31.71
C GLN B 42 -56.24 -0.90 31.58
N LYS B 43 -55.37 -0.89 32.60
CA LYS B 43 -54.18 -1.74 32.55
C LYS B 43 -54.56 -3.21 32.54
N ALA B 44 -55.60 -3.58 33.29
CA ALA B 44 -56.09 -4.95 33.24
C ALA B 44 -56.65 -5.29 31.87
N ILE B 45 -57.37 -4.34 31.25
CA ILE B 45 -57.94 -4.58 29.93
C ILE B 45 -56.84 -4.79 28.90
N ASP B 46 -55.80 -3.95 28.93
CA ASP B 46 -54.71 -4.09 27.97
C ASP B 46 -53.98 -5.41 28.15
N GLY B 47 -53.74 -5.82 29.39
CA GLY B 47 -53.05 -7.07 29.63
C GLY B 47 -53.84 -8.29 29.18
N VAL B 48 -55.13 -8.31 29.50
CA VAL B 48 -55.98 -9.42 29.06
C VAL B 48 -56.10 -9.44 27.54
N THR B 49 -56.24 -8.26 26.94
CA THR B 49 -56.27 -8.18 25.48
C THR B 49 -54.96 -8.66 24.87
N ASN B 50 -53.83 -8.29 25.46
CA ASN B 50 -52.54 -8.73 24.96
C ASN B 50 -52.40 -10.25 25.04
N LYS B 51 -52.85 -10.84 26.16
CA LYS B 51 -52.74 -12.29 26.32
C LYS B 51 -53.56 -13.02 25.27
N VAL B 52 -54.80 -12.60 25.06
CA VAL B 52 -55.64 -13.25 24.05
C VAL B 52 -55.05 -13.04 22.66
N ASN B 53 -54.59 -11.83 22.36
CA ASN B 53 -53.97 -11.56 21.07
C ASN B 53 -52.68 -12.36 20.90
N SER B 54 -51.86 -12.46 21.94
CA SER B 54 -50.63 -13.23 21.84
C SER B 54 -50.93 -14.70 21.58
N ILE B 55 -51.93 -15.24 22.27
CA ILE B 55 -52.32 -16.64 22.05
C ILE B 55 -52.81 -16.84 20.62
N ILE B 56 -53.39 -15.81 20.02
CA ILE B 56 -53.90 -15.90 18.66
C ILE B 56 -52.84 -15.53 17.62
N ASP B 57 -52.15 -14.40 17.83
CA ASP B 57 -51.26 -13.89 16.79
C ASP B 57 -49.96 -14.69 16.71
N LYS B 58 -49.51 -15.30 17.80
CA LYS B 58 -48.27 -16.05 17.77
C LYS B 58 -48.40 -17.40 17.06
N MET B 59 -49.61 -17.80 16.70
CA MET B 59 -49.80 -19.01 15.93
C MET B 59 -49.32 -18.80 14.50
N ASN B 60 -48.49 -19.71 14.01
CA ASN B 60 -47.95 -19.64 12.65
C ASN B 60 -48.74 -20.60 11.78
N THR B 61 -49.35 -20.07 10.72
CA THR B 61 -50.16 -20.85 9.80
C THR B 61 -49.56 -20.79 8.41
N GLN B 62 -49.53 -21.94 7.73
CA GLN B 62 -48.99 -22.05 6.38
C GLN B 62 -50.00 -22.73 5.47
N PHE B 63 -49.81 -22.55 4.17
CA PHE B 63 -50.64 -23.23 3.20
C PHE B 63 -50.30 -24.71 3.18
N GLU B 64 -51.32 -25.55 3.37
CA GLU B 64 -51.15 -27.00 3.26
C GLU B 64 -52.36 -27.59 2.55
N ALA B 65 -52.13 -28.64 1.78
CA ALA B 65 -53.17 -29.33 1.04
C ALA B 65 -53.23 -30.76 1.55
N VAL B 66 -54.19 -31.05 2.42
CA VAL B 66 -54.27 -32.33 3.12
C VAL B 66 -55.30 -33.19 2.41
N GLY B 67 -54.82 -34.26 1.76
CA GLY B 67 -55.69 -35.20 1.09
C GLY B 67 -55.25 -36.63 1.28
N ARG B 68 -55.73 -37.53 0.41
CA ARG B 68 -55.36 -38.95 0.46
C ARG B 68 -55.07 -39.38 -0.98
N GLU B 69 -53.79 -39.37 -1.35
CA GLU B 69 -53.37 -39.58 -2.73
C GLU B 69 -52.50 -40.83 -2.90
N PHE B 70 -52.64 -41.81 -2.00
CA PHE B 70 -51.88 -43.04 -2.07
C PHE B 70 -52.81 -44.21 -2.37
N ASN B 71 -52.37 -45.11 -3.25
CA ASN B 71 -53.22 -46.16 -3.77
C ASN B 71 -53.19 -47.39 -2.86
N ASN B 72 -53.83 -48.47 -3.29
CA ASN B 72 -54.00 -49.66 -2.46
C ASN B 72 -52.70 -50.44 -2.26
N LEU B 73 -51.68 -50.19 -3.09
CA LEU B 73 -50.37 -50.80 -2.90
C LEU B 73 -49.36 -49.83 -2.31
N GLU B 74 -49.84 -48.73 -1.73
CA GLU B 74 -48.99 -47.77 -1.04
C GLU B 74 -49.49 -47.52 0.38
N ARG B 75 -50.07 -48.56 1.01
CA ARG B 75 -50.67 -48.38 2.32
C ARG B 75 -49.64 -48.17 3.42
N ARG B 76 -48.41 -48.63 3.23
CA ARG B 76 -47.36 -48.30 4.18
C ARG B 76 -47.10 -46.80 4.20
N ILE B 77 -47.08 -46.17 3.03
CA ILE B 77 -46.86 -44.73 2.94
C ILE B 77 -48.00 -43.98 3.63
N GLU B 78 -49.25 -44.39 3.36
CA GLU B 78 -50.39 -43.72 3.96
C GLU B 78 -50.49 -43.99 5.46
N ASN B 79 -49.92 -45.10 5.94
CA ASN B 79 -49.82 -45.30 7.38
C ASN B 79 -48.80 -44.34 7.99
N LEU B 80 -47.73 -44.02 7.26
CA LEU B 80 -46.81 -42.98 7.72
C LEU B 80 -47.52 -41.64 7.82
N ASN B 81 -48.37 -41.32 6.83
CA ASN B 81 -49.15 -40.09 6.90
C ASN B 81 -50.15 -40.14 8.05
N LYS B 82 -50.74 -41.30 8.30
CA LYS B 82 -51.68 -41.43 9.41
C LYS B 82 -51.01 -41.15 10.74
N LYS B 83 -49.81 -41.70 10.95
CA LYS B 83 -49.09 -41.45 12.19
C LYS B 83 -48.67 -39.99 12.31
N MET B 84 -48.40 -39.33 11.17
CA MET B 84 -48.02 -37.93 11.21
C MET B 84 -49.22 -37.05 11.58
N GLU B 85 -50.36 -37.26 10.92
CA GLU B 85 -51.54 -36.45 11.20
C GLU B 85 -52.05 -36.68 12.62
N ASP B 86 -52.13 -37.95 13.03
CA ASP B 86 -52.60 -38.27 14.37
C ASP B 86 -51.65 -37.74 15.43
N GLY B 87 -50.34 -37.83 15.17
CA GLY B 87 -49.36 -37.31 16.12
C GLY B 87 -49.48 -35.81 16.30
N PHE B 88 -49.63 -35.06 15.20
CA PHE B 88 -49.80 -33.62 15.30
C PHE B 88 -51.11 -33.26 16.01
N LEU B 89 -52.17 -34.03 15.75
CA LEU B 89 -53.43 -33.78 16.43
C LEU B 89 -53.27 -33.97 17.94
N ASP B 90 -52.55 -35.01 18.35
CA ASP B 90 -52.29 -35.21 19.78
C ASP B 90 -51.48 -34.06 20.35
N VAL B 91 -50.48 -33.57 19.60
CA VAL B 91 -49.64 -32.46 20.08
C VAL B 91 -50.49 -31.21 20.27
N TRP B 92 -51.32 -30.88 19.28
CA TRP B 92 -52.08 -29.64 19.35
C TRP B 92 -53.22 -29.74 20.36
N THR B 93 -53.91 -30.88 20.42
CA THR B 93 -55.01 -31.02 21.36
C THR B 93 -54.52 -30.94 22.80
N TYR B 94 -53.39 -31.59 23.09
CA TYR B 94 -52.83 -31.51 24.44
C TYR B 94 -52.33 -30.11 24.75
N ASN B 95 -51.68 -29.46 23.77
CA ASN B 95 -51.21 -28.10 23.97
C ASN B 95 -52.37 -27.14 24.19
N ALA B 96 -53.40 -27.23 23.34
CA ALA B 96 -54.50 -26.27 23.40
C ALA B 96 -55.26 -26.38 24.71
N GLU B 97 -55.59 -27.61 25.12
CA GLU B 97 -56.36 -27.81 26.34
C GLU B 97 -55.59 -27.31 27.57
N LEU B 98 -54.32 -27.68 27.68
CA LEU B 98 -53.52 -27.26 28.83
C LEU B 98 -53.23 -25.76 28.80
N LEU B 99 -53.03 -25.20 27.59
CA LEU B 99 -52.82 -23.76 27.49
C LEU B 99 -54.02 -22.99 28.03
N VAL B 100 -55.22 -23.45 27.72
CA VAL B 100 -56.43 -22.82 28.25
C VAL B 100 -56.51 -22.98 29.76
N LEU B 101 -56.27 -24.20 30.26
CA LEU B 101 -56.41 -24.46 31.68
C LEU B 101 -55.41 -23.65 32.50
N MET B 102 -54.15 -23.57 32.04
CA MET B 102 -53.13 -22.87 32.79
C MET B 102 -53.36 -21.36 32.74
N GLU B 103 -53.70 -20.82 31.58
CA GLU B 103 -53.88 -19.37 31.46
C GLU B 103 -55.16 -18.89 32.12
N ASN B 104 -56.22 -19.71 32.08
CA ASN B 104 -57.44 -19.34 32.82
C ASN B 104 -57.17 -19.22 34.30
N GLU B 105 -56.38 -20.15 34.86
CA GLU B 105 -55.93 -20.01 36.24
C GLU B 105 -55.10 -18.75 36.42
N ARG B 106 -54.21 -18.46 35.48
CA ARG B 106 -53.37 -17.27 35.56
C ARG B 106 -54.21 -16.01 35.45
N THR B 107 -55.19 -15.99 34.55
CA THR B 107 -56.01 -14.78 34.36
C THR B 107 -56.81 -14.46 35.60
N LEU B 108 -57.39 -15.48 36.25
CA LEU B 108 -58.18 -15.24 37.44
C LEU B 108 -57.32 -14.66 38.57
N ASP B 109 -56.11 -15.18 38.73
CA ASP B 109 -55.21 -14.64 39.75
C ASP B 109 -54.71 -13.25 39.37
N PHE B 110 -54.68 -12.93 38.07
CA PHE B 110 -54.31 -11.59 37.64
C PHE B 110 -55.30 -10.56 38.15
N HIS B 111 -56.60 -10.85 38.03
CA HIS B 111 -57.62 -9.99 38.62
C HIS B 111 -57.50 -9.95 40.13
N ASP B 112 -57.18 -11.10 40.74
CA ASP B 112 -57.01 -11.16 42.19
C ASP B 112 -55.90 -10.22 42.66
N SER B 113 -54.78 -10.22 41.95
CA SER B 113 -53.67 -9.35 42.33
C SER B 113 -54.02 -7.88 42.14
N ASN B 114 -54.76 -7.56 41.07
CA ASN B 114 -55.16 -6.17 40.85
C ASN B 114 -56.05 -5.66 41.97
N VAL B 115 -57.01 -6.48 42.41
CA VAL B 115 -57.90 -6.07 43.49
C VAL B 115 -57.14 -5.90 44.79
N LYS B 116 -56.22 -6.84 45.08
CA LYS B 116 -55.40 -6.73 46.28
C LYS B 116 -54.53 -5.48 46.26
N ASN B 117 -53.92 -5.18 45.11
CA ASN B 117 -53.06 -4.01 45.02
C ASN B 117 -53.85 -2.72 45.23
N LEU B 118 -55.11 -2.70 44.77
CA LEU B 118 -55.96 -1.54 45.01
C LEU B 118 -56.20 -1.34 46.49
N TYR B 119 -56.43 -2.43 47.23
CA TYR B 119 -56.66 -2.34 48.66
C TYR B 119 -55.42 -1.83 49.39
N ASP B 120 -54.24 -2.29 48.99
CA ASP B 120 -53.01 -1.87 49.66
C ASP B 120 -52.66 -0.42 49.37
N LYS B 121 -53.01 0.07 48.18
CA LYS B 121 -52.77 1.49 47.87
C LYS B 121 -53.62 2.40 48.75
N VAL B 122 -54.91 2.07 48.90
CA VAL B 122 -55.77 2.86 49.76
C VAL B 122 -55.33 2.74 51.21
N ARG B 123 -55.02 1.52 51.67
CA ARG B 123 -54.60 1.31 53.05
C ARG B 123 -53.31 2.07 53.36
N LEU B 124 -52.36 2.04 52.43
CA LEU B 124 -51.08 2.71 52.66
C LEU B 124 -51.25 4.21 52.81
N GLN B 125 -52.32 4.77 52.25
CA GLN B 125 -52.55 6.20 52.35
C GLN B 125 -53.23 6.59 53.65
N LEU B 126 -54.28 5.85 54.03
CA LEU B 126 -55.05 6.20 55.22
C LEU B 126 -54.23 6.01 56.49
N ARG B 127 -53.43 4.94 56.54
CA ARG B 127 -52.58 4.62 57.70
C ARG B 127 -53.49 4.49 58.92
N ASP B 128 -53.22 5.19 60.02
CA ASP B 128 -54.05 5.11 61.22
C ASP B 128 -55.20 6.11 61.22
N ASN B 129 -55.34 6.91 60.18
CA ASN B 129 -56.49 7.80 60.04
C ASN B 129 -57.76 7.06 59.63
N ALA B 130 -57.67 5.74 59.46
CA ALA B 130 -58.84 4.91 59.14
C ALA B 130 -58.66 3.56 59.80
N LYS B 131 -59.77 2.83 59.91
CA LYS B 131 -59.79 1.54 60.58
C LYS B 131 -59.99 0.44 59.55
N GLU B 132 -59.12 -0.57 59.58
CA GLU B 132 -59.26 -1.72 58.70
C GLU B 132 -60.34 -2.64 59.23
N LEU B 133 -61.41 -2.81 58.45
CA LEU B 133 -62.52 -3.66 58.83
C LEU B 133 -62.32 -5.13 58.44
N GLY B 134 -61.26 -5.42 57.68
CA GLY B 134 -60.99 -6.78 57.28
C GLY B 134 -61.91 -7.34 56.21
N ASN B 135 -62.87 -6.56 55.72
CA ASN B 135 -63.78 -7.00 54.68
C ASN B 135 -63.62 -6.23 53.38
N GLY B 136 -62.51 -5.50 53.20
CA GLY B 136 -62.33 -4.66 52.04
C GLY B 136 -62.75 -3.23 52.22
N CYS B 137 -63.09 -2.81 53.44
CA CYS B 137 -63.57 -1.47 53.72
C CYS B 137 -62.72 -0.82 54.81
N PHE B 138 -62.65 0.51 54.76
CA PHE B 138 -61.95 1.31 55.75
C PHE B 138 -62.94 2.28 56.37
N GLU B 139 -63.07 2.23 57.70
CA GLU B 139 -63.90 3.18 58.41
C GLU B 139 -63.03 4.36 58.85
N PHE B 140 -63.33 5.55 58.32
CA PHE B 140 -62.53 6.73 58.60
C PHE B 140 -62.70 7.17 60.05
N TYR B 141 -61.60 7.61 60.66
CA TYR B 141 -61.64 8.26 61.96
C TYR B 141 -61.89 9.76 61.84
N HIS B 142 -62.00 10.28 60.62
CA HIS B 142 -62.28 11.69 60.39
C HIS B 142 -63.44 11.81 59.41
N LYS B 143 -63.75 13.05 59.03
CA LYS B 143 -64.85 13.32 58.11
C LYS B 143 -64.28 13.42 56.70
N CYS B 144 -64.64 12.45 55.86
CA CYS B 144 -64.16 12.38 54.48
C CYS B 144 -65.35 12.65 53.56
N ASP B 145 -65.42 13.88 53.05
CA ASP B 145 -66.53 14.28 52.19
C ASP B 145 -66.31 13.71 50.79
N ASN B 146 -67.15 14.15 49.84
CA ASN B 146 -67.02 13.64 48.47
C ASN B 146 -65.68 14.02 47.85
N GLU B 147 -65.21 15.24 48.11
CA GLU B 147 -63.90 15.65 47.60
C GLU B 147 -62.79 14.82 48.25
N CYS B 148 -62.91 14.54 49.55
CA CYS B 148 -61.92 13.71 50.22
C CYS B 148 -61.93 12.28 49.68
N MET B 149 -63.12 11.73 49.39
CA MET B 149 -63.20 10.38 48.85
C MET B 149 -62.51 10.28 47.50
N GLU B 150 -62.69 11.29 46.65
CA GLU B 150 -62.03 11.30 45.35
C GLU B 150 -60.51 11.35 45.50
N SER B 151 -60.01 12.03 46.54
CA SER B 151 -58.57 12.08 46.77
C SER B 151 -58.02 10.69 47.06
N VAL B 152 -58.74 9.89 47.84
CA VAL B 152 -58.33 8.52 48.11
C VAL B 152 -58.24 7.73 46.81
N ARG B 153 -59.24 7.89 45.93
CA ARG B 153 -59.24 7.23 44.64
C ARG B 153 -58.30 7.88 43.63
N ASN B 154 -57.81 9.09 43.91
CA ASN B 154 -56.85 9.76 43.05
C ASN B 154 -55.42 9.65 43.55
N GLY B 155 -55.19 8.90 44.63
CA GLY B 155 -53.85 8.82 45.20
C GLY B 155 -53.33 10.15 45.69
N THR B 156 -54.22 11.04 46.15
CA THR B 156 -53.84 12.37 46.62
C THR B 156 -54.38 12.65 48.02
N TYR B 157 -54.74 11.60 48.77
CA TYR B 157 -55.22 11.78 50.13
C TYR B 157 -54.17 12.50 50.98
N ASP B 158 -54.61 13.56 51.66
CA ASP B 158 -53.73 14.39 52.47
C ASP B 158 -53.82 13.92 53.92
N TYR B 159 -52.81 13.18 54.36
CA TYR B 159 -52.78 12.71 55.75
C TYR B 159 -52.72 13.85 56.77
N PRO B 160 -51.84 14.86 56.64
CA PRO B 160 -51.72 15.86 57.71
C PRO B 160 -52.99 16.64 57.99
N GLN B 161 -53.90 16.76 57.01
CA GLN B 161 -55.11 17.55 57.22
C GLN B 161 -55.98 16.95 58.33
N TYR B 162 -56.12 15.63 58.36
CA TYR B 162 -57.08 14.97 59.25
C TYR B 162 -56.39 14.24 60.40
N SER B 163 -55.11 14.51 60.64
CA SER B 163 -54.37 13.75 61.65
C SER B 163 -54.92 13.98 63.05
N GLU B 164 -55.09 15.24 63.45
CA GLU B 164 -55.55 15.54 64.80
C GLU B 164 -56.99 15.07 65.01
N GLU B 165 -57.84 15.22 63.99
CA GLU B 165 -59.22 14.75 64.11
C GLU B 165 -59.25 13.23 64.26
N ALA B 166 -58.42 12.52 63.50
CA ALA B 166 -58.36 11.07 63.64
C ALA B 166 -57.85 10.65 65.01
N ARG B 167 -56.80 11.31 65.50
CA ARG B 167 -56.28 10.99 66.83
C ARG B 167 -57.31 11.29 67.90
N LEU B 168 -58.04 12.40 67.74
CA LEU B 168 -59.11 12.72 68.68
C LEU B 168 -60.20 11.65 68.66
N LYS B 169 -60.54 11.16 67.47
CA LYS B 169 -61.51 10.07 67.37
C LYS B 169 -60.99 8.79 68.03
N ARG B 170 -59.71 8.48 67.83
CA ARG B 170 -59.13 7.30 68.46
C ARG B 170 -59.15 7.41 69.97
N GLU B 171 -58.89 8.62 70.50
CA GLU B 171 -59.03 8.84 71.93
C GLU B 171 -60.49 8.95 72.35
N GLU B 172 -61.38 9.33 71.42
CA GLU B 172 -62.80 9.43 71.75
C GLU B 172 -63.42 8.08 72.07
N ILE B 173 -62.85 7.00 71.52
CA ILE B 173 -63.35 5.66 71.82
C ILE B 173 -62.69 5.06 73.06
N SER B 174 -61.71 5.75 73.65
CA SER B 174 -61.03 5.25 74.84
C SER B 174 -61.88 5.48 76.09
N ASP C 2 -35.12 15.35 66.48
CA ASP C 2 -35.86 15.85 65.32
C ASP C 2 -35.65 14.99 64.05
N PRO C 3 -34.39 14.71 63.66
CA PRO C 3 -34.20 13.92 62.43
C PRO C 3 -34.56 12.46 62.60
N GLY C 4 -35.70 12.06 62.04
CA GLY C 4 -36.09 10.66 62.05
C GLY C 4 -35.26 9.85 61.07
N ASP C 5 -34.49 8.89 61.60
CA ASP C 5 -33.64 8.08 60.73
C ASP C 5 -34.49 7.27 59.76
N GLN C 6 -33.98 7.11 58.54
CA GLN C 6 -34.75 6.56 57.44
C GLN C 6 -34.02 5.38 56.83
N ILE C 7 -34.71 4.23 56.74
CA ILE C 7 -34.23 3.05 56.05
C ILE C 7 -35.17 2.76 54.90
N CYS C 8 -34.62 2.56 53.71
CA CYS C 8 -35.42 2.41 52.50
C CYS C 8 -35.15 1.07 51.84
N ILE C 9 -36.16 0.56 51.16
CA ILE C 9 -36.07 -0.63 50.32
C ILE C 9 -36.10 -0.18 48.87
N GLY C 10 -35.32 -0.85 48.02
CA GLY C 10 -35.27 -0.53 46.61
C GLY C 10 -34.60 -1.64 45.83
N TYR C 11 -34.67 -1.53 44.51
CA TYR C 11 -34.11 -2.53 43.61
C TYR C 11 -33.14 -1.87 42.64
N HIS C 12 -32.60 -2.69 41.74
CA HIS C 12 -31.51 -2.31 40.85
C HIS C 12 -32.03 -1.66 39.58
N ALA C 13 -31.20 -0.78 39.01
CA ALA C 13 -31.49 -0.16 37.72
C ALA C 13 -30.16 0.23 37.08
N ASN C 14 -30.12 0.20 35.75
CA ASN C 14 -28.90 0.50 35.02
C ASN C 14 -29.27 1.22 33.72
N ASN C 15 -28.27 1.41 32.86
CA ASN C 15 -28.46 2.06 31.56
C ASN C 15 -28.54 0.98 30.49
N SER C 16 -29.74 0.44 30.30
CA SER C 16 -29.98 -0.62 29.34
C SER C 16 -31.26 -0.33 28.57
N THR C 17 -31.18 -0.47 27.24
CA THR C 17 -32.34 -0.32 26.37
C THR C 17 -32.91 -1.65 25.92
N GLU C 18 -32.43 -2.75 26.50
CA GLU C 18 -32.91 -4.07 26.12
C GLU C 18 -34.41 -4.20 26.40
N GLN C 19 -35.15 -4.69 25.41
CA GLN C 19 -36.59 -4.82 25.52
C GLN C 19 -37.00 -6.29 25.39
N VAL C 20 -37.97 -6.70 26.20
CA VAL C 20 -38.55 -8.03 26.13
C VAL C 20 -40.07 -7.87 26.03
N ASP C 21 -40.72 -8.94 25.59
CA ASP C 21 -42.17 -8.99 25.50
C ASP C 21 -42.69 -10.05 26.46
N THR C 22 -43.66 -9.69 27.29
CA THR C 22 -44.33 -10.62 28.17
C THR C 22 -45.69 -11.00 27.58
N ILE C 23 -46.38 -11.91 28.25
CA ILE C 23 -47.67 -12.37 27.74
C ILE C 23 -48.74 -11.28 27.83
N MET C 24 -48.54 -10.26 28.67
CA MET C 24 -49.53 -9.21 28.85
C MET C 24 -49.02 -7.81 28.53
N GLU C 25 -47.71 -7.60 28.47
CA GLU C 25 -47.15 -6.31 28.09
C GLU C 25 -46.11 -6.50 26.99
N LYS C 26 -46.10 -5.58 26.04
CA LYS C 26 -45.13 -5.59 24.96
C LYS C 26 -44.09 -4.49 25.19
N ASN C 27 -42.86 -4.76 24.75
CA ASN C 27 -41.76 -3.79 24.80
C ASN C 27 -41.50 -3.31 26.23
N VAL C 28 -41.10 -4.24 27.09
CA VAL C 28 -40.76 -3.96 28.47
C VAL C 28 -39.25 -3.87 28.59
N THR C 29 -38.75 -2.70 29.00
CA THR C 29 -37.31 -2.51 29.15
C THR C 29 -36.82 -3.22 30.41
N VAL C 30 -35.75 -4.00 30.27
CA VAL C 30 -35.22 -4.79 31.36
C VAL C 30 -33.74 -4.47 31.53
N THR C 31 -33.24 -4.68 32.74
CA THR C 31 -31.83 -4.39 33.02
C THR C 31 -30.91 -5.37 32.31
N HIS C 32 -31.28 -6.65 32.27
CA HIS C 32 -30.48 -7.67 31.60
C HIS C 32 -31.41 -8.66 30.91
N ALA C 33 -30.88 -9.30 29.87
CA ALA C 33 -31.66 -10.28 29.11
C ALA C 33 -30.72 -11.22 28.39
N GLN C 34 -31.27 -12.35 27.94
CA GLN C 34 -30.54 -13.34 27.17
C GLN C 34 -31.40 -13.83 26.02
N ASP C 35 -30.78 -14.02 24.86
CA ASP C 35 -31.45 -14.54 23.68
C ASP C 35 -31.17 -16.04 23.59
N ILE C 36 -32.23 -16.84 23.49
CA ILE C 36 -32.10 -18.28 23.37
C ILE C 36 -32.29 -18.75 21.92
N LEU C 37 -32.11 -17.84 20.96
CA LEU C 37 -32.28 -18.15 19.55
C LEU C 37 -30.95 -17.98 18.84
N GLU C 38 -30.58 -18.98 18.03
CA GLU C 38 -29.38 -18.91 17.22
C GLU C 38 -29.73 -18.28 15.88
N LYS C 39 -28.97 -17.24 15.50
CA LYS C 39 -29.28 -16.49 14.29
C LYS C 39 -28.11 -16.32 13.33
N THR C 40 -26.91 -16.79 13.67
CA THR C 40 -25.73 -16.54 12.88
C THR C 40 -25.18 -17.83 12.29
N HIS C 41 -24.78 -17.77 11.02
CA HIS C 41 -24.02 -18.84 10.38
C HIS C 41 -22.77 -18.24 9.75
N ASN C 42 -21.71 -19.05 9.67
CA ASN C 42 -20.42 -18.56 9.22
C ASN C 42 -20.33 -18.39 7.71
N GLY C 43 -21.36 -18.77 6.97
CA GLY C 43 -21.32 -18.66 5.52
C GLY C 43 -20.30 -19.55 4.85
N LYS C 44 -20.07 -20.73 5.41
CA LYS C 44 -19.10 -21.68 4.86
C LYS C 44 -19.63 -23.09 5.03
N LEU C 45 -19.11 -23.99 4.21
CA LEU C 45 -19.32 -25.43 4.39
C LEU C 45 -18.15 -25.99 5.19
N CYS C 46 -18.47 -26.72 6.25
CA CYS C 46 -17.46 -27.18 7.20
C CYS C 46 -17.48 -28.69 7.30
N ASP C 47 -16.42 -29.23 7.90
CA ASP C 47 -16.41 -30.62 8.30
C ASP C 47 -17.47 -30.87 9.37
N LEU C 48 -18.06 -32.05 9.34
CA LEU C 48 -19.05 -32.45 10.33
C LEU C 48 -18.40 -33.46 11.27
N ASN C 49 -18.16 -33.02 12.52
CA ASN C 49 -17.50 -33.85 13.53
C ASN C 49 -16.13 -34.33 13.05
N GLY C 50 -15.38 -33.43 12.43
CA GLY C 50 -14.02 -33.71 12.01
C GLY C 50 -13.86 -34.42 10.69
N VAL C 51 -14.96 -34.72 9.99
CA VAL C 51 -14.92 -35.40 8.71
C VAL C 51 -15.38 -34.42 7.63
N LYS C 52 -14.49 -34.14 6.68
CA LYS C 52 -14.82 -33.23 5.59
C LYS C 52 -15.83 -33.88 4.66
N PRO C 53 -16.81 -33.12 4.16
CA PRO C 53 -17.74 -33.67 3.16
C PRO C 53 -17.05 -33.93 1.83
N LEU C 54 -17.75 -34.69 0.99
CA LEU C 54 -17.38 -34.86 -0.41
C LEU C 54 -18.09 -33.79 -1.21
N ILE C 55 -17.32 -32.86 -1.78
CA ILE C 55 -17.88 -31.71 -2.48
C ILE C 55 -17.66 -31.92 -3.97
N LEU C 56 -18.76 -32.17 -4.69
CA LEU C 56 -18.73 -32.33 -6.15
C LEU C 56 -19.01 -30.97 -6.76
N LYS C 57 -17.95 -30.27 -7.17
CA LYS C 57 -18.08 -28.88 -7.58
C LYS C 57 -18.73 -28.75 -8.96
N ASP C 58 -18.35 -29.61 -9.90
CA ASP C 58 -18.83 -29.50 -11.27
C ASP C 58 -19.54 -30.77 -11.75
N CYS C 59 -19.78 -31.72 -10.85
CA CYS C 59 -20.21 -33.06 -11.24
C CYS C 59 -21.38 -33.50 -10.37
N SER C 60 -22.18 -34.41 -10.90
CA SER C 60 -23.17 -35.11 -10.11
C SER C 60 -22.56 -36.41 -9.59
N VAL C 61 -23.30 -37.08 -8.70
CA VAL C 61 -22.83 -38.36 -8.16
C VAL C 61 -22.72 -39.39 -9.27
N ALA C 62 -23.70 -39.43 -10.17
CA ALA C 62 -23.66 -40.39 -11.27
C ALA C 62 -22.46 -40.15 -12.17
N GLY C 63 -22.20 -38.89 -12.53
CA GLY C 63 -21.04 -38.58 -13.35
C GLY C 63 -19.74 -38.84 -12.64
N TRP C 64 -19.68 -38.54 -11.34
CA TRP C 64 -18.47 -38.79 -10.57
C TRP C 64 -18.19 -40.28 -10.45
N LEU C 65 -19.21 -41.10 -10.18
CA LEU C 65 -19.01 -42.53 -10.04
C LEU C 65 -18.57 -43.16 -11.36
N LEU C 66 -19.29 -42.88 -12.44
CA LEU C 66 -18.98 -43.45 -13.75
C LEU C 66 -17.70 -42.89 -14.34
N GLY C 67 -17.18 -41.78 -13.80
CA GLY C 67 -15.97 -41.20 -14.33
C GLY C 67 -16.21 -40.37 -15.58
N ASN C 68 -17.03 -39.34 -15.46
CA ASN C 68 -17.28 -38.43 -16.57
C ASN C 68 -15.99 -37.69 -16.89
N PRO C 69 -15.46 -37.80 -18.12
CA PRO C 69 -14.19 -37.15 -18.44
C PRO C 69 -14.21 -35.64 -18.34
N MET C 70 -15.38 -35.00 -18.49
CA MET C 70 -15.47 -33.56 -18.36
C MET C 70 -15.54 -33.10 -16.91
N CYS C 71 -15.71 -34.02 -15.96
CA CYS C 71 -15.68 -33.66 -14.55
C CYS C 71 -14.24 -33.57 -14.07
N ASP C 72 -13.97 -32.59 -13.22
CA ASP C 72 -12.62 -32.39 -12.71
C ASP C 72 -12.18 -33.58 -11.85
N GLU C 73 -10.94 -34.00 -12.04
CA GLU C 73 -10.36 -35.06 -11.23
C GLU C 73 -9.72 -34.46 -9.98
N PHE C 74 -10.10 -34.98 -8.83
CA PHE C 74 -9.58 -34.52 -7.55
C PHE C 74 -8.94 -35.69 -6.82
N ILE C 75 -8.23 -35.36 -5.73
CA ILE C 75 -7.54 -36.40 -4.97
C ILE C 75 -8.57 -37.34 -4.34
N ARG C 76 -8.18 -38.61 -4.21
CA ARG C 76 -9.07 -39.61 -3.66
C ARG C 76 -9.49 -39.25 -2.23
N VAL C 77 -10.79 -39.34 -1.98
CA VAL C 77 -11.35 -39.08 -0.66
C VAL C 77 -11.81 -40.42 -0.07
N PRO C 78 -11.11 -40.97 0.92
CA PRO C 78 -11.51 -42.30 1.45
C PRO C 78 -12.75 -42.28 2.31
N GLU C 79 -13.10 -41.14 2.92
CA GLU C 79 -14.26 -41.06 3.80
C GLU C 79 -14.84 -39.65 3.73
N TRP C 80 -16.14 -39.56 3.98
CA TRP C 80 -16.81 -38.26 4.05
C TRP C 80 -18.03 -38.38 4.95
N SER C 81 -18.46 -37.23 5.49
CA SER C 81 -19.59 -37.17 6.40
C SER C 81 -20.89 -36.84 5.70
N TYR C 82 -20.83 -36.08 4.61
CA TYR C 82 -21.99 -35.83 3.75
C TYR C 82 -21.49 -35.45 2.38
N ILE C 83 -22.42 -35.38 1.43
CA ILE C 83 -22.10 -35.09 0.03
C ILE C 83 -22.72 -33.75 -0.34
N VAL C 84 -21.91 -32.88 -0.93
CA VAL C 84 -22.35 -31.57 -1.40
C VAL C 84 -22.46 -31.61 -2.91
N GLU C 85 -23.62 -31.22 -3.42
CA GLU C 85 -23.86 -31.07 -4.85
C GLU C 85 -24.36 -29.67 -5.13
N ARG C 86 -24.04 -29.16 -6.31
CA ARG C 86 -24.67 -27.93 -6.76
C ARG C 86 -26.15 -28.20 -7.05
N ALA C 87 -26.94 -27.13 -7.04
CA ALA C 87 -28.35 -27.28 -7.38
C ALA C 87 -28.51 -27.85 -8.78
N ASN C 88 -27.74 -27.35 -9.73
CA ASN C 88 -27.71 -27.88 -11.09
C ASN C 88 -26.25 -28.13 -11.45
N PRO C 89 -25.76 -29.36 -11.23
CA PRO C 89 -24.36 -29.66 -11.55
C PRO C 89 -24.06 -29.41 -13.03
N ALA C 90 -22.87 -28.87 -13.28
CA ALA C 90 -22.49 -28.52 -14.65
C ALA C 90 -22.43 -29.75 -15.54
N ASN C 91 -21.87 -30.85 -15.03
CA ASN C 91 -21.76 -32.09 -15.78
C ASN C 91 -22.42 -33.20 -14.97
N ASP C 92 -23.39 -33.87 -15.58
CA ASP C 92 -24.04 -35.02 -14.96
C ASP C 92 -23.81 -36.31 -15.74
N LEU C 93 -24.20 -36.35 -17.01
CA LEU C 93 -24.02 -37.53 -17.86
C LEU C 93 -23.65 -37.03 -19.25
N CYS C 94 -22.36 -37.10 -19.57
CA CYS C 94 -21.90 -36.63 -20.88
C CYS C 94 -22.59 -37.38 -22.00
N TYR C 95 -22.67 -38.71 -21.89
CA TYR C 95 -23.57 -39.46 -22.77
C TYR C 95 -24.96 -39.49 -22.15
N PRO C 96 -25.99 -39.06 -22.87
CA PRO C 96 -27.33 -39.03 -22.27
C PRO C 96 -27.80 -40.42 -21.87
N GLY C 97 -28.52 -40.49 -20.74
CA GLY C 97 -28.98 -41.76 -20.23
C GLY C 97 -29.56 -41.60 -18.83
N SER C 98 -29.42 -42.65 -18.03
CA SER C 98 -29.93 -42.63 -16.67
C SER C 98 -29.19 -43.68 -15.85
N LEU C 99 -29.17 -43.46 -14.54
CA LEU C 99 -28.62 -44.41 -13.58
C LEU C 99 -29.77 -44.92 -12.71
N ASN C 100 -29.97 -46.24 -12.72
CA ASN C 100 -31.12 -46.82 -12.06
C ASN C 100 -31.02 -46.71 -10.54
N ASP C 101 -32.17 -46.47 -9.90
CA ASP C 101 -32.24 -46.29 -8.45
C ASP C 101 -31.25 -45.22 -7.98
N TYR C 102 -31.18 -44.13 -8.75
CA TYR C 102 -30.17 -43.10 -8.52
C TYR C 102 -30.36 -42.43 -7.15
N GLU C 103 -31.60 -42.13 -6.79
CA GLU C 103 -31.86 -41.43 -5.52
C GLU C 103 -31.46 -42.30 -4.33
N GLU C 104 -31.77 -43.59 -4.38
CA GLU C 104 -31.39 -44.49 -3.29
C GLU C 104 -29.87 -44.69 -3.25
N LEU C 105 -29.23 -44.77 -4.41
CA LEU C 105 -27.77 -44.90 -4.45
C LEU C 105 -27.10 -43.67 -3.86
N LYS C 106 -27.63 -42.50 -4.19
CA LYS C 106 -27.11 -41.24 -3.66
C LYS C 106 -27.27 -41.19 -2.15
N HIS C 107 -28.41 -41.64 -1.62
CA HIS C 107 -28.64 -41.64 -0.19
C HIS C 107 -27.70 -42.59 0.55
N MET C 108 -27.45 -43.76 -0.05
CA MET C 108 -26.54 -44.72 0.57
C MET C 108 -25.11 -44.18 0.60
N LEU C 109 -24.69 -43.50 -0.46
CA LEU C 109 -23.34 -42.97 -0.57
C LEU C 109 -23.16 -41.64 0.15
N SER C 110 -24.21 -41.11 0.78
CA SER C 110 -24.11 -39.80 1.42
C SER C 110 -23.08 -39.81 2.56
N ARG C 111 -23.01 -40.90 3.31
CA ARG C 111 -22.02 -41.04 4.38
C ARG C 111 -21.36 -42.41 4.25
N ILE C 112 -20.08 -42.41 3.90
CA ILE C 112 -19.31 -43.63 3.67
C ILE C 112 -18.10 -43.63 4.58
N ASN C 113 -17.90 -44.73 5.30
CA ASN C 113 -16.77 -44.82 6.22
C ASN C 113 -15.47 -45.14 5.48
N HIS C 114 -15.53 -45.92 4.41
CA HIS C 114 -14.35 -46.23 3.62
C HIS C 114 -14.74 -46.40 2.16
N PHE C 115 -14.03 -45.69 1.28
CA PHE C 115 -14.29 -45.70 -0.15
C PHE C 115 -12.97 -45.82 -0.87
N GLU C 116 -12.88 -46.77 -1.82
CA GLU C 116 -11.64 -46.99 -2.55
C GLU C 116 -11.96 -47.64 -3.89
N LYS C 117 -11.55 -46.98 -4.97
CA LYS C 117 -11.72 -47.55 -6.30
C LYS C 117 -10.64 -48.60 -6.57
N ILE C 118 -11.06 -49.73 -7.12
CA ILE C 118 -10.16 -50.79 -7.53
C ILE C 118 -10.53 -51.24 -8.94
N GLN C 119 -9.60 -51.95 -9.57
CA GLN C 119 -9.80 -52.49 -10.91
C GLN C 119 -10.19 -53.96 -10.80
N ILE C 120 -11.28 -54.34 -11.48
CA ILE C 120 -11.80 -55.69 -11.45
C ILE C 120 -11.73 -56.37 -12.82
N ILE C 121 -12.04 -55.65 -13.89
CA ILE C 121 -12.02 -56.22 -15.23
C ILE C 121 -11.17 -55.32 -16.13
N PRO C 122 -9.86 -55.58 -16.23
CA PRO C 122 -9.01 -54.75 -17.08
C PRO C 122 -9.33 -54.95 -18.56
N LYS C 123 -8.93 -53.95 -19.36
CA LYS C 123 -9.20 -53.98 -20.79
C LYS C 123 -8.46 -55.10 -21.50
N SER C 124 -7.43 -55.67 -20.88
CA SER C 124 -6.72 -56.80 -21.47
C SER C 124 -7.54 -58.08 -21.43
N SER C 125 -8.67 -58.09 -20.72
CA SER C 125 -9.48 -59.29 -20.53
C SER C 125 -10.54 -59.47 -21.60
N TRP C 126 -10.44 -58.75 -22.72
CA TRP C 126 -11.44 -58.80 -23.79
C TRP C 126 -10.74 -59.10 -25.10
N PRO C 127 -10.36 -60.36 -25.34
CA PRO C 127 -9.64 -60.69 -26.58
C PRO C 127 -10.49 -60.60 -27.83
N ASN C 128 -11.79 -60.83 -27.73
CA ASN C 128 -12.66 -60.94 -28.90
C ASN C 128 -13.59 -59.74 -29.07
N HIS C 129 -13.43 -58.70 -28.25
CA HIS C 129 -14.21 -57.49 -28.36
C HIS C 129 -13.28 -56.28 -28.25
N GLU C 130 -13.53 -55.27 -29.10
CA GLU C 130 -12.71 -54.07 -29.08
C GLU C 130 -13.05 -53.22 -27.86
N THR C 131 -12.03 -52.65 -27.23
CA THR C 131 -12.18 -51.94 -25.98
C THR C 131 -11.79 -50.46 -26.05
N SER C 132 -11.32 -49.97 -27.19
CA SER C 132 -10.89 -48.58 -27.29
C SER C 132 -11.74 -47.72 -28.21
N LEU C 133 -12.72 -48.28 -28.91
CA LEU C 133 -13.56 -47.51 -29.82
C LEU C 133 -14.89 -47.12 -29.22
N GLY C 134 -15.18 -47.53 -27.98
CA GLY C 134 -16.42 -47.15 -27.33
C GLY C 134 -16.38 -45.71 -26.89
N VAL C 135 -16.42 -44.80 -27.86
CA VAL C 135 -15.94 -43.44 -27.69
C VAL C 135 -16.90 -42.48 -28.40
N SER C 136 -17.14 -41.33 -27.78
CA SER C 136 -18.03 -40.31 -28.33
C SER C 136 -17.41 -38.93 -28.17
N ALA C 137 -17.78 -38.03 -29.07
CA ALA C 137 -17.35 -36.64 -29.00
C ALA C 137 -18.09 -35.85 -27.92
N ALA C 138 -19.15 -36.40 -27.35
CA ALA C 138 -19.86 -35.76 -26.25
C ALA C 138 -19.15 -35.94 -24.92
N CYS C 139 -18.12 -36.78 -24.86
CA CYS C 139 -17.36 -37.03 -23.63
C CYS C 139 -15.88 -36.86 -23.93
N PRO C 140 -15.43 -35.63 -24.22
CA PRO C 140 -14.02 -35.44 -24.53
C PRO C 140 -13.12 -35.64 -23.33
N TYR C 141 -11.90 -36.08 -23.60
CA TYR C 141 -10.89 -36.21 -22.55
C TYR C 141 -9.51 -35.97 -23.17
N GLN C 142 -8.82 -34.95 -22.68
CA GLN C 142 -7.48 -34.59 -23.17
C GLN C 142 -7.48 -34.37 -24.68
N GLY C 143 -8.48 -33.60 -25.15
CA GLY C 143 -8.53 -33.23 -26.55
C GLY C 143 -8.95 -34.32 -27.50
N ALA C 144 -9.39 -35.46 -26.99
CA ALA C 144 -9.80 -36.57 -27.83
C ALA C 144 -11.18 -37.07 -27.40
N PRO C 145 -11.97 -37.59 -28.34
CA PRO C 145 -13.25 -38.18 -27.96
C PRO C 145 -13.03 -39.35 -27.02
N SER C 146 -13.90 -39.48 -26.02
CA SER C 146 -13.72 -40.47 -24.98
C SER C 146 -15.09 -40.88 -24.45
N PHE C 147 -15.11 -41.48 -23.27
CA PHE C 147 -16.32 -42.02 -22.66
C PHE C 147 -16.14 -42.01 -21.15
N PHE C 148 -17.14 -42.48 -20.42
CA PHE C 148 -16.99 -42.68 -18.99
C PHE C 148 -15.80 -43.58 -18.72
N ARG C 149 -14.88 -43.12 -17.87
CA ARG C 149 -13.57 -43.75 -17.78
C ARG C 149 -13.50 -44.87 -16.75
N ASN C 150 -14.55 -45.09 -15.96
CA ASN C 150 -14.59 -46.22 -15.05
C ASN C 150 -15.30 -47.43 -15.63
N VAL C 151 -15.91 -47.30 -16.81
CA VAL C 151 -16.52 -48.40 -17.52
C VAL C 151 -15.91 -48.47 -18.91
N VAL C 152 -16.26 -49.51 -19.65
CA VAL C 152 -15.78 -49.71 -21.01
C VAL C 152 -16.95 -50.06 -21.91
N TRP C 153 -17.03 -49.40 -23.06
CA TRP C 153 -18.11 -49.58 -24.03
C TRP C 153 -17.62 -50.56 -25.09
N LEU C 154 -17.98 -51.84 -24.92
CA LEU C 154 -17.46 -52.88 -25.80
C LEU C 154 -18.11 -52.81 -27.18
N ILE C 155 -17.28 -53.04 -28.21
CA ILE C 155 -17.70 -52.98 -29.60
C ILE C 155 -17.25 -54.27 -30.27
N LYS C 156 -17.92 -54.61 -31.38
CA LYS C 156 -17.54 -55.78 -32.16
C LYS C 156 -16.12 -55.65 -32.69
N LYS C 157 -15.43 -56.78 -32.78
CA LYS C 157 -14.09 -56.85 -33.32
C LYS C 157 -14.09 -57.79 -34.52
N ASN C 158 -13.49 -57.33 -35.62
CA ASN C 158 -13.44 -58.12 -36.87
C ASN C 158 -14.83 -58.56 -37.30
N ASP C 159 -15.78 -57.62 -37.22
CA ASP C 159 -17.17 -57.85 -37.60
C ASP C 159 -17.76 -59.05 -36.87
N ALA C 160 -17.38 -59.20 -35.61
CA ALA C 160 -17.87 -60.31 -34.80
C ALA C 160 -17.99 -59.86 -33.35
N TYR C 161 -19.09 -60.25 -32.71
CA TYR C 161 -19.33 -59.99 -31.30
C TYR C 161 -19.70 -61.32 -30.65
N PRO C 162 -18.71 -62.14 -30.30
CA PRO C 162 -19.01 -63.39 -29.61
C PRO C 162 -19.69 -63.13 -28.27
N THR C 163 -20.56 -64.05 -27.87
CA THR C 163 -21.30 -63.90 -26.63
C THR C 163 -20.33 -63.85 -25.45
N ILE C 164 -20.55 -62.88 -24.57
CA ILE C 164 -19.70 -62.70 -23.39
C ILE C 164 -20.25 -63.57 -22.26
N LYS C 165 -19.36 -64.30 -21.60
CA LYS C 165 -19.70 -65.06 -20.40
C LYS C 165 -18.53 -64.90 -19.43
N ILE C 166 -18.66 -63.97 -18.49
CA ILE C 166 -17.59 -63.66 -17.55
C ILE C 166 -18.16 -63.66 -16.13
N SER C 167 -17.25 -63.79 -15.17
CA SER C 167 -17.60 -63.81 -13.75
C SER C 167 -16.52 -63.07 -12.96
N TYR C 168 -16.95 -62.44 -11.86
CA TYR C 168 -16.03 -61.82 -10.91
C TYR C 168 -16.41 -62.23 -9.49
N ASN C 169 -15.42 -62.67 -8.73
CA ASN C 169 -15.61 -63.08 -7.34
C ASN C 169 -15.02 -62.01 -6.43
N ASN C 170 -15.82 -61.55 -5.47
CA ASN C 170 -15.38 -60.51 -4.54
C ASN C 170 -14.52 -61.15 -3.46
N THR C 171 -13.21 -61.14 -3.70
CA THR C 171 -12.26 -61.68 -2.73
C THR C 171 -11.95 -60.70 -1.61
N ASN C 172 -12.37 -59.45 -1.73
CA ASN C 172 -12.12 -58.46 -0.69
C ASN C 172 -13.04 -58.70 0.50
N ARG C 173 -12.60 -58.23 1.67
CA ARG C 173 -13.40 -58.34 2.88
C ARG C 173 -14.51 -57.31 2.97
N GLU C 174 -14.55 -56.35 2.05
CA GLU C 174 -15.54 -55.29 2.07
C GLU C 174 -16.53 -55.45 0.93
N ASP C 175 -17.68 -54.81 1.06
CA ASP C 175 -18.67 -54.80 0.00
C ASP C 175 -18.14 -54.07 -1.22
N LEU C 176 -18.68 -54.41 -2.38
CA LEU C 176 -18.25 -53.85 -3.65
C LEU C 176 -19.42 -53.21 -4.35
N LEU C 177 -19.24 -51.97 -4.81
CA LEU C 177 -20.21 -51.28 -5.64
C LEU C 177 -19.76 -51.43 -7.09
N ILE C 178 -20.59 -52.09 -7.90
CA ILE C 178 -20.27 -52.41 -9.28
C ILE C 178 -21.33 -51.78 -10.18
N LEU C 179 -20.89 -51.08 -11.21
CA LEU C 179 -21.78 -50.44 -12.16
C LEU C 179 -21.54 -50.98 -13.56
N TRP C 180 -22.63 -51.11 -14.32
CA TRP C 180 -22.59 -51.54 -15.71
C TRP C 180 -23.73 -50.86 -16.44
N GLY C 181 -23.80 -51.06 -17.75
CA GLY C 181 -24.84 -50.39 -18.51
C GLY C 181 -25.17 -51.09 -19.79
N ILE C 182 -26.21 -50.57 -20.46
CA ILE C 182 -26.65 -51.05 -21.76
C ILE C 182 -26.78 -49.86 -22.69
N HIS C 183 -26.39 -50.04 -23.94
CA HIS C 183 -26.47 -48.99 -24.95
C HIS C 183 -27.72 -49.18 -25.79
N HIS C 184 -28.55 -48.15 -25.87
CA HIS C 184 -29.75 -48.16 -26.69
C HIS C 184 -29.42 -47.54 -28.04
N SER C 185 -29.53 -48.33 -29.10
CA SER C 185 -29.18 -47.87 -30.44
C SER C 185 -30.26 -46.93 -30.98
N ASN C 186 -30.02 -46.43 -32.19
CA ASN C 186 -30.96 -45.55 -32.87
C ASN C 186 -31.73 -46.23 -33.99
N ASN C 187 -31.14 -47.22 -34.66
CA ASN C 187 -31.81 -47.95 -35.72
C ASN C 187 -31.06 -49.27 -35.93
N ALA C 188 -31.62 -50.11 -36.81
CA ALA C 188 -31.04 -51.43 -37.06
C ALA C 188 -29.65 -51.32 -37.65
N GLU C 189 -29.42 -50.36 -38.56
CA GLU C 189 -28.12 -50.21 -39.17
C GLU C 189 -27.06 -49.89 -38.13
N GLU C 190 -27.36 -48.98 -37.20
CA GLU C 190 -26.40 -48.64 -36.15
C GLU C 190 -26.10 -49.84 -35.27
N GLN C 191 -27.12 -50.66 -34.98
CA GLN C 191 -26.91 -51.83 -34.13
C GLN C 191 -25.91 -52.80 -34.75
N THR C 192 -26.08 -53.11 -36.04
CA THR C 192 -25.17 -54.04 -36.69
C THR C 192 -23.78 -53.44 -36.86
N ASN C 193 -23.69 -52.15 -37.18
CA ASN C 193 -22.39 -51.50 -37.35
C ASN C 193 -21.58 -51.49 -36.06
N LEU C 194 -22.22 -51.66 -34.91
CA LEU C 194 -21.54 -51.64 -33.63
C LEU C 194 -21.41 -53.01 -32.98
N TYR C 195 -22.40 -53.89 -33.17
CA TYR C 195 -22.40 -55.18 -32.49
C TYR C 195 -22.69 -56.38 -33.39
N LYS C 196 -23.11 -56.16 -34.64
CA LYS C 196 -23.25 -57.20 -35.65
C LYS C 196 -24.44 -58.12 -35.37
N ASN C 197 -25.05 -57.99 -34.20
CA ASN C 197 -26.14 -58.86 -33.81
C ASN C 197 -27.44 -58.07 -33.72
N PRO C 198 -28.42 -58.32 -34.59
CA PRO C 198 -29.64 -57.51 -34.58
C PRO C 198 -30.41 -57.57 -33.27
N ILE C 199 -30.45 -58.72 -32.62
CA ILE C 199 -31.16 -58.90 -31.36
C ILE C 199 -30.14 -59.22 -30.28
N THR C 200 -30.05 -58.37 -29.26
CA THR C 200 -29.04 -58.52 -28.22
C THR C 200 -29.70 -58.46 -26.85
N TYR C 201 -28.97 -58.94 -25.85
CA TYR C 201 -29.46 -59.02 -24.48
C TYR C 201 -28.29 -58.85 -23.53
N ILE C 202 -28.62 -58.56 -22.27
CA ILE C 202 -27.65 -58.53 -21.18
C ILE C 202 -28.25 -59.27 -19.99
N SER C 203 -27.50 -60.22 -19.45
CA SER C 203 -27.91 -60.97 -18.27
C SER C 203 -26.89 -60.75 -17.16
N VAL C 204 -27.36 -60.32 -15.99
CA VAL C 204 -26.52 -60.10 -14.83
C VAL C 204 -27.08 -60.91 -13.67
N GLY C 205 -26.22 -61.68 -13.00
CA GLY C 205 -26.68 -62.52 -11.92
C GLY C 205 -25.72 -62.61 -10.75
N THR C 206 -26.26 -62.55 -9.54
CA THR C 206 -25.51 -62.76 -8.30
C THR C 206 -26.33 -63.67 -7.41
N SER C 207 -25.94 -63.76 -6.13
CA SER C 207 -26.75 -64.49 -5.17
C SER C 207 -28.11 -63.86 -4.96
N THR C 208 -28.27 -62.60 -5.33
CA THR C 208 -29.53 -61.88 -5.18
C THR C 208 -30.01 -61.25 -6.48
N LEU C 209 -29.10 -60.75 -7.30
CA LEU C 209 -29.47 -60.08 -8.54
C LEU C 209 -29.81 -61.07 -9.64
N ASN C 210 -30.87 -60.78 -10.38
CA ASN C 210 -31.26 -61.57 -11.54
C ASN C 210 -31.93 -60.61 -12.54
N GLN C 211 -31.13 -60.10 -13.47
CA GLN C 211 -31.55 -59.01 -14.35
C GLN C 211 -31.30 -59.39 -15.80
N ARG C 212 -32.28 -59.08 -16.66
CA ARG C 212 -32.16 -59.27 -18.09
C ARG C 212 -32.56 -57.98 -18.79
N LEU C 213 -31.73 -57.51 -19.71
CA LEU C 213 -31.94 -56.27 -20.43
C LEU C 213 -31.96 -56.52 -21.93
N ALA C 214 -32.66 -55.66 -22.65
CA ALA C 214 -32.62 -55.62 -24.10
C ALA C 214 -32.61 -54.16 -24.54
N PRO C 215 -31.90 -53.84 -25.62
CA PRO C 215 -31.84 -52.44 -26.06
C PRO C 215 -33.18 -51.98 -26.63
N LYS C 216 -33.57 -50.77 -26.25
CA LYS C 216 -34.77 -50.14 -26.78
C LYS C 216 -34.35 -49.29 -27.97
N ILE C 217 -34.33 -49.91 -29.14
CA ILE C 217 -33.90 -49.24 -30.36
C ILE C 217 -35.07 -48.43 -30.91
N ALA C 218 -34.94 -47.11 -30.91
CA ALA C 218 -36.02 -46.23 -31.35
C ALA C 218 -35.42 -44.85 -31.64
N THR C 219 -36.28 -43.94 -32.06
CA THR C 219 -35.89 -42.57 -32.36
C THR C 219 -36.20 -41.69 -31.15
N ARG C 220 -35.23 -40.89 -30.74
CA ARG C 220 -35.35 -39.98 -29.60
C ARG C 220 -34.86 -38.60 -30.00
N SER C 221 -35.02 -37.64 -29.09
CA SER C 221 -34.50 -36.30 -29.33
C SER C 221 -33.00 -36.25 -29.01
N GLN C 222 -32.36 -35.18 -29.46
CA GLN C 222 -30.93 -35.02 -29.28
C GLN C 222 -30.62 -34.39 -27.92
N VAL C 223 -29.77 -35.05 -27.14
CA VAL C 223 -29.23 -34.52 -25.90
C VAL C 223 -27.72 -34.56 -26.01
N ASN C 224 -27.08 -33.41 -25.80
CA ASN C 224 -25.65 -33.24 -26.04
C ASN C 224 -25.28 -33.66 -27.46
N GLY C 225 -26.19 -33.45 -28.40
CA GLY C 225 -25.96 -33.83 -29.78
C GLY C 225 -26.04 -35.32 -30.07
N LEU C 226 -26.57 -36.11 -29.14
CA LEU C 226 -26.61 -37.56 -29.27
C LEU C 226 -28.05 -38.04 -29.16
N ARG C 227 -28.48 -38.88 -30.10
CA ARG C 227 -29.79 -39.49 -30.04
C ARG C 227 -29.78 -40.87 -29.38
N GLY C 228 -28.61 -41.41 -29.09
CA GLY C 228 -28.54 -42.64 -28.33
C GLY C 228 -28.64 -42.41 -26.84
N ARG C 229 -28.92 -43.48 -26.12
CA ARG C 229 -29.01 -43.44 -24.66
C ARG C 229 -28.26 -44.63 -24.07
N MET C 230 -27.77 -44.44 -22.84
CA MET C 230 -27.13 -45.53 -22.11
C MET C 230 -27.65 -45.51 -20.67
N ASP C 231 -28.37 -46.55 -20.31
CA ASP C 231 -28.93 -46.70 -18.97
C ASP C 231 -27.99 -47.57 -18.15
N PHE C 232 -27.51 -47.02 -17.03
CA PHE C 232 -26.58 -47.71 -16.16
C PHE C 232 -27.32 -48.32 -14.97
N PHE C 233 -26.77 -49.41 -14.44
CA PHE C 233 -27.33 -50.12 -13.30
C PHE C 233 -26.22 -50.41 -12.32
N TRP C 234 -26.61 -50.72 -11.08
CA TRP C 234 -25.63 -50.95 -10.02
C TRP C 234 -26.13 -52.01 -9.06
N THR C 235 -25.21 -52.58 -8.31
CA THR C 235 -25.52 -53.52 -7.25
C THR C 235 -24.37 -53.53 -6.25
N ILE C 236 -24.65 -54.05 -5.06
CA ILE C 236 -23.65 -54.21 -4.01
C ILE C 236 -23.30 -55.70 -3.95
N LEU C 237 -22.10 -56.05 -4.41
CA LEU C 237 -21.64 -57.43 -4.41
C LEU C 237 -21.03 -57.74 -3.05
N LYS C 238 -21.76 -58.53 -2.25
CA LYS C 238 -21.29 -58.88 -0.92
C LYS C 238 -20.05 -59.77 -1.01
N PRO C 239 -19.22 -59.78 0.04
CA PRO C 239 -17.98 -60.55 -0.03
C PRO C 239 -18.21 -62.02 -0.30
N ASP C 240 -17.30 -62.62 -1.06
CA ASP C 240 -17.31 -64.03 -1.47
C ASP C 240 -18.47 -64.38 -2.38
N ASP C 241 -19.25 -63.40 -2.84
CA ASP C 241 -20.25 -63.64 -3.87
C ASP C 241 -19.67 -63.33 -5.23
N ALA C 242 -20.31 -63.86 -6.27
CA ALA C 242 -19.87 -63.67 -7.64
C ALA C 242 -20.96 -63.00 -8.46
N ILE C 243 -20.53 -62.17 -9.41
CA ILE C 243 -21.40 -61.55 -10.40
C ILE C 243 -21.10 -62.16 -11.75
N HIS C 244 -22.15 -62.47 -12.51
CA HIS C 244 -22.01 -63.18 -13.77
C HIS C 244 -22.64 -62.35 -14.88
N PHE C 245 -21.83 -61.91 -15.82
CA PHE C 245 -22.28 -61.11 -16.95
C PHE C 245 -22.38 -61.97 -18.20
N GLU C 246 -23.52 -61.88 -18.88
CA GLU C 246 -23.73 -62.53 -20.18
C GLU C 246 -24.36 -61.54 -21.12
N SER C 247 -23.79 -61.42 -22.32
CA SER C 247 -24.29 -60.46 -23.31
C SER C 247 -23.72 -60.80 -24.69
N ASN C 248 -24.48 -60.42 -25.72
CA ASN C 248 -24.04 -60.56 -27.10
C ASN C 248 -24.14 -59.23 -27.84
N GLY C 249 -24.10 -58.14 -27.09
CA GLY C 249 -24.09 -56.81 -27.68
C GLY C 249 -24.67 -55.78 -26.73
N ASN C 250 -24.32 -54.52 -27.00
CA ASN C 250 -24.85 -53.37 -26.28
C ASN C 250 -24.50 -53.40 -24.80
N PHE C 251 -23.37 -53.99 -24.45
CA PHE C 251 -22.97 -54.17 -23.06
C PHE C 251 -21.90 -53.15 -22.69
N ILE C 252 -22.15 -52.40 -21.62
CA ILE C 252 -21.18 -51.47 -21.07
C ILE C 252 -20.55 -52.15 -19.85
N ALA C 253 -19.40 -52.79 -20.07
CA ALA C 253 -18.77 -53.60 -19.04
C ALA C 253 -18.10 -52.72 -17.98
N PRO C 254 -18.06 -53.18 -16.73
CA PRO C 254 -17.27 -52.49 -15.72
C PRO C 254 -15.78 -52.66 -15.98
N GLU C 255 -15.01 -51.65 -15.56
CA GLU C 255 -13.58 -51.79 -15.40
C GLU C 255 -13.12 -51.50 -13.98
N TYR C 256 -13.70 -50.49 -13.34
CA TYR C 256 -13.40 -50.15 -11.96
C TYR C 256 -14.63 -50.33 -11.10
N ALA C 257 -14.42 -50.72 -9.85
CA ALA C 257 -15.47 -50.84 -8.85
C ALA C 257 -14.99 -50.18 -7.57
N TYR C 258 -15.89 -50.10 -6.59
CA TYR C 258 -15.62 -49.35 -5.36
C TYR C 258 -15.80 -50.26 -4.15
N LYS C 259 -14.70 -50.53 -3.45
CA LYS C 259 -14.78 -51.13 -2.12
C LYS C 259 -15.43 -50.13 -1.19
N ILE C 260 -16.57 -50.50 -0.61
CA ILE C 260 -17.41 -49.58 0.15
C ILE C 260 -17.64 -50.14 1.54
N VAL C 261 -17.51 -49.26 2.54
CA VAL C 261 -17.84 -49.58 3.93
C VAL C 261 -18.73 -48.44 4.45
N LYS C 262 -19.96 -48.78 4.83
CA LYS C 262 -20.92 -47.80 5.31
C LYS C 262 -21.28 -48.12 6.75
N LYS C 263 -21.19 -47.12 7.62
CA LYS C 263 -21.53 -47.27 9.03
C LYS C 263 -22.68 -46.38 9.46
N GLY C 264 -22.70 -45.12 9.02
CA GLY C 264 -23.76 -44.19 9.35
C GLY C 264 -24.52 -43.73 8.12
N ASP C 265 -25.46 -42.82 8.36
CA ASP C 265 -26.33 -42.31 7.32
C ASP C 265 -26.34 -40.79 7.32
N SER C 266 -26.55 -40.22 6.14
CA SER C 266 -26.60 -38.77 5.96
C SER C 266 -27.51 -38.50 4.77
N THR C 267 -27.44 -37.28 4.24
CA THR C 267 -28.14 -36.95 3.01
C THR C 267 -27.22 -36.18 2.07
N ILE C 268 -27.77 -35.67 0.98
CA ILE C 268 -27.01 -34.86 0.03
C ILE C 268 -27.44 -33.41 0.18
N MET C 269 -26.48 -32.54 0.44
CA MET C 269 -26.76 -31.13 0.62
C MET C 269 -26.61 -30.43 -0.72
N LYS C 270 -27.63 -29.66 -1.10
CA LYS C 270 -27.61 -28.85 -2.30
C LYS C 270 -27.17 -27.45 -1.92
N SER C 271 -25.94 -27.08 -2.27
CA SER C 271 -25.40 -25.79 -1.89
C SER C 271 -24.32 -25.38 -2.87
N GLY C 272 -24.06 -24.07 -2.90
CA GLY C 272 -22.97 -23.52 -3.69
C GLY C 272 -21.99 -22.75 -2.85
N VAL C 273 -22.20 -22.77 -1.53
CA VAL C 273 -21.33 -22.07 -0.59
C VAL C 273 -19.95 -22.71 -0.61
N GLU C 274 -18.91 -21.88 -0.51
CA GLU C 274 -17.55 -22.37 -0.57
C GLU C 274 -17.16 -23.10 0.71
N TYR C 275 -16.28 -24.08 0.57
CA TYR C 275 -15.75 -24.80 1.72
C TYR C 275 -14.91 -23.86 2.58
N GLY C 276 -15.06 -23.98 3.89
CA GLY C 276 -14.47 -23.01 4.80
C GLY C 276 -13.32 -23.51 5.66
N HIS C 277 -12.90 -24.77 5.48
CA HIS C 277 -11.85 -25.38 6.29
C HIS C 277 -12.17 -25.22 7.78
N CYS C 278 -13.36 -25.66 8.16
CA CYS C 278 -13.88 -25.49 9.50
C CYS C 278 -14.55 -26.79 9.94
N ASN C 279 -14.89 -26.86 11.23
CA ASN C 279 -15.60 -28.00 11.78
C ASN C 279 -16.83 -27.51 12.52
N THR C 280 -17.90 -28.30 12.46
CA THR C 280 -19.17 -27.91 13.08
C THR C 280 -19.94 -29.18 13.45
N LYS C 281 -20.93 -29.00 14.31
CA LYS C 281 -21.86 -30.06 14.68
C LYS C 281 -23.19 -29.93 13.96
N CYS C 282 -23.39 -28.85 13.22
CA CYS C 282 -24.64 -28.63 12.50
C CYS C 282 -24.35 -27.80 11.27
N GLN C 283 -24.65 -28.35 10.10
CA GLN C 283 -24.36 -27.70 8.82
C GLN C 283 -25.67 -27.35 8.12
N THR C 284 -25.78 -26.11 7.66
CA THR C 284 -26.87 -25.66 6.82
C THR C 284 -26.35 -25.35 5.42
N PRO C 285 -27.22 -25.39 4.40
CA PRO C 285 -26.75 -25.11 3.04
C PRO C 285 -26.20 -23.71 2.84
N VAL C 286 -26.40 -22.80 3.79
CA VAL C 286 -25.87 -21.46 3.70
C VAL C 286 -24.75 -21.19 4.71
N GLY C 287 -24.50 -22.09 5.63
CA GLY C 287 -23.43 -21.91 6.60
C GLY C 287 -23.60 -22.84 7.78
N ALA C 288 -22.56 -22.85 8.62
CA ALA C 288 -22.54 -23.67 9.83
C ALA C 288 -22.96 -22.83 11.04
N ILE C 289 -23.60 -23.48 12.00
CA ILE C 289 -24.07 -22.83 13.22
C ILE C 289 -23.46 -23.54 14.43
N ASN C 290 -23.55 -22.90 15.59
CA ASN C 290 -22.86 -23.37 16.80
C ASN C 290 -23.68 -24.34 17.63
N SER C 291 -25.01 -24.33 17.52
CA SER C 291 -25.89 -25.37 18.06
C SER C 291 -25.86 -25.44 19.58
N SER C 292 -25.53 -24.34 20.26
CA SER C 292 -25.61 -24.32 21.71
C SER C 292 -27.01 -23.95 22.21
N MET C 293 -27.71 -23.08 21.49
CA MET C 293 -29.03 -22.63 21.88
C MET C 293 -30.10 -23.67 21.49
N PRO C 294 -31.27 -23.63 22.13
CA PRO C 294 -32.32 -24.60 21.79
C PRO C 294 -32.99 -24.37 20.45
N PHE C 295 -32.86 -23.19 19.87
CA PHE C 295 -33.57 -22.86 18.63
C PHE C 295 -32.64 -22.15 17.67
N HIS C 296 -33.01 -22.18 16.38
CA HIS C 296 -32.30 -21.45 15.35
C HIS C 296 -33.27 -21.11 14.23
N ASN C 297 -32.91 -20.10 13.43
CA ASN C 297 -33.77 -19.62 12.35
C ASN C 297 -32.98 -19.44 11.06
N ILE C 298 -31.97 -20.28 10.82
CA ILE C 298 -31.11 -20.09 9.66
C ILE C 298 -31.70 -20.75 8.42
N HIS C 299 -31.93 -22.06 8.48
CA HIS C 299 -32.32 -22.83 7.31
C HIS C 299 -32.93 -24.14 7.78
N PRO C 300 -33.92 -24.69 7.06
CA PRO C 300 -34.53 -25.95 7.50
C PRO C 300 -33.78 -27.21 7.06
N LEU C 301 -32.90 -27.13 6.07
CA LEU C 301 -32.27 -28.31 5.49
C LEU C 301 -30.90 -28.56 6.13
N THR C 302 -30.92 -28.88 7.41
CA THR C 302 -29.71 -29.00 8.20
C THR C 302 -29.26 -30.45 8.30
N ILE C 303 -27.94 -30.64 8.43
CA ILE C 303 -27.31 -31.93 8.66
C ILE C 303 -26.50 -31.84 9.94
N GLY C 304 -26.74 -32.78 10.87
CA GLY C 304 -26.02 -32.81 12.12
C GLY C 304 -26.97 -32.79 13.30
N GLU C 305 -26.44 -32.45 14.47
CA GLU C 305 -27.24 -32.32 15.70
C GLU C 305 -27.50 -30.84 15.90
N CYS C 306 -28.71 -30.41 15.55
CA CYS C 306 -29.03 -29.00 15.41
C CYS C 306 -30.11 -28.57 16.40
N PRO C 307 -30.22 -27.28 16.68
CA PRO C 307 -31.36 -26.78 17.44
C PRO C 307 -32.64 -26.92 16.62
N LYS C 308 -33.77 -26.75 17.30
CA LYS C 308 -35.06 -26.79 16.62
C LYS C 308 -35.23 -25.57 15.73
N TYR C 309 -35.58 -25.79 14.47
CA TYR C 309 -35.75 -24.70 13.52
C TYR C 309 -37.09 -24.04 13.72
N VAL C 310 -37.07 -22.71 13.88
CA VAL C 310 -38.28 -21.93 14.13
C VAL C 310 -38.29 -20.73 13.18
N LYS C 311 -39.50 -20.22 12.92
CA LYS C 311 -39.68 -19.02 12.11
C LYS C 311 -39.86 -17.84 13.05
N SER C 312 -38.75 -17.42 13.66
CA SER C 312 -38.75 -16.33 14.61
C SER C 312 -37.54 -15.44 14.38
N ASN C 313 -37.64 -14.19 14.83
CA ASN C 313 -36.55 -13.23 14.71
C ASN C 313 -35.80 -13.03 16.02
N LYS C 314 -36.45 -13.23 17.16
CA LYS C 314 -35.79 -13.12 18.46
C LYS C 314 -36.58 -13.94 19.46
N LEU C 315 -35.85 -14.58 20.39
CA LEU C 315 -36.44 -15.27 21.54
C LEU C 315 -35.64 -14.82 22.74
N VAL C 316 -36.02 -13.67 23.30
CA VAL C 316 -35.23 -13.01 24.32
C VAL C 316 -35.89 -13.23 25.68
N LEU C 317 -35.15 -13.83 26.61
CA LEU C 317 -35.64 -14.04 27.96
C LEU C 317 -35.18 -12.92 28.87
N ALA C 318 -36.09 -12.45 29.71
CA ALA C 318 -35.74 -11.46 30.72
C ALA C 318 -35.04 -12.14 31.88
N THR C 319 -33.87 -11.63 32.24
CA THR C 319 -33.13 -12.10 33.40
C THR C 319 -33.06 -11.08 34.52
N GLY C 320 -32.89 -9.80 34.18
CA GLY C 320 -32.87 -8.73 35.16
C GLY C 320 -34.26 -8.21 35.48
N LEU C 321 -34.30 -7.07 36.15
CA LEU C 321 -35.53 -6.47 36.59
C LEU C 321 -36.06 -5.47 35.56
N ARG C 322 -37.26 -4.95 35.83
CA ARG C 322 -37.84 -3.93 34.97
C ARG C 322 -37.08 -2.62 35.16
N ASN C 323 -36.52 -2.10 34.06
CA ASN C 323 -35.70 -0.90 34.11
C ASN C 323 -36.56 0.33 33.84
N SER C 324 -36.38 1.36 34.67
CA SER C 324 -37.19 2.57 34.58
C SER C 324 -36.33 3.77 34.22
N PRO C 325 -36.87 4.72 33.45
CA PRO C 325 -36.17 5.95 33.09
C PRO C 325 -36.34 7.04 34.14
N GLY D 1 -45.74 -4.84 40.25
CA GLY D 1 -46.15 -5.90 39.36
C GLY D 1 -47.31 -6.71 39.91
N LEU D 2 -47.13 -8.03 39.96
CA LEU D 2 -48.19 -8.90 40.46
C LEU D 2 -48.31 -8.87 41.98
N PHE D 3 -47.27 -8.39 42.68
CA PHE D 3 -47.30 -8.30 44.13
C PHE D 3 -47.28 -6.86 44.63
N GLY D 4 -46.77 -5.93 43.86
CA GLY D 4 -46.71 -4.54 44.26
C GLY D 4 -45.37 -4.20 44.87
N ALA D 5 -44.51 -3.52 44.11
CA ALA D 5 -43.18 -3.11 44.54
C ALA D 5 -42.48 -2.41 43.39
N ILE D 6 -42.07 -3.18 42.38
CA ILE D 6 -41.51 -2.58 41.17
C ILE D 6 -42.63 -1.82 40.45
N ALA D 7 -42.45 -0.50 40.32
CA ALA D 7 -43.53 0.39 39.90
C ALA D 7 -44.77 0.23 40.79
N GLY D 8 -44.55 -0.04 42.08
CA GLY D 8 -45.62 -0.11 43.05
C GLY D 8 -45.50 1.02 44.05
N PHE D 9 -45.36 0.71 45.34
CA PHE D 9 -45.01 1.77 46.28
C PHE D 9 -43.59 2.29 46.04
N ILE D 10 -42.72 1.47 45.46
CA ILE D 10 -41.46 1.94 44.90
C ILE D 10 -41.69 2.33 43.45
N GLU D 11 -41.09 3.44 43.02
CA GLU D 11 -41.41 4.00 41.71
C GLU D 11 -40.47 3.52 40.61
N GLY D 12 -39.16 3.75 40.76
CA GLY D 12 -38.26 3.50 39.66
C GLY D 12 -37.07 2.61 39.91
N GLY D 13 -36.69 2.42 41.17
CA GLY D 13 -35.47 1.70 41.48
C GLY D 13 -34.25 2.59 41.45
N TRP D 14 -33.18 2.11 42.08
CA TRP D 14 -32.01 2.93 42.36
C TRP D 14 -30.90 2.63 41.37
N GLN D 15 -30.39 3.67 40.72
CA GLN D 15 -29.23 3.55 39.82
C GLN D 15 -27.93 3.37 40.58
N GLY D 16 -27.86 3.82 41.84
CA GLY D 16 -26.67 3.69 42.65
C GLY D 16 -26.49 2.33 43.30
N MET D 17 -27.40 1.40 43.03
CA MET D 17 -27.34 0.05 43.61
C MET D 17 -26.73 -0.88 42.57
N VAL D 18 -25.40 -0.90 42.54
CA VAL D 18 -24.65 -1.71 41.57
C VAL D 18 -24.09 -2.98 42.19
N ASP D 19 -24.33 -3.21 43.48
CA ASP D 19 -23.79 -4.36 44.19
C ASP D 19 -24.79 -5.50 44.31
N GLY D 20 -25.94 -5.38 43.67
CA GLY D 20 -26.94 -6.43 43.74
C GLY D 20 -28.24 -5.99 43.11
N TRP D 21 -29.20 -6.91 43.11
CA TRP D 21 -30.52 -6.65 42.54
C TRP D 21 -31.47 -5.99 43.54
N TYR D 22 -31.39 -6.37 44.82
CA TYR D 22 -32.22 -5.80 45.86
C TYR D 22 -31.35 -5.40 47.05
N GLY D 23 -31.76 -4.35 47.74
CA GLY D 23 -30.97 -3.85 48.84
C GLY D 23 -31.64 -2.71 49.56
N TYR D 24 -30.83 -1.95 50.31
CA TYR D 24 -31.34 -0.94 51.22
C TYR D 24 -30.60 0.38 51.01
N HIS D 25 -31.24 1.46 51.45
CA HIS D 25 -30.61 2.78 51.52
C HIS D 25 -30.94 3.38 52.88
N HIS D 26 -29.91 3.65 53.68
CA HIS D 26 -30.09 4.20 55.02
C HIS D 26 -29.77 5.69 55.03
N SER D 27 -30.35 6.38 56.01
CA SER D 27 -30.14 7.82 56.16
C SER D 27 -30.25 8.16 57.65
N ASN D 28 -29.11 8.27 58.33
CA ASN D 28 -29.08 8.64 59.73
C ASN D 28 -28.14 9.82 59.95
N GLU D 29 -27.86 10.13 61.22
CA GLU D 29 -26.96 11.25 61.51
C GLU D 29 -25.55 11.00 60.99
N GLN D 30 -25.14 9.74 60.89
CA GLN D 30 -23.78 9.41 60.47
C GLN D 30 -23.57 9.54 58.97
N GLY D 31 -24.64 9.62 58.18
CA GLY D 31 -24.53 9.77 56.75
C GLY D 31 -25.58 8.96 56.04
N SER D 32 -25.30 8.65 54.76
CA SER D 32 -26.22 7.88 53.94
C SER D 32 -25.42 7.09 52.90
N GLY D 33 -26.04 6.06 52.37
CA GLY D 33 -25.38 5.21 51.39
C GLY D 33 -26.29 4.09 50.96
N TYR D 34 -25.76 3.26 50.05
CA TYR D 34 -26.49 2.14 49.51
C TYR D 34 -25.86 0.82 49.97
N ALA D 35 -26.70 -0.22 50.04
CA ALA D 35 -26.24 -1.55 50.41
C ALA D 35 -27.18 -2.58 49.78
N ALA D 36 -26.65 -3.79 49.59
CA ALA D 36 -27.39 -4.86 48.96
C ALA D 36 -27.60 -6.01 49.94
N ASP D 37 -28.73 -6.69 49.81
CA ASP D 37 -29.04 -7.86 50.62
C ASP D 37 -28.54 -9.09 49.88
N LYS D 38 -27.50 -9.73 50.42
CA LYS D 38 -26.83 -10.80 49.70
C LYS D 38 -27.74 -12.02 49.51
N GLU D 39 -28.48 -12.40 50.55
CA GLU D 39 -29.27 -13.63 50.47
C GLU D 39 -30.35 -13.54 49.42
N SER D 40 -31.04 -12.40 49.33
CA SER D 40 -32.16 -12.28 48.40
C SER D 40 -31.68 -12.23 46.95
N THR D 41 -30.62 -11.46 46.68
CA THR D 41 -30.12 -11.39 45.30
C THR D 41 -29.53 -12.72 44.86
N GLN D 42 -28.86 -13.43 45.79
CA GLN D 42 -28.29 -14.73 45.43
C GLN D 42 -29.38 -15.72 45.05
N LYS D 43 -30.48 -15.73 45.79
CA LYS D 43 -31.61 -16.59 45.44
C LYS D 43 -32.19 -16.20 44.08
N ALA D 44 -32.31 -14.89 43.83
CA ALA D 44 -32.78 -14.42 42.53
C ALA D 44 -31.80 -14.78 41.43
N ILE D 45 -30.49 -14.65 41.69
CA ILE D 45 -29.49 -15.03 40.69
C ILE D 45 -29.59 -16.52 40.36
N ASP D 46 -29.71 -17.36 41.39
CA ASP D 46 -29.80 -18.79 41.14
C ASP D 46 -31.11 -19.16 40.47
N GLY D 47 -32.21 -18.51 40.85
CA GLY D 47 -33.51 -18.85 40.28
C GLY D 47 -33.59 -18.58 38.79
N VAL D 48 -33.15 -17.39 38.37
CA VAL D 48 -33.18 -17.06 36.95
C VAL D 48 -32.16 -17.89 36.19
N THR D 49 -30.99 -18.14 36.78
CA THR D 49 -30.00 -19.00 36.14
C THR D 49 -30.53 -20.40 35.92
N ASN D 50 -31.22 -20.96 36.92
CA ASN D 50 -31.85 -22.27 36.75
C ASN D 50 -32.92 -22.24 35.68
N LYS D 51 -33.71 -21.16 35.64
CA LYS D 51 -34.79 -21.06 34.65
C LYS D 51 -34.24 -21.04 33.23
N VAL D 52 -33.20 -20.24 32.99
CA VAL D 52 -32.62 -20.18 31.65
C VAL D 52 -31.94 -21.50 31.31
N ASN D 53 -31.21 -22.08 32.25
CA ASN D 53 -30.54 -23.36 31.99
C ASN D 53 -31.55 -24.47 31.76
N SER D 54 -32.65 -24.48 32.52
CA SER D 54 -33.68 -25.51 32.31
C SER D 54 -34.28 -25.41 30.92
N ILE D 55 -34.57 -24.19 30.45
CA ILE D 55 -35.12 -24.02 29.11
C ILE D 55 -34.14 -24.48 28.05
N ILE D 56 -32.85 -24.22 28.27
CA ILE D 56 -31.83 -24.62 27.29
C ILE D 56 -31.52 -26.10 27.39
N ASP D 57 -31.21 -26.58 28.60
CA ASP D 57 -30.68 -27.93 28.77
C ASP D 57 -31.73 -29.02 28.59
N LYS D 58 -33.00 -28.73 28.93
CA LYS D 58 -34.03 -29.75 28.80
C LYS D 58 -34.38 -30.07 27.35
N MET D 59 -33.92 -29.28 26.40
CA MET D 59 -34.17 -29.57 25.00
C MET D 59 -33.36 -30.79 24.56
N ASN D 60 -34.03 -31.74 23.93
CA ASN D 60 -33.37 -32.93 23.39
C ASN D 60 -33.13 -32.73 21.90
N THR D 61 -31.88 -32.91 21.48
CA THR D 61 -31.49 -32.75 20.09
C THR D 61 -30.85 -34.04 19.59
N GLN D 62 -31.21 -34.42 18.36
CA GLN D 62 -30.72 -35.64 17.75
C GLN D 62 -30.12 -35.32 16.39
N PHE D 63 -29.23 -36.20 15.93
CA PHE D 63 -28.68 -36.06 14.59
C PHE D 63 -29.77 -36.33 13.56
N GLU D 64 -29.89 -35.43 12.59
CA GLU D 64 -30.78 -35.62 11.46
C GLU D 64 -30.08 -35.14 10.19
N ALA D 65 -30.50 -35.71 9.07
CA ALA D 65 -30.01 -35.33 7.75
C ALA D 65 -31.22 -34.94 6.91
N VAL D 66 -31.44 -33.64 6.75
CA VAL D 66 -32.64 -33.11 6.10
C VAL D 66 -32.25 -32.60 4.72
N GLY D 67 -32.83 -33.21 3.68
CA GLY D 67 -32.58 -32.82 2.32
C GLY D 67 -33.81 -32.98 1.44
N ARG D 68 -33.61 -33.01 0.12
CA ARG D 68 -34.69 -33.18 -0.85
C ARG D 68 -34.25 -34.28 -1.81
N GLU D 69 -34.59 -35.53 -1.49
CA GLU D 69 -34.09 -36.70 -2.20
C GLU D 69 -35.18 -37.41 -3.01
N PHE D 70 -36.29 -36.74 -3.30
CA PHE D 70 -37.37 -37.32 -4.09
C PHE D 70 -37.46 -36.62 -5.43
N ASN D 71 -37.75 -37.39 -6.48
CA ASN D 71 -37.73 -36.90 -7.85
C ASN D 71 -39.10 -36.35 -8.24
N ASN D 72 -39.25 -35.96 -9.51
CA ASN D 72 -40.47 -35.34 -10.01
C ASN D 72 -41.65 -36.29 -10.06
N LEU D 73 -41.43 -37.60 -9.94
CA LEU D 73 -42.52 -38.57 -9.84
C LEU D 73 -42.66 -39.12 -8.42
N GLU D 74 -42.09 -38.42 -7.44
CA GLU D 74 -42.28 -38.73 -6.03
C GLU D 74 -42.75 -37.49 -5.27
N ARG D 75 -43.56 -36.66 -5.92
CA ARG D 75 -44.01 -35.40 -5.31
C ARG D 75 -45.00 -35.63 -4.19
N ARG D 76 -45.79 -36.71 -4.26
CA ARG D 76 -46.71 -37.01 -3.17
C ARG D 76 -45.95 -37.31 -1.88
N ILE D 77 -44.85 -38.05 -1.98
CA ILE D 77 -44.03 -38.31 -0.79
C ILE D 77 -43.36 -37.05 -0.30
N GLU D 78 -42.84 -36.23 -1.23
CA GLU D 78 -42.21 -34.97 -0.82
C GLU D 78 -43.21 -34.03 -0.18
N ASN D 79 -44.48 -34.08 -0.61
CA ASN D 79 -45.52 -33.31 0.08
C ASN D 79 -45.67 -33.77 1.53
N LEU D 80 -45.56 -35.08 1.76
CA LEU D 80 -45.65 -35.61 3.12
C LEU D 80 -44.53 -35.05 3.99
N ASN D 81 -43.31 -35.00 3.46
CA ASN D 81 -42.20 -34.42 4.20
C ASN D 81 -42.41 -32.92 4.43
N LYS D 82 -42.97 -32.23 3.44
CA LYS D 82 -43.25 -30.79 3.62
C LYS D 82 -44.27 -30.58 4.73
N LYS D 83 -45.34 -31.38 4.74
CA LYS D 83 -46.34 -31.25 5.79
C LYS D 83 -45.74 -31.57 7.15
N MET D 84 -44.89 -32.59 7.22
CA MET D 84 -44.24 -32.94 8.48
C MET D 84 -43.27 -31.84 8.93
N GLU D 85 -42.46 -31.32 8.01
CA GLU D 85 -41.52 -30.26 8.35
C GLU D 85 -42.24 -29.01 8.81
N ASP D 86 -43.24 -28.57 8.04
CA ASP D 86 -43.97 -27.35 8.40
C ASP D 86 -44.77 -27.54 9.68
N GLY D 87 -45.30 -28.75 9.91
CA GLY D 87 -46.01 -29.01 11.14
C GLY D 87 -45.13 -28.87 12.36
N PHE D 88 -43.90 -29.41 12.29
CA PHE D 88 -42.96 -29.26 13.40
C PHE D 88 -42.50 -27.81 13.55
N LEU D 89 -42.36 -27.09 12.43
CA LEU D 89 -42.02 -25.67 12.52
C LEU D 89 -43.11 -24.90 13.24
N ASP D 90 -44.38 -25.18 12.93
CA ASP D 90 -45.48 -24.52 13.61
C ASP D 90 -45.50 -24.84 15.11
N VAL D 91 -45.23 -26.10 15.45
CA VAL D 91 -45.24 -26.50 16.87
C VAL D 91 -44.13 -25.77 17.63
N TRP D 92 -42.92 -25.78 17.08
CA TRP D 92 -41.78 -25.21 17.81
C TRP D 92 -41.84 -23.68 17.85
N THR D 93 -42.26 -23.06 16.76
CA THR D 93 -42.37 -21.59 16.75
C THR D 93 -43.40 -21.12 17.76
N TYR D 94 -44.54 -21.80 17.84
CA TYR D 94 -45.58 -21.41 18.78
C TYR D 94 -45.13 -21.61 20.22
N ASN D 95 -44.55 -22.77 20.52
CA ASN D 95 -44.11 -23.05 21.89
C ASN D 95 -43.01 -22.09 22.33
N ALA D 96 -42.03 -21.84 21.45
CA ALA D 96 -40.91 -20.97 21.82
C ALA D 96 -41.39 -19.56 22.10
N GLU D 97 -42.32 -19.03 21.30
CA GLU D 97 -42.81 -17.68 21.53
C GLU D 97 -43.58 -17.59 22.83
N LEU D 98 -44.54 -18.50 23.05
CA LEU D 98 -45.33 -18.45 24.28
C LEU D 98 -44.47 -18.71 25.51
N LEU D 99 -43.54 -19.67 25.43
CA LEU D 99 -42.65 -19.94 26.55
C LEU D 99 -41.84 -18.70 26.91
N VAL D 100 -41.33 -18.00 25.90
CA VAL D 100 -40.60 -16.75 26.16
C VAL D 100 -41.53 -15.71 26.76
N LEU D 101 -42.74 -15.58 26.21
CA LEU D 101 -43.69 -14.59 26.71
C LEU D 101 -44.09 -14.88 28.16
N MET D 102 -44.45 -16.13 28.45
CA MET D 102 -44.96 -16.46 29.78
C MET D 102 -43.86 -16.42 30.83
N GLU D 103 -42.69 -17.01 30.53
CA GLU D 103 -41.62 -17.04 31.52
C GLU D 103 -41.05 -15.65 31.78
N ASN D 104 -41.14 -14.74 30.79
CA ASN D 104 -40.78 -13.35 31.06
C ASN D 104 -41.74 -12.71 32.05
N GLU D 105 -43.04 -12.99 31.91
CA GLU D 105 -44.01 -12.52 32.89
C GLU D 105 -43.70 -13.10 34.27
N ARG D 106 -43.35 -14.39 34.32
CA ARG D 106 -43.00 -15.02 35.60
C ARG D 106 -41.74 -14.39 36.18
N THR D 107 -40.73 -14.13 35.35
CA THR D 107 -39.46 -13.61 35.85
C THR D 107 -39.64 -12.24 36.49
N LEU D 108 -40.38 -11.35 35.83
CA LEU D 108 -40.59 -10.01 36.38
C LEU D 108 -41.44 -10.06 37.64
N ASP D 109 -42.42 -10.97 37.68
CA ASP D 109 -43.16 -11.19 38.93
C ASP D 109 -42.26 -11.75 40.01
N PHE D 110 -41.31 -12.61 39.63
CA PHE D 110 -40.38 -13.17 40.61
C PHE D 110 -39.52 -12.08 41.24
N HIS D 111 -39.04 -11.14 40.43
CA HIS D 111 -38.33 -9.98 40.98
C HIS D 111 -39.24 -9.13 41.84
N ASP D 112 -40.50 -8.96 41.41
CA ASP D 112 -41.46 -8.21 42.21
C ASP D 112 -41.73 -8.88 43.55
N SER D 113 -41.83 -10.22 43.55
CA SER D 113 -42.08 -10.95 44.79
C SER D 113 -40.94 -10.78 45.78
N ASN D 114 -39.69 -10.83 45.29
CA ASN D 114 -38.55 -10.72 46.19
C ASN D 114 -38.49 -9.36 46.87
N VAL D 115 -38.77 -8.28 46.12
CA VAL D 115 -38.71 -6.94 46.69
C VAL D 115 -39.77 -6.78 47.78
N LYS D 116 -41.00 -7.24 47.53
CA LYS D 116 -42.05 -7.12 48.53
C LYS D 116 -41.73 -7.94 49.77
N ASN D 117 -41.20 -9.17 49.58
CA ASN D 117 -40.83 -10.00 50.71
C ASN D 117 -39.72 -9.36 51.52
N LEU D 118 -38.75 -8.73 50.85
CA LEU D 118 -37.71 -8.00 51.57
C LEU D 118 -38.30 -6.84 52.35
N TYR D 119 -39.31 -6.18 51.80
CA TYR D 119 -39.97 -5.09 52.51
C TYR D 119 -40.68 -5.59 53.75
N ASP D 120 -41.43 -6.69 53.62
CA ASP D 120 -42.20 -7.21 54.75
C ASP D 120 -41.29 -7.67 55.89
N LYS D 121 -40.11 -8.19 55.57
CA LYS D 121 -39.17 -8.57 56.61
C LYS D 121 -38.73 -7.36 57.43
N VAL D 122 -38.48 -6.23 56.76
CA VAL D 122 -38.19 -4.99 57.47
C VAL D 122 -39.42 -4.49 58.21
N ARG D 123 -40.60 -4.60 57.59
CA ARG D 123 -41.82 -4.10 58.21
C ARG D 123 -42.15 -4.82 59.50
N LEU D 124 -42.01 -6.15 59.52
CA LEU D 124 -42.32 -6.93 60.71
C LEU D 124 -41.25 -6.81 61.79
N GLN D 125 -40.12 -6.18 61.51
CA GLN D 125 -39.10 -5.99 62.54
C GLN D 125 -39.20 -4.63 63.22
N LEU D 126 -39.47 -3.59 62.45
CA LEU D 126 -39.55 -2.25 63.03
C LEU D 126 -40.84 -2.05 63.82
N ARG D 127 -41.96 -2.57 63.31
CA ARG D 127 -43.26 -2.55 63.99
C ARG D 127 -43.61 -1.10 64.34
N ASP D 128 -44.09 -0.81 65.54
CA ASP D 128 -44.46 0.56 65.91
C ASP D 128 -43.25 1.44 66.21
N ASN D 129 -42.06 0.87 66.30
CA ASN D 129 -40.85 1.66 66.50
C ASN D 129 -40.47 2.47 65.27
N ALA D 130 -41.12 2.23 64.13
CA ALA D 130 -40.89 3.01 62.92
C ALA D 130 -42.21 3.19 62.19
N LYS D 131 -42.27 4.24 61.36
CA LYS D 131 -43.46 4.58 60.60
C LYS D 131 -43.14 4.51 59.11
N GLU D 132 -44.02 3.85 58.36
CA GLU D 132 -43.81 3.64 56.93
C GLU D 132 -44.39 4.81 56.14
N LEU D 133 -43.55 5.42 55.30
CA LEU D 133 -43.98 6.55 54.47
C LEU D 133 -44.94 6.13 53.36
N GLY D 134 -45.02 4.83 53.05
CA GLY D 134 -45.84 4.35 51.96
C GLY D 134 -45.18 4.40 50.60
N ASN D 135 -43.92 4.83 50.51
CA ASN D 135 -43.21 4.89 49.25
C ASN D 135 -42.02 3.93 49.20
N GLY D 136 -41.94 2.97 50.11
CA GLY D 136 -40.80 2.09 50.21
C GLY D 136 -39.78 2.48 51.24
N CYS D 137 -40.09 3.43 52.13
CA CYS D 137 -39.16 3.92 53.13
C CYS D 137 -39.82 3.82 54.50
N PHE D 138 -38.99 3.95 55.55
CA PHE D 138 -39.45 3.87 56.93
C PHE D 138 -38.92 5.06 57.72
N GLU D 139 -39.72 5.54 58.66
CA GLU D 139 -39.34 6.64 59.54
C GLU D 139 -39.16 6.11 60.95
N PHE D 140 -37.92 6.09 61.44
CA PHE D 140 -37.66 5.64 62.80
C PHE D 140 -38.17 6.66 63.81
N TYR D 141 -38.67 6.17 64.94
CA TYR D 141 -39.04 7.00 66.07
C TYR D 141 -37.91 7.17 67.08
N HIS D 142 -36.68 6.89 66.68
CA HIS D 142 -35.54 6.89 67.59
C HIS D 142 -34.29 7.24 66.79
N LYS D 143 -33.14 7.06 67.43
CA LYS D 143 -31.84 7.25 66.79
C LYS D 143 -31.29 5.88 66.38
N CYS D 144 -30.88 5.77 65.12
CA CYS D 144 -30.41 4.51 64.57
C CYS D 144 -28.99 4.70 64.03
N ASP D 145 -28.01 4.19 64.75
CA ASP D 145 -26.62 4.27 64.31
C ASP D 145 -26.36 3.25 63.21
N ASN D 146 -25.19 3.35 62.59
CA ASN D 146 -24.83 2.44 61.51
C ASN D 146 -24.82 0.99 61.99
N GLU D 147 -24.53 0.76 63.27
CA GLU D 147 -24.63 -0.59 63.82
C GLU D 147 -26.07 -1.08 63.81
N CYS D 148 -27.01 -0.21 64.19
CA CYS D 148 -28.42 -0.58 64.17
C CYS D 148 -28.99 -0.62 62.75
N MET D 149 -28.43 0.17 61.83
CA MET D 149 -28.88 0.09 60.44
C MET D 149 -28.62 -1.30 59.86
N GLU D 150 -27.43 -1.86 60.12
CA GLU D 150 -27.16 -3.22 59.69
C GLU D 150 -28.08 -4.22 60.38
N SER D 151 -28.49 -3.92 61.62
CA SER D 151 -29.37 -4.83 62.35
C SER D 151 -30.69 -5.01 61.63
N VAL D 152 -31.22 -3.93 61.06
CA VAL D 152 -32.42 -4.06 60.22
C VAL D 152 -32.11 -4.91 59.00
N ARG D 153 -30.96 -4.65 58.36
CA ARG D 153 -30.63 -5.34 57.12
C ARG D 153 -30.23 -6.79 57.36
N ASN D 154 -29.63 -7.10 58.51
CA ASN D 154 -29.11 -8.44 58.75
C ASN D 154 -29.97 -9.25 59.72
N GLY D 155 -31.17 -8.79 60.03
CA GLY D 155 -32.11 -9.57 60.79
C GLY D 155 -31.93 -9.56 62.29
N THR D 156 -31.16 -8.64 62.84
CA THR D 156 -30.91 -8.62 64.28
C THR D 156 -31.37 -7.30 64.90
N TYR D 157 -32.57 -6.86 64.56
CA TYR D 157 -33.15 -5.65 65.14
C TYR D 157 -33.87 -6.04 66.43
N ASP D 158 -33.40 -5.50 67.56
CA ASP D 158 -33.95 -5.81 68.87
C ASP D 158 -35.08 -4.84 69.17
N TYR D 159 -36.31 -5.37 69.32
CA TYR D 159 -37.47 -4.50 69.49
C TYR D 159 -37.46 -3.69 70.78
N PRO D 160 -37.14 -4.23 71.96
CA PRO D 160 -37.23 -3.40 73.18
C PRO D 160 -36.17 -2.31 73.24
N GLN D 161 -35.12 -2.41 72.42
CA GLN D 161 -34.01 -1.45 72.51
C GLN D 161 -34.48 -0.01 72.29
N TYR D 162 -35.51 0.19 71.47
CA TYR D 162 -35.99 1.53 71.17
C TYR D 162 -37.49 1.69 71.38
N SER D 163 -38.16 0.71 71.99
CA SER D 163 -39.60 0.82 72.17
C SER D 163 -39.98 2.01 73.04
N GLU D 164 -39.24 2.22 74.14
CA GLU D 164 -39.54 3.34 75.02
C GLU D 164 -39.23 4.67 74.35
N GLU D 165 -38.06 4.78 73.72
CA GLU D 165 -37.71 6.01 73.02
C GLU D 165 -38.65 6.28 71.86
N ALA D 166 -39.25 5.22 71.29
CA ALA D 166 -40.23 5.41 70.23
C ALA D 166 -41.45 6.16 70.74
N ARG D 167 -41.97 5.76 71.90
CA ARG D 167 -43.19 6.38 72.44
C ARG D 167 -42.99 7.86 72.68
N LEU D 168 -41.79 8.26 73.10
CA LEU D 168 -41.45 9.66 73.30
C LEU D 168 -41.41 10.44 71.99
N LYS D 169 -41.59 9.77 70.85
CA LYS D 169 -41.63 10.41 69.54
C LYS D 169 -42.96 10.28 68.83
N ARG D 170 -43.70 9.19 69.05
CA ARG D 170 -45.01 9.01 68.42
C ARG D 170 -46.16 9.44 69.33
N GLU D 171 -46.32 8.79 70.49
CA GLU D 171 -47.42 9.11 71.38
C GLU D 171 -47.19 10.42 72.13
N GLU D 172 -45.97 10.65 72.62
CA GLU D 172 -45.68 11.88 73.35
C GLU D 172 -45.82 13.10 72.46
N ILE D 173 -45.31 13.02 71.23
CA ILE D 173 -45.42 14.13 70.29
C ILE D 173 -46.84 14.18 69.77
N SER D 174 -47.63 15.13 70.28
CA SER D 174 -49.03 15.26 69.88
C SER D 174 -49.20 16.34 68.82
N ASP E 2 -45.63 -13.65 82.55
CA ASP E 2 -46.15 -13.25 81.25
C ASP E 2 -46.28 -14.46 80.31
N PRO E 3 -47.23 -15.36 80.62
CA PRO E 3 -47.45 -16.54 79.76
C PRO E 3 -48.47 -16.27 78.67
N GLY E 4 -48.14 -15.35 77.76
CA GLY E 4 -49.06 -14.93 76.73
C GLY E 4 -49.58 -16.07 75.87
N ASP E 5 -50.90 -16.22 75.82
CA ASP E 5 -51.50 -17.29 75.03
C ASP E 5 -51.14 -17.12 73.56
N GLN E 6 -50.86 -18.24 72.90
CA GLN E 6 -50.24 -18.24 71.58
C GLN E 6 -51.07 -19.07 70.62
N ILE E 7 -51.40 -18.49 69.47
CA ILE E 7 -52.00 -19.20 68.35
C ILE E 7 -51.06 -19.06 67.17
N CYS E 8 -50.88 -20.16 66.43
CA CYS E 8 -49.84 -20.23 65.41
C CYS E 8 -50.44 -20.69 64.08
N ILE E 9 -49.72 -20.39 63.00
CA ILE E 9 -50.06 -20.83 61.66
C ILE E 9 -48.91 -21.70 61.16
N GLY E 10 -49.26 -22.89 60.65
CA GLY E 10 -48.25 -23.83 60.20
C GLY E 10 -48.77 -24.72 59.10
N TYR E 11 -47.88 -25.58 58.59
CA TYR E 11 -48.21 -26.47 57.49
C TYR E 11 -47.66 -27.86 57.77
N HIS E 12 -48.05 -28.80 56.93
CA HIS E 12 -47.76 -30.21 57.15
C HIS E 12 -46.28 -30.52 56.88
N ALA E 13 -45.83 -31.63 57.48
CA ALA E 13 -44.52 -32.20 57.20
C ALA E 13 -44.60 -33.70 57.50
N ASN E 14 -43.70 -34.46 56.90
CA ASN E 14 -43.67 -35.90 57.11
C ASN E 14 -42.26 -36.41 56.84
N ASN E 15 -42.13 -37.73 56.74
CA ASN E 15 -40.84 -38.40 56.60
C ASN E 15 -40.44 -38.62 55.15
N SER E 16 -41.23 -38.13 54.18
CA SER E 16 -40.96 -38.40 52.78
C SER E 16 -39.63 -37.80 52.34
N THR E 17 -38.88 -38.58 51.56
CA THR E 17 -37.63 -38.12 50.96
C THR E 17 -37.76 -37.87 49.47
N GLU E 18 -38.97 -37.97 48.93
CA GLU E 18 -39.17 -37.75 47.50
C GLU E 18 -38.89 -36.30 47.14
N GLN E 19 -38.22 -36.10 46.01
CA GLN E 19 -37.80 -34.78 45.57
C GLN E 19 -38.29 -34.50 44.15
N VAL E 20 -38.73 -33.28 43.92
CA VAL E 20 -39.13 -32.82 42.60
C VAL E 20 -38.28 -31.60 42.24
N ASP E 21 -38.25 -31.28 40.96
CA ASP E 21 -37.53 -30.14 40.46
C ASP E 21 -38.50 -29.12 39.90
N THR E 22 -38.27 -27.84 40.21
CA THR E 22 -39.01 -26.74 39.63
C THR E 22 -38.17 -26.05 38.58
N ILE E 23 -38.78 -25.09 37.88
CA ILE E 23 -38.07 -24.39 36.84
C ILE E 23 -36.98 -23.48 37.42
N MET E 24 -37.06 -23.14 38.70
CA MET E 24 -36.06 -22.30 39.35
C MET E 24 -35.24 -23.01 40.41
N GLU E 25 -35.72 -24.14 40.93
CA GLU E 25 -35.01 -24.85 41.99
C GLU E 25 -34.88 -26.33 41.64
N LYS E 26 -33.84 -26.94 42.20
CA LYS E 26 -33.54 -28.35 41.99
C LYS E 26 -33.53 -29.08 43.32
N ASN E 27 -33.97 -30.34 43.29
CA ASN E 27 -33.89 -31.24 44.45
C ASN E 27 -34.61 -30.66 45.66
N VAL E 28 -35.91 -30.49 45.52
CA VAL E 28 -36.76 -29.96 46.58
C VAL E 28 -37.57 -31.12 47.15
N THR E 29 -37.35 -31.42 48.43
CA THR E 29 -38.11 -32.48 49.07
C THR E 29 -39.54 -32.04 49.33
N VAL E 30 -40.49 -32.92 49.01
CA VAL E 30 -41.91 -32.61 49.14
C VAL E 30 -42.59 -33.70 49.96
N THR E 31 -43.69 -33.31 50.61
CA THR E 31 -44.44 -34.26 51.44
C THR E 31 -45.12 -35.33 50.59
N HIS E 32 -45.66 -34.95 49.44
CA HIS E 32 -46.30 -35.88 48.52
C HIS E 32 -45.89 -35.54 47.10
N ALA E 33 -45.81 -36.57 46.26
CA ALA E 33 -45.45 -36.39 44.86
C ALA E 33 -46.05 -37.52 44.04
N GLN E 34 -46.22 -37.26 42.74
CA GLN E 34 -46.81 -38.22 41.81
C GLN E 34 -46.05 -38.19 40.50
N ASP E 35 -45.76 -39.36 39.97
CA ASP E 35 -45.07 -39.51 38.69
C ASP E 35 -46.10 -39.74 37.59
N ILE E 36 -45.90 -39.07 36.45
CA ILE E 36 -46.77 -39.21 35.30
C ILE E 36 -46.09 -39.96 34.16
N LEU E 37 -44.94 -40.57 34.43
CA LEU E 37 -44.22 -41.34 33.41
C LEU E 37 -44.41 -42.83 33.69
N GLU E 38 -44.97 -43.54 32.73
CA GLU E 38 -45.13 -44.99 32.86
C GLU E 38 -43.78 -45.66 32.64
N LYS E 39 -43.41 -46.56 33.55
CA LYS E 39 -42.09 -47.18 33.53
C LYS E 39 -42.11 -48.70 33.65
N THR E 40 -43.28 -49.33 33.68
CA THR E 40 -43.38 -50.76 33.93
C THR E 40 -44.10 -51.45 32.76
N HIS E 41 -43.55 -52.59 32.36
CA HIS E 41 -44.18 -53.47 31.38
C HIS E 41 -44.17 -54.90 31.92
N ASN E 42 -45.05 -55.74 31.36
CA ASN E 42 -45.20 -57.10 31.85
C ASN E 42 -44.15 -58.06 31.28
N GLY E 43 -43.36 -57.63 30.30
CA GLY E 43 -42.30 -58.45 29.78
C GLY E 43 -42.74 -59.62 28.92
N LYS E 44 -43.99 -59.65 28.47
CA LYS E 44 -44.50 -60.72 27.64
C LYS E 44 -45.31 -60.14 26.50
N LEU E 45 -45.43 -60.93 25.42
CA LEU E 45 -46.29 -60.57 24.30
C LEU E 45 -47.72 -61.01 24.60
N CYS E 46 -48.65 -60.07 24.51
CA CYS E 46 -50.02 -60.28 24.96
C CYS E 46 -51.00 -60.18 23.79
N ASP E 47 -52.24 -60.56 24.08
CA ASP E 47 -53.33 -60.32 23.15
C ASP E 47 -53.58 -58.81 23.05
N LEU E 48 -53.94 -58.36 21.85
CA LEU E 48 -54.24 -56.95 21.62
C LEU E 48 -55.76 -56.82 21.54
N ASN E 49 -56.35 -56.31 22.63
CA ASN E 49 -57.79 -56.07 22.72
C ASN E 49 -58.58 -57.34 22.43
N GLY E 50 -58.15 -58.45 23.05
CA GLY E 50 -58.87 -59.69 22.99
C GLY E 50 -58.49 -60.61 21.85
N VAL E 51 -57.60 -60.19 20.95
CA VAL E 51 -57.22 -60.98 19.79
C VAL E 51 -55.76 -61.37 19.92
N LYS E 52 -55.48 -62.67 19.78
CA LYS E 52 -54.13 -63.16 19.94
C LYS E 52 -53.28 -62.77 18.73
N PRO E 53 -52.00 -62.43 18.94
CA PRO E 53 -51.11 -62.19 17.80
C PRO E 53 -50.77 -63.47 17.06
N LEU E 54 -50.46 -63.31 15.78
CA LEU E 54 -49.96 -64.41 14.95
C LEU E 54 -48.45 -64.48 15.13
N ILE E 55 -47.97 -65.48 15.85
CA ILE E 55 -46.55 -65.63 16.15
C ILE E 55 -45.96 -66.68 15.22
N LEU E 56 -45.05 -66.25 14.36
CA LEU E 56 -44.29 -67.14 13.49
C LEU E 56 -42.93 -67.36 14.17
N LYS E 57 -42.68 -68.59 14.62
CA LYS E 57 -41.51 -68.84 15.46
C LYS E 57 -40.22 -68.52 14.71
N ASP E 58 -39.94 -69.26 13.64
CA ASP E 58 -38.72 -69.03 12.86
C ASP E 58 -39.00 -68.99 11.37
N CYS E 59 -40.26 -68.80 10.98
CA CYS E 59 -40.62 -68.66 9.58
C CYS E 59 -41.04 -67.22 9.29
N SER E 60 -40.74 -66.77 8.08
CA SER E 60 -41.19 -65.47 7.64
C SER E 60 -42.62 -65.55 7.12
N VAL E 61 -43.18 -64.39 6.79
CA VAL E 61 -44.53 -64.37 6.19
C VAL E 61 -44.53 -65.08 4.85
N ALA E 62 -43.43 -64.95 4.09
CA ALA E 62 -43.36 -65.60 2.78
C ALA E 62 -43.34 -67.11 2.90
N GLY E 63 -42.48 -67.64 3.77
CA GLY E 63 -42.41 -69.09 3.94
C GLY E 63 -43.68 -69.65 4.54
N TRP E 64 -44.29 -68.92 5.47
CA TRP E 64 -45.57 -69.34 6.05
C TRP E 64 -46.67 -69.38 5.00
N LEU E 65 -46.73 -68.37 4.14
CA LEU E 65 -47.79 -68.32 3.13
C LEU E 65 -47.61 -69.40 2.08
N LEU E 66 -46.40 -69.53 1.52
CA LEU E 66 -46.19 -70.46 0.42
C LEU E 66 -46.19 -71.91 0.87
N GLY E 67 -45.94 -72.17 2.15
CA GLY E 67 -45.92 -73.53 2.65
C GLY E 67 -44.55 -74.15 2.68
N ASN E 68 -43.58 -73.42 3.22
CA ASN E 68 -42.25 -73.98 3.43
C ASN E 68 -42.37 -75.20 4.35
N PRO E 69 -41.79 -76.34 3.98
CA PRO E 69 -41.99 -77.56 4.79
C PRO E 69 -41.54 -77.42 6.24
N MET E 70 -40.56 -76.56 6.52
CA MET E 70 -40.15 -76.34 7.91
C MET E 70 -41.15 -75.51 8.71
N CYS E 71 -42.15 -74.92 8.06
CA CYS E 71 -43.15 -74.14 8.77
C CYS E 71 -44.35 -74.99 9.13
N ASP E 72 -45.36 -74.36 9.74
CA ASP E 72 -46.58 -75.07 10.11
C ASP E 72 -47.39 -75.38 8.87
N GLU E 73 -47.80 -76.65 8.72
CA GLU E 73 -48.55 -77.06 7.54
C GLU E 73 -49.89 -76.35 7.47
N PHE E 74 -50.57 -76.20 8.59
CA PHE E 74 -51.85 -75.49 8.63
C PHE E 74 -51.92 -74.75 9.95
N ILE E 75 -51.95 -73.43 9.90
CA ILE E 75 -52.06 -72.63 11.12
C ILE E 75 -53.51 -72.64 11.59
N ARG E 76 -53.70 -72.56 12.90
CA ARG E 76 -55.04 -72.60 13.48
C ARG E 76 -55.73 -71.25 13.49
N VAL E 77 -54.97 -70.16 13.60
CA VAL E 77 -55.55 -68.84 13.82
C VAL E 77 -56.35 -68.41 12.60
N PRO E 78 -57.66 -68.16 12.75
CA PRO E 78 -58.43 -67.49 11.69
C PRO E 78 -58.48 -65.98 11.85
N GLU E 79 -57.80 -65.45 12.86
CA GLU E 79 -57.88 -64.04 13.20
C GLU E 79 -56.70 -63.70 14.10
N TRP E 80 -56.06 -62.56 13.83
CA TRP E 80 -54.95 -62.12 14.66
C TRP E 80 -54.90 -60.59 14.63
N SER E 81 -54.25 -60.04 15.65
CA SER E 81 -54.14 -58.59 15.81
C SER E 81 -52.82 -58.04 15.28
N TYR E 82 -51.72 -58.78 15.42
CA TYR E 82 -50.45 -58.37 14.88
C TYR E 82 -49.56 -59.60 14.69
N ILE E 83 -48.62 -59.50 13.76
CA ILE E 83 -47.72 -60.60 13.42
C ILE E 83 -46.41 -60.40 14.17
N VAL E 84 -45.91 -61.46 14.80
CA VAL E 84 -44.64 -61.44 15.50
C VAL E 84 -43.64 -62.27 14.70
N GLU E 85 -42.58 -61.61 14.22
CA GLU E 85 -41.49 -62.27 13.54
C GLU E 85 -40.21 -62.10 14.36
N ARG E 86 -39.25 -63.00 14.14
CA ARG E 86 -37.94 -62.81 14.70
C ARG E 86 -37.12 -61.86 13.83
N ALA E 87 -35.98 -61.43 14.36
CA ALA E 87 -35.16 -60.45 13.66
C ALA E 87 -34.71 -60.97 12.30
N ASN E 88 -34.30 -62.24 12.24
CA ASN E 88 -33.92 -62.88 10.98
C ASN E 88 -34.57 -64.26 10.93
N PRO E 89 -35.72 -64.39 10.28
CA PRO E 89 -36.34 -65.72 10.15
C PRO E 89 -35.44 -66.68 9.39
N ALA E 90 -35.32 -67.89 9.92
CA ALA E 90 -34.45 -68.89 9.31
C ALA E 90 -35.06 -69.48 8.04
N ASN E 91 -36.36 -69.73 8.04
CA ASN E 91 -37.05 -70.36 6.91
C ASN E 91 -37.87 -69.28 6.20
N ASP E 92 -37.23 -68.59 5.24
CA ASP E 92 -37.92 -67.58 4.46
C ASP E 92 -38.40 -68.13 3.12
N LEU E 93 -37.47 -68.59 2.29
CA LEU E 93 -37.79 -69.16 0.97
C LEU E 93 -36.77 -70.26 0.73
N CYS E 94 -37.16 -71.51 0.99
CA CYS E 94 -36.23 -72.63 0.85
C CYS E 94 -35.63 -72.68 -0.55
N TYR E 95 -36.47 -72.53 -1.57
CA TYR E 95 -35.96 -72.30 -2.91
C TYR E 95 -35.64 -70.81 -3.07
N PRO E 96 -34.42 -70.44 -3.47
CA PRO E 96 -34.09 -69.01 -3.56
C PRO E 96 -34.95 -68.29 -4.58
N GLY E 97 -35.28 -67.04 -4.28
CA GLY E 97 -36.12 -66.25 -5.15
C GLY E 97 -36.61 -64.97 -4.50
N SER E 98 -37.86 -64.58 -4.77
CA SER E 98 -38.42 -63.36 -4.22
C SER E 98 -39.94 -63.46 -4.23
N LEU E 99 -40.56 -62.59 -3.42
CA LEU E 99 -42.01 -62.47 -3.37
C LEU E 99 -42.37 -61.03 -3.75
N ASN E 100 -43.20 -60.88 -4.78
CA ASN E 100 -43.51 -59.56 -5.31
C ASN E 100 -44.39 -58.77 -4.35
N ASP E 101 -44.10 -57.49 -4.20
CA ASP E 101 -44.82 -56.61 -3.28
C ASP E 101 -44.87 -57.21 -1.88
N TYR E 102 -43.72 -57.72 -1.43
CA TYR E 102 -43.66 -58.45 -0.16
C TYR E 102 -43.97 -57.54 1.02
N GLU E 103 -43.42 -56.32 1.02
CA GLU E 103 -43.59 -55.42 2.16
C GLU E 103 -45.03 -54.95 2.27
N GLU E 104 -45.70 -54.68 1.15
CA GLU E 104 -47.11 -54.30 1.20
C GLU E 104 -48.00 -55.48 1.56
N LEU E 105 -47.64 -56.69 1.11
CA LEU E 105 -48.41 -57.87 1.47
C LEU E 105 -48.38 -58.13 2.97
N LYS E 106 -47.20 -57.98 3.59
CA LYS E 106 -47.10 -58.17 5.02
C LYS E 106 -47.93 -57.14 5.79
N HIS E 107 -47.97 -55.91 5.28
CA HIS E 107 -48.79 -54.88 5.91
C HIS E 107 -50.27 -55.25 5.91
N MET E 108 -50.75 -55.79 4.78
CA MET E 108 -52.14 -56.24 4.70
C MET E 108 -52.41 -57.37 5.68
N LEU E 109 -51.49 -58.34 5.76
CA LEU E 109 -51.67 -59.50 6.62
C LEU E 109 -51.35 -59.22 8.08
N SER E 110 -50.98 -57.98 8.43
CA SER E 110 -50.63 -57.67 9.80
C SER E 110 -51.81 -57.87 10.74
N ARG E 111 -53.00 -57.46 10.33
CA ARG E 111 -54.23 -57.68 11.09
C ARG E 111 -55.29 -58.21 10.15
N ILE E 112 -55.74 -59.44 10.38
CA ILE E 112 -56.68 -60.12 9.50
C ILE E 112 -57.87 -60.60 10.31
N ASN E 113 -59.08 -60.22 9.87
CA ASN E 113 -60.29 -60.61 10.57
C ASN E 113 -60.63 -62.09 10.37
N HIS E 114 -60.56 -62.57 9.12
CA HIS E 114 -60.81 -63.98 8.83
C HIS E 114 -59.76 -64.49 7.85
N PHE E 115 -59.19 -65.65 8.16
CA PHE E 115 -58.17 -66.26 7.32
C PHE E 115 -58.38 -67.77 7.32
N GLU E 116 -58.69 -68.32 6.14
CA GLU E 116 -58.94 -69.75 6.00
C GLU E 116 -58.33 -70.24 4.70
N LYS E 117 -57.54 -71.31 4.77
CA LYS E 117 -56.94 -71.90 3.58
C LYS E 117 -57.94 -72.87 2.93
N ILE E 118 -58.11 -72.73 1.62
CA ILE E 118 -58.93 -73.63 0.82
C ILE E 118 -58.15 -74.04 -0.42
N GLN E 119 -58.58 -75.14 -1.03
CA GLN E 119 -57.94 -75.69 -2.22
C GLN E 119 -58.75 -75.26 -3.44
N ILE E 120 -58.11 -74.57 -4.38
CA ILE E 120 -58.81 -74.01 -5.52
C ILE E 120 -58.46 -74.81 -6.77
N ILE E 121 -57.27 -75.39 -6.78
CA ILE E 121 -56.84 -76.22 -7.90
C ILE E 121 -56.25 -77.53 -7.37
N PRO E 122 -57.02 -78.62 -7.38
CA PRO E 122 -56.46 -79.91 -6.96
C PRO E 122 -55.40 -80.40 -7.94
N LYS E 123 -54.47 -81.21 -7.41
CA LYS E 123 -53.39 -81.73 -8.25
C LYS E 123 -53.90 -82.63 -9.36
N SER E 124 -55.12 -83.15 -9.24
CA SER E 124 -55.73 -83.96 -10.30
C SER E 124 -56.18 -83.12 -11.49
N SER E 125 -55.92 -81.82 -11.49
CA SER E 125 -56.30 -80.93 -12.59
C SER E 125 -55.21 -80.81 -13.64
N TRP E 126 -54.11 -81.54 -13.50
CA TRP E 126 -53.00 -81.52 -14.45
C TRP E 126 -52.81 -82.93 -15.00
N PRO E 127 -53.73 -83.39 -15.86
CA PRO E 127 -53.65 -84.78 -16.34
C PRO E 127 -52.48 -85.03 -17.26
N ASN E 128 -51.96 -84.00 -17.94
CA ASN E 128 -50.88 -84.16 -18.90
C ASN E 128 -49.59 -83.49 -18.45
N HIS E 129 -49.45 -83.25 -17.14
CA HIS E 129 -48.23 -82.66 -16.59
C HIS E 129 -47.85 -83.43 -15.34
N GLU E 130 -46.55 -83.45 -15.04
CA GLU E 130 -46.04 -84.20 -13.90
C GLU E 130 -46.20 -83.37 -12.63
N THR E 131 -46.99 -83.86 -11.68
CA THR E 131 -47.29 -83.16 -10.45
C THR E 131 -46.51 -83.69 -9.25
N SER E 132 -45.59 -84.62 -9.46
CA SER E 132 -44.90 -85.27 -8.35
C SER E 132 -43.38 -85.20 -8.43
N LEU E 133 -42.81 -84.53 -9.43
CA LEU E 133 -41.36 -84.41 -9.56
C LEU E 133 -40.84 -83.03 -9.18
N GLY E 134 -41.71 -82.08 -8.88
CA GLY E 134 -41.29 -80.73 -8.56
C GLY E 134 -40.77 -80.58 -7.14
N VAL E 135 -39.58 -81.14 -6.87
CA VAL E 135 -38.96 -81.09 -5.55
C VAL E 135 -37.55 -80.52 -5.70
N SER E 136 -36.84 -80.46 -4.58
CA SER E 136 -35.56 -79.76 -4.49
C SER E 136 -34.93 -80.11 -3.15
N ALA E 137 -33.61 -80.29 -3.14
CA ALA E 137 -32.90 -80.55 -1.89
C ALA E 137 -32.91 -79.34 -0.97
N ALA E 138 -33.11 -78.13 -1.52
CA ALA E 138 -33.16 -76.92 -0.70
C ALA E 138 -34.46 -76.79 0.08
N CYS E 139 -35.46 -77.63 -0.19
CA CYS E 139 -36.74 -77.60 0.50
C CYS E 139 -37.00 -78.98 1.09
N PRO E 140 -36.24 -79.38 2.10
CA PRO E 140 -36.37 -80.74 2.63
C PRO E 140 -37.49 -80.84 3.66
N TYR E 141 -38.12 -82.02 3.69
CA TYR E 141 -39.01 -82.39 4.78
C TYR E 141 -38.52 -83.73 5.32
N GLN E 142 -38.02 -83.71 6.56
CA GLN E 142 -37.47 -84.91 7.21
C GLN E 142 -36.36 -85.52 6.35
N GLY E 143 -35.52 -84.66 5.77
CA GLY E 143 -34.40 -85.07 4.94
C GLY E 143 -34.71 -85.25 3.47
N ALA E 144 -35.85 -85.84 3.15
CA ALA E 144 -36.20 -86.10 1.77
C ALA E 144 -36.53 -84.80 1.04
N PRO E 145 -36.25 -84.73 -0.26
CA PRO E 145 -36.60 -83.53 -1.03
C PRO E 145 -38.09 -83.27 -1.02
N SER E 146 -38.46 -81.99 -0.98
CA SER E 146 -39.85 -81.58 -0.98
C SER E 146 -39.93 -80.20 -1.65
N PHE E 147 -41.03 -79.51 -1.44
CA PHE E 147 -41.26 -78.21 -2.07
C PHE E 147 -42.28 -77.45 -1.23
N PHE E 148 -42.60 -76.22 -1.65
CA PHE E 148 -43.66 -75.46 -1.01
C PHE E 148 -44.96 -76.24 -1.07
N ARG E 149 -45.67 -76.29 0.05
CA ARG E 149 -46.85 -77.14 0.15
C ARG E 149 -48.06 -76.56 -0.57
N ASN E 150 -48.15 -75.24 -0.71
CA ASN E 150 -49.34 -74.61 -1.25
C ASN E 150 -49.27 -74.34 -2.75
N VAL E 151 -48.16 -74.65 -3.40
CA VAL E 151 -48.03 -74.50 -4.85
C VAL E 151 -47.45 -75.78 -5.42
N VAL E 152 -47.68 -75.99 -6.71
CA VAL E 152 -47.26 -77.20 -7.41
C VAL E 152 -46.28 -76.81 -8.51
N TRP E 153 -45.11 -77.44 -8.50
CA TRP E 153 -44.07 -77.21 -9.51
C TRP E 153 -44.31 -78.18 -10.65
N LEU E 154 -44.98 -77.71 -11.70
CA LEU E 154 -45.36 -78.57 -12.81
C LEU E 154 -44.18 -78.84 -13.74
N ILE E 155 -44.04 -80.11 -14.14
CA ILE E 155 -42.94 -80.58 -14.98
C ILE E 155 -43.54 -81.30 -16.17
N LYS E 156 -42.75 -81.37 -17.25
CA LYS E 156 -43.21 -82.05 -18.46
C LYS E 156 -43.48 -83.51 -18.19
N LYS E 157 -44.52 -84.04 -18.84
CA LYS E 157 -44.85 -85.45 -18.80
C LYS E 157 -44.68 -86.05 -20.19
N ASN E 158 -43.98 -87.18 -20.27
CA ASN E 158 -43.70 -87.86 -21.53
C ASN E 158 -43.04 -86.90 -22.54
N ASP E 159 -42.06 -86.14 -22.05
CA ASP E 159 -41.27 -85.23 -22.88
C ASP E 159 -42.16 -84.23 -23.62
N ALA E 160 -43.20 -83.75 -22.94
CA ALA E 160 -44.13 -82.79 -23.53
C ALA E 160 -44.71 -81.92 -22.44
N TYR E 161 -44.91 -80.64 -22.76
CA TYR E 161 -45.53 -79.67 -21.85
C TYR E 161 -46.63 -78.96 -22.63
N PRO E 162 -47.85 -79.50 -22.62
CA PRO E 162 -48.94 -78.85 -23.35
C PRO E 162 -49.26 -77.47 -22.78
N THR E 163 -49.74 -76.58 -23.65
CA THR E 163 -50.10 -75.24 -23.22
C THR E 163 -51.22 -75.30 -22.19
N ILE E 164 -50.97 -74.72 -21.02
CA ILE E 164 -51.93 -74.75 -19.93
C ILE E 164 -52.92 -73.61 -20.09
N LYS E 165 -54.21 -73.92 -20.01
CA LYS E 165 -55.26 -72.89 -19.97
C LYS E 165 -56.26 -73.31 -18.89
N ILE E 166 -56.05 -72.81 -17.68
CA ILE E 166 -56.92 -73.11 -16.55
C ILE E 166 -57.37 -71.79 -15.93
N SER E 167 -58.54 -71.83 -15.30
CA SER E 167 -59.10 -70.65 -14.68
C SER E 167 -59.92 -71.06 -13.46
N TYR E 168 -60.10 -70.12 -12.54
CA TYR E 168 -60.86 -70.36 -11.31
C TYR E 168 -61.73 -69.16 -11.00
N ASN E 169 -63.03 -69.40 -10.85
CA ASN E 169 -63.96 -68.37 -10.43
C ASN E 169 -64.09 -68.39 -8.91
N ASN E 170 -64.03 -67.22 -8.29
CA ASN E 170 -64.14 -67.11 -6.83
C ASN E 170 -65.61 -67.19 -6.45
N THR E 171 -66.10 -68.44 -6.35
CA THR E 171 -67.47 -68.68 -5.96
C THR E 171 -67.73 -68.37 -4.48
N ASN E 172 -66.68 -68.18 -3.70
CA ASN E 172 -66.83 -67.86 -2.29
C ASN E 172 -67.37 -66.44 -2.12
N ARG E 173 -67.79 -66.14 -0.89
CA ARG E 173 -68.28 -64.81 -0.55
C ARG E 173 -67.19 -63.92 0.02
N GLU E 174 -65.94 -64.38 0.03
CA GLU E 174 -64.83 -63.65 0.62
C GLU E 174 -63.71 -63.48 -0.40
N ASP E 175 -62.88 -62.47 -0.17
CA ASP E 175 -61.74 -62.23 -1.03
C ASP E 175 -60.73 -63.36 -0.90
N LEU E 176 -60.08 -63.70 -2.01
CA LEU E 176 -59.13 -64.80 -2.06
C LEU E 176 -57.72 -64.28 -2.34
N LEU E 177 -56.77 -64.67 -1.49
CA LEU E 177 -55.36 -64.41 -1.73
C LEU E 177 -54.76 -65.59 -2.47
N ILE E 178 -54.33 -65.36 -3.71
CA ILE E 178 -53.81 -66.41 -4.58
C ILE E 178 -52.35 -66.13 -4.85
N LEU E 179 -51.51 -67.16 -4.71
CA LEU E 179 -50.09 -67.05 -4.95
C LEU E 179 -49.66 -68.03 -6.04
N TRP E 180 -48.81 -67.55 -6.94
CA TRP E 180 -48.21 -68.36 -7.99
C TRP E 180 -46.78 -67.88 -8.20
N GLY E 181 -46.05 -68.60 -9.06
CA GLY E 181 -44.66 -68.27 -9.27
C GLY E 181 -44.16 -68.70 -10.63
N ILE E 182 -42.92 -68.32 -10.92
CA ILE E 182 -42.22 -68.71 -12.13
C ILE E 182 -40.82 -69.19 -11.75
N HIS E 183 -40.35 -70.24 -12.41
CA HIS E 183 -39.04 -70.81 -12.18
C HIS E 183 -38.07 -70.36 -13.26
N HIS E 184 -36.96 -69.77 -12.86
CA HIS E 184 -35.94 -69.33 -13.80
C HIS E 184 -34.89 -70.44 -13.96
N SER E 185 -34.77 -70.95 -15.18
CA SER E 185 -33.83 -72.03 -15.45
C SER E 185 -32.40 -71.50 -15.47
N ASN E 186 -31.45 -72.42 -15.49
CA ASN E 186 -30.03 -72.08 -15.47
C ASN E 186 -29.38 -72.08 -16.85
N ASN E 187 -29.87 -72.91 -17.78
CA ASN E 187 -29.31 -72.99 -19.11
C ASN E 187 -30.37 -73.53 -20.05
N ALA E 188 -30.02 -73.59 -21.35
CA ALA E 188 -30.96 -74.07 -22.35
C ALA E 188 -31.27 -75.55 -22.15
N GLU E 189 -30.26 -76.36 -21.84
CA GLU E 189 -30.47 -77.79 -21.67
C GLU E 189 -31.38 -78.09 -20.47
N GLU E 190 -31.19 -77.38 -19.36
CA GLU E 190 -32.03 -77.59 -18.20
C GLU E 190 -33.48 -77.23 -18.50
N GLN E 191 -33.70 -76.16 -19.26
CA GLN E 191 -35.06 -75.79 -19.65
C GLN E 191 -35.73 -76.90 -20.45
N THR E 192 -34.98 -77.52 -21.37
CA THR E 192 -35.51 -78.65 -22.13
C THR E 192 -35.75 -79.86 -21.25
N ASN E 193 -34.82 -80.14 -20.32
CA ASN E 193 -34.94 -81.31 -19.45
C ASN E 193 -36.10 -81.21 -18.48
N LEU E 194 -36.67 -80.02 -18.29
CA LEU E 194 -37.76 -79.81 -17.35
C LEU E 194 -39.08 -79.47 -18.01
N TYR E 195 -39.06 -78.74 -19.13
CA TYR E 195 -40.30 -78.27 -19.75
C TYR E 195 -40.37 -78.53 -21.25
N LYS E 196 -39.26 -78.87 -21.91
CA LYS E 196 -39.24 -79.31 -23.30
C LYS E 196 -39.52 -78.16 -24.27
N ASN E 197 -39.92 -77.01 -23.74
CA ASN E 197 -40.19 -75.84 -24.58
C ASN E 197 -39.11 -74.80 -24.33
N PRO E 198 -38.23 -74.53 -25.31
CA PRO E 198 -37.14 -73.57 -25.07
C PRO E 198 -37.62 -72.17 -24.72
N ILE E 199 -38.70 -71.71 -25.34
CA ILE E 199 -39.24 -70.37 -25.09
C ILE E 199 -40.61 -70.52 -24.45
N THR E 200 -40.74 -70.01 -23.21
CA THR E 200 -41.94 -70.21 -22.41
C THR E 200 -42.43 -68.88 -21.85
N TYR E 201 -43.64 -68.89 -21.33
CA TYR E 201 -44.28 -67.69 -20.82
C TYR E 201 -45.32 -68.08 -19.77
N ILE E 202 -45.75 -67.09 -18.99
CA ILE E 202 -46.85 -67.23 -18.05
C ILE E 202 -47.78 -66.03 -18.22
N SER E 203 -49.08 -66.30 -18.36
CA SER E 203 -50.09 -65.26 -18.46
C SER E 203 -51.09 -65.42 -17.33
N VAL E 204 -51.28 -64.36 -16.56
CA VAL E 204 -52.23 -64.34 -15.45
C VAL E 204 -53.16 -63.16 -15.65
N GLY E 205 -54.46 -63.43 -15.74
CA GLY E 205 -55.43 -62.39 -15.98
C GLY E 205 -56.65 -62.44 -15.09
N THR E 206 -56.99 -61.29 -14.48
CA THR E 206 -58.22 -61.13 -13.73
C THR E 206 -58.94 -59.88 -14.23
N SER E 207 -59.96 -59.43 -13.50
CA SER E 207 -60.63 -58.19 -13.86
C SER E 207 -59.71 -56.99 -13.77
N THR E 208 -58.65 -57.07 -12.97
CA THR E 208 -57.70 -55.97 -12.83
C THR E 208 -56.26 -56.35 -13.15
N LEU E 209 -55.91 -57.64 -13.13
CA LEU E 209 -54.54 -58.09 -13.35
C LEU E 209 -54.35 -58.49 -14.80
N ASN E 210 -53.19 -58.11 -15.36
CA ASN E 210 -52.81 -58.48 -16.73
C ASN E 210 -51.29 -58.64 -16.72
N GLN E 211 -50.83 -59.87 -16.49
CA GLN E 211 -49.43 -60.15 -16.24
C GLN E 211 -48.87 -61.08 -17.29
N ARG E 212 -47.69 -60.73 -17.81
CA ARG E 212 -46.93 -61.56 -18.74
C ARG E 212 -45.56 -61.81 -18.14
N LEU E 213 -45.24 -63.08 -17.90
CA LEU E 213 -43.96 -63.47 -17.34
C LEU E 213 -43.16 -64.26 -18.37
N ALA E 214 -41.84 -64.20 -18.24
CA ALA E 214 -40.94 -64.95 -19.09
C ALA E 214 -39.72 -65.34 -18.27
N PRO E 215 -39.25 -66.58 -18.38
CA PRO E 215 -38.09 -66.99 -17.57
C PRO E 215 -36.85 -66.22 -17.96
N LYS E 216 -35.99 -66.00 -16.97
CA LYS E 216 -34.70 -65.35 -17.15
C LYS E 216 -33.64 -66.43 -17.00
N ILE E 217 -33.33 -67.10 -18.12
CA ILE E 217 -32.39 -68.21 -18.14
C ILE E 217 -30.99 -67.61 -18.21
N ALA E 218 -30.28 -67.60 -17.08
CA ALA E 218 -28.98 -66.96 -17.01
C ALA E 218 -28.17 -67.59 -15.88
N THR E 219 -26.86 -67.39 -15.95
CA THR E 219 -25.97 -67.88 -14.90
C THR E 219 -26.10 -67.01 -13.66
N ARG E 220 -26.26 -67.66 -12.51
CA ARG E 220 -26.39 -66.97 -11.23
C ARG E 220 -25.51 -67.64 -10.19
N SER E 221 -25.40 -67.00 -9.03
CA SER E 221 -24.61 -67.52 -7.92
C SER E 221 -25.44 -68.47 -7.07
N GLN E 222 -24.76 -69.45 -6.47
CA GLN E 222 -25.45 -70.48 -5.70
C GLN E 222 -26.01 -69.91 -4.41
N VAL E 223 -27.30 -70.18 -4.17
CA VAL E 223 -27.95 -69.89 -2.91
C VAL E 223 -28.67 -71.16 -2.48
N ASN E 224 -28.37 -71.63 -1.25
CA ASN E 224 -28.84 -72.92 -0.76
C ASN E 224 -28.44 -74.06 -1.70
N GLY E 225 -27.30 -73.92 -2.36
CA GLY E 225 -26.84 -74.89 -3.33
C GLY E 225 -27.50 -74.82 -4.68
N LEU E 226 -28.30 -73.79 -4.95
CA LEU E 226 -29.08 -73.68 -6.17
C LEU E 226 -28.72 -72.40 -6.91
N ARG E 227 -28.57 -72.52 -8.23
CA ARG E 227 -28.43 -71.36 -9.10
C ARG E 227 -29.74 -70.96 -9.74
N GLY E 228 -30.76 -71.81 -9.69
CA GLY E 228 -32.07 -71.43 -10.17
C GLY E 228 -32.77 -70.49 -9.19
N ARG E 229 -33.80 -69.83 -9.70
CA ARG E 229 -34.57 -68.87 -8.92
C ARG E 229 -36.06 -69.07 -9.17
N MET E 230 -36.86 -68.70 -8.17
CA MET E 230 -38.31 -68.77 -8.27
C MET E 230 -38.91 -67.46 -7.77
N ASP E 231 -39.48 -66.68 -8.69
CA ASP E 231 -40.14 -65.43 -8.35
C ASP E 231 -41.62 -65.68 -8.17
N PHE E 232 -42.15 -65.29 -7.02
CA PHE E 232 -43.55 -65.53 -6.67
C PHE E 232 -44.33 -64.22 -6.69
N PHE E 233 -45.62 -64.34 -7.00
CA PHE E 233 -46.51 -63.20 -7.15
C PHE E 233 -47.84 -63.50 -6.47
N TRP E 234 -48.63 -62.47 -6.24
CA TRP E 234 -49.91 -62.63 -5.57
C TRP E 234 -50.89 -61.57 -6.04
N THR E 235 -52.18 -61.88 -5.87
CA THR E 235 -53.25 -60.94 -6.17
C THR E 235 -54.45 -61.27 -5.28
N ILE E 236 -55.36 -60.32 -5.17
CA ILE E 236 -56.58 -60.47 -4.40
C ILE E 236 -57.73 -60.67 -5.39
N LEU E 237 -58.23 -61.91 -5.47
CA LEU E 237 -59.33 -62.24 -6.37
C LEU E 237 -60.63 -61.97 -5.63
N LYS E 238 -61.26 -60.83 -5.92
CA LYS E 238 -62.50 -60.45 -5.27
C LYS E 238 -63.62 -61.42 -5.67
N PRO E 239 -64.64 -61.57 -4.84
CA PRO E 239 -65.68 -62.57 -5.11
C PRO E 239 -66.37 -62.33 -6.44
N ASP E 240 -66.76 -63.43 -7.08
CA ASP E 240 -67.42 -63.45 -8.39
C ASP E 240 -66.49 -62.96 -9.51
N ASP E 241 -65.17 -63.00 -9.29
CA ASP E 241 -64.19 -62.70 -10.31
C ASP E 241 -63.32 -63.94 -10.54
N ALA E 242 -62.85 -64.10 -11.78
CA ALA E 242 -62.11 -65.28 -12.18
C ALA E 242 -60.68 -64.91 -12.55
N ILE E 243 -59.74 -65.70 -12.06
CA ILE E 243 -58.33 -65.59 -12.45
C ILE E 243 -58.08 -66.59 -13.57
N HIS E 244 -57.27 -66.19 -14.55
CA HIS E 244 -57.02 -67.00 -15.73
C HIS E 244 -55.52 -67.22 -15.89
N PHE E 245 -55.12 -68.48 -15.97
CA PHE E 245 -53.71 -68.86 -16.05
C PHE E 245 -53.42 -69.46 -17.42
N GLU E 246 -52.35 -68.99 -18.05
CA GLU E 246 -51.86 -69.59 -19.29
C GLU E 246 -50.35 -69.69 -19.21
N SER E 247 -49.82 -70.88 -19.50
CA SER E 247 -48.39 -71.12 -19.44
C SER E 247 -48.04 -72.37 -20.24
N ASN E 248 -46.86 -72.36 -20.85
CA ASN E 248 -46.32 -73.53 -21.53
C ASN E 248 -44.96 -73.92 -20.96
N GLY E 249 -44.67 -73.56 -19.72
CA GLY E 249 -43.44 -73.93 -19.07
C GLY E 249 -43.11 -72.99 -17.93
N ASN E 250 -42.26 -73.49 -17.03
CA ASN E 250 -41.74 -72.73 -15.89
C ASN E 250 -42.83 -72.20 -14.98
N PHE E 251 -44.00 -72.84 -14.98
CA PHE E 251 -45.14 -72.38 -14.20
C PHE E 251 -45.14 -73.04 -12.83
N ILE E 252 -45.25 -72.23 -11.79
CA ILE E 252 -45.47 -72.74 -10.43
C ILE E 252 -46.93 -72.49 -10.08
N ALA E 253 -47.77 -73.48 -10.34
CA ALA E 253 -49.22 -73.32 -10.24
C ALA E 253 -49.69 -73.34 -8.78
N PRO E 254 -50.74 -72.59 -8.47
CA PRO E 254 -51.31 -72.65 -7.12
C PRO E 254 -52.15 -73.89 -6.92
N GLU E 255 -52.11 -74.41 -5.69
CA GLU E 255 -53.02 -75.44 -5.25
C GLU E 255 -53.94 -74.96 -4.14
N TYR E 256 -53.39 -74.41 -3.08
CA TYR E 256 -54.17 -73.86 -1.98
C TYR E 256 -54.17 -72.34 -2.06
N ALA E 257 -55.30 -71.75 -1.71
CA ALA E 257 -55.45 -70.31 -1.58
C ALA E 257 -56.02 -70.00 -0.21
N TYR E 258 -56.12 -68.72 0.12
CA TYR E 258 -56.62 -68.28 1.41
C TYR E 258 -57.82 -67.38 1.20
N LYS E 259 -58.92 -67.68 1.90
CA LYS E 259 -60.03 -66.75 2.02
C LYS E 259 -59.68 -65.73 3.09
N ILE E 260 -59.72 -64.45 2.74
CA ILE E 260 -59.21 -63.38 3.60
C ILE E 260 -60.28 -62.30 3.74
N VAL E 261 -60.50 -61.87 4.98
CA VAL E 261 -61.33 -60.72 5.30
C VAL E 261 -60.51 -59.80 6.20
N LYS E 262 -60.35 -58.55 5.78
CA LYS E 262 -59.55 -57.58 6.51
C LYS E 262 -60.43 -56.41 6.92
N LYS E 263 -60.44 -56.10 8.22
CA LYS E 263 -61.24 -54.99 8.74
C LYS E 263 -60.43 -54.01 9.56
N GLY E 264 -59.12 -54.20 9.69
CA GLY E 264 -58.29 -53.31 10.49
C GLY E 264 -56.85 -53.42 10.06
N ASP E 265 -56.05 -52.46 10.52
CA ASP E 265 -54.65 -52.36 10.15
C ASP E 265 -53.75 -52.49 11.37
N SER E 266 -52.59 -53.09 11.16
CA SER E 266 -51.55 -53.24 12.18
C SER E 266 -50.21 -53.23 11.46
N THR E 267 -49.17 -53.72 12.13
CA THR E 267 -47.86 -53.84 11.51
C THR E 267 -47.16 -55.08 12.05
N ILE E 268 -46.01 -55.39 11.45
CA ILE E 268 -45.21 -56.53 11.85
C ILE E 268 -44.32 -56.13 13.02
N MET E 269 -44.33 -56.93 14.08
CA MET E 269 -43.48 -56.68 15.24
C MET E 269 -42.33 -57.66 15.24
N LYS E 270 -41.11 -57.14 15.34
CA LYS E 270 -39.90 -57.94 15.43
C LYS E 270 -39.59 -58.14 16.91
N SER E 271 -39.81 -59.35 17.41
CA SER E 271 -39.59 -59.65 18.82
C SER E 271 -39.28 -61.13 18.99
N GLY E 272 -38.67 -61.45 20.13
CA GLY E 272 -38.40 -62.83 20.50
C GLY E 272 -38.98 -63.14 21.87
N VAL E 273 -39.72 -62.19 22.43
CA VAL E 273 -40.34 -62.37 23.74
C VAL E 273 -41.46 -63.38 23.64
N GLU E 274 -41.63 -64.17 24.69
CA GLU E 274 -42.60 -65.26 24.68
C GLU E 274 -44.01 -64.75 24.91
N TYR E 275 -44.98 -65.51 24.40
CA TYR E 275 -46.38 -65.20 24.64
C TYR E 275 -46.71 -65.37 26.11
N GLY E 276 -47.52 -64.46 26.63
CA GLY E 276 -47.77 -64.40 28.07
C GLY E 276 -49.19 -64.74 28.52
N HIS E 277 -50.06 -65.15 27.61
CA HIS E 277 -51.45 -65.46 27.94
C HIS E 277 -52.10 -64.28 28.68
N CYS E 278 -51.95 -63.11 28.06
CA CYS E 278 -52.37 -61.86 28.66
C CYS E 278 -53.11 -61.04 27.61
N ASN E 279 -53.84 -60.01 28.06
CA ASN E 279 -54.52 -59.07 27.19
C ASN E 279 -54.06 -57.66 27.53
N THR E 280 -54.05 -56.79 26.52
CA THR E 280 -53.57 -55.43 26.68
C THR E 280 -54.10 -54.59 25.52
N LYS E 281 -54.08 -53.27 25.72
CA LYS E 281 -54.40 -52.32 24.68
C LYS E 281 -53.16 -51.72 24.03
N CYS E 282 -51.99 -51.88 24.66
CA CYS E 282 -50.73 -51.38 24.12
C CYS E 282 -49.66 -52.47 24.26
N GLN E 283 -48.92 -52.71 23.19
CA GLN E 283 -47.92 -53.76 23.14
C GLN E 283 -46.60 -53.24 22.58
N THR E 284 -45.50 -53.60 23.22
CA THR E 284 -44.16 -53.26 22.80
C THR E 284 -43.37 -54.54 22.54
N PRO E 285 -42.29 -54.48 21.77
CA PRO E 285 -41.50 -55.71 21.51
C PRO E 285 -40.88 -56.30 22.75
N VAL E 286 -40.76 -55.54 23.84
CA VAL E 286 -40.18 -56.05 25.07
C VAL E 286 -41.22 -56.36 26.13
N GLY E 287 -42.47 -55.97 25.93
CA GLY E 287 -43.53 -56.25 26.89
C GLY E 287 -44.70 -55.29 26.79
N ALA E 288 -45.88 -55.76 27.16
CA ALA E 288 -47.08 -54.94 27.11
C ALA E 288 -47.16 -54.03 28.33
N ILE E 289 -47.85 -52.90 28.18
CA ILE E 289 -47.99 -51.92 29.24
C ILE E 289 -49.47 -51.62 29.43
N ASN E 290 -49.91 -51.61 30.69
CA ASN E 290 -51.29 -51.29 31.07
C ASN E 290 -51.23 -50.01 31.90
N SER E 291 -51.48 -48.88 31.25
CA SER E 291 -51.30 -47.59 31.91
C SER E 291 -52.28 -46.58 31.34
N SER E 292 -52.58 -45.58 32.18
CA SER E 292 -53.32 -44.39 31.77
C SER E 292 -52.47 -43.13 31.80
N MET E 293 -51.17 -43.27 32.07
CA MET E 293 -50.29 -42.12 32.14
C MET E 293 -50.07 -41.52 30.74
N PRO E 294 -49.82 -40.21 30.67
CA PRO E 294 -49.63 -39.57 29.35
C PRO E 294 -48.33 -39.95 28.65
N PHE E 295 -47.31 -40.41 29.39
CA PHE E 295 -46.00 -40.65 28.81
C PHE E 295 -45.45 -41.98 29.30
N HIS E 296 -44.55 -42.55 28.50
CA HIS E 296 -43.85 -43.78 28.86
C HIS E 296 -42.45 -43.73 28.26
N ASN E 297 -41.55 -44.55 28.82
CA ASN E 297 -40.18 -44.63 28.34
C ASN E 297 -39.76 -46.09 28.11
N ILE E 298 -40.72 -46.95 27.80
CA ILE E 298 -40.41 -48.38 27.67
C ILE E 298 -39.77 -48.68 26.32
N HIS E 299 -40.46 -48.36 25.22
CA HIS E 299 -39.96 -48.73 23.90
C HIS E 299 -40.65 -47.88 22.85
N PRO E 300 -39.97 -47.51 21.76
CA PRO E 300 -40.60 -46.65 20.75
C PRO E 300 -41.52 -47.38 19.78
N LEU E 301 -41.30 -48.68 19.57
CA LEU E 301 -42.02 -49.43 18.53
C LEU E 301 -43.24 -50.13 19.14
N THR E 302 -44.25 -49.31 19.45
CA THR E 302 -45.44 -49.78 20.14
C THR E 302 -46.61 -49.96 19.18
N ILE E 303 -47.45 -50.95 19.48
CA ILE E 303 -48.68 -51.21 18.74
C ILE E 303 -49.85 -51.12 19.71
N GLY E 304 -50.81 -50.25 19.40
CA GLY E 304 -51.99 -50.07 20.20
C GLY E 304 -52.20 -48.62 20.56
N GLU E 305 -53.04 -48.41 21.57
CA GLU E 305 -53.29 -47.08 22.12
C GLU E 305 -52.32 -46.88 23.28
N CYS E 306 -51.27 -46.12 23.06
CA CYS E 306 -50.16 -46.02 23.99
C CYS E 306 -49.89 -44.58 24.37
N PRO E 307 -49.29 -44.35 25.54
CA PRO E 307 -48.81 -43.00 25.87
C PRO E 307 -47.69 -42.57 24.94
N LYS E 308 -47.31 -41.30 25.08
CA LYS E 308 -46.30 -40.71 24.21
C LYS E 308 -44.91 -41.08 24.71
N TYR E 309 -44.14 -41.76 23.86
CA TYR E 309 -42.79 -42.20 24.23
C TYR E 309 -41.86 -41.00 24.31
N VAL E 310 -41.17 -40.86 25.44
CA VAL E 310 -40.32 -39.71 25.70
C VAL E 310 -38.95 -40.18 26.19
N LYS E 311 -37.96 -39.31 26.02
CA LYS E 311 -36.60 -39.55 26.51
C LYS E 311 -36.47 -38.95 27.91
N SER E 312 -37.07 -39.65 28.87
CA SER E 312 -37.08 -39.19 30.25
C SER E 312 -37.03 -40.39 31.18
N ASN E 313 -36.37 -40.22 32.32
CA ASN E 313 -36.29 -41.25 33.35
C ASN E 313 -37.35 -41.08 34.42
N LYS E 314 -37.79 -39.85 34.68
CA LYS E 314 -38.84 -39.60 35.67
C LYS E 314 -39.46 -38.25 35.38
N LEU E 315 -40.80 -38.19 35.47
CA LEU E 315 -41.56 -36.95 35.38
C LEU E 315 -42.45 -36.91 36.63
N VAL E 316 -41.88 -36.42 37.73
CA VAL E 316 -42.55 -36.47 39.02
C VAL E 316 -43.10 -35.08 39.34
N LEU E 317 -44.40 -35.01 39.58
CA LEU E 317 -45.08 -33.76 39.89
C LEU E 317 -45.27 -33.64 41.39
N ALA E 318 -45.17 -32.42 41.89
CA ALA E 318 -45.38 -32.15 43.31
C ALA E 318 -46.87 -32.11 43.60
N THR E 319 -47.35 -33.06 44.41
CA THR E 319 -48.73 -33.07 44.90
C THR E 319 -48.78 -32.72 46.38
N GLY E 320 -47.76 -32.06 46.89
CA GLY E 320 -47.71 -31.70 48.30
C GLY E 320 -46.81 -30.51 48.52
N LEU E 321 -46.55 -30.23 49.78
CA LEU E 321 -45.79 -29.05 50.19
C LEU E 321 -44.33 -29.39 50.42
N ARG E 322 -43.51 -28.35 50.61
CA ARG E 322 -42.12 -28.52 51.00
C ARG E 322 -42.04 -29.28 52.31
N ASN E 323 -41.16 -30.27 52.38
CA ASN E 323 -41.00 -31.07 53.57
C ASN E 323 -39.90 -30.49 54.46
N SER E 324 -39.99 -30.79 55.76
CA SER E 324 -39.03 -30.29 56.73
C SER E 324 -39.08 -31.10 58.02
N GLY F 1 -41.54 -19.80 48.00
CA GLY F 1 -41.28 -18.57 48.73
C GLY F 1 -41.75 -17.34 48.00
N LEU F 2 -42.70 -17.52 47.08
CA LEU F 2 -43.21 -16.40 46.30
C LEU F 2 -44.05 -15.46 47.16
N PHE F 3 -44.72 -15.99 48.18
CA PHE F 3 -45.49 -15.17 49.11
C PHE F 3 -44.80 -15.02 50.46
N GLY F 4 -43.64 -15.63 50.64
CA GLY F 4 -42.83 -15.42 51.81
C GLY F 4 -43.32 -16.07 53.08
N ALA F 5 -44.18 -17.10 52.98
CA ALA F 5 -44.74 -17.74 54.16
C ALA F 5 -44.05 -19.07 54.50
N ILE F 6 -44.00 -20.00 53.54
CA ILE F 6 -43.59 -21.37 53.84
C ILE F 6 -42.21 -21.40 54.48
N ALA F 7 -41.24 -20.70 53.87
CA ALA F 7 -39.90 -20.60 54.43
C ALA F 7 -39.45 -19.15 54.58
N GLY F 8 -40.39 -18.22 54.63
CA GLY F 8 -40.06 -16.81 54.82
C GLY F 8 -40.21 -16.32 56.24
N PHE F 9 -41.34 -16.61 56.88
CA PHE F 9 -41.52 -16.21 58.28
C PHE F 9 -42.06 -17.36 59.12
N ILE F 10 -42.78 -18.30 58.52
CA ILE F 10 -43.17 -19.50 59.23
C ILE F 10 -41.94 -20.36 59.53
N GLU F 11 -41.13 -20.61 58.51
CA GLU F 11 -39.82 -21.26 58.63
C GLU F 11 -39.93 -22.62 59.34
N GLY F 12 -40.62 -23.54 58.68
CA GLY F 12 -40.66 -24.91 59.16
C GLY F 12 -42.05 -25.51 59.28
N GLY F 13 -42.20 -26.74 58.80
CA GLY F 13 -43.44 -27.46 58.98
C GLY F 13 -43.53 -28.12 60.34
N TRP F 14 -44.72 -28.61 60.65
CA TRP F 14 -45.01 -29.24 61.94
C TRP F 14 -45.25 -30.73 61.71
N GLN F 15 -44.30 -31.56 62.13
CA GLN F 15 -44.49 -33.00 62.06
C GLN F 15 -45.62 -33.48 62.96
N GLY F 16 -45.97 -32.70 63.99
CA GLY F 16 -47.02 -33.12 64.90
C GLY F 16 -48.38 -33.19 64.25
N MET F 17 -48.71 -32.22 63.41
CA MET F 17 -50.01 -32.17 62.77
C MET F 17 -50.07 -33.18 61.64
N VAL F 18 -50.98 -34.16 61.76
CA VAL F 18 -51.19 -35.17 60.75
C VAL F 18 -52.59 -35.11 60.18
N ASP F 19 -53.40 -34.13 60.59
CA ASP F 19 -54.78 -34.04 60.14
C ASP F 19 -54.93 -33.35 58.80
N GLY F 20 -54.01 -32.45 58.44
CA GLY F 20 -54.19 -31.73 57.18
C GLY F 20 -52.89 -31.10 56.73
N TRP F 21 -52.99 -30.34 55.63
CA TRP F 21 -51.83 -29.67 55.06
C TRP F 21 -51.55 -28.33 55.73
N TYR F 22 -52.58 -27.66 56.24
CA TYR F 22 -52.41 -26.40 56.97
C TYR F 22 -53.26 -26.45 58.23
N GLY F 23 -52.83 -25.70 59.24
CA GLY F 23 -53.58 -25.69 60.49
C GLY F 23 -52.95 -24.77 61.51
N TYR F 24 -53.42 -24.91 62.74
CA TYR F 24 -53.03 -24.03 63.85
C TYR F 24 -52.47 -24.84 65.00
N HIS F 25 -51.67 -24.17 65.83
CA HIS F 25 -51.13 -24.76 67.05
C HIS F 25 -51.39 -23.80 68.20
N HIS F 26 -52.28 -24.20 69.11
CA HIS F 26 -52.60 -23.39 70.28
C HIS F 26 -51.88 -23.92 71.51
N SER F 27 -51.57 -23.02 72.43
CA SER F 27 -50.90 -23.40 73.67
C SER F 27 -51.35 -22.42 74.76
N ASN F 28 -52.28 -22.87 75.60
CA ASN F 28 -52.82 -22.04 76.67
C ASN F 28 -52.71 -22.76 78.02
N GLU F 29 -53.36 -22.22 79.05
CA GLU F 29 -53.30 -22.83 80.37
C GLU F 29 -53.87 -24.24 80.37
N GLN F 30 -54.88 -24.50 79.55
CA GLN F 30 -55.43 -25.85 79.47
C GLN F 30 -54.41 -26.86 78.96
N GLY F 31 -53.65 -26.48 77.94
CA GLY F 31 -52.65 -27.37 77.39
C GLY F 31 -52.19 -26.90 76.02
N SER F 32 -51.63 -27.83 75.27
CA SER F 32 -51.12 -27.56 73.93
C SER F 32 -51.63 -28.63 72.97
N GLY F 33 -51.89 -28.21 71.73
CA GLY F 33 -52.41 -29.13 70.73
C GLY F 33 -52.25 -28.60 69.33
N TYR F 34 -52.59 -29.44 68.37
CA TYR F 34 -52.52 -29.12 66.95
C TYR F 34 -53.92 -29.18 66.34
N ALA F 35 -54.27 -28.16 65.58
CA ALA F 35 -55.53 -28.11 64.85
C ALA F 35 -55.24 -27.95 63.36
N ALA F 36 -56.09 -28.55 62.54
CA ALA F 36 -55.96 -28.47 61.08
C ALA F 36 -57.20 -27.83 60.49
N ASP F 37 -57.00 -26.86 59.60
CA ASP F 37 -58.11 -26.18 58.94
C ASP F 37 -58.63 -27.08 57.82
N LYS F 38 -59.79 -27.70 58.04
CA LYS F 38 -60.35 -28.61 57.06
C LYS F 38 -60.82 -27.89 55.80
N GLU F 39 -61.10 -26.59 55.88
CA GLU F 39 -61.61 -25.85 54.73
C GLU F 39 -60.52 -25.67 53.68
N SER F 40 -59.42 -25.01 54.05
CA SER F 40 -58.36 -24.74 53.09
C SER F 40 -57.64 -26.03 52.67
N THR F 41 -57.49 -26.98 53.60
CA THR F 41 -56.85 -28.25 53.26
C THR F 41 -57.64 -28.99 52.18
N GLN F 42 -58.97 -29.05 52.35
CA GLN F 42 -59.80 -29.73 51.35
C GLN F 42 -59.72 -29.02 50.00
N LYS F 43 -59.70 -27.69 50.01
CA LYS F 43 -59.57 -26.93 48.76
C LYS F 43 -58.23 -27.22 48.09
N ALA F 44 -57.15 -27.27 48.87
CA ALA F 44 -55.83 -27.53 48.28
C ALA F 44 -55.75 -28.95 47.71
N ILE F 45 -56.24 -29.94 48.45
CA ILE F 45 -56.19 -31.33 47.98
C ILE F 45 -57.04 -31.49 46.73
N ASP F 46 -58.24 -30.88 46.73
CA ASP F 46 -59.07 -30.92 45.53
C ASP F 46 -58.42 -30.17 44.38
N GLY F 47 -57.78 -29.03 44.65
CA GLY F 47 -57.14 -28.27 43.60
C GLY F 47 -55.97 -28.99 42.96
N VAL F 48 -55.11 -29.59 43.78
CA VAL F 48 -53.98 -30.35 43.24
C VAL F 48 -54.47 -31.59 42.49
N THR F 49 -55.54 -32.21 42.98
CA THR F 49 -56.11 -33.37 42.29
C THR F 49 -56.55 -33.02 40.88
N ASN F 50 -57.20 -31.86 40.72
CA ASN F 50 -57.61 -31.43 39.39
C ASN F 50 -56.41 -31.18 38.48
N LYS F 51 -55.36 -30.58 39.02
CA LYS F 51 -54.16 -30.32 38.21
C LYS F 51 -53.55 -31.62 37.71
N VAL F 52 -53.40 -32.62 38.59
CA VAL F 52 -52.82 -33.89 38.19
C VAL F 52 -53.73 -34.61 37.20
N ASN F 53 -55.04 -34.62 37.47
CA ASN F 53 -55.98 -35.27 36.57
C ASN F 53 -56.02 -34.58 35.21
N SER F 54 -55.95 -33.25 35.20
CA SER F 54 -55.95 -32.52 33.93
C SER F 54 -54.71 -32.84 33.11
N ILE F 55 -53.55 -32.91 33.76
CA ILE F 55 -52.32 -33.26 33.05
C ILE F 55 -52.42 -34.67 32.46
N ILE F 56 -53.13 -35.56 33.13
CA ILE F 56 -53.27 -36.93 32.66
C ILE F 56 -54.41 -37.07 31.66
N ASP F 57 -55.60 -36.55 31.98
CA ASP F 57 -56.78 -36.85 31.18
C ASP F 57 -56.81 -36.12 29.84
N LYS F 58 -56.10 -35.00 29.71
CA LYS F 58 -56.15 -34.24 28.47
C LYS F 58 -55.33 -34.85 27.35
N MET F 59 -54.54 -35.89 27.64
CA MET F 59 -53.71 -36.52 26.61
C MET F 59 -54.58 -37.44 25.77
N ASN F 60 -54.62 -37.19 24.47
CA ASN F 60 -55.41 -38.00 23.55
C ASN F 60 -54.54 -39.13 23.02
N THR F 61 -55.00 -40.37 23.21
CA THR F 61 -54.26 -41.55 22.77
C THR F 61 -55.09 -42.31 21.75
N GLN F 62 -54.47 -42.63 20.61
CA GLN F 62 -55.13 -43.35 19.54
C GLN F 62 -54.32 -44.59 19.19
N PHE F 63 -55.00 -45.57 18.60
CA PHE F 63 -54.33 -46.77 18.13
C PHE F 63 -53.33 -46.41 17.03
N GLU F 64 -52.10 -46.89 17.18
CA GLU F 64 -51.07 -46.74 16.16
C GLU F 64 -50.23 -48.01 16.13
N ALA F 65 -49.78 -48.39 14.94
CA ALA F 65 -48.93 -49.55 14.74
C ALA F 65 -47.57 -49.05 14.24
N VAL F 66 -46.59 -49.04 15.12
CA VAL F 66 -45.25 -48.54 14.81
C VAL F 66 -44.34 -49.74 14.52
N GLY F 67 -43.77 -49.76 13.32
CA GLY F 67 -42.86 -50.81 12.91
C GLY F 67 -41.86 -50.31 11.89
N ARG F 68 -41.20 -51.24 11.20
CA ARG F 68 -40.21 -50.91 10.16
C ARG F 68 -40.55 -51.78 8.94
N GLU F 69 -41.32 -51.22 8.02
CA GLU F 69 -41.86 -51.97 6.89
C GLU F 69 -41.20 -51.62 5.56
N PHE F 70 -40.09 -50.90 5.57
CA PHE F 70 -39.44 -50.46 4.34
C PHE F 70 -38.11 -51.19 4.16
N ASN F 71 -37.78 -51.47 2.91
CA ASN F 71 -36.68 -52.36 2.55
C ASN F 71 -35.42 -51.57 2.19
N ASN F 72 -34.42 -52.29 1.69
CA ASN F 72 -33.11 -51.70 1.42
C ASN F 72 -33.13 -50.66 0.30
N LEU F 73 -34.18 -50.64 -0.52
CA LEU F 73 -34.33 -49.64 -1.57
C LEU F 73 -35.46 -48.66 -1.27
N GLU F 74 -35.88 -48.58 -0.01
CA GLU F 74 -36.89 -47.63 0.46
C GLU F 74 -36.38 -46.91 1.71
N ARG F 75 -35.08 -46.67 1.76
CA ARG F 75 -34.46 -46.04 2.93
C ARG F 75 -34.78 -44.55 3.02
N ARG F 76 -34.97 -43.87 1.89
CA ARG F 76 -35.37 -42.47 1.92
C ARG F 76 -36.71 -42.30 2.62
N ILE F 77 -37.66 -43.20 2.34
CA ILE F 77 -38.93 -43.20 3.07
C ILE F 77 -38.69 -43.49 4.54
N GLU F 78 -37.80 -44.45 4.85
CA GLU F 78 -37.48 -44.76 6.23
C GLU F 78 -36.89 -43.55 6.95
N ASN F 79 -36.05 -42.77 6.25
CA ASN F 79 -35.49 -41.56 6.84
C ASN F 79 -36.59 -40.56 7.19
N LEU F 80 -37.62 -40.47 6.33
CA LEU F 80 -38.76 -39.61 6.64
C LEU F 80 -39.50 -40.09 7.89
N ASN F 81 -39.72 -41.40 8.01
CA ASN F 81 -40.34 -41.93 9.21
C ASN F 81 -39.46 -41.69 10.43
N LYS F 82 -38.14 -41.86 10.28
CA LYS F 82 -37.24 -41.60 11.40
C LYS F 82 -37.30 -40.15 11.84
N LYS F 83 -37.26 -39.22 10.87
CA LYS F 83 -37.33 -37.81 11.22
C LYS F 83 -38.67 -37.47 11.88
N MET F 84 -39.75 -38.14 11.46
CA MET F 84 -41.04 -37.92 12.09
C MET F 84 -41.06 -38.45 13.51
N GLU F 85 -40.59 -39.69 13.70
CA GLU F 85 -40.60 -40.28 15.04
C GLU F 85 -39.68 -39.53 15.98
N ASP F 86 -38.48 -39.16 15.51
CA ASP F 86 -37.57 -38.38 16.34
C ASP F 86 -38.14 -37.00 16.62
N GLY F 87 -38.81 -36.39 15.65
CA GLY F 87 -39.41 -35.08 15.87
C GLY F 87 -40.48 -35.10 16.94
N PHE F 88 -41.35 -36.11 16.91
CA PHE F 88 -42.40 -36.21 17.91
C PHE F 88 -41.83 -36.53 19.29
N LEU F 89 -40.77 -37.33 19.36
CA LEU F 89 -40.12 -37.59 20.63
C LEU F 89 -39.52 -36.31 21.21
N ASP F 90 -38.87 -35.50 20.37
CA ASP F 90 -38.29 -34.25 20.84
C ASP F 90 -39.36 -33.30 21.35
N VAL F 91 -40.50 -33.23 20.67
CA VAL F 91 -41.59 -32.35 21.10
C VAL F 91 -42.14 -32.81 22.44
N TRP F 92 -42.48 -34.10 22.55
CA TRP F 92 -43.08 -34.59 23.79
C TRP F 92 -42.11 -34.54 24.96
N THR F 93 -40.83 -34.85 24.70
CA THR F 93 -39.84 -34.82 25.78
C THR F 93 -39.69 -33.42 26.34
N TYR F 94 -39.60 -32.41 25.46
CA TYR F 94 -39.44 -31.04 25.92
C TYR F 94 -40.68 -30.58 26.68
N ASN F 95 -41.86 -30.83 26.13
CA ASN F 95 -43.10 -30.40 26.80
C ASN F 95 -43.25 -31.08 28.15
N ALA F 96 -43.07 -32.39 28.20
CA ALA F 96 -43.29 -33.13 29.45
C ALA F 96 -42.34 -32.66 30.55
N GLU F 97 -41.06 -32.50 30.22
CA GLU F 97 -40.10 -32.04 31.21
C GLU F 97 -40.41 -30.62 31.67
N LEU F 98 -40.70 -29.72 30.73
CA LEU F 98 -40.99 -28.34 31.11
C LEU F 98 -42.36 -28.22 31.76
N LEU F 99 -43.32 -29.03 31.36
CA LEU F 99 -44.63 -29.02 32.02
C LEU F 99 -44.50 -29.33 33.50
N VAL F 100 -43.69 -30.34 33.83
CA VAL F 100 -43.46 -30.68 35.23
C VAL F 100 -42.76 -29.54 35.95
N LEU F 101 -41.72 -28.98 35.33
CA LEU F 101 -40.95 -27.91 35.98
C LEU F 101 -41.82 -26.69 36.26
N MET F 102 -42.66 -26.30 35.29
CA MET F 102 -43.50 -25.13 35.49
C MET F 102 -44.61 -25.40 36.50
N GLU F 103 -45.25 -26.57 36.42
CA GLU F 103 -46.36 -26.86 37.33
C GLU F 103 -45.87 -27.15 38.74
N ASN F 104 -44.66 -27.72 38.89
CA ASN F 104 -44.10 -27.91 40.22
C ASN F 104 -43.85 -26.57 40.90
N GLU F 105 -43.42 -25.57 40.13
CA GLU F 105 -43.27 -24.24 40.70
C GLU F 105 -44.61 -23.64 41.11
N ARG F 106 -45.64 -23.81 40.28
CA ARG F 106 -46.95 -23.26 40.63
C ARG F 106 -47.55 -23.97 41.84
N THR F 107 -47.38 -25.30 41.92
CA THR F 107 -47.96 -26.04 43.04
C THR F 107 -47.34 -25.63 44.37
N LEU F 108 -46.01 -25.46 44.40
CA LEU F 108 -45.36 -25.02 45.63
C LEU F 108 -45.80 -23.61 46.02
N ASP F 109 -45.90 -22.70 45.04
CA ASP F 109 -46.40 -21.37 45.33
C ASP F 109 -47.88 -21.39 45.68
N PHE F 110 -48.63 -22.37 45.15
CA PHE F 110 -50.02 -22.54 45.55
C PHE F 110 -50.12 -22.87 47.03
N HIS F 111 -49.22 -23.71 47.53
CA HIS F 111 -49.19 -23.99 48.97
C HIS F 111 -48.74 -22.78 49.77
N ASP F 112 -47.86 -21.95 49.20
CA ASP F 112 -47.35 -20.81 49.92
C ASP F 112 -48.45 -19.78 50.20
N SER F 113 -49.32 -19.54 49.21
CA SER F 113 -50.38 -18.54 49.39
C SER F 113 -51.43 -19.01 50.39
N ASN F 114 -51.71 -20.32 50.42
CA ASN F 114 -52.71 -20.83 51.35
C ASN F 114 -52.32 -20.58 52.80
N VAL F 115 -51.02 -20.72 53.11
CA VAL F 115 -50.55 -20.44 54.47
C VAL F 115 -50.71 -18.96 54.78
N LYS F 116 -50.29 -18.10 53.86
CA LYS F 116 -50.40 -16.65 54.10
C LYS F 116 -51.86 -16.22 54.20
N ASN F 117 -52.74 -16.82 53.39
CA ASN F 117 -54.17 -16.51 53.50
C ASN F 117 -54.70 -16.89 54.87
N LEU F 118 -54.30 -18.05 55.39
CA LEU F 118 -54.66 -18.40 56.76
C LEU F 118 -54.02 -17.44 57.76
N TYR F 119 -52.77 -17.05 57.51
CA TYR F 119 -52.09 -16.13 58.42
C TYR F 119 -52.75 -14.75 58.40
N ASP F 120 -53.08 -14.23 57.21
CA ASP F 120 -53.73 -12.92 57.14
C ASP F 120 -55.14 -12.95 57.70
N LYS F 121 -55.79 -14.12 57.71
CA LYS F 121 -57.12 -14.22 58.31
C LYS F 121 -57.07 -13.95 59.81
N VAL F 122 -56.14 -14.60 60.52
CA VAL F 122 -56.04 -14.43 61.96
C VAL F 122 -55.57 -13.01 62.30
N ARG F 123 -54.68 -12.46 61.47
CA ARG F 123 -54.11 -11.14 61.77
C ARG F 123 -55.19 -10.06 61.78
N LEU F 124 -56.17 -10.16 60.89
CA LEU F 124 -57.22 -9.14 60.83
C LEU F 124 -58.08 -9.16 62.08
N GLN F 125 -58.38 -10.35 62.62
CA GLN F 125 -59.27 -10.44 63.77
C GLN F 125 -58.64 -9.84 65.02
N LEU F 126 -57.40 -10.24 65.32
CA LEU F 126 -56.79 -9.83 66.58
C LEU F 126 -56.40 -8.36 66.57
N ARG F 127 -56.01 -7.83 65.40
CA ARG F 127 -55.65 -6.42 65.24
C ARG F 127 -54.62 -5.98 66.25
N ASP F 128 -55.07 -5.27 67.29
CA ASP F 128 -54.19 -4.81 68.35
C ASP F 128 -54.28 -5.67 69.61
N ASN F 129 -55.25 -6.59 69.70
CA ASN F 129 -55.37 -7.43 70.89
C ASN F 129 -54.28 -8.49 70.97
N ALA F 130 -53.52 -8.69 69.91
CA ALA F 130 -52.41 -9.63 69.92
C ALA F 130 -51.29 -9.07 69.07
N LYS F 131 -50.05 -9.24 69.54
CA LYS F 131 -48.90 -8.74 68.82
C LYS F 131 -48.46 -9.75 67.75
N GLU F 132 -47.69 -9.24 66.79
CA GLU F 132 -47.19 -10.05 65.68
C GLU F 132 -45.76 -10.45 66.01
N LEU F 133 -45.57 -11.70 66.41
CA LEU F 133 -44.25 -12.18 66.80
C LEU F 133 -43.32 -12.27 65.58
N GLY F 134 -43.87 -12.65 64.43
CA GLY F 134 -43.10 -12.77 63.21
C GLY F 134 -42.74 -14.19 62.82
N ASN F 135 -43.00 -15.17 63.69
CA ASN F 135 -42.71 -16.57 63.40
C ASN F 135 -43.96 -17.33 62.96
N GLY F 136 -45.00 -16.61 62.54
CA GLY F 136 -46.25 -17.25 62.20
C GLY F 136 -47.18 -17.46 63.36
N CYS F 137 -46.87 -16.92 64.53
CA CYS F 137 -47.70 -17.05 65.72
C CYS F 137 -48.16 -15.69 66.20
N PHE F 138 -49.27 -15.68 66.92
CA PHE F 138 -49.83 -14.48 67.53
C PHE F 138 -49.92 -14.72 69.04
N GLU F 139 -49.07 -14.04 69.80
CA GLU F 139 -49.14 -14.10 71.26
C GLU F 139 -50.19 -13.11 71.72
N PHE F 140 -51.29 -13.62 72.27
CA PHE F 140 -52.39 -12.76 72.70
C PHE F 140 -51.94 -11.83 73.81
N TYR F 141 -52.20 -10.53 73.64
CA TYR F 141 -51.97 -9.59 74.73
C TYR F 141 -52.93 -9.84 75.88
N HIS F 142 -54.10 -10.39 75.60
CA HIS F 142 -55.07 -10.79 76.62
C HIS F 142 -54.87 -12.26 76.96
N LYS F 143 -55.83 -12.83 77.68
CA LYS F 143 -55.86 -14.25 78.00
C LYS F 143 -56.92 -14.94 77.13
N CYS F 144 -56.53 -16.04 76.48
CA CYS F 144 -57.40 -16.74 75.55
C CYS F 144 -57.41 -18.23 75.88
N ASP F 145 -58.61 -18.79 76.05
CA ASP F 145 -58.77 -20.17 76.46
C ASP F 145 -59.12 -21.05 75.27
N ASN F 146 -59.45 -22.32 75.54
CA ASN F 146 -59.75 -23.26 74.47
C ASN F 146 -60.97 -22.82 73.66
N GLU F 147 -62.03 -22.35 74.34
CA GLU F 147 -63.18 -21.81 73.62
C GLU F 147 -62.78 -20.58 72.82
N CYS F 148 -61.98 -19.69 73.42
CA CYS F 148 -61.48 -18.52 72.70
C CYS F 148 -60.59 -18.92 71.53
N MET F 149 -59.82 -20.01 71.68
CA MET F 149 -59.03 -20.50 70.56
C MET F 149 -59.93 -20.93 69.40
N GLU F 150 -61.06 -21.57 69.71
CA GLU F 150 -61.97 -22.00 68.66
C GLU F 150 -62.50 -20.83 67.85
N SER F 151 -62.76 -19.70 68.51
CA SER F 151 -63.28 -18.53 67.80
C SER F 151 -62.29 -18.05 66.75
N VAL F 152 -61.00 -18.06 67.08
CA VAL F 152 -59.98 -17.69 66.10
C VAL F 152 -59.92 -18.72 64.97
N ARG F 153 -60.13 -20.00 65.29
CA ARG F 153 -60.00 -21.05 64.28
C ARG F 153 -61.24 -21.23 63.42
N ASN F 154 -62.37 -20.58 63.74
CA ASN F 154 -63.53 -20.59 62.86
C ASN F 154 -64.01 -19.18 62.52
N GLY F 155 -63.25 -18.14 62.86
CA GLY F 155 -63.52 -16.81 62.38
C GLY F 155 -64.48 -15.98 63.20
N THR F 156 -64.51 -16.13 64.52
CA THR F 156 -65.48 -15.44 65.36
C THR F 156 -64.81 -14.85 66.60
N TYR F 157 -63.68 -14.17 66.42
CA TYR F 157 -62.97 -13.54 67.52
C TYR F 157 -63.50 -12.12 67.73
N ASP F 158 -64.06 -11.86 68.91
CA ASP F 158 -64.61 -10.55 69.25
C ASP F 158 -63.50 -9.67 69.79
N TYR F 159 -63.07 -8.70 68.98
CA TYR F 159 -61.97 -7.83 69.39
C TYR F 159 -62.29 -6.99 70.63
N PRO F 160 -63.38 -6.21 70.68
CA PRO F 160 -63.56 -5.31 71.84
C PRO F 160 -63.77 -6.03 73.16
N GLN F 161 -64.06 -7.33 73.13
CA GLN F 161 -64.24 -8.07 74.38
C GLN F 161 -62.98 -8.06 75.25
N TYR F 162 -61.80 -8.00 74.62
CA TYR F 162 -60.54 -8.04 75.34
C TYR F 162 -59.64 -6.85 74.96
N SER F 163 -60.26 -5.71 74.63
CA SER F 163 -59.48 -4.58 74.14
C SER F 163 -58.69 -3.91 75.26
N GLU F 164 -59.38 -3.37 76.26
CA GLU F 164 -58.68 -2.64 77.32
C GLU F 164 -57.79 -3.55 78.14
N GLU F 165 -58.15 -4.83 78.24
CA GLU F 165 -57.30 -5.79 78.94
C GLU F 165 -55.95 -5.92 78.24
N ALA F 166 -55.96 -5.91 76.91
CA ALA F 166 -54.70 -5.86 76.16
C ALA F 166 -53.96 -4.56 76.41
N ARG F 167 -54.68 -3.44 76.46
CA ARG F 167 -54.05 -2.13 76.58
C ARG F 167 -53.32 -1.97 77.91
N LEU F 168 -53.90 -2.50 79.00
CA LEU F 168 -53.25 -2.37 80.30
C LEU F 168 -51.88 -3.04 80.30
N LYS F 169 -51.79 -4.25 79.74
CA LYS F 169 -50.51 -4.92 79.62
C LYS F 169 -49.65 -4.27 78.54
N ARG F 170 -50.27 -3.86 77.43
CA ARG F 170 -49.51 -3.28 76.31
C ARG F 170 -48.78 -2.01 76.74
N GLU F 171 -49.46 -1.14 77.47
CA GLU F 171 -48.84 0.09 77.96
C GLU F 171 -47.89 -0.17 79.13
N GLU F 172 -47.95 -1.34 79.75
CA GLU F 172 -47.04 -1.73 80.82
C GLU F 172 -45.90 -2.61 80.33
N ILE F 173 -46.15 -3.48 79.36
CA ILE F 173 -45.09 -4.33 78.80
C ILE F 173 -44.02 -3.47 78.14
N SER F 174 -44.44 -2.48 77.35
CA SER F 174 -43.49 -1.61 76.67
C SER F 174 -42.75 -0.69 77.62
N SER F 175 -43.17 -0.60 78.88
CA SER F 175 -42.45 0.19 79.87
C SER F 175 -41.24 -0.54 80.42
N GLY F 176 -41.14 -1.85 80.22
CA GLY F 176 -40.03 -2.63 80.72
C GLY F 176 -40.18 -3.01 82.19
N PRO G 3 64.95 15.26 -58.68
CA PRO G 3 64.26 15.82 -57.52
C PRO G 3 63.84 14.74 -56.52
N GLY G 4 63.19 15.16 -55.44
CA GLY G 4 62.75 14.23 -54.42
C GLY G 4 62.72 14.91 -53.06
N ASP G 5 62.81 14.09 -52.01
CA ASP G 5 62.77 14.55 -50.63
C ASP G 5 61.50 15.36 -50.35
N GLN G 6 60.38 14.63 -50.39
CA GLN G 6 59.06 15.22 -50.23
C GLN G 6 58.40 14.76 -48.93
N ILE G 7 57.72 15.69 -48.26
CA ILE G 7 56.87 15.41 -47.12
C ILE G 7 55.45 15.84 -47.49
N CYS G 8 54.48 14.99 -47.18
CA CYS G 8 53.10 15.21 -47.60
C CYS G 8 52.18 15.26 -46.39
N ILE G 9 51.09 16.01 -46.53
CA ILE G 9 50.05 16.13 -45.52
C ILE G 9 48.81 15.40 -46.02
N GLY G 10 48.22 14.57 -45.16
CA GLY G 10 47.05 13.81 -45.56
C GLY G 10 46.21 13.42 -44.37
N TYR G 11 45.10 12.73 -44.66
CA TYR G 11 44.15 12.35 -43.64
C TYR G 11 43.71 10.91 -43.85
N HIS G 12 42.98 10.39 -42.87
CA HIS G 12 42.61 8.98 -42.79
C HIS G 12 41.45 8.65 -43.73
N ALA G 13 41.47 7.42 -44.25
CA ALA G 13 40.38 6.90 -45.06
C ALA G 13 40.27 5.40 -44.81
N ASN G 14 39.07 4.86 -45.00
CA ASN G 14 38.83 3.44 -44.78
C ASN G 14 37.85 2.93 -45.84
N ASN G 15 37.38 1.71 -45.66
CA ASN G 15 36.41 1.08 -46.57
C ASN G 15 35.00 1.10 -46.00
N SER G 16 34.64 2.15 -45.26
CA SER G 16 33.32 2.26 -44.67
C SER G 16 32.33 2.85 -45.66
N THR G 17 31.08 2.39 -45.57
CA THR G 17 30.01 2.88 -46.43
C THR G 17 28.97 3.69 -45.66
N GLU G 18 29.19 3.94 -44.37
CA GLU G 18 28.20 4.63 -43.56
C GLU G 18 28.02 6.06 -44.05
N GLN G 19 26.77 6.48 -44.19
CA GLN G 19 26.43 7.80 -44.70
C GLN G 19 25.75 8.63 -43.63
N VAL G 20 26.04 9.92 -43.61
CA VAL G 20 25.37 10.87 -42.73
C VAL G 20 24.81 12.00 -43.59
N ASP G 21 23.75 12.62 -43.09
CA ASP G 21 23.16 13.79 -43.73
C ASP G 21 23.59 15.04 -42.97
N THR G 22 23.87 16.10 -43.71
CA THR G 22 24.27 17.37 -43.14
C THR G 22 23.33 18.47 -43.65
N ILE G 23 23.48 19.66 -43.06
CA ILE G 23 22.54 20.74 -43.33
C ILE G 23 22.60 21.17 -44.79
N MET G 24 23.76 21.02 -45.45
CA MET G 24 23.92 21.44 -46.83
C MET G 24 24.15 20.30 -47.81
N GLU G 25 24.54 19.12 -47.34
CA GLU G 25 24.84 18.01 -48.23
C GLU G 25 24.21 16.74 -47.69
N LYS G 26 23.64 15.94 -48.59
CA LYS G 26 22.95 14.71 -48.24
C LYS G 26 23.75 13.49 -48.71
N ASN G 27 23.64 12.40 -47.95
CA ASN G 27 24.28 11.13 -48.27
C ASN G 27 25.80 11.30 -48.39
N VAL G 28 26.41 11.72 -47.29
CA VAL G 28 27.86 11.93 -47.22
C VAL G 28 28.46 10.72 -46.53
N THR G 29 29.28 9.97 -47.27
CA THR G 29 29.96 8.81 -46.69
C THR G 29 31.08 9.28 -45.76
N VAL G 30 31.15 8.65 -44.58
CA VAL G 30 32.13 9.01 -43.56
C VAL G 30 32.85 7.75 -43.09
N THR G 31 34.02 7.97 -42.49
CA THR G 31 34.80 6.83 -41.98
C THR G 31 34.13 6.22 -40.75
N HIS G 32 33.61 7.06 -39.86
CA HIS G 32 32.96 6.58 -38.64
C HIS G 32 31.72 7.42 -38.37
N ALA G 33 30.72 6.79 -37.76
CA ALA G 33 29.48 7.48 -37.43
C ALA G 33 28.87 6.84 -36.18
N GLN G 34 28.04 7.62 -35.50
CA GLN G 34 27.38 7.19 -34.27
C GLN G 34 25.91 7.55 -34.36
N ASP G 35 25.05 6.60 -34.02
CA ASP G 35 23.60 6.81 -33.99
C ASP G 35 23.18 7.09 -32.56
N ILE G 36 22.46 8.19 -32.35
CA ILE G 36 22.02 8.61 -31.02
C ILE G 36 20.53 8.37 -30.81
N LEU G 37 19.89 7.61 -31.68
CA LEU G 37 18.47 7.30 -31.58
C LEU G 37 18.30 5.87 -31.11
N GLU G 38 17.45 5.67 -30.11
CA GLU G 38 17.15 4.32 -29.61
C GLU G 38 16.00 3.75 -30.44
N LYS G 39 16.22 2.57 -31.01
CA LYS G 39 15.28 1.99 -31.96
C LYS G 39 14.78 0.60 -31.59
N THR G 40 15.32 -0.02 -30.55
CA THR G 40 15.04 -1.42 -30.25
C THR G 40 14.34 -1.54 -28.89
N HIS G 41 13.27 -2.33 -28.87
CA HIS G 41 12.64 -2.76 -27.62
C HIS G 41 12.73 -4.28 -27.55
N ASN G 42 12.77 -4.81 -26.32
CA ASN G 42 13.01 -6.22 -26.12
C ASN G 42 11.75 -7.06 -26.33
N GLY G 43 10.60 -6.44 -26.55
CA GLY G 43 9.39 -7.17 -26.85
C GLY G 43 8.71 -7.81 -25.66
N LYS G 44 9.09 -7.45 -24.44
CA LYS G 44 8.52 -8.03 -23.24
C LYS G 44 8.22 -6.93 -22.23
N LEU G 45 7.31 -7.22 -21.31
CA LEU G 45 7.04 -6.35 -20.18
C LEU G 45 7.97 -6.72 -19.04
N CYS G 46 8.67 -5.73 -18.50
CA CYS G 46 9.68 -5.95 -17.48
C CYS G 46 9.32 -5.25 -16.18
N ASP G 47 10.07 -5.58 -15.13
CA ASP G 47 9.98 -4.84 -13.89
C ASP G 47 10.51 -3.42 -14.10
N LEU G 48 9.89 -2.46 -13.43
CA LEU G 48 10.30 -1.06 -13.52
C LEU G 48 11.11 -0.73 -12.27
N ASN G 49 12.40 -0.46 -12.46
CA ASN G 49 13.31 -0.12 -11.37
C ASN G 49 13.30 -1.18 -10.27
N GLY G 50 13.23 -2.44 -10.68
CA GLY G 50 13.30 -3.54 -9.75
C GLY G 50 11.98 -4.03 -9.18
N VAL G 51 10.86 -3.39 -9.53
CA VAL G 51 9.55 -3.75 -9.00
C VAL G 51 8.70 -4.30 -10.14
N LYS G 52 8.13 -5.48 -9.95
CA LYS G 52 7.33 -6.11 -10.98
C LYS G 52 5.99 -5.39 -11.11
N PRO G 53 5.45 -5.28 -12.32
CA PRO G 53 4.09 -4.76 -12.49
C PRO G 53 3.04 -5.77 -12.05
N LEU G 54 1.86 -5.25 -11.76
CA LEU G 54 0.68 -6.06 -11.49
C LEU G 54 -0.04 -6.29 -12.82
N ILE G 55 0.13 -7.47 -13.39
CA ILE G 55 -0.37 -7.79 -14.73
C ILE G 55 -1.69 -8.51 -14.57
N LEU G 56 -2.80 -7.79 -14.75
CA LEU G 56 -4.13 -8.40 -14.76
C LEU G 56 -4.37 -8.96 -16.15
N LYS G 57 -4.23 -10.29 -16.29
CA LYS G 57 -4.30 -10.91 -17.61
C LYS G 57 -5.72 -11.04 -18.13
N ASP G 58 -6.70 -11.28 -17.27
CA ASP G 58 -8.06 -11.59 -17.73
C ASP G 58 -9.13 -10.70 -17.10
N CYS G 59 -8.75 -9.68 -16.34
CA CYS G 59 -9.73 -8.87 -15.64
C CYS G 59 -9.27 -7.42 -15.59
N SER G 60 -10.24 -6.54 -15.36
CA SER G 60 -9.98 -5.13 -15.11
C SER G 60 -9.69 -4.90 -13.62
N VAL G 61 -9.30 -3.67 -13.31
CA VAL G 61 -9.03 -3.32 -11.91
C VAL G 61 -10.27 -3.50 -11.06
N ALA G 62 -11.43 -3.05 -11.58
CA ALA G 62 -12.68 -3.18 -10.83
C ALA G 62 -13.02 -4.63 -10.57
N GLY G 63 -12.91 -5.48 -11.59
CA GLY G 63 -13.17 -6.90 -11.40
C GLY G 63 -12.21 -7.54 -10.42
N TRP G 64 -10.94 -7.14 -10.49
CA TRP G 64 -9.95 -7.62 -9.53
C TRP G 64 -10.25 -7.13 -8.12
N LEU G 65 -10.63 -5.87 -7.97
CA LEU G 65 -10.87 -5.30 -6.65
C LEU G 65 -12.10 -5.93 -5.99
N LEU G 66 -13.21 -5.99 -6.72
CA LEU G 66 -14.45 -6.53 -6.15
C LEU G 66 -14.41 -8.04 -6.03
N GLY G 67 -13.54 -8.70 -6.79
CA GLY G 67 -13.43 -10.15 -6.71
C GLY G 67 -14.40 -10.88 -7.62
N ASN G 68 -14.37 -10.54 -8.90
CA ASN G 68 -15.18 -11.25 -9.88
C ASN G 68 -14.79 -12.71 -9.88
N PRO G 69 -15.74 -13.64 -9.69
CA PRO G 69 -15.37 -15.07 -9.63
C PRO G 69 -14.79 -15.58 -10.94
N MET G 70 -15.08 -14.95 -12.07
CA MET G 70 -14.49 -15.37 -13.33
C MET G 70 -13.04 -14.93 -13.47
N CYS G 71 -12.54 -14.07 -12.59
CA CYS G 71 -11.14 -13.67 -12.64
C CYS G 71 -10.24 -14.82 -12.20
N ASP G 72 -9.20 -15.08 -12.97
CA ASP G 72 -8.19 -16.05 -12.56
C ASP G 72 -7.45 -15.53 -11.34
N GLU G 73 -7.55 -16.26 -10.24
CA GLU G 73 -6.87 -15.86 -9.02
C GLU G 73 -5.37 -16.09 -9.15
N PHE G 74 -4.58 -15.17 -8.60
CA PHE G 74 -3.13 -15.27 -8.61
C PHE G 74 -2.61 -15.01 -7.20
N ILE G 75 -1.30 -15.21 -7.04
CA ILE G 75 -0.68 -15.01 -5.73
C ILE G 75 -0.78 -13.55 -5.35
N ARG G 76 -0.97 -13.29 -4.06
CA ARG G 76 -1.13 -11.93 -3.57
C ARG G 76 0.14 -11.11 -3.86
N VAL G 77 -0.06 -9.92 -4.41
CA VAL G 77 1.01 -9.03 -4.83
C VAL G 77 1.08 -7.87 -3.83
N PRO G 78 2.12 -7.78 -3.00
CA PRO G 78 2.17 -6.70 -2.00
C PRO G 78 2.55 -5.34 -2.56
N GLU G 79 3.25 -5.28 -3.69
CA GLU G 79 3.69 -4.02 -4.27
C GLU G 79 3.81 -4.18 -5.77
N TRP G 80 3.61 -3.07 -6.49
CA TRP G 80 3.80 -3.06 -7.92
C TRP G 80 4.17 -1.66 -8.38
N SER G 81 4.95 -1.58 -9.46
CA SER G 81 5.41 -0.31 -10.01
C SER G 81 4.41 0.29 -10.99
N TYR G 82 3.67 -0.55 -11.70
CA TYR G 82 2.61 -0.10 -12.60
C TYR G 82 1.66 -1.27 -12.80
N ILE G 83 0.50 -0.97 -13.37
CA ILE G 83 -0.54 -1.96 -13.62
C ILE G 83 -0.68 -2.17 -15.13
N VAL G 84 -0.54 -3.42 -15.56
CA VAL G 84 -0.75 -3.79 -16.95
C VAL G 84 -2.16 -4.35 -17.07
N GLU G 85 -2.95 -3.77 -17.97
CA GLU G 85 -4.32 -4.18 -18.21
C GLU G 85 -4.49 -4.44 -19.70
N ARG G 86 -5.20 -5.50 -20.04
CA ARG G 86 -5.48 -5.77 -21.44
C ARG G 86 -6.35 -4.66 -22.02
N ALA G 87 -6.20 -4.43 -23.33
CA ALA G 87 -6.93 -3.35 -23.98
C ALA G 87 -8.44 -3.55 -23.85
N ASN G 88 -8.90 -4.78 -24.01
CA ASN G 88 -10.31 -5.15 -23.83
C ASN G 88 -10.35 -6.33 -22.87
N PRO G 89 -10.31 -6.06 -21.56
CA PRO G 89 -10.28 -7.16 -20.59
C PRO G 89 -11.45 -8.12 -20.80
N ALA G 90 -11.15 -9.42 -20.82
CA ALA G 90 -12.18 -10.41 -21.07
C ALA G 90 -13.24 -10.40 -19.98
N ASN G 91 -12.86 -10.06 -18.75
CA ASN G 91 -13.80 -10.00 -17.65
C ASN G 91 -13.75 -8.63 -16.99
N ASP G 92 -14.90 -8.24 -16.47
CA ASP G 92 -15.17 -6.95 -15.85
C ASP G 92 -16.21 -7.21 -14.78
N LEU G 93 -16.97 -6.19 -14.39
CA LEU G 93 -18.12 -6.44 -13.52
C LEU G 93 -18.98 -7.54 -14.13
N CYS G 94 -19.01 -8.71 -13.49
CA CYS G 94 -19.80 -9.81 -14.00
C CYS G 94 -21.30 -9.49 -13.91
N TYR G 95 -21.72 -8.94 -12.79
CA TYR G 95 -23.04 -8.32 -12.71
C TYR G 95 -22.94 -6.93 -13.30
N PRO G 96 -23.74 -6.60 -14.32
CA PRO G 96 -23.59 -5.30 -14.99
C PRO G 96 -23.81 -4.15 -14.02
N GLY G 97 -23.04 -3.07 -14.23
CA GLY G 97 -23.13 -1.92 -13.36
C GLY G 97 -22.01 -0.92 -13.60
N SER G 98 -21.51 -0.31 -12.53
CA SER G 98 -20.47 0.70 -12.64
C SER G 98 -19.74 0.84 -11.32
N LEU G 99 -18.53 1.40 -11.38
CA LEU G 99 -17.74 1.72 -10.21
C LEU G 99 -17.50 3.22 -10.20
N ASN G 100 -17.87 3.86 -9.09
CA ASN G 100 -17.79 5.32 -9.02
C ASN G 100 -16.34 5.78 -8.97
N ASP G 101 -16.05 6.85 -9.72
CA ASP G 101 -14.71 7.41 -9.83
C ASP G 101 -13.69 6.33 -10.20
N TYR G 102 -14.07 5.52 -11.18
CA TYR G 102 -13.26 4.36 -11.57
C TYR G 102 -11.89 4.81 -12.06
N GLU G 103 -11.85 5.81 -12.93
CA GLU G 103 -10.58 6.26 -13.51
C GLU G 103 -9.67 6.85 -12.44
N GLU G 104 -10.22 7.66 -11.53
CA GLU G 104 -9.42 8.24 -10.46
C GLU G 104 -8.91 7.15 -9.53
N LEU G 105 -9.76 6.16 -9.22
CA LEU G 105 -9.31 5.03 -8.40
C LEU G 105 -8.21 4.24 -9.09
N LYS G 106 -8.35 4.02 -10.40
CA LYS G 106 -7.33 3.27 -11.13
C LYS G 106 -6.01 4.04 -11.15
N HIS G 107 -6.07 5.37 -11.25
CA HIS G 107 -4.83 6.15 -11.24
C HIS G 107 -4.13 6.06 -9.89
N MET G 108 -4.89 6.03 -8.80
CA MET G 108 -4.29 5.89 -7.47
C MET G 108 -3.58 4.56 -7.32
N LEU G 109 -4.20 3.48 -7.79
CA LEU G 109 -3.69 2.14 -7.58
C LEU G 109 -2.58 1.75 -8.56
N SER G 110 -2.21 2.65 -9.47
CA SER G 110 -1.21 2.31 -10.48
C SER G 110 0.13 1.96 -9.85
N ARG G 111 0.56 2.73 -8.84
CA ARG G 111 1.79 2.47 -8.11
C ARG G 111 1.46 2.39 -6.63
N ILE G 112 1.70 1.23 -6.02
CA ILE G 112 1.33 0.98 -4.63
C ILE G 112 2.55 0.42 -3.89
N ASN G 113 2.91 1.07 -2.78
CA ASN G 113 4.07 0.63 -2.01
C ASN G 113 3.75 -0.60 -1.18
N HIS G 114 2.55 -0.67 -0.59
CA HIS G 114 2.12 -1.85 0.17
C HIS G 114 0.64 -2.07 -0.04
N PHE G 115 0.26 -3.32 -0.29
CA PHE G 115 -1.11 -3.70 -0.59
C PHE G 115 -1.42 -5.02 0.09
N GLU G 116 -2.49 -5.05 0.87
CA GLU G 116 -2.82 -6.25 1.65
C GLU G 116 -4.32 -6.28 1.91
N LYS G 117 -4.98 -7.32 1.38
CA LYS G 117 -6.41 -7.51 1.63
C LYS G 117 -6.61 -8.06 3.04
N ILE G 118 -7.57 -7.47 3.76
CA ILE G 118 -7.93 -7.92 5.10
C ILE G 118 -9.44 -8.06 5.16
N GLN G 119 -9.91 -8.86 6.12
CA GLN G 119 -11.33 -9.02 6.38
C GLN G 119 -11.75 -8.05 7.48
N ILE G 120 -12.73 -7.21 7.18
CA ILE G 120 -13.22 -6.24 8.15
C ILE G 120 -14.61 -6.60 8.67
N ILE G 121 -15.48 -7.18 7.85
CA ILE G 121 -16.83 -7.54 8.27
C ILE G 121 -17.10 -9.00 7.90
N PRO G 122 -16.87 -9.95 8.79
CA PRO G 122 -17.14 -11.36 8.47
C PRO G 122 -18.64 -11.61 8.36
N LYS G 123 -18.97 -12.66 7.60
CA LYS G 123 -20.37 -12.98 7.33
C LYS G 123 -21.14 -13.38 8.59
N SER G 124 -20.44 -13.75 9.67
CA SER G 124 -21.11 -14.05 10.92
C SER G 124 -21.63 -12.81 11.63
N SER G 125 -21.27 -11.62 11.16
CA SER G 125 -21.71 -10.36 11.75
C SER G 125 -23.10 -9.95 11.31
N TRP G 126 -23.85 -10.82 10.61
CA TRP G 126 -25.15 -10.49 10.03
C TRP G 126 -26.17 -11.49 10.55
N PRO G 127 -26.65 -11.31 11.78
CA PRO G 127 -27.63 -12.27 12.33
C PRO G 127 -29.02 -12.13 11.73
N ASN G 128 -29.38 -10.94 11.23
CA ASN G 128 -30.74 -10.67 10.78
C ASN G 128 -30.85 -10.47 9.28
N HIS G 129 -29.80 -10.77 8.52
CA HIS G 129 -29.83 -10.71 7.07
C HIS G 129 -29.10 -11.91 6.51
N GLU G 130 -29.51 -12.35 5.32
CA GLU G 130 -28.95 -13.54 4.69
C GLU G 130 -27.73 -13.14 3.85
N THR G 131 -26.63 -13.87 4.03
CA THR G 131 -25.36 -13.54 3.39
C THR G 131 -24.97 -14.50 2.26
N SER G 132 -25.66 -15.64 2.12
CA SER G 132 -25.25 -16.66 1.17
C SER G 132 -26.18 -16.77 -0.04
N LEU G 133 -27.24 -15.97 -0.11
CA LEU G 133 -28.14 -15.99 -1.25
C LEU G 133 -27.92 -14.84 -2.22
N GLY G 134 -27.05 -13.90 -1.89
CA GLY G 134 -26.75 -12.79 -2.78
C GLY G 134 -25.90 -13.26 -3.93
N VAL G 135 -26.52 -14.01 -4.84
CA VAL G 135 -25.81 -14.91 -5.75
C VAL G 135 -26.45 -14.81 -7.13
N SER G 136 -25.63 -14.86 -8.18
CA SER G 136 -26.13 -14.75 -9.54
C SER G 136 -25.43 -15.75 -10.45
N ALA G 137 -26.18 -16.27 -11.42
CA ALA G 137 -25.62 -17.18 -12.42
C ALA G 137 -24.68 -16.47 -13.38
N ALA G 138 -24.78 -15.15 -13.50
CA ALA G 138 -23.84 -14.39 -14.31
C ALA G 138 -22.45 -14.37 -13.71
N CYS G 139 -22.29 -14.79 -12.46
CA CYS G 139 -21.01 -14.78 -11.75
C CYS G 139 -20.75 -16.15 -11.15
N PRO G 140 -20.48 -17.16 -11.98
CA PRO G 140 -20.20 -18.50 -11.43
C PRO G 140 -18.78 -18.58 -10.88
N TYR G 141 -18.64 -19.25 -9.74
CA TYR G 141 -17.31 -19.41 -9.15
C TYR G 141 -16.72 -20.80 -9.39
N GLN G 142 -17.38 -21.85 -8.89
CA GLN G 142 -16.85 -23.21 -8.95
C GLN G 142 -17.93 -24.21 -9.35
N GLY G 143 -18.66 -23.89 -10.42
CA GLY G 143 -19.76 -24.72 -10.85
C GLY G 143 -21.08 -24.38 -10.21
N ALA G 144 -21.12 -23.34 -9.38
CA ALA G 144 -22.32 -22.83 -8.75
C ALA G 144 -22.40 -21.34 -8.97
N PRO G 145 -23.60 -20.76 -8.99
CA PRO G 145 -23.71 -19.31 -9.09
C PRO G 145 -23.09 -18.64 -7.87
N SER G 146 -22.51 -17.47 -8.09
CA SER G 146 -21.81 -16.75 -7.03
C SER G 146 -21.91 -15.25 -7.34
N PHE G 147 -21.06 -14.47 -6.69
CA PHE G 147 -21.07 -13.02 -6.82
C PHE G 147 -19.64 -12.53 -6.69
N PHE G 148 -19.46 -11.21 -6.64
CA PHE G 148 -18.16 -10.67 -6.28
C PHE G 148 -17.78 -11.17 -4.89
N ARG G 149 -16.57 -11.69 -4.76
CA ARG G 149 -16.19 -12.42 -3.56
C ARG G 149 -15.64 -11.55 -2.45
N ASN G 150 -15.40 -10.26 -2.71
CA ASN G 150 -14.93 -9.34 -1.69
C ASN G 150 -16.07 -8.51 -1.08
N VAL G 151 -17.29 -8.64 -1.58
CA VAL G 151 -18.44 -7.95 -1.04
C VAL G 151 -19.57 -8.97 -0.86
N VAL G 152 -20.54 -8.60 -0.02
CA VAL G 152 -21.65 -9.48 0.31
C VAL G 152 -22.95 -8.79 -0.12
N TRP G 153 -23.72 -9.49 -0.95
CA TRP G 153 -25.03 -9.02 -1.41
C TRP G 153 -26.06 -9.51 -0.41
N LEU G 154 -26.34 -8.67 0.59
CA LEU G 154 -27.25 -9.05 1.66
C LEU G 154 -28.68 -9.17 1.15
N ILE G 155 -29.42 -10.12 1.69
CA ILE G 155 -30.80 -10.42 1.31
C ILE G 155 -31.62 -10.60 2.57
N LYS G 156 -32.93 -10.34 2.46
CA LYS G 156 -33.82 -10.46 3.60
C LYS G 156 -33.83 -11.87 4.16
N LYS G 157 -33.99 -11.97 5.47
CA LYS G 157 -34.11 -13.24 6.18
C LYS G 157 -35.46 -13.30 6.88
N ASN G 158 -36.17 -14.40 6.69
CA ASN G 158 -37.50 -14.60 7.28
C ASN G 158 -38.46 -13.47 6.88
N ASP G 159 -38.37 -13.06 5.61
CA ASP G 159 -39.23 -12.03 5.04
C ASP G 159 -39.11 -10.70 5.80
N ALA G 160 -37.94 -10.43 6.36
CA ALA G 160 -37.69 -9.19 7.07
C ALA G 160 -36.32 -8.65 6.70
N TYR G 161 -36.17 -7.33 6.80
CA TYR G 161 -34.90 -6.66 6.53
C TYR G 161 -34.77 -5.51 7.52
N PRO G 162 -34.31 -5.81 8.74
CA PRO G 162 -34.12 -4.74 9.73
C PRO G 162 -33.10 -3.72 9.25
N THR G 163 -33.30 -2.48 9.68
CA THR G 163 -32.40 -1.40 9.28
C THR G 163 -31.00 -1.64 9.83
N ILE G 164 -30.02 -1.69 8.93
CA ILE G 164 -28.64 -1.96 9.30
C ILE G 164 -28.04 -0.69 9.90
N LYS G 165 -27.33 -0.83 11.01
CA LYS G 165 -26.56 0.27 11.62
C LYS G 165 -25.25 -0.35 12.13
N ILE G 166 -24.22 -0.31 11.30
CA ILE G 166 -22.94 -0.90 11.62
C ILE G 166 -21.85 0.15 11.44
N SER G 167 -20.77 0.01 12.22
CA SER G 167 -19.63 0.90 12.13
C SER G 167 -18.36 0.06 12.18
N TYR G 168 -17.33 0.54 11.48
CA TYR G 168 -16.01 -0.09 11.51
C TYR G 168 -14.95 0.97 11.73
N ASN G 169 -14.06 0.70 12.67
CA ASN G 169 -12.97 1.61 13.03
C ASN G 169 -11.68 1.09 12.42
N ASN G 170 -10.98 1.96 11.69
CA ASN G 170 -9.71 1.60 11.05
C ASN G 170 -8.62 1.61 12.12
N THR G 171 -8.48 0.48 12.81
CA THR G 171 -7.47 0.34 13.86
C THR G 171 -6.08 0.05 13.32
N ASN G 172 -5.96 -0.16 12.01
CA ASN G 172 -4.64 -0.33 11.40
C ASN G 172 -3.93 1.02 11.29
N ARG G 173 -2.62 0.97 11.07
CA ARG G 173 -1.83 2.18 10.92
C ARG G 173 -1.79 2.69 9.48
N GLU G 174 -2.46 2.01 8.56
CA GLU G 174 -2.40 2.36 7.15
C GLU G 174 -3.78 2.75 6.64
N ASP G 175 -3.80 3.50 5.55
CA ASP G 175 -5.07 3.87 4.92
C ASP G 175 -5.76 2.62 4.39
N LEU G 176 -7.09 2.61 4.48
CA LEU G 176 -7.90 1.45 4.12
C LEU G 176 -8.80 1.81 2.95
N LEU G 177 -8.74 1.02 1.88
CA LEU G 177 -9.62 1.16 0.72
C LEU G 177 -10.83 0.25 0.91
N ILE G 178 -12.01 0.86 1.05
CA ILE G 178 -13.25 0.13 1.33
C ILE G 178 -14.20 0.32 0.16
N LEU G 179 -14.84 -0.76 -0.24
CA LEU G 179 -15.81 -0.73 -1.34
C LEU G 179 -17.15 -1.29 -0.89
N TRP G 180 -18.22 -0.61 -1.29
CA TRP G 180 -19.58 -1.06 -1.05
C TRP G 180 -20.37 -0.82 -2.33
N GLY G 181 -21.69 -1.00 -2.26
CA GLY G 181 -22.48 -0.81 -3.46
C GLY G 181 -23.96 -0.83 -3.17
N ILE G 182 -24.75 -0.62 -4.23
CA ILE G 182 -26.20 -0.59 -4.17
C ILE G 182 -26.75 -1.41 -5.33
N HIS G 183 -27.81 -2.16 -5.08
CA HIS G 183 -28.48 -2.94 -6.12
C HIS G 183 -29.69 -2.17 -6.64
N HIS G 184 -29.76 -2.01 -7.96
CA HIS G 184 -30.89 -1.36 -8.60
C HIS G 184 -31.85 -2.45 -9.06
N SER G 185 -33.02 -2.50 -8.42
CA SER G 185 -34.02 -3.51 -8.72
C SER G 185 -34.66 -3.26 -10.09
N ASN G 186 -35.44 -4.23 -10.55
CA ASN G 186 -36.09 -4.15 -11.84
C ASN G 186 -37.55 -3.73 -11.77
N ASN G 187 -38.26 -4.09 -10.71
CA ASN G 187 -39.64 -3.67 -10.51
C ASN G 187 -39.97 -3.77 -9.03
N ALA G 188 -41.19 -3.33 -8.69
CA ALA G 188 -41.60 -3.30 -7.29
C ALA G 188 -41.68 -4.71 -6.70
N GLU G 189 -42.18 -5.68 -7.47
CA GLU G 189 -42.31 -7.04 -6.95
C GLU G 189 -40.95 -7.67 -6.67
N GLU G 190 -39.99 -7.48 -7.57
CA GLU G 190 -38.64 -7.99 -7.34
C GLU G 190 -37.99 -7.30 -6.14
N GLN G 191 -38.25 -6.00 -5.96
CA GLN G 191 -37.65 -5.27 -4.85
C GLN G 191 -38.06 -5.86 -3.51
N THR G 192 -39.36 -6.14 -3.34
CA THR G 192 -39.84 -6.70 -2.09
C THR G 192 -39.48 -8.18 -1.94
N ASN G 193 -39.36 -8.90 -3.06
CA ASN G 193 -38.95 -10.30 -2.98
C ASN G 193 -37.54 -10.44 -2.42
N LEU G 194 -36.71 -9.42 -2.58
CA LEU G 194 -35.33 -9.45 -2.11
C LEU G 194 -35.12 -8.73 -0.78
N TYR G 195 -35.84 -7.63 -0.54
CA TYR G 195 -35.57 -6.79 0.62
C TYR G 195 -36.80 -6.47 1.45
N LYS G 196 -38.02 -6.73 0.96
CA LYS G 196 -39.26 -6.61 1.72
C LYS G 196 -39.62 -5.14 1.97
N ASN G 197 -38.70 -4.23 1.67
CA ASN G 197 -38.92 -2.81 1.90
C ASN G 197 -39.03 -2.09 0.55
N PRO G 198 -40.20 -1.55 0.20
CA PRO G 198 -40.33 -0.92 -1.12
C PRO G 198 -39.48 0.33 -1.29
N ILE G 199 -39.34 1.15 -0.25
CA ILE G 199 -38.58 2.39 -0.30
C ILE G 199 -37.36 2.21 0.59
N THR G 200 -36.18 2.17 -0.03
CA THR G 200 -34.95 1.86 0.68
C THR G 200 -33.92 2.96 0.46
N TYR G 201 -32.87 2.92 1.27
CA TYR G 201 -31.81 3.93 1.22
C TYR G 201 -30.52 3.29 1.73
N ILE G 202 -29.41 3.94 1.41
CA ILE G 202 -28.09 3.59 1.94
C ILE G 202 -27.42 4.87 2.43
N SER G 203 -26.93 4.84 3.67
CA SER G 203 -26.19 5.96 4.25
C SER G 203 -24.80 5.48 4.62
N VAL G 204 -23.79 6.21 4.14
CA VAL G 204 -22.39 5.92 4.47
C VAL G 204 -21.76 7.19 4.99
N GLY G 205 -21.13 7.11 6.17
CA GLY G 205 -20.59 8.28 6.81
C GLY G 205 -19.23 8.07 7.46
N THR G 206 -18.27 8.91 7.08
CA THR G 206 -16.95 8.92 7.70
C THR G 206 -16.64 10.33 8.18
N SER G 207 -15.39 10.60 8.55
CA SER G 207 -15.00 11.96 8.92
C SER G 207 -15.16 12.93 7.76
N THR G 208 -15.14 12.44 6.51
CA THR G 208 -15.28 13.29 5.34
C THR G 208 -16.41 12.88 4.41
N LEU G 209 -16.89 11.64 4.49
CA LEU G 209 -17.89 11.13 3.56
C LEU G 209 -19.29 11.28 4.16
N ASN G 210 -20.22 11.80 3.35
CA ASN G 210 -21.63 11.92 3.72
C ASN G 210 -22.44 11.54 2.48
N GLN G 211 -22.76 10.26 2.36
CA GLN G 211 -23.36 9.71 1.14
C GLN G 211 -24.79 9.25 1.41
N ARG G 212 -25.66 9.49 0.42
CA ARG G 212 -27.06 9.04 0.48
C ARG G 212 -27.40 8.42 -0.87
N LEU G 213 -27.68 7.13 -0.86
CA LEU G 213 -28.03 6.39 -2.08
C LEU G 213 -29.48 5.92 -2.00
N ALA G 214 -30.09 5.74 -3.17
CA ALA G 214 -31.44 5.24 -3.26
C ALA G 214 -31.54 4.42 -4.54
N PRO G 215 -32.12 3.22 -4.50
CA PRO G 215 -32.20 2.39 -5.70
C PRO G 215 -33.00 3.07 -6.80
N LYS G 216 -32.56 2.88 -8.04
CA LYS G 216 -33.27 3.38 -9.21
C LYS G 216 -33.96 2.20 -9.87
N ILE G 217 -35.19 1.94 -9.43
CA ILE G 217 -35.98 0.81 -9.92
C ILE G 217 -36.60 1.20 -11.25
N ALA G 218 -36.08 0.66 -12.34
CA ALA G 218 -36.55 1.00 -13.67
C ALA G 218 -36.19 -0.10 -14.64
N THR G 219 -36.79 -0.04 -15.83
CA THR G 219 -36.53 -1.03 -16.87
C THR G 219 -35.26 -0.68 -17.63
N ARG G 220 -34.37 -1.67 -17.78
CA ARG G 220 -33.12 -1.51 -18.49
C ARG G 220 -32.93 -2.69 -19.45
N SER G 221 -31.94 -2.56 -20.33
CA SER G 221 -31.65 -3.61 -21.28
C SER G 221 -30.83 -4.72 -20.62
N GLN G 222 -30.94 -5.93 -21.19
CA GLN G 222 -30.27 -7.11 -20.64
C GLN G 222 -28.78 -7.07 -20.98
N VAL G 223 -27.95 -7.04 -19.95
CA VAL G 223 -26.50 -7.18 -20.09
C VAL G 223 -26.09 -8.41 -19.28
N ASN G 224 -25.40 -9.33 -19.94
CA ASN G 224 -25.08 -10.64 -19.36
C ASN G 224 -26.34 -11.38 -18.93
N GLY G 225 -27.48 -11.08 -19.56
CA GLY G 225 -28.74 -11.67 -19.21
C GLY G 225 -29.43 -11.05 -18.02
N LEU G 226 -28.98 -9.89 -17.55
CA LEU G 226 -29.55 -9.23 -16.38
C LEU G 226 -29.95 -7.81 -16.73
N ARG G 227 -31.09 -7.37 -16.18
CA ARG G 227 -31.54 -5.99 -16.32
C ARG G 227 -31.28 -5.17 -15.07
N GLY G 228 -30.97 -5.81 -13.95
CA GLY G 228 -30.56 -5.10 -12.76
C GLY G 228 -29.14 -4.59 -12.87
N ARG G 229 -28.78 -3.70 -11.94
CA ARG G 229 -27.47 -3.06 -11.97
C ARG G 229 -26.90 -3.00 -10.56
N MET G 230 -25.57 -3.05 -10.49
CA MET G 230 -24.82 -2.93 -9.25
C MET G 230 -23.89 -1.73 -9.37
N ASP G 231 -24.21 -0.64 -8.69
CA ASP G 231 -23.37 0.55 -8.64
C ASP G 231 -22.51 0.47 -7.39
N PHE G 232 -21.19 0.47 -7.58
CA PHE G 232 -20.24 0.34 -6.49
C PHE G 232 -19.56 1.68 -6.23
N PHE G 233 -19.21 1.90 -4.96
CA PHE G 233 -18.58 3.13 -4.50
C PHE G 233 -17.42 2.77 -3.59
N TRP G 234 -16.48 3.71 -3.44
CA TRP G 234 -15.28 3.46 -2.66
C TRP G 234 -14.88 4.72 -1.88
N THR G 235 -14.16 4.49 -0.80
CA THR G 235 -13.59 5.57 0.00
C THR G 235 -12.27 5.09 0.59
N ILE G 236 -11.45 6.06 1.01
CA ILE G 236 -10.20 5.79 1.71
C ILE G 236 -10.41 6.16 3.17
N LEU G 237 -10.51 5.14 4.03
CA LEU G 237 -10.72 5.39 5.45
C LEU G 237 -9.37 5.65 6.11
N LYS G 238 -9.19 6.88 6.59
CA LYS G 238 -7.95 7.24 7.26
C LYS G 238 -7.78 6.45 8.57
N PRO G 239 -6.55 6.27 9.03
CA PRO G 239 -6.35 5.56 10.30
C PRO G 239 -7.04 6.27 11.45
N ASP G 240 -7.59 5.48 12.37
CA ASP G 240 -8.35 5.90 13.54
C ASP G 240 -9.69 6.53 13.20
N ASP G 241 -10.05 6.63 11.92
CA ASP G 241 -11.38 7.07 11.53
C ASP G 241 -12.31 5.87 11.43
N ALA G 242 -13.61 6.14 11.42
CA ALA G 242 -14.61 5.09 11.35
C ALA G 242 -15.56 5.35 10.20
N ILE G 243 -16.13 4.28 9.66
CA ILE G 243 -17.10 4.33 8.58
C ILE G 243 -18.42 3.81 9.09
N HIS G 244 -19.49 4.56 8.86
CA HIS G 244 -20.81 4.24 9.39
C HIS G 244 -21.75 3.91 8.25
N PHE G 245 -22.24 2.68 8.24
CA PHE G 245 -23.19 2.22 7.23
C PHE G 245 -24.61 2.17 7.80
N GLU G 246 -25.58 2.58 7.00
CA GLU G 246 -26.98 2.48 7.36
C GLU G 246 -27.80 2.19 6.11
N SER G 247 -28.68 1.20 6.18
CA SER G 247 -29.48 0.82 5.04
C SER G 247 -30.64 -0.08 5.49
N ASN G 248 -31.74 -0.02 4.74
CA ASN G 248 -32.87 -0.92 4.93
C ASN G 248 -33.16 -1.72 3.66
N GLY G 249 -32.18 -1.84 2.77
CA GLY G 249 -32.35 -2.65 1.58
C GLY G 249 -31.34 -2.28 0.52
N ASN G 250 -31.14 -3.23 -0.41
CA ASN G 250 -30.33 -3.04 -1.61
C ASN G 250 -28.86 -2.74 -1.31
N PHE G 251 -28.40 -3.09 -0.12
CA PHE G 251 -27.04 -2.76 0.31
C PHE G 251 -26.09 -3.90 -0.04
N ILE G 252 -25.03 -3.59 -0.77
CA ILE G 252 -23.96 -4.53 -1.06
C ILE G 252 -22.85 -4.24 -0.04
N ALA G 253 -22.79 -5.06 1.00
CA ALA G 253 -21.92 -4.77 2.13
C ALA G 253 -20.47 -5.20 1.86
N PRO G 254 -19.50 -4.47 2.40
CA PRO G 254 -18.12 -4.91 2.29
C PRO G 254 -17.81 -6.04 3.25
N GLU G 255 -17.00 -7.00 2.78
CA GLU G 255 -16.42 -8.02 3.64
C GLU G 255 -14.91 -7.85 3.76
N TYR G 256 -14.24 -7.63 2.64
CA TYR G 256 -12.80 -7.42 2.61
C TYR G 256 -12.49 -5.99 2.21
N ALA G 257 -11.44 -5.43 2.81
CA ALA G 257 -10.91 -4.12 2.46
C ALA G 257 -9.42 -4.29 2.14
N TYR G 258 -8.77 -3.18 1.78
CA TYR G 258 -7.38 -3.20 1.38
C TYR G 258 -6.61 -2.14 2.15
N LYS G 259 -5.51 -2.56 2.79
CA LYS G 259 -4.58 -1.64 3.42
C LYS G 259 -3.69 -1.03 2.35
N ILE G 260 -3.72 0.30 2.23
CA ILE G 260 -3.04 1.01 1.16
C ILE G 260 -1.93 1.86 1.76
N VAL G 261 -0.73 1.74 1.20
CA VAL G 261 0.37 2.68 1.45
C VAL G 261 0.87 3.12 0.08
N LYS G 262 0.69 4.40 -0.23
CA LYS G 262 1.09 4.96 -1.52
C LYS G 262 2.23 5.95 -1.30
N LYS G 263 3.32 5.77 -2.07
CA LYS G 263 4.49 6.64 -1.99
C LYS G 263 4.96 7.07 -3.37
N GLY G 264 4.09 7.02 -4.37
CA GLY G 264 4.46 7.39 -5.72
C GLY G 264 3.30 7.12 -6.65
N ASP G 265 3.44 7.61 -7.87
CA ASP G 265 2.36 7.51 -8.86
C ASP G 265 2.88 6.94 -10.17
N SER G 266 1.96 6.35 -10.91
CA SER G 266 2.21 5.72 -12.21
C SER G 266 0.94 5.86 -13.03
N THR G 267 0.81 5.05 -14.08
CA THR G 267 -0.42 5.01 -14.85
C THR G 267 -0.78 3.55 -15.12
N ILE G 268 -1.82 3.34 -15.92
CA ILE G 268 -2.26 2.01 -16.34
C ILE G 268 -1.78 1.80 -17.77
N MET G 269 -1.03 0.72 -17.98
CA MET G 269 -0.52 0.39 -19.31
C MET G 269 -1.44 -0.65 -19.96
N LYS G 270 -1.79 -0.41 -21.22
CA LYS G 270 -2.69 -1.28 -21.98
C LYS G 270 -1.85 -2.07 -22.97
N SER G 271 -1.58 -3.34 -22.65
CA SER G 271 -0.69 -4.15 -23.47
C SER G 271 -1.06 -5.62 -23.34
N GLY G 272 -0.87 -6.35 -24.42
CA GLY G 272 -1.02 -7.80 -24.43
C GLY G 272 0.32 -8.50 -24.51
N VAL G 273 1.39 -7.77 -24.23
CA VAL G 273 2.75 -8.29 -24.35
C VAL G 273 3.08 -9.09 -23.09
N GLU G 274 3.85 -10.17 -23.27
CA GLU G 274 4.15 -11.09 -22.19
C GLU G 274 5.21 -10.54 -21.24
N TYR G 275 5.17 -11.02 -20.00
CA TYR G 275 6.18 -10.66 -19.01
C TYR G 275 7.50 -11.36 -19.33
N GLY G 276 8.61 -10.65 -19.11
CA GLY G 276 9.90 -11.15 -19.55
C GLY G 276 10.91 -11.47 -18.47
N HIS G 277 10.52 -11.34 -17.20
CA HIS G 277 11.42 -11.57 -16.07
C HIS G 277 12.68 -10.71 -16.22
N CYS G 278 12.47 -9.42 -16.40
CA CYS G 278 13.54 -8.48 -16.68
C CYS G 278 13.30 -7.20 -15.89
N ASN G 279 14.35 -6.38 -15.80
CA ASN G 279 14.26 -5.06 -15.21
C ASN G 279 14.50 -4.01 -16.29
N THR G 280 13.99 -2.81 -16.05
CA THR G 280 14.18 -1.72 -17.00
C THR G 280 13.91 -0.41 -16.29
N LYS G 281 14.46 0.67 -16.85
CA LYS G 281 14.19 2.02 -16.43
C LYS G 281 13.10 2.69 -17.25
N CYS G 282 12.78 2.13 -18.42
CA CYS G 282 11.77 2.67 -19.31
C CYS G 282 10.96 1.53 -19.90
N GLN G 283 9.64 1.61 -19.79
CA GLN G 283 8.75 0.57 -20.28
C GLN G 283 7.76 1.18 -21.27
N THR G 284 7.70 0.60 -22.46
CA THR G 284 6.70 0.93 -23.47
C THR G 284 5.74 -0.24 -23.63
N PRO G 285 4.51 0.01 -24.10
CA PRO G 285 3.52 -1.08 -24.20
C PRO G 285 3.94 -2.22 -25.12
N VAL G 286 4.90 -1.99 -26.02
CA VAL G 286 5.37 -3.05 -26.91
C VAL G 286 6.66 -3.70 -26.43
N GLY G 287 7.24 -3.22 -25.35
CA GLY G 287 8.46 -3.81 -24.81
C GLY G 287 9.34 -2.75 -24.16
N ALA G 288 10.18 -3.22 -23.25
CA ALA G 288 11.10 -2.32 -22.55
C ALA G 288 12.22 -1.86 -23.47
N ILE G 289 12.78 -0.69 -23.15
CA ILE G 289 13.89 -0.13 -23.92
C ILE G 289 14.98 0.32 -22.96
N ASN G 290 16.20 0.39 -23.47
CA ASN G 290 17.31 0.96 -22.73
C ASN G 290 17.22 2.49 -22.73
N SER G 291 17.74 3.11 -21.67
CA SER G 291 17.55 4.54 -21.42
C SER G 291 18.84 5.35 -21.56
N SER G 292 19.80 4.86 -22.35
CA SER G 292 21.06 5.58 -22.48
C SER G 292 20.96 6.74 -23.47
N MET G 293 20.33 6.51 -24.62
CA MET G 293 20.31 7.51 -25.68
C MET G 293 19.36 8.65 -25.32
N PRO G 294 19.55 9.83 -25.94
CA PRO G 294 18.64 10.95 -25.65
C PRO G 294 17.32 10.89 -26.39
N PHE G 295 17.18 10.06 -27.42
CA PHE G 295 15.96 9.99 -28.19
C PHE G 295 15.60 8.53 -28.47
N HIS G 296 14.30 8.28 -28.67
CA HIS G 296 13.82 6.97 -29.04
C HIS G 296 12.58 7.13 -29.91
N ASN G 297 12.27 6.08 -30.67
CA ASN G 297 11.16 6.13 -31.63
C ASN G 297 10.27 4.90 -31.51
N ILE G 298 10.15 4.34 -30.30
CA ILE G 298 9.44 3.08 -30.12
C ILE G 298 7.95 3.31 -29.96
N HIS G 299 7.55 4.04 -28.92
CA HIS G 299 6.14 4.18 -28.58
C HIS G 299 5.98 5.41 -27.69
N PRO G 300 4.85 6.12 -27.80
CA PRO G 300 4.67 7.34 -26.99
C PRO G 300 4.20 7.09 -25.56
N LEU G 301 3.57 5.95 -25.28
CA LEU G 301 2.92 5.73 -23.98
C LEU G 301 3.86 4.98 -23.04
N THR G 302 4.94 5.66 -22.66
CA THR G 302 6.00 5.06 -21.86
C THR G 302 5.77 5.33 -20.37
N ILE G 303 6.33 4.44 -19.54
CA ILE G 303 6.41 4.63 -18.10
C ILE G 303 7.86 4.48 -17.68
N GLY G 304 8.36 5.46 -16.95
CA GLY G 304 9.72 5.44 -16.45
C GLY G 304 10.50 6.66 -16.90
N GLU G 305 11.81 6.63 -16.63
CA GLU G 305 12.72 7.67 -17.08
C GLU G 305 13.18 7.29 -18.48
N CYS G 306 12.63 7.95 -19.50
CA CYS G 306 12.78 7.55 -20.88
C CYS G 306 13.42 8.67 -21.70
N PRO G 307 14.04 8.32 -22.83
CA PRO G 307 14.45 9.35 -23.80
C PRO G 307 13.23 10.05 -24.39
N LYS G 308 13.51 11.10 -25.15
CA LYS G 308 12.43 11.86 -25.79
C LYS G 308 11.92 11.13 -27.02
N TYR G 309 10.60 10.97 -27.11
CA TYR G 309 9.99 10.28 -28.23
C TYR G 309 9.99 11.19 -29.46
N VAL G 310 10.49 10.65 -30.58
CA VAL G 310 10.55 11.37 -31.84
C VAL G 310 10.07 10.47 -32.96
N LYS G 311 9.64 11.09 -34.05
CA LYS G 311 9.16 10.34 -35.21
C LYS G 311 10.28 9.92 -36.15
N SER G 312 11.53 10.26 -35.81
CA SER G 312 12.66 10.04 -36.71
C SER G 312 12.95 8.54 -36.85
N ASN G 313 13.59 8.20 -37.97
CA ASN G 313 14.02 6.84 -38.24
C ASN G 313 15.50 6.60 -37.91
N LYS G 314 16.33 7.63 -38.01
CA LYS G 314 17.74 7.53 -37.66
C LYS G 314 18.23 8.90 -37.25
N LEU G 315 19.13 8.93 -36.26
CA LEU G 315 19.81 10.15 -35.82
C LEU G 315 21.29 9.82 -35.78
N VAL G 316 21.95 9.95 -36.93
CA VAL G 316 23.33 9.49 -37.11
C VAL G 316 24.25 10.71 -37.06
N LEU G 317 25.14 10.75 -36.06
CA LEU G 317 26.12 11.80 -35.95
C LEU G 317 27.42 11.37 -36.59
N ALA G 318 27.96 12.21 -37.48
CA ALA G 318 29.27 11.94 -38.05
C ALA G 318 30.35 12.14 -37.01
N THR G 319 31.22 11.15 -36.86
CA THR G 319 32.36 11.24 -35.95
C THR G 319 33.70 11.22 -36.67
N GLY G 320 33.81 10.48 -37.76
CA GLY G 320 35.04 10.39 -38.52
C GLY G 320 35.10 11.43 -39.63
N LEU G 321 35.98 11.16 -40.59
CA LEU G 321 36.25 12.07 -41.69
C LEU G 321 35.40 11.72 -42.90
N ARG G 322 35.23 12.69 -43.79
CA ARG G 322 34.60 12.42 -45.09
C ARG G 322 35.45 11.40 -45.84
N ASN G 323 34.80 10.37 -46.36
CA ASN G 323 35.49 9.24 -46.98
C ASN G 323 35.28 9.26 -48.48
N SER G 324 36.37 9.21 -49.23
CA SER G 324 36.31 9.23 -50.69
C SER G 324 37.00 8.00 -51.28
N GLY H 1 33.91 21.52 -46.45
CA GLY H 1 34.73 22.15 -47.49
C GLY H 1 35.00 23.61 -47.24
N LEU H 2 34.65 24.08 -46.03
CA LEU H 2 34.86 25.49 -45.70
C LEU H 2 36.32 25.87 -45.74
N PHE H 3 37.21 24.95 -45.37
CA PHE H 3 38.64 25.23 -45.33
C PHE H 3 39.40 24.64 -46.52
N GLY H 4 38.69 23.93 -47.41
CA GLY H 4 39.25 23.54 -48.69
C GLY H 4 40.50 22.68 -48.63
N ALA H 5 40.53 21.71 -47.71
CA ALA H 5 41.67 20.82 -47.58
C ALA H 5 41.30 19.36 -47.82
N ILE H 6 40.28 18.86 -47.14
CA ILE H 6 39.93 17.44 -47.26
C ILE H 6 39.48 17.11 -48.67
N ALA H 7 38.67 17.97 -49.28
CA ALA H 7 38.32 17.85 -50.69
C ALA H 7 38.98 18.93 -51.54
N GLY H 8 39.94 19.65 -50.99
CA GLY H 8 40.58 20.75 -51.68
C GLY H 8 41.92 20.41 -52.28
N PHE H 9 42.99 21.09 -51.84
CA PHE H 9 44.30 20.82 -52.40
C PHE H 9 44.80 19.42 -52.08
N ILE H 10 44.27 18.81 -51.01
CA ILE H 10 44.42 17.37 -50.80
C ILE H 10 43.18 16.70 -51.38
N GLU H 11 43.38 15.88 -52.42
CA GLU H 11 42.27 15.36 -53.21
C GLU H 11 41.70 14.06 -52.66
N GLY H 12 42.31 13.46 -51.65
CA GLY H 12 41.78 12.21 -51.13
C GLY H 12 42.43 11.84 -49.81
N GLY H 13 41.91 10.78 -49.21
CA GLY H 13 42.40 10.28 -47.95
C GLY H 13 43.35 9.11 -48.11
N TRP H 14 44.21 8.93 -47.12
CA TRP H 14 45.22 7.87 -47.14
C TRP H 14 44.67 6.64 -46.43
N GLN H 15 44.46 5.57 -47.19
CA GLN H 15 44.08 4.29 -46.58
C GLN H 15 45.21 3.76 -45.69
N GLY H 16 46.45 4.15 -45.99
CA GLY H 16 47.59 3.73 -45.20
C GLY H 16 47.73 4.41 -43.86
N MET H 17 47.01 5.51 -43.64
CA MET H 17 47.00 6.21 -42.36
C MET H 17 46.06 5.47 -41.42
N VAL H 18 46.63 4.64 -40.54
CA VAL H 18 45.86 3.77 -39.67
C VAL H 18 46.05 4.08 -38.20
N ASP H 19 46.97 5.00 -37.86
CA ASP H 19 47.25 5.31 -36.47
C ASP H 19 46.82 6.73 -36.09
N GLY H 20 45.94 7.33 -36.88
CA GLY H 20 45.44 8.66 -36.59
C GLY H 20 44.56 9.14 -37.71
N TRP H 21 43.79 10.19 -37.43
CA TRP H 21 42.95 10.78 -38.46
C TRP H 21 43.77 11.63 -39.43
N TYR H 22 44.78 12.32 -38.93
CA TYR H 22 45.65 13.16 -39.75
C TYR H 22 47.09 12.77 -39.48
N GLY H 23 47.93 13.03 -40.47
CA GLY H 23 49.33 12.68 -40.35
C GLY H 23 50.12 13.11 -41.55
N TYR H 24 51.26 12.43 -41.73
CA TYR H 24 52.21 12.77 -42.77
C TYR H 24 52.56 11.53 -43.58
N HIS H 25 52.99 11.76 -44.82
CA HIS H 25 53.66 10.74 -45.62
C HIS H 25 54.96 11.32 -46.13
N HIS H 26 56.05 10.60 -45.91
CA HIS H 26 57.37 11.14 -46.20
C HIS H 26 58.03 10.31 -47.29
N SER H 27 58.99 10.91 -47.99
CA SER H 27 59.69 10.22 -49.07
C SER H 27 61.06 10.88 -49.24
N ASN H 28 62.09 10.22 -48.69
CA ASN H 28 63.46 10.70 -48.81
C ASN H 28 64.38 9.58 -49.25
N GLU H 29 65.69 9.80 -49.17
CA GLU H 29 66.64 8.78 -49.63
C GLU H 29 66.52 7.49 -48.84
N GLN H 30 66.18 7.57 -47.55
CA GLN H 30 66.12 6.38 -46.70
C GLN H 30 64.85 5.55 -46.88
N GLY H 31 63.85 6.06 -47.58
CA GLY H 31 62.64 5.32 -47.84
C GLY H 31 61.42 6.19 -47.64
N SER H 32 60.25 5.54 -47.63
CA SER H 32 58.98 6.22 -47.52
C SER H 32 58.08 5.49 -46.55
N GLY H 33 57.13 6.21 -45.98
CA GLY H 33 56.19 5.62 -45.03
C GLY H 33 55.26 6.69 -44.49
N TYR H 34 54.29 6.24 -43.70
CA TYR H 34 53.28 7.11 -43.11
C TYR H 34 53.59 7.37 -41.65
N ALA H 35 53.34 8.59 -41.21
CA ALA H 35 53.48 8.97 -39.81
C ALA H 35 52.27 9.82 -39.42
N ALA H 36 51.76 9.59 -38.21
CA ALA H 36 50.58 10.27 -37.71
C ALA H 36 50.98 11.37 -36.74
N ASP H 37 50.35 12.54 -36.88
CA ASP H 37 50.53 13.62 -35.91
C ASP H 37 49.60 13.33 -34.74
N LYS H 38 50.15 12.71 -33.68
CA LYS H 38 49.33 12.30 -32.55
C LYS H 38 48.72 13.51 -31.84
N GLU H 39 49.40 14.65 -31.87
CA GLU H 39 48.84 15.85 -31.24
C GLU H 39 47.57 16.31 -31.95
N SER H 40 47.58 16.31 -33.29
CA SER H 40 46.39 16.69 -34.05
C SER H 40 45.27 15.67 -33.87
N THR H 41 45.60 14.39 -33.89
CA THR H 41 44.58 13.35 -33.78
C THR H 41 43.95 13.33 -32.39
N GLN H 42 44.76 13.49 -31.35
CA GLN H 42 44.23 13.41 -29.98
C GLN H 42 43.27 14.57 -29.70
N LYS H 43 43.62 15.78 -30.14
CA LYS H 43 42.71 16.91 -29.95
C LYS H 43 41.41 16.72 -30.73
N ALA H 44 41.46 16.01 -31.86
CA ALA H 44 40.26 15.68 -32.59
C ALA H 44 39.48 14.54 -31.92
N ILE H 45 40.18 13.59 -31.31
CA ILE H 45 39.50 12.54 -30.54
C ILE H 45 38.69 13.15 -29.41
N ASP H 46 39.32 14.03 -28.62
CA ASP H 46 38.65 14.62 -27.47
C ASP H 46 37.48 15.50 -27.89
N GLY H 47 37.67 16.32 -28.93
CA GLY H 47 36.63 17.25 -29.32
C GLY H 47 35.38 16.57 -29.84
N VAL H 48 35.55 15.57 -30.70
CA VAL H 48 34.39 14.87 -31.26
C VAL H 48 33.72 14.01 -30.20
N THR H 49 34.53 13.36 -29.35
CA THR H 49 33.97 12.60 -28.24
C THR H 49 33.19 13.49 -27.28
N ASN H 50 33.72 14.70 -27.02
CA ASN H 50 33.00 15.64 -26.16
C ASN H 50 31.68 16.05 -26.79
N LYS H 51 31.66 16.26 -28.11
CA LYS H 51 30.44 16.66 -28.79
C LYS H 51 29.35 15.61 -28.64
N VAL H 52 29.70 14.34 -28.84
CA VAL H 52 28.71 13.27 -28.71
C VAL H 52 28.21 13.17 -27.28
N ASN H 53 29.14 13.21 -26.31
CA ASN H 53 28.75 13.13 -24.91
C ASN H 53 27.93 14.35 -24.49
N SER H 54 28.30 15.54 -24.98
CA SER H 54 27.53 16.74 -24.63
C SER H 54 26.09 16.64 -25.14
N ILE H 55 25.91 16.14 -26.36
CA ILE H 55 24.56 16.01 -26.92
C ILE H 55 23.75 15.01 -26.10
N ILE H 56 24.40 13.96 -25.61
CA ILE H 56 23.68 12.92 -24.86
C ILE H 56 23.50 13.33 -23.41
N ASP H 57 24.57 13.82 -22.77
CA ASP H 57 24.54 14.06 -21.33
C ASP H 57 23.74 15.30 -20.95
N LYS H 58 23.68 16.31 -21.81
CA LYS H 58 22.93 17.52 -21.47
C LYS H 58 21.42 17.30 -21.47
N MET H 59 20.94 16.18 -21.99
CA MET H 59 19.51 15.91 -22.01
C MET H 59 19.02 15.58 -20.60
N ASN H 60 18.03 16.33 -20.13
CA ASN H 60 17.43 16.08 -18.83
C ASN H 60 16.17 15.23 -19.03
N THR H 61 16.16 14.04 -18.42
CA THR H 61 15.03 13.13 -18.49
C THR H 61 14.41 12.98 -17.11
N GLN H 62 13.09 12.84 -17.08
CA GLN H 62 12.34 12.70 -15.84
C GLN H 62 11.39 11.51 -15.95
N PHE H 63 11.01 10.99 -14.79
CA PHE H 63 10.02 9.92 -14.75
C PHE H 63 8.65 10.48 -15.15
N GLU H 64 8.04 9.88 -16.16
CA GLU H 64 6.67 10.18 -16.53
C GLU H 64 5.95 8.88 -16.83
N ALA H 65 4.69 8.80 -16.40
CA ALA H 65 3.82 7.67 -16.70
C ALA H 65 2.77 8.15 -17.69
N VAL H 66 2.84 7.64 -18.91
CA VAL H 66 2.01 8.10 -20.02
C VAL H 66 0.98 7.03 -20.35
N GLY H 67 -0.30 7.40 -20.29
CA GLY H 67 -1.38 6.49 -20.59
C GLY H 67 -2.64 7.20 -21.06
N ARG H 68 -3.75 6.47 -21.16
CA ARG H 68 -5.01 7.01 -21.63
C ARG H 68 -6.05 6.75 -20.54
N GLU H 69 -6.23 7.71 -19.63
CA GLU H 69 -7.03 7.52 -18.43
C GLU H 69 -8.33 8.33 -18.43
N PHE H 70 -8.75 8.86 -19.58
CA PHE H 70 -9.97 9.64 -19.67
C PHE H 70 -11.02 8.88 -20.47
N ASN H 71 -12.27 9.01 -20.04
CA ASN H 71 -13.36 8.19 -20.56
C ASN H 71 -14.05 8.89 -21.75
N ASN H 72 -15.20 8.36 -22.15
CA ASN H 72 -15.89 8.86 -23.34
C ASN H 72 -16.52 10.23 -23.12
N LEU H 73 -16.70 10.65 -21.86
CA LEU H 73 -17.21 11.98 -21.56
C LEU H 73 -16.13 12.91 -21.01
N GLU H 74 -14.86 12.53 -21.18
CA GLU H 74 -13.72 13.37 -20.86
C GLU H 74 -12.84 13.56 -22.09
N ARG H 75 -13.45 13.49 -23.28
CA ARG H 75 -12.68 13.52 -24.53
C ARG H 75 -12.04 14.87 -24.78
N ARG H 76 -12.64 15.96 -24.29
CA ARG H 76 -12.04 17.27 -24.47
C ARG H 76 -10.71 17.39 -23.74
N ILE H 77 -10.58 16.74 -22.58
CA ILE H 77 -9.33 16.75 -21.85
C ILE H 77 -8.26 15.94 -22.57
N GLU H 78 -8.65 14.80 -23.14
CA GLU H 78 -7.69 14.00 -23.91
C GLU H 78 -7.21 14.75 -25.14
N ASN H 79 -8.10 15.50 -25.79
CA ASN H 79 -7.68 16.33 -26.91
C ASN H 79 -6.65 17.36 -26.47
N LEU H 80 -6.81 17.90 -25.25
CA LEU H 80 -5.77 18.74 -24.68
C LEU H 80 -4.49 17.94 -24.47
N ASN H 81 -4.62 16.70 -23.97
CA ASN H 81 -3.45 15.83 -23.85
C ASN H 81 -2.88 15.47 -25.21
N LYS H 82 -3.74 15.25 -26.20
CA LYS H 82 -3.27 14.94 -27.54
C LYS H 82 -2.48 16.10 -28.13
N LYS H 83 -2.97 17.33 -27.94
CA LYS H 83 -2.24 18.49 -28.43
C LYS H 83 -0.91 18.67 -27.72
N MET H 84 -0.85 18.30 -26.44
CA MET H 84 0.41 18.42 -25.70
C MET H 84 1.42 17.38 -26.16
N GLU H 85 0.99 16.12 -26.28
CA GLU H 85 1.89 15.06 -26.72
C GLU H 85 2.36 15.30 -28.15
N ASP H 86 1.45 15.70 -29.04
CA ASP H 86 1.83 15.96 -30.43
C ASP H 86 2.77 17.16 -30.52
N GLY H 87 2.52 18.20 -29.72
CA GLY H 87 3.37 19.38 -29.75
C GLY H 87 4.79 19.07 -29.31
N PHE H 88 4.93 18.28 -28.25
CA PHE H 88 6.27 17.91 -27.77
C PHE H 88 6.98 17.00 -28.77
N LEU H 89 6.23 16.12 -29.44
CA LEU H 89 6.84 15.29 -30.47
C LEU H 89 7.36 16.15 -31.62
N ASP H 90 6.60 17.16 -32.02
CA ASP H 90 7.05 18.06 -33.07
C ASP H 90 8.31 18.81 -32.65
N VAL H 91 8.33 19.30 -31.40
CA VAL H 91 9.47 20.08 -30.93
C VAL H 91 10.73 19.23 -30.92
N TRP H 92 10.63 18.02 -30.37
CA TRP H 92 11.81 17.17 -30.26
C TRP H 92 12.25 16.63 -31.62
N THR H 93 11.31 16.24 -32.47
CA THR H 93 11.66 15.71 -33.78
C THR H 93 12.38 16.77 -34.62
N TYR H 94 11.84 17.99 -34.63
CA TYR H 94 12.45 19.04 -35.43
C TYR H 94 13.84 19.40 -34.90
N ASN H 95 13.98 19.52 -33.59
CA ASN H 95 15.28 19.89 -33.01
C ASN H 95 16.30 18.79 -33.25
N ALA H 96 15.94 17.54 -32.98
CA ALA H 96 16.89 16.44 -33.12
C ALA H 96 17.33 16.27 -34.57
N GLU H 97 16.38 16.38 -35.51
CA GLU H 97 16.74 16.29 -36.92
C GLU H 97 17.66 17.43 -37.34
N LEU H 98 17.38 18.65 -36.89
CA LEU H 98 18.22 19.78 -37.27
C LEU H 98 19.55 19.75 -36.53
N LEU H 99 19.54 19.35 -35.25
CA LEU H 99 20.79 19.29 -34.49
C LEU H 99 21.78 18.33 -35.13
N VAL H 100 21.30 17.18 -35.61
CA VAL H 100 22.17 16.24 -36.30
C VAL H 100 22.70 16.84 -37.59
N LEU H 101 21.83 17.47 -38.38
CA LEU H 101 22.26 18.08 -39.64
C LEU H 101 23.28 19.19 -39.39
N MET H 102 22.97 20.09 -38.46
CA MET H 102 23.86 21.22 -38.19
C MET H 102 25.20 20.76 -37.62
N GLU H 103 25.17 19.81 -36.68
CA GLU H 103 26.41 19.38 -36.05
C GLU H 103 27.23 18.48 -36.97
N ASN H 104 26.60 17.73 -37.87
CA ASN H 104 27.38 16.95 -38.83
C ASN H 104 28.15 17.86 -39.78
N GLU H 105 27.53 18.94 -40.23
CA GLU H 105 28.24 19.89 -41.09
C GLU H 105 29.40 20.54 -40.35
N ARG H 106 29.20 20.89 -39.08
CA ARG H 106 30.28 21.47 -38.28
C ARG H 106 31.40 20.45 -38.04
N THR H 107 31.04 19.19 -37.80
CA THR H 107 32.04 18.17 -37.52
C THR H 107 32.95 17.95 -38.72
N LEU H 108 32.37 17.87 -39.92
CA LEU H 108 33.18 17.67 -41.11
C LEU H 108 34.10 18.86 -41.37
N ASP H 109 33.60 20.08 -41.12
CA ASP H 109 34.45 21.26 -41.23
C ASP H 109 35.54 21.26 -40.17
N PHE H 110 35.25 20.71 -38.98
CA PHE H 110 36.27 20.63 -37.94
C PHE H 110 37.44 19.77 -38.38
N HIS H 111 37.16 18.64 -39.02
CA HIS H 111 38.22 17.82 -39.59
C HIS H 111 38.97 18.58 -40.70
N ASP H 112 38.22 19.30 -41.54
CA ASP H 112 38.83 20.10 -42.59
C ASP H 112 39.78 21.14 -41.99
N SER H 113 39.37 21.79 -40.91
CA SER H 113 40.21 22.79 -40.28
C SER H 113 41.50 22.18 -39.72
N ASN H 114 41.40 20.98 -39.14
CA ASN H 114 42.58 20.33 -38.57
C ASN H 114 43.62 20.02 -39.66
N VAL H 115 43.18 19.51 -40.80
CA VAL H 115 44.10 19.20 -41.89
C VAL H 115 44.75 20.47 -42.41
N LYS H 116 43.95 21.52 -42.60
CA LYS H 116 44.47 22.77 -43.13
C LYS H 116 45.50 23.39 -42.19
N ASN H 117 45.22 23.37 -40.88
CA ASN H 117 46.18 23.89 -39.92
C ASN H 117 47.45 23.05 -39.86
N LEU H 118 47.32 21.73 -40.04
CA LEU H 118 48.51 20.88 -40.09
C LEU H 118 49.37 21.22 -41.30
N TYR H 119 48.73 21.53 -42.44
CA TYR H 119 49.48 21.96 -43.61
C TYR H 119 50.20 23.28 -43.36
N ASP H 120 49.55 24.22 -42.68
CA ASP H 120 50.13 25.54 -42.47
C ASP H 120 51.32 25.48 -41.52
N LYS H 121 51.26 24.64 -40.47
CA LYS H 121 52.38 24.56 -39.54
C LYS H 121 53.62 23.97 -40.21
N VAL H 122 53.45 23.06 -41.17
CA VAL H 122 54.58 22.58 -41.95
C VAL H 122 55.07 23.67 -42.90
N ARG H 123 54.13 24.37 -43.55
CA ARG H 123 54.51 25.43 -44.48
C ARG H 123 55.23 26.56 -43.75
N LEU H 124 54.78 26.90 -42.55
CA LEU H 124 55.31 28.06 -41.83
C LEU H 124 56.74 27.85 -41.34
N GLN H 125 57.20 26.60 -41.26
CA GLN H 125 58.57 26.33 -40.84
C GLN H 125 59.54 26.24 -42.02
N LEU H 126 59.12 25.58 -43.10
CA LEU H 126 60.00 25.40 -44.25
C LEU H 126 60.29 26.73 -44.94
N ARG H 127 59.27 27.59 -45.06
CA ARG H 127 59.40 28.91 -45.70
C ARG H 127 59.94 28.69 -47.12
N ASP H 128 61.02 29.35 -47.51
CA ASP H 128 61.58 29.17 -48.85
C ASP H 128 62.50 27.96 -48.96
N ASN H 129 62.78 27.26 -47.85
CA ASN H 129 63.61 26.07 -47.91
C ASN H 129 62.91 24.90 -48.60
N ALA H 130 61.61 25.01 -48.86
CA ALA H 130 60.88 23.96 -49.57
C ALA H 130 59.91 24.61 -50.55
N LYS H 131 59.43 23.79 -51.49
CA LYS H 131 58.53 24.23 -52.55
C LYS H 131 57.13 23.72 -52.28
N GLU H 132 56.14 24.61 -52.35
CA GLU H 132 54.74 24.22 -52.22
C GLU H 132 54.26 23.61 -53.53
N LEU H 133 53.86 22.34 -53.48
CA LEU H 133 53.38 21.63 -54.66
C LEU H 133 51.87 21.80 -54.90
N GLY H 134 51.15 22.40 -53.96
CA GLY H 134 49.73 22.61 -54.15
C GLY H 134 48.89 21.35 -54.18
N ASN H 135 49.42 20.23 -53.68
CA ASN H 135 48.69 18.97 -53.64
C ASN H 135 48.73 18.33 -52.26
N GLY H 136 49.19 19.04 -51.25
CA GLY H 136 49.40 18.47 -49.94
C GLY H 136 50.85 18.15 -49.61
N CYS H 137 51.74 18.23 -50.60
CA CYS H 137 53.13 17.83 -50.44
C CYS H 137 54.05 19.03 -50.58
N PHE H 138 55.19 18.96 -49.90
CA PHE H 138 56.28 19.92 -50.05
C PHE H 138 57.50 19.18 -50.60
N GLU H 139 58.27 19.88 -51.44
CA GLU H 139 59.53 19.35 -51.93
C GLU H 139 60.67 20.18 -51.36
N PHE H 140 61.58 19.51 -50.66
CA PHE H 140 62.69 20.19 -50.01
C PHE H 140 63.74 20.61 -51.03
N TYR H 141 64.26 21.83 -50.86
CA TYR H 141 65.43 22.27 -51.62
C TYR H 141 66.73 21.78 -51.01
N HIS H 142 66.67 21.06 -49.88
CA HIS H 142 67.82 20.49 -49.22
C HIS H 142 67.58 18.99 -49.00
N LYS H 143 68.55 18.34 -48.38
CA LYS H 143 68.47 16.92 -48.07
C LYS H 143 67.96 16.74 -46.64
N CYS H 144 66.79 16.12 -46.50
CA CYS H 144 66.11 15.98 -45.22
C CYS H 144 66.09 14.50 -44.85
N ASP H 145 66.84 14.14 -43.83
CA ASP H 145 66.91 12.75 -43.37
C ASP H 145 65.72 12.45 -42.46
N ASN H 146 65.64 11.20 -42.01
CA ASN H 146 64.52 10.80 -41.16
C ASN H 146 64.49 11.59 -39.86
N GLU H 147 65.65 12.06 -39.39
CA GLU H 147 65.66 12.95 -38.23
C GLU H 147 65.13 14.34 -38.59
N CYS H 148 65.52 14.85 -39.76
CA CYS H 148 64.98 16.13 -40.21
C CYS H 148 63.47 16.04 -40.47
N MET H 149 63.02 14.93 -41.06
CA MET H 149 61.59 14.74 -41.28
C MET H 149 60.82 14.79 -39.98
N GLU H 150 61.34 14.13 -38.94
CA GLU H 150 60.70 14.17 -37.63
C GLU H 150 60.67 15.58 -37.05
N SER H 151 61.69 16.40 -37.37
CA SER H 151 61.73 17.76 -36.87
C SER H 151 60.56 18.59 -37.40
N VAL H 152 60.20 18.38 -38.66
CA VAL H 152 59.05 19.09 -39.23
C VAL H 152 57.76 18.60 -38.60
N ARG H 153 57.65 17.29 -38.35
CA ARG H 153 56.40 16.73 -37.87
C ARG H 153 56.05 17.21 -36.47
N ASN H 154 57.04 17.35 -35.59
CA ASN H 154 56.79 17.75 -34.22
C ASN H 154 56.96 19.25 -33.98
N GLY H 155 57.66 19.95 -34.87
CA GLY H 155 57.81 21.38 -34.74
C GLY H 155 59.18 21.84 -34.30
N THR H 156 60.22 21.12 -34.72
CA THR H 156 61.60 21.47 -34.37
C THR H 156 62.47 21.57 -35.61
N TYR H 157 61.91 22.06 -36.72
CA TYR H 157 62.69 22.19 -37.95
C TYR H 157 63.63 23.38 -37.84
N ASP H 158 64.93 23.13 -38.02
CA ASP H 158 65.95 24.17 -37.90
C ASP H 158 66.12 24.81 -39.27
N TYR H 159 65.48 25.97 -39.46
CA TYR H 159 65.63 26.70 -40.71
C TYR H 159 67.06 27.13 -41.00
N PRO H 160 67.82 27.70 -40.05
CA PRO H 160 69.18 28.15 -40.40
C PRO H 160 70.10 27.04 -40.90
N GLN H 161 69.90 25.80 -40.44
CA GLN H 161 70.79 24.71 -40.83
C GLN H 161 70.79 24.49 -42.33
N TYR H 162 69.61 24.47 -42.94
CA TYR H 162 69.46 24.08 -44.34
C TYR H 162 69.18 25.25 -45.28
N SER H 163 69.16 26.49 -44.76
CA SER H 163 68.79 27.63 -45.60
C SER H 163 69.80 27.83 -46.73
N GLU H 164 71.08 27.59 -46.45
CA GLU H 164 72.11 27.82 -47.47
C GLU H 164 72.05 26.76 -48.56
N GLU H 165 71.93 25.49 -48.19
CA GLU H 165 71.76 24.45 -49.19
C GLU H 165 70.50 24.67 -50.02
N ALA H 166 69.43 25.16 -49.37
CA ALA H 166 68.24 25.56 -50.11
C ALA H 166 68.53 26.72 -51.06
N ARG H 167 69.30 27.71 -50.59
CA ARG H 167 69.68 28.81 -51.46
C ARG H 167 70.53 28.32 -52.62
N LEU H 168 71.48 27.42 -52.35
CA LEU H 168 72.32 26.88 -53.41
C LEU H 168 71.48 26.13 -54.45
N LYS H 169 70.49 25.36 -53.99
CA LYS H 169 69.62 24.65 -54.92
C LYS H 169 68.63 25.60 -55.61
N ARG H 170 68.21 26.67 -54.92
CA ARG H 170 67.33 27.65 -55.54
C ARG H 170 68.03 28.39 -56.68
N GLU H 171 69.30 28.72 -56.50
CA GLU H 171 70.09 29.29 -57.59
C GLU H 171 70.45 28.25 -58.64
N GLU H 172 70.50 26.97 -58.25
CA GLU H 172 70.85 25.90 -59.19
C GLU H 172 69.77 25.71 -60.25
N ILE H 173 68.54 26.15 -59.99
CA ILE H 173 67.46 26.07 -60.97
C ILE H 173 67.22 27.43 -61.64
N SER H 174 68.21 28.32 -61.62
CA SER H 174 68.09 29.61 -62.28
C SER H 174 68.77 29.57 -63.65
N GLY I 4 66.40 43.28 -38.22
CA GLY I 4 65.70 44.50 -38.60
C GLY I 4 64.46 44.74 -37.76
N ASP I 5 63.66 45.73 -38.17
CA ASP I 5 62.47 46.08 -37.44
C ASP I 5 61.42 44.97 -37.54
N GLN I 6 60.51 44.94 -36.58
CA GLN I 6 59.59 43.83 -36.44
C GLN I 6 58.21 44.32 -36.03
N ILE I 7 57.17 43.72 -36.61
CA ILE I 7 55.78 43.93 -36.22
C ILE I 7 55.15 42.56 -36.00
N CYS I 8 54.37 42.44 -34.93
CA CYS I 8 53.77 41.17 -34.56
C CYS I 8 52.27 41.35 -34.35
N ILE I 9 51.52 40.27 -34.57
CA ILE I 9 50.07 40.25 -34.42
C ILE I 9 49.73 39.39 -33.21
N GLY I 10 48.96 39.95 -32.28
CA GLY I 10 48.63 39.25 -31.05
C GLY I 10 47.24 39.63 -30.58
N TYR I 11 46.85 39.04 -29.45
CA TYR I 11 45.53 39.24 -28.89
C TYR I 11 45.64 39.39 -27.37
N HIS I 12 44.52 39.79 -26.77
CA HIS I 12 44.48 40.19 -25.37
C HIS I 12 44.55 38.98 -24.43
N ALA I 13 45.11 39.21 -23.25
CA ALA I 13 45.11 38.25 -22.16
C ALA I 13 45.06 39.02 -20.85
N ASN I 14 44.36 38.46 -19.85
CA ASN I 14 44.16 39.16 -18.60
C ASN I 14 44.18 38.17 -17.44
N ASN I 15 44.01 38.69 -16.23
CA ASN I 15 43.92 37.87 -15.02
C ASN I 15 42.45 37.53 -14.78
N SER I 16 41.97 36.54 -15.53
CA SER I 16 40.57 36.12 -15.47
C SER I 16 40.51 34.64 -15.12
N THR I 17 39.70 34.32 -14.10
CA THR I 17 39.44 32.93 -13.72
C THR I 17 38.14 32.41 -14.30
N GLU I 18 37.44 33.20 -15.12
CA GLU I 18 36.16 32.78 -15.67
C GLU I 18 36.36 31.64 -16.67
N GLN I 19 35.54 30.60 -16.55
CA GLN I 19 35.63 29.44 -17.41
C GLN I 19 34.27 29.13 -18.04
N VAL I 20 34.27 28.78 -19.31
CA VAL I 20 33.08 28.38 -20.05
C VAL I 20 33.35 27.05 -20.73
N ASP I 21 32.28 26.40 -21.17
CA ASP I 21 32.36 25.13 -21.88
C ASP I 21 31.86 25.31 -23.30
N THR I 22 32.52 24.64 -24.24
CA THR I 22 32.11 24.58 -25.62
C THR I 22 31.53 23.20 -25.91
N ILE I 23 31.00 23.03 -27.13
CA ILE I 23 30.47 21.74 -27.52
C ILE I 23 31.57 20.68 -27.63
N MET I 24 32.82 21.10 -27.81
CA MET I 24 33.93 20.16 -27.95
C MET I 24 34.98 20.25 -26.86
N GLU I 25 34.97 21.31 -26.06
CA GLU I 25 35.93 21.47 -24.96
C GLU I 25 35.20 21.91 -23.70
N LYS I 26 35.71 21.47 -22.56
CA LYS I 26 35.17 21.83 -21.27
C LYS I 26 36.22 22.61 -20.48
N ASN I 27 35.73 23.52 -19.62
CA ASN I 27 36.58 24.29 -18.71
C ASN I 27 37.65 25.09 -19.47
N VAL I 28 37.17 25.97 -20.35
CA VAL I 28 38.03 26.84 -21.14
C VAL I 28 38.01 28.21 -20.48
N THR I 29 39.13 28.61 -19.90
CA THR I 29 39.23 29.94 -19.30
C THR I 29 39.19 31.00 -20.39
N VAL I 30 38.40 32.05 -20.14
CA VAL I 30 38.21 33.13 -21.10
C VAL I 30 38.45 34.47 -20.42
N THR I 31 38.79 35.46 -21.24
CA THR I 31 39.05 36.80 -20.72
C THR I 31 37.79 37.42 -20.15
N HIS I 32 36.65 37.23 -20.81
CA HIS I 32 35.39 37.79 -20.35
C HIS I 32 34.26 36.83 -20.65
N ALA I 33 33.21 36.89 -19.84
CA ALA I 33 32.05 36.03 -20.02
C ALA I 33 30.85 36.66 -19.32
N GLN I 34 29.67 36.16 -19.66
CA GLN I 34 28.43 36.68 -19.09
C GLN I 34 27.43 35.55 -18.91
N ASP I 35 26.91 35.41 -17.69
CA ASP I 35 25.91 34.39 -17.39
C ASP I 35 24.53 34.90 -17.75
N ILE I 36 23.77 34.08 -18.47
CA ILE I 36 22.43 34.46 -18.91
C ILE I 36 21.36 33.72 -18.12
N LEU I 37 21.69 33.21 -16.94
CA LEU I 37 20.76 32.51 -16.07
C LEU I 37 20.51 33.37 -14.83
N GLU I 38 19.24 33.70 -14.59
CA GLU I 38 18.89 34.46 -13.40
C GLU I 38 18.92 33.55 -12.18
N LYS I 39 19.62 34.00 -11.13
CA LYS I 39 19.81 33.20 -9.93
C LYS I 39 19.49 33.96 -8.66
N THR I 40 18.90 35.16 -8.76
CA THR I 40 18.70 36.04 -7.62
C THR I 40 17.23 36.37 -7.45
N HIS I 41 16.71 36.13 -6.24
CA HIS I 41 15.39 36.56 -5.83
C HIS I 41 15.54 37.41 -4.57
N ASN I 42 14.51 38.21 -4.28
CA ASN I 42 14.58 39.14 -3.16
C ASN I 42 14.13 38.52 -1.84
N GLY I 43 13.64 37.29 -1.85
CA GLY I 43 13.26 36.62 -0.62
C GLY I 43 12.04 37.19 0.07
N LYS I 44 11.17 37.88 -0.66
CA LYS I 44 9.97 38.49 -0.09
C LYS I 44 8.83 38.37 -1.08
N LEU I 45 7.60 38.44 -0.55
CA LEU I 45 6.41 38.50 -1.38
C LEU I 45 6.07 39.97 -1.66
N CYS I 46 5.86 40.29 -2.94
CA CYS I 46 5.70 41.66 -3.38
C CYS I 46 4.37 41.84 -4.11
N ASP I 47 4.07 43.10 -4.42
CA ASP I 47 2.97 43.41 -5.32
C ASP I 47 3.31 42.92 -6.72
N LEU I 48 2.28 42.50 -7.45
CA LEU I 48 2.43 42.08 -8.84
C LEU I 48 1.83 43.16 -9.73
N ASN I 49 2.69 43.86 -10.48
CA ASN I 49 2.28 44.95 -11.37
C ASN I 49 1.53 46.04 -10.61
N GLY I 50 2.03 46.39 -9.43
CA GLY I 50 1.50 47.49 -8.66
C GLY I 50 0.30 47.19 -7.78
N VAL I 51 -0.11 45.92 -7.69
CA VAL I 51 -1.26 45.53 -6.89
C VAL I 51 -0.80 44.52 -5.84
N LYS I 52 -1.09 44.82 -4.58
CA LYS I 52 -0.67 43.96 -3.48
C LYS I 52 -1.47 42.66 -3.49
N PRO I 53 -0.84 41.53 -3.17
CA PRO I 53 -1.58 40.26 -3.06
C PRO I 53 -2.47 40.24 -1.83
N LEU I 54 -3.50 39.40 -1.90
CA LEU I 54 -4.36 39.12 -0.76
C LEU I 54 -3.71 37.99 0.04
N ILE I 55 -3.20 38.33 1.22
CA ILE I 55 -2.46 37.39 2.06
C ILE I 55 -3.38 36.94 3.19
N LEU I 56 -3.98 35.76 3.03
CA LEU I 56 -4.70 35.11 4.11
C LEU I 56 -3.71 34.36 4.99
N LYS I 57 -3.61 34.76 6.26
CA LYS I 57 -2.45 34.35 7.06
C LYS I 57 -2.59 32.91 7.54
N ASP I 58 -3.56 32.65 8.42
CA ASP I 58 -3.86 31.31 8.89
C ASP I 58 -5.24 30.86 8.43
N CYS I 59 -5.82 31.58 7.47
CA CYS I 59 -7.17 31.35 7.00
C CYS I 59 -7.14 30.84 5.56
N SER I 60 -8.09 29.98 5.24
CA SER I 60 -8.29 29.57 3.85
C SER I 60 -9.21 30.57 3.16
N VAL I 61 -9.38 30.38 1.85
CA VAL I 61 -10.32 31.22 1.10
C VAL I 61 -11.73 31.03 1.63
N ALA I 62 -12.13 29.78 1.87
CA ALA I 62 -13.47 29.51 2.37
C ALA I 62 -13.69 30.14 3.74
N GLY I 63 -12.71 30.02 4.64
CA GLY I 63 -12.85 30.63 5.95
C GLY I 63 -12.90 32.15 5.88
N TRP I 64 -12.10 32.73 4.98
CA TRP I 64 -12.12 34.18 4.79
C TRP I 64 -13.43 34.63 4.17
N LEU I 65 -13.95 33.89 3.20
CA LEU I 65 -15.24 34.23 2.59
C LEU I 65 -16.38 34.08 3.58
N LEU I 66 -16.46 32.92 4.24
CA LEU I 66 -17.59 32.65 5.13
C LEU I 66 -17.49 33.43 6.43
N GLY I 67 -16.30 33.82 6.84
CA GLY I 67 -16.15 34.57 8.07
C GLY I 67 -15.91 33.70 9.27
N ASN I 68 -14.90 32.85 9.21
CA ASN I 68 -14.53 32.02 10.35
C ASN I 68 -14.17 32.93 11.52
N PRO I 69 -14.87 32.82 12.66
CA PRO I 69 -14.53 33.68 13.81
C PRO I 69 -13.10 33.52 14.29
N MET I 70 -12.55 32.31 14.20
CA MET I 70 -11.16 32.09 14.56
C MET I 70 -10.21 32.79 13.60
N CYS I 71 -10.63 33.04 12.36
CA CYS I 71 -9.86 33.86 11.46
C CYS I 71 -9.96 35.33 11.88
N ASP I 72 -9.06 36.15 11.34
CA ASP I 72 -9.08 37.56 11.65
C ASP I 72 -10.19 38.28 10.89
N GLU I 73 -10.45 39.51 11.30
CA GLU I 73 -11.55 40.29 10.76
C GLU I 73 -11.29 40.66 9.30
N PHE I 74 -12.25 41.36 8.71
CA PHE I 74 -12.18 41.75 7.30
C PHE I 74 -11.43 43.07 7.21
N ILE I 75 -10.18 43.02 6.76
CA ILE I 75 -9.35 44.22 6.69
C ILE I 75 -9.59 44.93 5.36
N ARG I 76 -10.61 44.50 4.62
CA ARG I 76 -11.16 45.18 3.43
C ARG I 76 -10.08 45.56 2.41
N VAL I 77 -9.50 44.53 1.80
CA VAL I 77 -8.74 44.73 0.56
C VAL I 77 -9.71 44.98 -0.59
N PRO I 78 -9.57 46.06 -1.36
CA PRO I 78 -10.48 46.30 -2.47
C PRO I 78 -10.09 45.56 -3.75
N GLU I 79 -8.81 45.27 -3.93
CA GLU I 79 -8.35 44.54 -5.11
C GLU I 79 -7.01 43.89 -4.80
N TRP I 80 -6.73 42.78 -5.48
CA TRP I 80 -5.48 42.06 -5.28
C TRP I 80 -5.07 41.38 -6.57
N SER I 81 -3.77 41.11 -6.68
CA SER I 81 -3.20 40.48 -7.87
C SER I 81 -3.14 38.97 -7.75
N TYR I 82 -2.84 38.44 -6.56
CA TYR I 82 -2.81 37.01 -6.34
C TYR I 82 -3.10 36.73 -4.87
N ILE I 83 -3.45 35.47 -4.58
CA ILE I 83 -3.83 35.06 -3.23
C ILE I 83 -2.69 34.22 -2.65
N VAL I 84 -2.27 34.56 -1.43
CA VAL I 84 -1.23 33.84 -0.72
C VAL I 84 -1.90 33.04 0.39
N GLU I 85 -1.97 31.72 0.21
CA GLU I 85 -2.43 30.80 1.23
C GLU I 85 -1.25 30.05 1.82
N ARG I 86 -1.41 29.61 3.06
CA ARG I 86 -0.43 28.72 3.65
C ARG I 86 -0.64 27.30 3.13
N ALA I 87 0.40 26.47 3.30
CA ALA I 87 0.35 25.11 2.76
C ALA I 87 -0.83 24.34 3.33
N ASN I 88 -1.05 24.45 4.64
CA ASN I 88 -2.20 23.85 5.31
C ASN I 88 -2.82 24.92 6.20
N PRO I 89 -3.78 25.70 5.68
CA PRO I 89 -4.41 26.73 6.51
C PRO I 89 -5.10 26.13 7.73
N ALA I 90 -4.86 26.76 8.89
CA ALA I 90 -5.36 26.20 10.14
C ALA I 90 -6.86 26.39 10.29
N ASN I 91 -7.36 27.57 9.94
CA ASN I 91 -8.78 27.89 10.11
C ASN I 91 -9.43 27.98 8.73
N ASP I 92 -10.09 26.89 8.33
CA ASP I 92 -10.75 26.83 7.03
C ASP I 92 -12.26 26.71 7.15
N LEU I 93 -12.77 25.67 7.82
CA LEU I 93 -14.19 25.48 8.04
C LEU I 93 -14.37 25.04 9.49
N CYS I 94 -14.61 26.01 10.37
CA CYS I 94 -14.71 25.71 11.79
C CYS I 94 -15.82 24.71 12.06
N TYR I 95 -16.96 24.84 11.37
CA TYR I 95 -17.97 23.80 11.37
C TYR I 95 -17.68 22.84 10.21
N PRO I 96 -17.43 21.56 10.47
CA PRO I 96 -17.04 20.65 9.39
C PRO I 96 -18.10 20.57 8.30
N GLY I 97 -17.63 20.43 7.07
CA GLY I 97 -18.50 20.38 5.91
C GLY I 97 -17.74 20.53 4.62
N SER I 98 -18.27 21.29 3.66
CA SER I 98 -17.60 21.49 2.39
C SER I 98 -18.14 22.74 1.73
N LEU I 99 -17.36 23.28 0.80
CA LEU I 99 -17.80 24.37 -0.08
C LEU I 99 -17.78 23.85 -1.51
N ASN I 100 -18.95 23.87 -2.16
CA ASN I 100 -19.08 23.31 -3.49
C ASN I 100 -18.28 24.11 -4.50
N ASP I 101 -17.68 23.41 -5.47
CA ASP I 101 -16.86 24.03 -6.52
C ASP I 101 -15.78 24.91 -5.92
N TYR I 102 -15.11 24.39 -4.89
CA TYR I 102 -14.15 25.20 -4.12
C TYR I 102 -12.99 25.64 -4.99
N GLU I 103 -12.44 24.73 -5.79
CA GLU I 103 -11.24 25.06 -6.57
C GLU I 103 -11.55 26.04 -7.69
N GLU I 104 -12.68 25.87 -8.37
CA GLU I 104 -13.07 26.84 -9.38
C GLU I 104 -13.37 28.19 -8.76
N LEU I 105 -14.00 28.21 -7.60
CA LEU I 105 -14.23 29.46 -6.88
C LEU I 105 -12.90 30.10 -6.47
N LYS I 106 -11.95 29.29 -6.01
CA LYS I 106 -10.64 29.81 -5.66
C LYS I 106 -9.92 30.39 -6.88
N HIS I 107 -10.09 29.74 -8.04
CA HIS I 107 -9.47 30.25 -9.25
C HIS I 107 -10.04 31.60 -9.65
N MET I 108 -11.35 31.78 -9.53
CA MET I 108 -11.97 33.08 -9.86
C MET I 108 -11.45 34.18 -8.94
N LEU I 109 -11.39 33.90 -7.64
CA LEU I 109 -10.98 34.91 -6.66
C LEU I 109 -9.48 35.13 -6.64
N SER I 110 -8.72 34.45 -7.49
CA SER I 110 -7.27 34.62 -7.50
C SER I 110 -6.88 36.05 -7.84
N ARG I 111 -7.56 36.65 -8.81
CA ARG I 111 -7.35 38.05 -9.16
C ARG I 111 -8.72 38.73 -9.27
N ILE I 112 -8.97 39.69 -8.39
CA ILE I 112 -10.25 40.40 -8.35
C ILE I 112 -9.98 41.89 -8.50
N ASN I 113 -10.66 42.51 -9.47
CA ASN I 113 -10.43 43.93 -9.75
C ASN I 113 -11.11 44.82 -8.72
N HIS I 114 -12.26 44.41 -8.20
CA HIS I 114 -12.96 45.16 -7.17
C HIS I 114 -13.73 44.21 -6.27
N PHE I 115 -13.52 44.35 -4.96
CA PHE I 115 -14.16 43.50 -3.97
C PHE I 115 -14.76 44.37 -2.88
N GLU I 116 -16.04 44.17 -2.58
CA GLU I 116 -16.71 44.95 -1.56
C GLU I 116 -17.81 44.11 -0.93
N LYS I 117 -17.80 44.00 0.40
CA LYS I 117 -18.79 43.23 1.13
C LYS I 117 -19.98 44.13 1.44
N ILE I 118 -21.17 43.70 1.01
CA ILE I 118 -22.41 44.44 1.25
C ILE I 118 -23.42 43.51 1.92
N GLN I 119 -24.19 44.06 2.84
CA GLN I 119 -25.25 43.31 3.51
C GLN I 119 -26.49 43.26 2.62
N ILE I 120 -26.87 42.07 2.19
CA ILE I 120 -28.01 41.92 1.29
C ILE I 120 -29.26 41.52 2.08
N ILE I 121 -29.07 40.76 3.15
CA ILE I 121 -30.18 40.31 3.98
C ILE I 121 -29.84 40.51 5.45
N PRO I 122 -30.30 41.59 6.08
CA PRO I 122 -30.03 41.78 7.52
C PRO I 122 -30.84 40.80 8.36
N LYS I 123 -30.37 40.60 9.60
CA LYS I 123 -31.04 39.67 10.51
C LYS I 123 -32.46 40.13 10.85
N SER I 124 -32.80 41.39 10.60
CA SER I 124 -34.16 41.87 10.82
C SER I 124 -35.15 41.29 9.82
N SER I 125 -34.66 40.60 8.79
CA SER I 125 -35.52 39.99 7.78
C SER I 125 -36.00 38.59 8.18
N TRP I 126 -35.70 38.16 9.40
CA TRP I 126 -36.15 36.86 9.92
C TRP I 126 -36.89 37.08 11.22
N PRO I 127 -38.12 37.63 11.17
CA PRO I 127 -38.86 37.91 12.40
C PRO I 127 -39.50 36.67 12.98
N ASN I 128 -39.78 35.68 12.14
CA ASN I 128 -40.45 34.45 12.56
C ASN I 128 -39.48 33.31 12.80
N HIS I 129 -38.17 33.55 12.67
CA HIS I 129 -37.16 32.55 12.96
C HIS I 129 -36.15 33.13 13.93
N GLU I 130 -35.42 32.24 14.60
CA GLU I 130 -34.41 32.64 15.57
C GLU I 130 -33.09 32.88 14.86
N THR I 131 -32.53 34.07 15.02
CA THR I 131 -31.32 34.48 14.31
C THR I 131 -30.11 34.62 15.21
N SER I 132 -30.21 34.28 16.50
CA SER I 132 -29.10 34.46 17.43
C SER I 132 -28.76 33.20 18.23
N LEU I 133 -29.31 32.04 17.87
CA LEU I 133 -28.98 30.80 18.54
C LEU I 133 -28.17 29.84 17.68
N GLY I 134 -27.96 30.16 16.41
CA GLY I 134 -27.18 29.30 15.54
C GLY I 134 -25.69 29.45 15.72
N VAL I 135 -25.16 28.95 16.84
CA VAL I 135 -23.74 29.05 17.17
C VAL I 135 -23.23 27.66 17.54
N SER I 136 -21.91 27.52 17.48
CA SER I 136 -21.27 26.26 17.81
C SER I 136 -19.93 26.53 18.48
N ALA I 137 -19.57 25.66 19.44
CA ALA I 137 -18.27 25.77 20.09
C ALA I 137 -17.13 25.46 19.13
N ALA I 138 -17.41 24.76 18.03
CA ALA I 138 -16.39 24.55 17.01
C ALA I 138 -16.00 25.84 16.29
N CYS I 139 -16.79 26.91 16.45
CA CYS I 139 -16.51 28.22 15.87
C CYS I 139 -16.48 29.25 16.99
N PRO I 140 -15.42 29.24 17.81
CA PRO I 140 -15.39 30.13 18.97
C PRO I 140 -14.81 31.50 18.66
N TYR I 141 -15.44 32.52 19.21
CA TYR I 141 -14.91 33.89 19.21
C TYR I 141 -14.82 34.36 20.66
N GLN I 142 -13.63 34.83 21.05
CA GLN I 142 -13.37 35.29 22.41
C GLN I 142 -13.66 34.19 23.44
N GLY I 143 -13.47 32.93 23.05
CA GLY I 143 -13.70 31.80 23.93
C GLY I 143 -15.14 31.32 24.00
N ALA I 144 -16.10 32.09 23.48
CA ALA I 144 -17.51 31.74 23.50
C ALA I 144 -17.95 31.18 22.16
N PRO I 145 -18.95 30.29 22.15
CA PRO I 145 -19.42 29.74 20.88
C PRO I 145 -19.96 30.82 19.96
N SER I 146 -19.68 30.66 18.67
CA SER I 146 -20.10 31.61 17.64
C SER I 146 -20.31 30.82 16.35
N PHE I 147 -20.35 31.54 15.22
CA PHE I 147 -20.58 30.92 13.92
C PHE I 147 -19.90 31.76 12.86
N PHE I 148 -20.02 31.33 11.60
CA PHE I 148 -19.51 32.12 10.49
C PHE I 148 -20.17 33.50 10.48
N ARG I 149 -19.35 34.54 10.33
CA ARG I 149 -19.87 35.90 10.48
C ARG I 149 -20.71 36.36 9.29
N ASN I 150 -20.53 35.77 8.11
CA ASN I 150 -21.20 36.25 6.89
C ASN I 150 -22.44 35.45 6.52
N VAL I 151 -22.79 34.43 7.29
CA VAL I 151 -24.04 33.70 7.11
C VAL I 151 -24.69 33.50 8.47
N VAL I 152 -26.01 33.33 8.45
CA VAL I 152 -26.80 33.18 9.67
C VAL I 152 -27.42 31.79 9.68
N TRP I 153 -27.29 31.10 10.83
CA TRP I 153 -27.80 29.75 11.02
C TRP I 153 -29.19 29.85 11.65
N LEU I 154 -30.22 29.83 10.79
CA LEU I 154 -31.58 30.06 11.25
C LEU I 154 -32.11 28.84 11.98
N ILE I 155 -32.80 29.09 13.11
CA ILE I 155 -33.31 28.07 14.00
C ILE I 155 -34.77 28.39 14.30
N LYS I 156 -35.53 27.36 14.67
CA LYS I 156 -36.95 27.53 14.97
C LYS I 156 -37.17 28.49 16.13
N LYS I 157 -38.28 29.22 16.06
CA LYS I 157 -38.73 30.09 17.14
C LYS I 157 -40.14 29.70 17.52
N ASN I 158 -40.40 29.64 18.82
CA ASN I 158 -41.70 29.20 19.36
C ASN I 158 -42.07 27.82 18.82
N ASP I 159 -41.08 26.93 18.78
CA ASP I 159 -41.26 25.56 18.29
C ASP I 159 -41.87 25.56 16.88
N ALA I 160 -41.40 26.49 16.05
CA ALA I 160 -41.94 26.66 14.71
C ALA I 160 -40.84 27.15 13.78
N TYR I 161 -40.83 26.62 12.56
CA TYR I 161 -39.92 27.05 11.51
C TYR I 161 -40.76 27.40 10.29
N PRO I 162 -41.23 28.64 10.19
CA PRO I 162 -42.04 29.03 9.04
C PRO I 162 -41.30 28.84 7.71
N THR I 163 -42.04 28.43 6.69
CA THR I 163 -41.51 28.24 5.35
C THR I 163 -40.94 29.55 4.82
N ILE I 164 -39.62 29.59 4.62
CA ILE I 164 -38.95 30.80 4.18
C ILE I 164 -39.20 31.00 2.69
N LYS I 165 -39.66 32.20 2.32
CA LYS I 165 -39.80 32.61 0.92
C LYS I 165 -39.26 34.03 0.82
N ILE I 166 -37.97 34.14 0.50
CA ILE I 166 -37.28 35.42 0.47
C ILE I 166 -36.63 35.59 -0.90
N SER I 167 -36.42 36.85 -1.29
CA SER I 167 -35.87 37.16 -2.60
C SER I 167 -34.99 38.40 -2.48
N TYR I 168 -34.09 38.56 -3.45
CA TYR I 168 -33.19 39.71 -3.49
C TYR I 168 -32.85 40.03 -4.93
N ASN I 169 -33.19 41.24 -5.37
CA ASN I 169 -32.82 41.73 -6.69
C ASN I 169 -31.49 42.47 -6.58
N ASN I 170 -30.55 42.14 -7.45
CA ASN I 170 -29.22 42.74 -7.44
C ASN I 170 -29.32 44.12 -8.10
N THR I 171 -29.61 45.13 -7.28
CA THR I 171 -29.73 46.50 -7.78
C THR I 171 -28.39 47.14 -8.07
N ASN I 172 -27.28 46.55 -7.63
CA ASN I 172 -25.96 47.10 -7.91
C ASN I 172 -25.61 46.90 -9.38
N ARG I 173 -24.59 47.64 -9.83
CA ARG I 173 -24.10 47.54 -11.18
C ARG I 173 -22.98 46.51 -11.34
N GLU I 174 -22.64 45.79 -10.27
CA GLU I 174 -21.55 44.84 -10.28
C GLU I 174 -22.07 43.45 -9.90
N ASP I 175 -21.35 42.43 -10.36
CA ASP I 175 -21.72 41.06 -10.03
C ASP I 175 -21.64 40.83 -8.53
N LEU I 176 -22.48 39.92 -8.04
CA LEU I 176 -22.59 39.63 -6.62
C LEU I 176 -22.26 38.17 -6.35
N LEU I 177 -21.36 37.93 -5.39
CA LEU I 177 -21.01 36.58 -4.95
C LEU I 177 -21.78 36.28 -3.67
N ILE I 178 -22.73 35.34 -3.75
CA ILE I 178 -23.61 35.02 -2.64
C ILE I 178 -23.35 33.57 -2.23
N LEU I 179 -23.21 33.33 -0.93
CA LEU I 179 -22.97 32.01 -0.40
C LEU I 179 -24.05 31.64 0.61
N TRP I 180 -24.48 30.37 0.56
CA TRP I 180 -25.44 29.82 1.50
C TRP I 180 -25.08 28.38 1.78
N GLY I 181 -25.75 27.79 2.77
CA GLY I 181 -25.43 26.43 3.18
C GLY I 181 -26.64 25.67 3.65
N ILE I 182 -26.43 24.37 3.89
CA ILE I 182 -27.44 23.46 4.41
C ILE I 182 -26.82 22.64 5.53
N HIS I 183 -27.56 22.48 6.62
CA HIS I 183 -27.09 21.74 7.78
C HIS I 183 -27.62 20.31 7.72
N HIS I 184 -26.72 19.34 7.78
CA HIS I 184 -27.09 17.93 7.82
C HIS I 184 -27.21 17.49 9.27
N SER I 185 -28.42 17.12 9.68
CA SER I 185 -28.68 16.73 11.05
C SER I 185 -28.03 15.37 11.35
N ASN I 186 -27.96 15.05 12.64
CA ASN I 186 -27.37 13.81 13.11
C ASN I 186 -28.43 12.75 13.42
N ASN I 187 -29.56 13.16 13.98
CA ASN I 187 -30.66 12.24 14.25
C ASN I 187 -31.97 13.00 14.05
N ALA I 188 -33.08 12.27 14.13
CA ALA I 188 -34.38 12.90 13.89
C ALA I 188 -34.78 13.83 15.02
N GLU I 189 -34.37 13.51 16.26
CA GLU I 189 -34.65 14.40 17.38
C GLU I 189 -33.95 15.74 17.20
N GLU I 190 -32.70 15.72 16.72
CA GLU I 190 -31.96 16.94 16.48
C GLU I 190 -32.65 17.81 15.44
N GLN I 191 -33.18 17.18 14.38
CA GLN I 191 -33.90 17.92 13.36
C GLN I 191 -35.13 18.62 13.94
N THR I 192 -35.90 17.91 14.79
CA THR I 192 -37.08 18.52 15.40
C THR I 192 -36.70 19.49 16.50
N ASN I 193 -35.56 19.27 17.16
CA ASN I 193 -35.10 20.19 18.20
C ASN I 193 -34.46 21.45 17.64
N LEU I 194 -34.21 21.50 16.33
CA LEU I 194 -33.64 22.67 15.69
C LEU I 194 -34.54 23.32 14.65
N TYR I 195 -35.36 22.55 13.94
CA TYR I 195 -36.19 23.10 12.87
C TYR I 195 -37.63 22.61 12.91
N LYS I 196 -37.95 21.64 13.76
CA LYS I 196 -39.31 21.22 14.12
C LYS I 196 -39.99 20.48 12.99
N ASN I 197 -39.38 20.48 11.81
CA ASN I 197 -39.99 19.83 10.66
C ASN I 197 -39.17 18.62 10.26
N PRO I 198 -39.77 17.43 10.20
CA PRO I 198 -38.95 16.22 9.96
C PRO I 198 -38.37 16.17 8.57
N ILE I 199 -39.13 16.57 7.55
CA ILE I 199 -38.69 16.53 6.16
C ILE I 199 -38.56 17.97 5.69
N THR I 200 -37.33 18.39 5.37
CA THR I 200 -37.05 19.76 5.00
C THR I 200 -36.34 19.80 3.65
N TYR I 201 -36.29 21.00 3.07
CA TYR I 201 -35.71 21.19 1.76
C TYR I 201 -35.16 22.60 1.65
N ILE I 202 -34.34 22.82 0.62
CA ILE I 202 -33.82 24.14 0.28
C ILE I 202 -33.94 24.32 -1.23
N SER I 203 -34.58 25.41 -1.66
CA SER I 203 -34.69 25.75 -3.07
C SER I 203 -34.05 27.10 -3.30
N VAL I 204 -33.10 27.16 -4.22
CA VAL I 204 -32.41 28.39 -4.60
C VAL I 204 -32.57 28.58 -6.10
N GLY I 205 -33.10 29.71 -6.51
CA GLY I 205 -33.37 29.96 -7.91
C GLY I 205 -32.86 31.31 -8.37
N THR I 206 -32.29 31.32 -9.57
CA THR I 206 -31.88 32.54 -10.26
C THR I 206 -32.29 32.37 -11.72
N SER I 207 -31.74 33.23 -12.60
CA SER I 207 -31.96 33.06 -14.02
C SER I 207 -31.20 31.87 -14.59
N THR I 208 -30.22 31.35 -13.86
CA THR I 208 -29.43 30.20 -14.30
C THR I 208 -29.37 29.07 -13.27
N LEU I 209 -29.71 29.30 -12.01
CA LEU I 209 -29.56 28.32 -10.95
C LEU I 209 -30.92 27.74 -10.58
N ASN I 210 -31.02 26.41 -10.60
CA ASN I 210 -32.22 25.70 -10.17
C ASN I 210 -31.77 24.59 -9.23
N GLN I 211 -31.63 24.91 -7.95
CA GLN I 211 -31.04 24.01 -6.96
C GLN I 211 -32.11 23.52 -5.99
N ARG I 212 -32.11 22.21 -5.72
CA ARG I 212 -32.96 21.60 -4.70
C ARG I 212 -32.08 20.79 -3.76
N LEU I 213 -32.04 21.19 -2.50
CA LEU I 213 -31.24 20.53 -1.48
C LEU I 213 -32.14 19.92 -0.41
N ALA I 214 -31.73 18.77 0.10
CA ALA I 214 -32.37 18.13 1.23
C ALA I 214 -31.30 17.61 2.18
N PRO I 215 -31.56 17.67 3.50
CA PRO I 215 -30.55 17.22 4.46
C PRO I 215 -30.33 15.72 4.39
N LYS I 216 -29.10 15.31 4.67
CA LYS I 216 -28.71 13.91 4.75
C LYS I 216 -28.51 13.58 6.23
N ILE I 217 -29.59 13.14 6.87
CA ILE I 217 -29.58 12.84 8.30
C ILE I 217 -29.05 11.42 8.47
N ALA I 218 -27.81 11.29 8.95
CA ALA I 218 -27.17 10.00 9.09
C ALA I 218 -26.04 10.12 10.10
N THR I 219 -25.49 8.97 10.48
CA THR I 219 -24.38 8.92 11.42
C THR I 219 -23.06 9.17 10.69
N ARG I 220 -22.22 10.01 11.29
CA ARG I 220 -20.89 10.31 10.74
C ARG I 220 -19.89 10.33 11.88
N SER I 221 -18.62 10.48 11.52
CA SER I 221 -17.55 10.58 12.51
C SER I 221 -17.45 12.01 13.03
N GLN I 222 -16.81 12.16 14.19
CA GLN I 222 -16.68 13.46 14.82
C GLN I 222 -15.48 14.21 14.22
N VAL I 223 -15.74 15.40 13.68
CA VAL I 223 -14.71 16.32 13.23
C VAL I 223 -14.86 17.59 14.06
N ASN I 224 -13.81 17.94 14.81
CA ASN I 224 -13.85 19.04 15.78
C ASN I 224 -14.97 18.82 16.80
N GLY I 225 -15.18 17.57 17.18
CA GLY I 225 -16.17 17.22 18.17
C GLY I 225 -17.59 17.18 17.68
N LEU I 226 -17.83 17.39 16.39
CA LEU I 226 -19.18 17.47 15.83
C LEU I 226 -19.36 16.41 14.76
N ARG I 227 -20.50 15.72 14.81
CA ARG I 227 -20.87 14.77 13.75
C ARG I 227 -21.70 15.43 12.66
N GLY I 228 -22.22 16.63 12.88
CA GLY I 228 -22.94 17.32 11.84
C GLY I 228 -22.03 17.89 10.77
N ARG I 229 -22.64 18.15 9.60
CA ARG I 229 -21.93 18.72 8.47
C ARG I 229 -22.75 19.85 7.87
N MET I 230 -22.07 20.85 7.35
CA MET I 230 -22.71 21.97 6.66
C MET I 230 -22.09 22.10 5.28
N ASP I 231 -22.91 21.91 4.25
CA ASP I 231 -22.48 22.01 2.86
C ASP I 231 -22.84 23.39 2.33
N PHE I 232 -21.83 24.19 2.01
CA PHE I 232 -22.01 25.54 1.52
C PHE I 232 -21.91 25.58 0.00
N PHE I 233 -22.69 26.48 -0.59
CA PHE I 233 -22.75 26.65 -2.04
C PHE I 233 -22.58 28.12 -2.36
N TRP I 234 -22.44 28.42 -3.65
CA TRP I 234 -22.24 29.80 -4.08
C TRP I 234 -22.72 29.95 -5.52
N THR I 235 -22.97 31.21 -5.89
CA THR I 235 -23.31 31.56 -7.26
C THR I 235 -22.99 33.02 -7.47
N ILE I 236 -22.84 33.40 -8.73
CA ILE I 236 -22.61 34.79 -9.11
C ILE I 236 -23.93 35.34 -9.63
N LEU I 237 -24.48 36.32 -8.92
CA LEU I 237 -25.75 36.93 -9.30
C LEU I 237 -25.46 38.17 -10.14
N LYS I 238 -25.87 38.13 -11.40
CA LYS I 238 -25.61 39.24 -12.30
C LYS I 238 -26.55 40.42 -11.99
N PRO I 239 -26.18 41.63 -12.40
CA PRO I 239 -27.03 42.79 -12.13
C PRO I 239 -28.39 42.66 -12.79
N ASP I 240 -29.40 43.23 -12.14
CA ASP I 240 -30.81 43.19 -12.57
C ASP I 240 -31.37 41.78 -12.57
N ASP I 241 -30.71 40.85 -11.88
CA ASP I 241 -31.21 39.52 -11.65
C ASP I 241 -31.49 39.34 -10.16
N ALA I 242 -32.38 38.41 -9.85
CA ALA I 242 -32.78 38.16 -8.47
C ALA I 242 -32.56 36.69 -8.11
N ILE I 243 -32.29 36.46 -6.83
CA ILE I 243 -32.11 35.12 -6.28
C ILE I 243 -33.29 34.82 -5.37
N HIS I 244 -33.75 33.58 -5.38
CA HIS I 244 -34.96 33.19 -4.68
C HIS I 244 -34.67 32.01 -3.77
N PHE I 245 -34.76 32.23 -2.46
CA PHE I 245 -34.52 31.19 -1.47
C PHE I 245 -35.85 30.69 -0.91
N GLU I 246 -36.05 29.37 -0.93
CA GLU I 246 -37.18 28.74 -0.28
C GLU I 246 -36.69 27.56 0.55
N SER I 247 -37.04 27.54 1.83
CA SER I 247 -36.59 26.49 2.72
C SER I 247 -37.47 26.46 3.96
N ASN I 248 -37.81 25.25 4.42
CA ASN I 248 -38.55 25.05 5.65
C ASN I 248 -37.68 24.45 6.75
N GLY I 249 -36.37 24.57 6.64
CA GLY I 249 -35.47 24.08 7.66
C GLY I 249 -34.08 23.87 7.11
N ASN I 250 -33.13 23.73 8.05
CA ASN I 250 -31.73 23.42 7.76
C ASN I 250 -31.06 24.48 6.89
N PHE I 251 -31.65 25.67 6.78
CA PHE I 251 -31.16 26.69 5.86
C PHE I 251 -30.14 27.56 6.57
N ILE I 252 -28.95 27.67 5.97
CA ILE I 252 -27.92 28.59 6.43
C ILE I 252 -27.98 29.79 5.49
N ALA I 253 -28.64 30.86 5.94
CA ALA I 253 -29.02 31.96 5.08
C ALA I 253 -27.86 32.93 4.85
N PRO I 254 -27.84 33.59 3.69
CA PRO I 254 -26.84 34.64 3.46
C PRO I 254 -27.21 35.94 4.16
N GLU I 255 -26.23 36.58 4.77
CA GLU I 255 -26.38 37.92 5.31
C GLU I 255 -25.58 38.95 4.54
N TYR I 256 -24.28 38.72 4.37
CA TYR I 256 -23.42 39.60 3.58
C TYR I 256 -23.05 38.91 2.28
N ALA I 257 -23.00 39.69 1.21
CA ALA I 257 -22.53 39.25 -0.08
C ALA I 257 -21.26 40.04 -0.44
N TYR I 258 -20.77 39.85 -1.66
CA TYR I 258 -19.56 40.51 -2.12
C TYR I 258 -19.79 41.08 -3.52
N LYS I 259 -19.60 42.38 -3.67
CA LYS I 259 -19.56 43.01 -4.98
C LYS I 259 -18.22 42.69 -5.62
N ILE I 260 -18.25 42.00 -6.77
CA ILE I 260 -17.05 41.42 -7.37
C ILE I 260 -16.98 41.82 -8.83
N VAL I 261 -15.81 42.31 -9.25
CA VAL I 261 -15.53 42.60 -10.65
C VAL I 261 -14.20 41.92 -10.98
N LYS I 262 -14.22 41.07 -12.02
CA LYS I 262 -13.03 40.33 -12.43
C LYS I 262 -12.69 40.70 -13.86
N LYS I 263 -11.46 41.18 -14.06
CA LYS I 263 -10.95 41.51 -15.39
C LYS I 263 -9.95 40.47 -15.88
N GLY I 264 -8.88 40.23 -15.11
CA GLY I 264 -7.87 39.26 -15.45
C GLY I 264 -7.94 38.04 -14.53
N ASP I 265 -6.97 37.15 -14.74
CA ASP I 265 -6.93 35.89 -14.01
C ASP I 265 -5.52 35.66 -13.46
N SER I 266 -5.46 34.87 -12.38
CA SER I 266 -4.24 34.57 -11.66
C SER I 266 -4.40 33.16 -11.07
N THR I 267 -3.55 32.83 -10.10
CA THR I 267 -3.69 31.57 -9.37
C THR I 267 -3.42 31.82 -7.89
N ILE I 268 -3.50 30.74 -7.11
CA ILE I 268 -3.29 30.80 -5.67
C ILE I 268 -1.91 30.25 -5.35
N MET I 269 -1.12 31.04 -4.62
CA MET I 269 0.25 30.69 -4.27
C MET I 269 0.29 30.16 -2.84
N LYS I 270 0.98 29.03 -2.65
CA LYS I 270 1.22 28.49 -1.32
C LYS I 270 2.59 28.97 -0.86
N SER I 271 2.62 29.79 0.19
CA SER I 271 3.88 30.34 0.69
C SER I 271 3.70 30.82 2.12
N GLY I 272 4.83 30.97 2.80
CA GLY I 272 4.87 31.53 4.13
C GLY I 272 5.88 32.66 4.22
N VAL I 273 6.44 33.03 3.07
CA VAL I 273 7.39 34.13 3.00
C VAL I 273 6.67 35.44 3.30
N GLU I 274 7.33 36.30 4.09
CA GLU I 274 6.68 37.53 4.55
C GLU I 274 6.60 38.56 3.42
N TYR I 275 5.64 39.46 3.55
CA TYR I 275 5.44 40.52 2.57
C TYR I 275 6.52 41.59 2.72
N GLY I 276 7.11 42.00 1.59
CA GLY I 276 8.27 42.87 1.60
C GLY I 276 8.08 44.30 1.16
N HIS I 277 6.84 44.78 1.01
CA HIS I 277 6.57 46.16 0.60
C HIS I 277 7.29 46.51 -0.70
N CYS I 278 7.08 45.67 -1.72
CA CYS I 278 7.82 45.77 -2.95
C CYS I 278 6.88 45.53 -4.13
N ASN I 279 7.40 45.77 -5.34
CA ASN I 279 6.67 45.57 -6.58
C ASN I 279 7.54 44.76 -7.54
N THR I 280 6.90 43.92 -8.33
CA THR I 280 7.64 43.07 -9.27
C THR I 280 6.72 42.63 -10.39
N LYS I 281 7.34 42.19 -11.49
CA LYS I 281 6.63 41.58 -12.61
C LYS I 281 6.63 40.06 -12.55
N CYS I 282 7.35 39.46 -11.61
CA CYS I 282 7.47 38.01 -11.52
C CYS I 282 7.63 37.62 -10.06
N GLN I 283 6.71 36.81 -9.55
CA GLN I 283 6.68 36.42 -8.15
C GLN I 283 6.76 34.91 -8.03
N THR I 284 7.63 34.44 -7.13
CA THR I 284 7.79 33.04 -6.80
C THR I 284 7.49 32.84 -5.31
N PRO I 285 7.15 31.61 -4.90
CA PRO I 285 6.83 31.40 -3.48
C PRO I 285 7.99 31.69 -2.53
N VAL I 286 9.22 31.72 -3.02
CA VAL I 286 10.37 32.00 -2.16
C VAL I 286 10.88 33.44 -2.30
N GLY I 287 10.49 34.15 -3.34
CA GLY I 287 10.93 35.52 -3.53
C GLY I 287 10.49 36.05 -4.88
N ALA I 288 10.73 37.34 -5.07
CA ALA I 288 10.38 38.02 -6.30
C ALA I 288 11.61 38.16 -7.21
N ILE I 289 11.35 38.21 -8.51
CA ILE I 289 12.40 38.27 -9.52
C ILE I 289 12.20 39.53 -10.36
N ASN I 290 13.27 40.27 -10.58
CA ASN I 290 13.28 41.38 -11.54
C ASN I 290 14.47 41.16 -12.46
N SER I 291 14.22 40.60 -13.64
CA SER I 291 15.31 40.23 -14.53
C SER I 291 14.85 40.33 -15.98
N SER I 292 15.82 40.51 -16.87
CA SER I 292 15.62 40.45 -18.31
C SER I 292 16.19 39.18 -18.92
N MET I 293 16.83 38.34 -18.12
CA MET I 293 17.45 37.12 -18.65
C MET I 293 16.37 36.15 -19.13
N PRO I 294 16.67 35.37 -20.16
CA PRO I 294 15.67 34.41 -20.68
C PRO I 294 15.38 33.25 -19.75
N PHE I 295 16.31 32.87 -18.87
CA PHE I 295 16.15 31.68 -18.04
C PHE I 295 16.45 32.00 -16.59
N HIS I 296 15.87 31.20 -15.69
CA HIS I 296 16.07 31.33 -14.26
C HIS I 296 15.97 29.94 -13.63
N ASN I 297 16.45 29.83 -12.39
CA ASN I 297 16.40 28.56 -11.66
C ASN I 297 15.99 28.79 -10.21
N ILE I 298 15.07 29.71 -9.97
CA ILE I 298 14.70 30.05 -8.60
C ILE I 298 13.63 29.09 -8.08
N HIS I 299 12.52 28.97 -8.81
CA HIS I 299 11.38 28.18 -8.36
C HIS I 299 10.43 27.97 -9.55
N PRO I 300 9.82 26.79 -9.69
CA PRO I 300 8.95 26.55 -10.84
C PRO I 300 7.55 27.12 -10.71
N LEU I 301 7.09 27.46 -9.50
CA LEU I 301 5.71 27.90 -9.29
C LEU I 301 5.63 29.43 -9.30
N THR I 302 5.82 29.99 -10.48
CA THR I 302 5.89 31.44 -10.66
C THR I 302 4.55 32.01 -11.09
N ILE I 303 4.30 33.24 -10.67
CA ILE I 303 3.18 34.05 -11.14
C ILE I 303 3.74 35.34 -11.72
N GLY I 304 3.41 35.62 -12.98
CA GLY I 304 3.81 36.85 -13.61
C GLY I 304 4.45 36.58 -14.95
N GLU I 305 5.23 37.56 -15.42
CA GLU I 305 6.00 37.46 -16.65
C GLU I 305 7.43 37.12 -16.25
N CYS I 306 7.79 35.85 -16.39
CA CYS I 306 9.00 35.30 -15.79
C CYS I 306 9.91 34.68 -16.84
N PRO I 307 11.20 34.54 -16.53
CA PRO I 307 12.08 33.75 -17.40
C PRO I 307 11.66 32.29 -17.39
N LYS I 308 12.19 31.55 -18.37
CA LYS I 308 11.90 30.12 -18.48
C LYS I 308 12.67 29.35 -17.42
N TYR I 309 11.96 28.64 -16.56
CA TYR I 309 12.60 27.85 -15.51
C TYR I 309 13.31 26.65 -16.12
N VAL I 310 14.58 26.46 -15.74
CA VAL I 310 15.42 25.40 -16.29
C VAL I 310 16.15 24.70 -15.16
N LYS I 311 16.62 23.49 -15.45
CA LYS I 311 17.40 22.70 -14.50
C LYS I 311 18.88 22.94 -14.79
N SER I 312 19.36 24.09 -14.33
CA SER I 312 20.77 24.46 -14.50
C SER I 312 21.23 25.24 -13.28
N ASN I 313 22.54 25.24 -13.07
CA ASN I 313 23.17 26.08 -12.07
C ASN I 313 24.03 27.17 -12.67
N LYS I 314 24.31 27.10 -13.96
CA LYS I 314 25.09 28.12 -14.66
C LYS I 314 24.79 28.04 -16.15
N LEU I 315 24.68 29.20 -16.78
CA LEU I 315 24.56 29.31 -18.24
C LEU I 315 25.47 30.48 -18.63
N VAL I 316 26.74 30.18 -18.86
CA VAL I 316 27.78 31.20 -19.02
C VAL I 316 28.19 31.24 -20.49
N LEU I 317 27.92 32.37 -21.13
CA LEU I 317 28.35 32.59 -22.51
C LEU I 317 29.69 33.30 -22.52
N ALA I 318 30.60 32.81 -23.35
CA ALA I 318 31.90 33.47 -23.52
C ALA I 318 31.73 34.70 -24.40
N THR I 319 32.27 35.83 -23.93
CA THR I 319 32.28 37.06 -24.71
C THR I 319 33.68 37.44 -25.17
N GLY I 320 34.69 37.22 -24.34
CA GLY I 320 36.07 37.50 -24.69
C GLY I 320 36.73 36.33 -25.40
N LEU I 321 38.06 36.35 -25.41
CA LEU I 321 38.87 35.36 -26.08
C LEU I 321 39.29 34.26 -25.12
N ARG I 322 40.13 33.35 -25.61
CA ARG I 322 40.67 32.28 -24.78
C ARG I 322 41.88 32.80 -24.02
N ASN I 323 41.68 33.08 -22.74
CA ASN I 323 42.75 33.65 -21.92
C ASN I 323 43.90 32.65 -21.77
N SER I 324 45.11 33.13 -21.99
CA SER I 324 46.31 32.31 -21.88
C SER I 324 47.28 32.94 -20.90
N PRO I 325 47.71 32.22 -19.85
CA PRO I 325 48.67 32.73 -18.87
C PRO I 325 50.11 32.50 -19.30
N GLY J 1 42.24 26.58 -32.27
CA GLY J 1 41.30 27.38 -33.03
C GLY J 1 41.03 26.82 -34.41
N LEU J 2 39.87 27.16 -34.98
CA LEU J 2 39.51 26.67 -36.30
C LEU J 2 40.37 27.29 -37.40
N PHE J 3 40.85 28.52 -37.19
CA PHE J 3 41.64 29.21 -38.19
C PHE J 3 43.13 29.23 -37.83
N GLY J 4 43.53 28.47 -36.82
CA GLY J 4 44.94 28.28 -36.51
C GLY J 4 45.69 29.53 -36.09
N ALA J 5 45.03 30.39 -35.30
CA ALA J 5 45.66 31.63 -34.87
C ALA J 5 45.86 31.72 -33.37
N ILE J 6 44.79 31.52 -32.59
CA ILE J 6 44.88 31.74 -31.14
C ILE J 6 45.84 30.75 -30.51
N ALA J 7 45.75 29.48 -30.90
CA ALA J 7 46.68 28.45 -30.46
C ALA J 7 47.64 28.04 -31.57
N GLY J 8 47.59 28.72 -32.72
CA GLY J 8 48.39 28.35 -33.87
C GLY J 8 49.75 29.02 -33.89
N PHE J 9 50.02 29.81 -34.93
CA PHE J 9 51.32 30.45 -35.03
C PHE J 9 51.53 31.49 -33.93
N ILE J 10 50.46 32.12 -33.46
CA ILE J 10 50.50 32.92 -32.24
C ILE J 10 50.15 32.01 -31.08
N GLU J 11 51.07 31.87 -30.14
CA GLU J 11 50.95 30.84 -29.11
C GLU J 11 50.34 31.35 -27.81
N GLY J 12 50.60 32.59 -27.43
CA GLY J 12 50.23 33.04 -26.10
C GLY J 12 49.10 34.03 -26.03
N GLY J 13 49.46 35.31 -25.86
CA GLY J 13 48.50 36.35 -25.57
C GLY J 13 49.18 37.41 -24.73
N TRP J 14 48.97 38.68 -25.07
CA TRP J 14 49.78 39.77 -24.53
C TRP J 14 49.01 40.45 -23.41
N GLN J 15 49.50 40.28 -22.18
CA GLN J 15 48.94 41.02 -21.05
C GLN J 15 49.21 42.52 -21.15
N GLY J 16 50.21 42.92 -21.94
CA GLY J 16 50.51 44.32 -22.11
C GLY J 16 49.50 45.08 -22.94
N MET J 17 48.71 44.38 -23.75
CA MET J 17 47.66 45.01 -24.55
C MET J 17 46.38 45.04 -23.71
N VAL J 18 46.10 46.19 -23.11
CA VAL J 18 44.91 46.37 -22.27
C VAL J 18 43.92 47.34 -22.89
N ASP J 19 44.15 47.75 -24.14
CA ASP J 19 43.28 48.71 -24.82
C ASP J 19 42.42 48.05 -25.91
N GLY J 20 42.47 46.73 -26.04
CA GLY J 20 41.66 46.07 -27.04
C GLY J 20 41.87 44.57 -26.99
N TRP J 21 41.10 43.87 -27.83
CA TRP J 21 41.17 42.42 -27.91
C TRP J 21 42.23 41.95 -28.89
N TYR J 22 42.41 42.66 -30.00
CA TYR J 22 43.44 42.33 -30.98
C TYR J 22 44.30 43.56 -31.23
N GLY J 23 45.56 43.33 -31.55
CA GLY J 23 46.47 44.43 -31.76
C GLY J 23 47.84 43.98 -32.21
N TYR J 24 48.81 44.87 -32.00
CA TYR J 24 50.14 44.71 -32.57
C TYR J 24 51.21 44.95 -31.52
N HIS J 25 52.38 44.34 -31.74
CA HIS J 25 53.58 44.64 -31.00
C HIS J 25 54.69 44.98 -31.99
N HIS J 26 55.29 46.15 -31.83
CA HIS J 26 56.31 46.62 -32.76
C HIS J 26 57.67 46.68 -32.08
N SER J 27 58.72 46.60 -32.89
CA SER J 27 60.09 46.66 -32.39
C SER J 27 60.97 47.26 -33.48
N ASN J 28 61.25 48.55 -33.36
CA ASN J 28 62.13 49.26 -34.28
C ASN J 28 63.28 49.89 -33.49
N GLU J 29 64.09 50.71 -34.17
CA GLU J 29 65.17 51.41 -33.49
C GLU J 29 64.64 52.46 -32.53
N GLN J 30 63.38 52.87 -32.67
CA GLN J 30 62.80 53.89 -31.80
C GLN J 30 62.22 53.32 -30.50
N GLY J 31 62.18 52.01 -30.35
CA GLY J 31 61.73 51.40 -29.13
C GLY J 31 60.78 50.24 -29.41
N SER J 32 59.93 49.95 -28.42
CA SER J 32 58.95 48.88 -28.52
C SER J 32 57.66 49.36 -27.87
N GLY J 33 56.58 48.64 -28.15
CA GLY J 33 55.31 48.97 -27.52
C GLY J 33 54.19 48.09 -28.05
N TYR J 34 53.02 48.26 -27.43
CA TYR J 34 51.80 47.56 -27.80
C TYR J 34 50.77 48.56 -28.30
N ALA J 35 50.01 48.15 -29.31
CA ALA J 35 48.88 48.93 -29.81
C ALA J 35 47.75 47.98 -30.15
N ALA J 36 46.53 48.50 -30.11
CA ALA J 36 45.34 47.72 -30.41
C ALA J 36 44.65 48.30 -31.65
N ASP J 37 44.18 47.41 -32.52
CA ASP J 37 43.48 47.83 -33.74
C ASP J 37 42.03 48.13 -33.40
N LYS J 38 41.69 49.42 -33.32
CA LYS J 38 40.36 49.81 -32.86
C LYS J 38 39.27 49.24 -33.75
N GLU J 39 39.51 49.19 -35.06
CA GLU J 39 38.47 48.73 -35.99
C GLU J 39 38.08 47.28 -35.71
N SER J 40 39.07 46.41 -35.52
CA SER J 40 38.77 44.99 -35.39
C SER J 40 38.18 44.67 -34.02
N THR J 41 38.67 45.29 -32.96
CA THR J 41 38.11 45.01 -31.63
C THR J 41 36.69 45.55 -31.52
N GLN J 42 36.42 46.71 -32.11
CA GLN J 42 35.08 47.26 -32.02
C GLN J 42 34.08 46.39 -32.77
N LYS J 43 34.50 45.77 -33.87
CA LYS J 43 33.59 44.89 -34.60
C LYS J 43 33.39 43.58 -33.85
N ALA J 44 34.42 43.07 -33.18
CA ALA J 44 34.23 41.95 -32.28
C ALA J 44 33.34 42.35 -31.11
N ILE J 45 33.55 43.55 -30.56
CA ILE J 45 32.73 44.01 -29.43
C ILE J 45 31.28 44.16 -29.86
N ASP J 46 31.02 44.75 -31.03
CA ASP J 46 29.67 44.87 -31.52
C ASP J 46 29.08 43.51 -31.85
N GLY J 47 29.89 42.60 -32.38
CA GLY J 47 29.37 41.31 -32.77
C GLY J 47 28.92 40.46 -31.60
N VAL J 48 29.76 40.37 -30.55
CA VAL J 48 29.39 39.55 -29.40
C VAL J 48 28.27 40.22 -28.60
N THR J 49 28.27 41.55 -28.53
CA THR J 49 27.17 42.26 -27.86
C THR J 49 25.85 41.98 -28.55
N ASN J 50 25.84 41.97 -29.88
CA ASN J 50 24.64 41.61 -30.61
C ASN J 50 24.27 40.15 -30.37
N LYS J 51 25.25 39.26 -30.33
CA LYS J 51 24.96 37.85 -30.10
C LYS J 51 24.34 37.62 -28.73
N VAL J 52 24.92 38.24 -27.69
CA VAL J 52 24.39 38.09 -26.34
C VAL J 52 22.99 38.69 -26.25
N ASN J 53 22.81 39.89 -26.83
CA ASN J 53 21.49 40.52 -26.81
C ASN J 53 20.46 39.71 -27.57
N SER J 54 20.85 39.15 -28.72
CA SER J 54 19.90 38.36 -29.51
C SER J 54 19.41 37.14 -28.73
N ILE J 55 20.32 36.48 -28.01
CA ILE J 55 19.93 35.34 -27.19
C ILE J 55 18.97 35.77 -26.08
N ILE J 56 19.19 36.98 -25.53
CA ILE J 56 18.33 37.47 -24.46
C ILE J 56 17.05 38.06 -25.02
N ASP J 57 17.15 38.94 -26.03
CA ASP J 57 15.99 39.72 -26.46
C ASP J 57 14.97 38.88 -27.22
N LYS J 58 15.42 37.88 -27.98
CA LYS J 58 14.48 37.08 -28.76
C LYS J 58 13.58 36.19 -27.92
N MET J 59 13.86 36.06 -26.63
CA MET J 59 13.03 35.23 -25.75
C MET J 59 11.71 35.93 -25.47
N ASN J 60 10.60 35.27 -25.80
CA ASN J 60 9.28 35.81 -25.56
C ASN J 60 8.76 35.31 -24.23
N THR J 61 8.38 36.23 -23.35
CA THR J 61 7.89 35.91 -22.02
C THR J 61 6.48 36.45 -21.86
N GLN J 62 5.56 35.61 -21.40
CA GLN J 62 4.17 35.97 -21.21
C GLN J 62 3.82 35.87 -19.73
N PHE J 63 2.66 36.43 -19.38
CA PHE J 63 2.13 36.31 -18.03
C PHE J 63 1.48 34.95 -17.86
N GLU J 64 1.97 34.17 -16.92
CA GLU J 64 1.38 32.88 -16.57
C GLU J 64 1.30 32.76 -15.05
N ALA J 65 0.25 32.12 -14.58
CA ALA J 65 0.03 31.87 -13.16
C ALA J 65 0.12 30.36 -12.95
N VAL J 66 1.16 29.91 -12.25
CA VAL J 66 1.47 28.50 -12.11
C VAL J 66 1.20 28.11 -10.66
N GLY J 67 0.21 27.26 -10.45
CA GLY J 67 -0.11 26.76 -9.12
C GLY J 67 -0.53 25.31 -9.13
N ARG J 68 -1.16 24.87 -8.05
CA ARG J 68 -1.66 23.50 -7.92
C ARG J 68 -3.10 23.59 -7.42
N GLU J 69 -4.06 23.50 -8.33
CA GLU J 69 -5.45 23.83 -8.04
C GLU J 69 -6.40 22.66 -8.25
N PHE J 70 -5.90 21.43 -8.26
CA PHE J 70 -6.73 20.25 -8.44
C PHE J 70 -6.72 19.40 -7.17
N ASN J 71 -7.88 18.88 -6.80
CA ASN J 71 -8.08 18.19 -5.54
C ASN J 71 -7.67 16.72 -5.65
N ASN J 72 -7.91 15.96 -4.58
CA ASN J 72 -7.48 14.58 -4.53
C ASN J 72 -8.23 13.67 -5.49
N LEU J 73 -9.36 14.12 -6.04
CA LEU J 73 -10.11 13.35 -7.02
C LEU J 73 -9.97 13.93 -8.43
N GLU J 74 -8.92 14.72 -8.67
CA GLU J 74 -8.60 15.23 -9.99
C GLU J 74 -7.13 14.97 -10.33
N ARG J 75 -6.59 13.87 -9.81
CA ARG J 75 -5.16 13.59 -9.93
C ARG J 75 -4.75 13.32 -11.37
N ARG J 76 -5.65 12.77 -12.19
CA ARG J 76 -5.34 12.57 -13.60
C ARG J 76 -5.06 13.90 -14.30
N ILE J 77 -5.87 14.92 -14.00
CA ILE J 77 -5.64 16.25 -14.56
C ILE J 77 -4.33 16.81 -14.03
N GLU J 78 -4.07 16.66 -12.74
CA GLU J 78 -2.83 17.16 -12.15
C GLU J 78 -1.61 16.52 -12.79
N ASN J 79 -1.70 15.22 -13.10
CA ASN J 79 -0.62 14.56 -13.81
C ASN J 79 -0.46 15.11 -15.23
N LEU J 80 -1.56 15.52 -15.86
CA LEU J 80 -1.45 16.14 -17.18
C LEU J 80 -0.69 17.46 -17.10
N ASN J 81 -0.92 18.25 -16.07
CA ASN J 81 -0.15 19.47 -15.87
C ASN J 81 1.32 19.15 -15.59
N LYS J 82 1.57 18.10 -14.80
CA LYS J 82 2.95 17.72 -14.49
C LYS J 82 3.71 17.34 -15.75
N LYS J 83 3.10 16.52 -16.61
CA LYS J 83 3.76 16.13 -17.85
C LYS J 83 3.96 17.33 -18.77
N MET J 84 3.10 18.35 -18.66
CA MET J 84 3.28 19.55 -19.46
C MET J 84 4.41 20.41 -18.91
N GLU J 85 4.41 20.67 -17.60
CA GLU J 85 5.46 21.50 -17.01
C GLU J 85 6.82 20.83 -17.15
N ASP J 86 6.90 19.53 -16.90
CA ASP J 86 8.17 18.83 -17.01
C ASP J 86 8.64 18.77 -18.45
N GLY J 87 7.72 18.63 -19.39
CA GLY J 87 8.10 18.65 -20.80
C GLY J 87 8.72 19.97 -21.20
N PHE J 88 8.11 21.08 -20.79
CA PHE J 88 8.67 22.40 -21.09
C PHE J 88 10.00 22.61 -20.37
N LEU J 89 10.12 22.10 -19.14
CA LEU J 89 11.40 22.15 -18.44
C LEU J 89 12.47 21.40 -19.21
N ASP J 90 12.13 20.21 -19.73
CA ASP J 90 13.10 19.45 -20.51
C ASP J 90 13.46 20.16 -21.80
N VAL J 91 12.47 20.76 -22.48
CA VAL J 91 12.73 21.45 -23.74
C VAL J 91 13.66 22.64 -23.51
N TRP J 92 13.39 23.44 -22.48
CA TRP J 92 14.19 24.63 -22.25
C TRP J 92 15.58 24.30 -21.69
N THR J 93 15.68 23.30 -20.81
CA THR J 93 16.98 22.94 -20.25
C THR J 93 17.92 22.42 -21.33
N TYR J 94 17.42 21.55 -22.21
CA TYR J 94 18.26 21.04 -23.29
C TYR J 94 18.65 22.15 -24.25
N ASN J 95 17.71 23.03 -24.59
CA ASN J 95 18.02 24.14 -25.50
C ASN J 95 19.01 25.10 -24.89
N ALA J 96 18.79 25.51 -23.63
CA ALA J 96 19.66 26.48 -22.99
C ALA J 96 21.08 25.93 -22.83
N GLU J 97 21.20 24.64 -22.51
CA GLU J 97 22.52 24.05 -22.33
C GLU J 97 23.26 23.92 -23.66
N LEU J 98 22.57 23.44 -24.70
CA LEU J 98 23.23 23.27 -26.00
C LEU J 98 23.47 24.62 -26.67
N LEU J 99 22.58 25.58 -26.48
CA LEU J 99 22.78 26.91 -27.06
C LEU J 99 24.05 27.54 -26.51
N VAL J 100 24.28 27.44 -25.21
CA VAL J 100 25.51 27.97 -24.62
C VAL J 100 26.73 27.23 -25.14
N LEU J 101 26.65 25.89 -25.20
CA LEU J 101 27.80 25.12 -25.68
C LEU J 101 28.12 25.44 -27.13
N MET J 102 27.09 25.52 -27.99
CA MET J 102 27.33 25.76 -29.41
C MET J 102 27.82 27.18 -29.68
N GLU J 103 27.20 28.17 -29.02
CA GLU J 103 27.58 29.56 -29.28
C GLU J 103 28.94 29.90 -28.68
N ASN J 104 29.34 29.22 -27.60
CA ASN J 104 30.68 29.41 -27.08
C ASN J 104 31.73 28.86 -28.02
N GLU J 105 31.41 27.77 -28.73
CA GLU J 105 32.30 27.29 -29.78
C GLU J 105 32.45 28.32 -30.89
N ARG J 106 31.33 28.95 -31.28
CA ARG J 106 31.37 29.96 -32.33
C ARG J 106 32.13 31.20 -31.89
N THR J 107 31.95 31.61 -30.62
CA THR J 107 32.60 32.83 -30.14
C THR J 107 34.12 32.70 -30.17
N LEU J 108 34.64 31.55 -29.72
CA LEU J 108 36.08 31.33 -29.73
C LEU J 108 36.62 31.29 -31.15
N ASP J 109 35.90 30.63 -32.06
CA ASP J 109 36.29 30.64 -33.47
C ASP J 109 36.16 32.04 -34.06
N PHE J 110 35.19 32.82 -33.59
CA PHE J 110 35.03 34.19 -34.06
C PHE J 110 36.25 35.04 -33.72
N HIS J 111 36.76 34.92 -32.49
CA HIS J 111 37.99 35.62 -32.13
C HIS J 111 39.18 35.06 -32.90
N ASP J 112 39.19 33.75 -33.14
CA ASP J 112 40.27 33.13 -33.89
C ASP J 112 40.32 33.67 -35.31
N SER J 113 39.15 33.83 -35.95
CA SER J 113 39.10 34.37 -37.30
C SER J 113 39.58 35.82 -37.35
N ASN J 114 39.18 36.64 -36.37
CA ASN J 114 39.52 38.05 -36.39
C ASN J 114 41.03 38.25 -36.31
N VAL J 115 41.70 37.49 -35.45
CA VAL J 115 43.16 37.59 -35.35
C VAL J 115 43.81 37.21 -36.67
N LYS J 116 43.35 36.12 -37.28
CA LYS J 116 43.93 35.68 -38.55
C LYS J 116 43.69 36.71 -39.64
N ASN J 117 42.51 37.32 -39.68
CA ASN J 117 42.24 38.36 -40.66
C ASN J 117 43.16 39.55 -40.46
N LEU J 118 43.40 39.94 -39.21
CA LEU J 118 44.35 41.02 -38.93
C LEU J 118 45.74 40.67 -39.43
N TYR J 119 46.19 39.44 -39.18
CA TYR J 119 47.48 38.99 -39.67
C TYR J 119 47.52 38.98 -41.19
N ASP J 120 46.45 38.50 -41.82
CA ASP J 120 46.40 38.45 -43.28
C ASP J 120 46.42 39.84 -43.89
N LYS J 121 45.73 40.80 -43.28
CA LYS J 121 45.73 42.16 -43.78
C LYS J 121 47.14 42.75 -43.75
N VAL J 122 47.86 42.53 -42.66
CA VAL J 122 49.25 42.99 -42.58
C VAL J 122 50.10 42.27 -43.60
N ARG J 123 49.92 40.96 -43.73
CA ARG J 123 50.71 40.18 -44.69
C ARG J 123 50.46 40.65 -46.12
N LEU J 124 49.20 40.92 -46.46
CA LEU J 124 48.87 41.35 -47.81
C LEU J 124 49.22 42.80 -48.09
N GLN J 125 49.68 43.55 -47.08
CA GLN J 125 50.19 44.90 -47.29
C GLN J 125 51.71 44.91 -47.48
N LEU J 126 52.44 44.28 -46.55
CA LEU J 126 53.90 44.27 -46.63
C LEU J 126 54.39 43.47 -47.84
N ARG J 127 53.73 42.34 -48.12
CA ARG J 127 54.03 41.49 -49.28
C ARG J 127 55.49 41.04 -49.18
N ASP J 128 56.34 41.32 -50.17
CA ASP J 128 57.72 40.89 -50.12
C ASP J 128 58.66 41.95 -49.56
N ASN J 129 58.11 43.01 -48.95
CA ASN J 129 58.92 43.96 -48.21
C ASN J 129 59.18 43.49 -46.78
N ALA J 130 58.59 42.38 -46.36
CA ALA J 130 58.80 41.84 -45.03
C ALA J 130 58.78 40.31 -45.10
N LYS J 131 59.34 39.70 -44.07
CA LYS J 131 59.46 38.25 -43.98
C LYS J 131 58.59 37.75 -42.84
N GLU J 132 57.95 36.60 -43.05
CA GLU J 132 57.11 35.98 -42.04
C GLU J 132 57.98 35.11 -41.14
N LEU J 133 58.12 35.51 -39.87
CA LEU J 133 58.92 34.72 -38.94
C LEU J 133 58.26 33.39 -38.61
N GLY J 134 56.94 33.34 -38.64
CA GLY J 134 56.20 32.13 -38.33
C GLY J 134 55.50 32.14 -36.99
N ASN J 135 55.78 33.11 -36.13
CA ASN J 135 55.13 33.24 -34.84
C ASN J 135 54.12 34.38 -34.82
N GLY J 136 53.63 34.80 -35.98
CA GLY J 136 52.79 35.97 -36.09
C GLY J 136 53.53 37.28 -36.24
N CYS J 137 54.85 37.25 -36.38
CA CYS J 137 55.67 38.44 -36.50
C CYS J 137 56.17 38.59 -37.93
N PHE J 138 56.55 39.83 -38.27
CA PHE J 138 57.10 40.15 -39.58
C PHE J 138 58.44 40.83 -39.42
N GLU J 139 59.44 40.37 -40.17
CA GLU J 139 60.77 40.97 -40.18
C GLU J 139 60.91 41.79 -41.46
N PHE J 140 60.90 43.12 -41.31
CA PHE J 140 61.00 44.01 -42.46
C PHE J 140 62.38 43.95 -43.10
N TYR J 141 62.42 44.07 -44.42
CA TYR J 141 63.68 44.32 -45.11
C TYR J 141 63.93 45.82 -45.31
N HIS J 142 63.74 46.60 -44.25
CA HIS J 142 63.94 48.05 -44.29
C HIS J 142 63.65 48.61 -42.90
N LYS J 143 64.18 49.81 -42.64
CA LYS J 143 63.83 50.50 -41.41
C LYS J 143 62.38 50.97 -41.49
N CYS J 144 61.71 50.97 -40.35
CA CYS J 144 60.29 51.27 -40.28
C CYS J 144 60.05 52.21 -39.11
N ASP J 145 59.80 53.48 -39.41
CA ASP J 145 59.53 54.48 -38.39
C ASP J 145 58.31 54.10 -37.56
N ASN J 146 58.12 54.84 -36.46
CA ASN J 146 56.83 54.81 -35.79
C ASN J 146 55.73 55.31 -36.72
N GLU J 147 56.07 56.22 -37.64
CA GLU J 147 55.15 56.53 -38.73
C GLU J 147 54.90 55.31 -39.60
N CYS J 148 55.97 54.60 -39.96
CA CYS J 148 55.83 53.40 -40.79
C CYS J 148 55.09 52.31 -40.04
N MET J 149 55.37 52.13 -38.75
CA MET J 149 54.69 51.12 -37.97
C MET J 149 53.20 51.43 -37.83
N GLU J 150 52.86 52.70 -37.54
CA GLU J 150 51.46 53.09 -37.48
C GLU J 150 50.80 52.96 -38.85
N SER J 151 51.58 53.09 -39.92
CA SER J 151 51.05 52.90 -41.26
C SER J 151 50.53 51.48 -41.45
N VAL J 152 51.22 50.49 -40.86
CA VAL J 152 50.77 49.11 -40.96
C VAL J 152 49.48 48.91 -40.20
N ARG J 153 49.32 49.60 -39.06
CA ARG J 153 48.12 49.41 -38.24
C ARG J 153 46.91 50.13 -38.85
N ASN J 154 47.11 51.31 -39.44
CA ASN J 154 46.02 51.96 -40.17
C ASN J 154 45.46 51.04 -41.25
N GLY J 155 46.34 50.46 -42.04
CA GLY J 155 46.02 50.00 -43.37
C GLY J 155 46.44 50.96 -44.46
N THR J 156 47.47 51.76 -44.23
CA THR J 156 47.92 52.79 -45.17
C THR J 156 49.38 52.59 -45.56
N TYR J 157 49.83 51.34 -45.63
CA TYR J 157 51.23 51.04 -45.92
C TYR J 157 51.56 51.40 -47.36
N ASP J 158 52.68 52.10 -47.54
CA ASP J 158 53.13 52.52 -48.87
C ASP J 158 54.20 51.52 -49.32
N TYR J 159 53.75 50.47 -50.01
CA TYR J 159 54.68 49.48 -50.53
C TYR J 159 55.70 50.07 -51.50
N PRO J 160 55.34 50.92 -52.47
CA PRO J 160 56.36 51.46 -53.38
C PRO J 160 57.44 52.26 -52.70
N GLN J 161 57.15 52.84 -51.52
CA GLN J 161 58.15 53.66 -50.84
C GLN J 161 59.39 52.86 -50.46
N TYR J 162 59.21 51.59 -50.09
CA TYR J 162 60.31 50.78 -49.59
C TYR J 162 60.64 49.60 -50.51
N SER J 163 60.08 49.55 -51.71
CA SER J 163 60.31 48.41 -52.59
C SER J 163 61.78 48.30 -52.99
N GLU J 164 62.42 49.44 -53.29
CA GLU J 164 63.83 49.43 -53.62
C GLU J 164 64.67 48.99 -52.44
N GLU J 165 64.39 49.53 -51.24
CA GLU J 165 65.16 49.20 -50.06
C GLU J 165 65.01 47.72 -49.71
N ALA J 166 63.80 47.18 -49.86
CA ALA J 166 63.60 45.76 -49.59
C ALA J 166 64.36 44.89 -50.57
N ARG J 167 64.37 45.26 -51.86
CA ARG J 167 65.06 44.45 -52.87
C ARG J 167 66.54 44.32 -52.55
N LEU J 168 67.17 45.43 -52.13
CA LEU J 168 68.60 45.40 -51.81
C LEU J 168 68.89 44.31 -50.79
N LYS J 169 68.05 44.21 -49.75
CA LYS J 169 68.23 43.15 -48.77
C LYS J 169 67.90 41.78 -49.35
N ARG J 170 66.83 41.69 -50.14
CA ARG J 170 66.37 40.39 -50.62
C ARG J 170 67.43 39.70 -51.48
N GLU J 171 68.05 40.45 -52.40
CA GLU J 171 69.13 39.89 -53.19
C GLU J 171 70.46 39.90 -52.46
N GLU J 172 70.58 40.65 -51.37
CA GLU J 172 71.77 40.56 -50.53
C GLU J 172 71.87 39.22 -49.83
N ILE J 173 70.77 38.50 -49.65
CA ILE J 173 70.80 37.22 -48.97
C ILE J 173 71.38 36.21 -49.96
N SER J 174 72.70 36.07 -49.94
CA SER J 174 73.41 35.27 -50.94
C SER J 174 74.85 35.07 -50.50
N ASP K 2 54.09 49.52 -68.54
CA ASP K 2 53.87 48.29 -67.79
C ASP K 2 52.38 47.98 -67.67
N PRO K 3 51.76 47.51 -68.75
CA PRO K 3 50.34 47.12 -68.71
C PRO K 3 50.16 45.67 -68.27
N GLY K 4 50.52 45.40 -67.02
CA GLY K 4 50.45 44.06 -66.48
C GLY K 4 49.06 43.46 -66.52
N ASP K 5 48.92 42.33 -67.20
CA ASP K 5 47.63 41.66 -67.31
C ASP K 5 47.17 41.22 -65.93
N GLN K 6 45.85 41.32 -65.69
CA GLN K 6 45.29 41.05 -64.38
C GLN K 6 44.13 40.08 -64.47
N ILE K 7 44.10 39.14 -63.53
CA ILE K 7 42.94 38.30 -63.28
C ILE K 7 42.48 38.59 -61.86
N CYS K 8 41.17 38.75 -61.69
CA CYS K 8 40.60 39.17 -60.42
C CYS K 8 39.56 38.16 -59.94
N ILE K 9 39.45 38.04 -58.63
CA ILE K 9 38.46 37.19 -57.97
C ILE K 9 37.39 38.10 -57.39
N GLY K 10 36.13 37.79 -57.70
CA GLY K 10 35.03 38.61 -57.23
C GLY K 10 33.77 37.79 -57.06
N TYR K 11 32.71 38.45 -56.59
CA TYR K 11 31.46 37.78 -56.30
C TYR K 11 30.31 38.62 -56.81
N HIS K 12 29.12 38.02 -56.79
CA HIS K 12 27.94 38.62 -57.41
C HIS K 12 27.42 39.80 -56.59
N ALA K 13 26.79 40.75 -57.29
CA ALA K 13 26.10 41.86 -56.66
C ALA K 13 24.96 42.28 -57.56
N ASN K 14 23.88 42.78 -56.95
CA ASN K 14 22.70 43.19 -57.68
C ASN K 14 22.13 44.45 -57.03
N ASN K 15 20.89 44.78 -57.39
CA ASN K 15 20.20 45.95 -56.88
C ASN K 15 19.28 45.63 -55.70
N SER K 16 19.44 44.47 -55.09
CA SER K 16 18.54 44.04 -54.03
C SER K 16 18.66 44.93 -52.80
N THR K 17 17.51 45.21 -52.18
CA THR K 17 17.45 45.94 -50.92
C THR K 17 17.07 45.03 -49.76
N GLU K 18 16.81 43.75 -50.02
CA GLU K 18 16.39 42.83 -48.96
C GLU K 18 17.44 42.77 -47.86
N GLN K 19 16.99 42.84 -46.62
CA GLN K 19 17.87 42.85 -45.46
C GLN K 19 17.51 41.70 -44.53
N VAL K 20 18.50 40.90 -44.18
CA VAL K 20 18.34 39.84 -43.20
C VAL K 20 19.11 40.23 -41.94
N ASP K 21 18.90 39.45 -40.87
CA ASP K 21 19.62 39.64 -39.62
C ASP K 21 20.37 38.36 -39.29
N THR K 22 21.59 38.52 -38.79
CA THR K 22 22.41 37.40 -38.34
C THR K 22 22.55 37.47 -36.82
N ILE K 23 23.26 36.48 -36.27
CA ILE K 23 23.42 36.40 -34.82
C ILE K 23 24.22 37.58 -34.29
N MET K 24 25.13 38.12 -35.10
CA MET K 24 25.98 39.22 -34.68
C MET K 24 25.74 40.53 -35.44
N GLU K 25 25.01 40.50 -36.55
CA GLU K 25 24.75 41.70 -37.34
C GLU K 25 23.26 41.83 -37.62
N LYS K 26 22.79 43.08 -37.67
CA LYS K 26 21.42 43.39 -38.02
C LYS K 26 21.37 44.25 -39.28
N ASN K 27 20.29 44.09 -40.04
CA ASN K 27 20.05 44.87 -41.26
C ASN K 27 21.22 44.74 -42.24
N VAL K 28 21.49 43.50 -42.62
CA VAL K 28 22.53 43.19 -43.59
C VAL K 28 21.87 42.96 -44.94
N THR K 29 22.14 43.84 -45.88
CA THR K 29 21.57 43.71 -47.22
C THR K 29 22.19 42.53 -47.95
N VAL K 30 21.35 41.74 -48.62
CA VAL K 30 21.78 40.54 -49.31
C VAL K 30 21.25 40.56 -50.74
N THR K 31 21.95 39.82 -51.60
CA THR K 31 21.53 39.71 -53.00
C THR K 31 20.20 38.98 -53.13
N HIS K 32 20.02 37.90 -52.37
CA HIS K 32 18.79 37.12 -52.41
C HIS K 32 18.43 36.67 -50.99
N ALA K 33 17.14 36.48 -50.76
CA ALA K 33 16.66 36.04 -49.46
C ALA K 33 15.32 35.34 -49.63
N GLN K 34 14.95 34.55 -48.62
CA GLN K 34 13.69 33.82 -48.63
C GLN K 34 13.07 33.86 -47.24
N ASP K 35 11.75 34.08 -47.19
CA ASP K 35 11.02 34.20 -45.94
C ASP K 35 10.25 32.91 -45.68
N ILE K 36 10.49 32.31 -44.52
CA ILE K 36 9.87 31.04 -44.15
C ILE K 36 8.66 31.23 -43.24
N LEU K 37 8.24 32.48 -43.02
CA LEU K 37 7.10 32.79 -42.15
C LEU K 37 5.89 33.07 -43.02
N GLU K 38 4.89 32.20 -42.95
CA GLU K 38 3.66 32.41 -43.72
C GLU K 38 2.81 33.48 -43.06
N LYS K 39 2.32 34.42 -43.87
CA LYS K 39 1.55 35.55 -43.38
C LYS K 39 0.25 35.80 -44.14
N THR K 40 -0.07 35.00 -45.15
CA THR K 40 -1.21 35.26 -46.03
C THR K 40 -2.28 34.19 -45.87
N HIS K 41 -3.53 34.64 -45.82
CA HIS K 41 -4.68 33.75 -45.79
C HIS K 41 -5.72 34.27 -46.77
N ASN K 42 -6.59 33.36 -47.24
CA ASN K 42 -7.54 33.70 -48.28
C ASN K 42 -8.76 34.45 -47.75
N GLY K 43 -8.91 34.58 -46.43
CA GLY K 43 -10.00 35.35 -45.87
C GLY K 43 -11.37 34.69 -45.94
N LYS K 44 -11.44 33.41 -46.30
CA LYS K 44 -12.70 32.70 -46.40
C LYS K 44 -12.56 31.34 -45.71
N LEU K 45 -13.68 30.85 -45.17
CA LEU K 45 -13.72 29.51 -44.62
C LEU K 45 -13.87 28.51 -45.77
N CYS K 46 -13.02 27.49 -45.78
CA CYS K 46 -12.95 26.53 -46.88
C CYS K 46 -13.35 25.14 -46.40
N ASP K 47 -13.39 24.20 -47.34
CA ASP K 47 -13.51 22.80 -47.00
C ASP K 47 -12.24 22.31 -46.33
N LEU K 48 -12.38 21.31 -45.47
CA LEU K 48 -11.24 20.67 -44.81
C LEU K 48 -11.02 19.32 -45.47
N ASN K 49 -10.03 19.27 -46.37
CA ASN K 49 -9.70 18.05 -47.12
C ASN K 49 -10.91 17.52 -47.88
N GLY K 50 -11.61 18.42 -48.56
CA GLY K 50 -12.72 18.03 -49.41
C GLY K 50 -14.05 17.84 -48.72
N VAL K 51 -14.16 18.16 -47.44
CA VAL K 51 -15.40 18.00 -46.68
C VAL K 51 -15.84 19.37 -46.20
N LYS K 52 -17.07 19.76 -46.55
CA LYS K 52 -17.58 21.07 -46.20
C LYS K 52 -17.90 21.13 -44.70
N PRO K 53 -17.55 22.22 -44.03
CA PRO K 53 -17.90 22.36 -42.62
C PRO K 53 -19.40 22.60 -42.43
N LEU K 54 -19.87 22.23 -41.25
CA LEU K 54 -21.26 22.50 -40.85
C LEU K 54 -21.32 23.91 -40.29
N ILE K 55 -21.97 24.82 -41.02
CA ILE K 55 -21.99 26.24 -40.66
C ILE K 55 -23.40 26.56 -40.19
N LEU K 56 -23.58 26.65 -38.86
CA LEU K 56 -24.83 27.10 -38.29
C LEU K 56 -24.86 28.63 -38.36
N LYS K 57 -25.86 29.18 -39.05
CA LYS K 57 -25.90 30.61 -39.30
C LYS K 57 -25.96 31.41 -38.00
N ASP K 58 -27.05 31.27 -37.26
CA ASP K 58 -27.18 31.95 -35.97
C ASP K 58 -27.83 31.04 -34.94
N CYS K 59 -27.66 29.73 -35.09
CA CYS K 59 -28.22 28.74 -34.19
C CYS K 59 -27.11 28.06 -33.42
N SER K 60 -27.33 27.85 -32.12
CA SER K 60 -26.42 27.02 -31.36
C SER K 60 -26.62 25.57 -31.74
N VAL K 61 -25.63 24.74 -31.38
CA VAL K 61 -25.74 23.30 -31.66
C VAL K 61 -26.95 22.72 -30.94
N ALA K 62 -27.21 23.18 -29.71
CA ALA K 62 -28.36 22.68 -28.96
C ALA K 62 -29.67 23.00 -29.67
N GLY K 63 -29.83 24.26 -30.10
CA GLY K 63 -31.04 24.62 -30.82
C GLY K 63 -31.17 23.90 -32.15
N TRP K 64 -30.03 23.71 -32.84
CA TRP K 64 -30.04 22.96 -34.09
C TRP K 64 -30.38 21.50 -33.85
N LEU K 65 -29.91 20.92 -32.74
CA LEU K 65 -30.18 19.52 -32.45
C LEU K 65 -31.64 19.32 -32.03
N LEU K 66 -32.07 20.03 -30.98
CA LEU K 66 -33.41 19.84 -30.44
C LEU K 66 -34.49 20.30 -31.40
N GLY K 67 -34.15 21.10 -32.41
CA GLY K 67 -35.12 21.57 -33.36
C GLY K 67 -35.78 22.86 -32.94
N ASN K 68 -34.97 23.87 -32.63
CA ASN K 68 -35.51 25.17 -32.27
C ASN K 68 -36.34 25.69 -33.44
N PRO K 69 -37.55 26.21 -33.19
CA PRO K 69 -38.41 26.65 -34.30
C PRO K 69 -37.77 27.71 -35.18
N MET K 70 -36.93 28.58 -34.61
CA MET K 70 -36.27 29.60 -35.43
C MET K 70 -35.08 29.05 -36.21
N CYS K 71 -34.58 27.87 -35.86
CA CYS K 71 -33.66 27.17 -36.75
C CYS K 71 -34.46 26.50 -37.84
N ASP K 72 -33.77 25.86 -38.79
CA ASP K 72 -34.43 25.14 -39.86
C ASP K 72 -33.85 23.74 -39.98
N GLU K 73 -34.56 22.90 -40.72
CA GLU K 73 -34.17 21.51 -40.90
C GLU K 73 -33.25 21.37 -42.12
N PHE K 74 -32.11 22.06 -42.05
CA PHE K 74 -31.10 21.93 -43.10
C PHE K 74 -30.19 20.75 -42.76
N ILE K 75 -30.74 19.56 -42.94
CA ILE K 75 -29.97 18.33 -42.85
C ILE K 75 -29.44 17.92 -44.23
N ARG K 76 -29.38 18.86 -45.18
CA ARG K 76 -28.64 18.76 -46.41
C ARG K 76 -27.14 18.53 -46.22
N VAL K 77 -26.64 18.46 -44.99
CA VAL K 77 -25.24 18.16 -44.67
C VAL K 77 -25.22 16.78 -43.99
N PRO K 78 -24.97 15.71 -44.73
CA PRO K 78 -24.84 14.38 -44.12
C PRO K 78 -23.46 14.09 -43.56
N GLU K 79 -22.52 15.02 -43.72
CA GLU K 79 -21.14 14.82 -43.30
C GLU K 79 -20.46 16.18 -43.25
N TRP K 80 -19.71 16.43 -42.17
CA TRP K 80 -18.97 17.67 -42.06
C TRP K 80 -17.65 17.43 -41.34
N SER K 81 -16.70 18.32 -41.60
CA SER K 81 -15.34 18.21 -41.05
C SER K 81 -15.12 19.05 -39.81
N TYR K 82 -15.81 20.18 -39.69
CA TYR K 82 -15.80 20.97 -38.46
C TYR K 82 -17.05 21.83 -38.43
N ILE K 83 -17.35 22.36 -37.26
CA ILE K 83 -18.55 23.15 -37.03
C ILE K 83 -18.15 24.61 -36.85
N VAL K 84 -18.83 25.50 -37.57
CA VAL K 84 -18.63 26.93 -37.45
C VAL K 84 -19.81 27.51 -36.69
N GLU K 85 -19.53 28.06 -35.51
CA GLU K 85 -20.52 28.74 -34.70
C GLU K 85 -20.14 30.21 -34.57
N ARG K 86 -21.15 31.06 -34.39
CA ARG K 86 -20.88 32.45 -34.05
C ARG K 86 -20.58 32.57 -32.56
N ALA K 87 -19.86 33.64 -32.20
CA ALA K 87 -19.42 33.80 -30.81
C ALA K 87 -20.61 33.85 -29.86
N ASN K 88 -21.68 34.56 -30.26
CA ASN K 88 -22.89 34.68 -29.45
C ASN K 88 -24.09 34.39 -30.33
N PRO K 89 -24.42 33.11 -30.54
CA PRO K 89 -25.64 32.78 -31.28
C PRO K 89 -26.87 33.21 -30.51
N ALA K 90 -27.93 33.56 -31.25
CA ALA K 90 -29.17 34.00 -30.64
C ALA K 90 -30.23 32.91 -30.55
N ASN K 91 -30.19 31.90 -31.41
CA ASN K 91 -31.18 30.83 -31.40
C ASN K 91 -30.67 29.61 -30.61
N ASP K 92 -30.46 29.84 -29.32
CA ASP K 92 -30.17 28.78 -28.37
C ASP K 92 -31.49 28.12 -27.96
N LEU K 93 -31.47 27.36 -26.87
CA LEU K 93 -32.72 26.83 -26.31
C LEU K 93 -33.72 27.95 -26.12
N CYS K 94 -34.80 27.95 -26.90
CA CYS K 94 -35.80 29.00 -26.80
C CYS K 94 -36.50 28.95 -25.45
N TYR K 95 -36.91 27.77 -25.03
CA TYR K 95 -37.36 27.59 -23.66
C TYR K 95 -36.15 27.52 -22.73
N PRO K 96 -36.07 28.35 -21.70
CA PRO K 96 -34.87 28.37 -20.86
C PRO K 96 -34.60 27.02 -20.22
N GLY K 97 -33.33 26.67 -20.11
CA GLY K 97 -32.94 25.40 -19.55
C GLY K 97 -31.48 25.06 -19.73
N SER K 98 -31.19 23.79 -20.01
CA SER K 98 -29.81 23.34 -20.14
C SER K 98 -29.78 22.02 -20.91
N LEU K 99 -28.63 21.77 -21.53
CA LEU K 99 -28.34 20.49 -22.18
C LEU K 99 -27.16 19.85 -21.46
N ASN K 100 -27.37 18.65 -20.94
CA ASN K 100 -26.35 17.98 -20.16
C ASN K 100 -25.16 17.60 -21.02
N ASP K 101 -23.95 17.79 -20.48
CA ASP K 101 -22.71 17.47 -21.19
C ASP K 101 -22.68 18.12 -22.56
N TYR K 102 -23.08 19.40 -22.61
CA TYR K 102 -23.20 20.10 -23.88
C TYR K 102 -21.85 20.23 -24.58
N GLU K 103 -20.80 20.55 -23.82
CA GLU K 103 -19.47 20.69 -24.41
C GLU K 103 -18.96 19.36 -24.94
N GLU K 104 -19.20 18.27 -24.21
CA GLU K 104 -18.79 16.95 -24.70
C GLU K 104 -19.59 16.55 -25.94
N LEU K 105 -20.87 16.92 -25.98
CA LEU K 105 -21.69 16.62 -27.16
C LEU K 105 -21.18 17.39 -28.38
N LYS K 106 -20.85 18.66 -28.21
CA LYS K 106 -20.36 19.45 -29.34
C LYS K 106 -19.03 18.92 -29.85
N HIS K 107 -18.15 18.48 -28.94
CA HIS K 107 -16.87 17.92 -29.36
C HIS K 107 -17.07 16.64 -30.17
N MET K 108 -18.04 15.80 -29.77
CA MET K 108 -18.34 14.60 -30.55
C MET K 108 -18.90 14.95 -31.92
N LEU K 109 -19.78 15.95 -31.99
CA LEU K 109 -20.47 16.29 -33.23
C LEU K 109 -19.65 17.21 -34.12
N SER K 110 -18.45 17.62 -33.68
CA SER K 110 -17.64 18.55 -34.47
C SER K 110 -17.26 17.96 -35.82
N ARG K 111 -16.93 16.67 -35.86
CA ARG K 111 -16.60 15.96 -37.10
C ARG K 111 -17.40 14.66 -37.13
N ILE K 112 -18.35 14.56 -38.06
CA ILE K 112 -19.26 13.43 -38.16
C ILE K 112 -19.17 12.83 -39.56
N ASN K 113 -19.00 11.51 -39.62
CA ASN K 113 -18.90 10.83 -40.91
C ASN K 113 -20.25 10.72 -41.59
N HIS K 114 -21.29 10.36 -40.84
CA HIS K 114 -22.64 10.21 -41.39
C HIS K 114 -23.66 10.70 -40.38
N PHE K 115 -24.61 11.51 -40.85
CA PHE K 115 -25.63 12.10 -40.00
C PHE K 115 -26.96 12.05 -40.72
N GLU K 116 -27.98 11.52 -40.04
CA GLU K 116 -29.31 11.38 -40.64
C GLU K 116 -30.36 11.38 -39.54
N LYS K 117 -31.31 12.31 -39.65
CA LYS K 117 -32.43 12.36 -38.72
C LYS K 117 -33.48 11.33 -39.11
N ILE K 118 -33.95 10.56 -38.14
CA ILE K 118 -35.00 9.57 -38.34
C ILE K 118 -36.06 9.77 -37.26
N GLN K 119 -37.25 9.25 -37.52
CA GLN K 119 -38.35 9.30 -36.56
C GLN K 119 -38.42 7.97 -35.84
N ILE K 120 -38.26 8.00 -34.52
CA ILE K 120 -38.28 6.79 -33.70
C ILE K 120 -39.61 6.63 -32.97
N ILE K 121 -40.23 7.72 -32.52
CA ILE K 121 -41.49 7.67 -31.79
C ILE K 121 -42.45 8.69 -32.39
N PRO K 122 -43.33 8.28 -33.31
CA PRO K 122 -44.29 9.23 -33.87
C PRO K 122 -45.31 9.68 -32.83
N LYS K 123 -45.90 10.85 -33.08
CA LYS K 123 -46.88 11.40 -32.15
C LYS K 123 -48.11 10.51 -32.01
N SER K 124 -48.32 9.59 -32.94
CA SER K 124 -49.41 8.62 -32.82
C SER K 124 -49.15 7.55 -31.78
N SER K 125 -48.04 7.63 -31.06
CA SER K 125 -47.70 6.68 -30.01
C SER K 125 -48.14 7.15 -28.63
N TRP K 126 -48.90 8.23 -28.55
CA TRP K 126 -49.39 8.78 -27.28
C TRP K 126 -50.90 8.97 -27.37
N PRO K 127 -51.67 7.88 -27.39
CA PRO K 127 -53.13 8.01 -27.50
C PRO K 127 -53.79 8.50 -26.23
N ASN K 128 -53.12 8.43 -25.08
CA ASN K 128 -53.70 8.82 -23.81
C ASN K 128 -53.05 10.08 -23.23
N HIS K 129 -52.32 10.83 -24.06
CA HIS K 129 -51.71 12.08 -23.65
C HIS K 129 -51.95 13.13 -24.73
N GLU K 130 -51.84 14.39 -24.35
CA GLU K 130 -51.97 15.50 -25.29
C GLU K 130 -50.62 15.82 -25.89
N THR K 131 -50.50 15.62 -27.21
CA THR K 131 -49.26 15.86 -27.93
C THR K 131 -49.22 17.22 -28.62
N SER K 132 -50.31 17.98 -28.60
CA SER K 132 -50.40 19.22 -29.36
C SER K 132 -50.48 20.46 -28.47
N LEU K 133 -50.54 20.30 -27.15
CA LEU K 133 -50.70 21.45 -26.26
C LEU K 133 -49.39 21.91 -25.64
N GLY K 134 -48.27 21.26 -25.97
CA GLY K 134 -46.99 21.65 -25.42
C GLY K 134 -46.26 22.68 -26.25
N VAL K 135 -46.79 23.91 -26.30
CA VAL K 135 -46.18 24.99 -27.05
C VAL K 135 -46.01 26.20 -26.14
N SER K 136 -45.10 27.09 -26.53
CA SER K 136 -44.77 28.25 -25.72
C SER K 136 -44.51 29.45 -26.60
N ALA K 137 -44.78 30.64 -26.06
CA ALA K 137 -44.48 31.88 -26.77
C ALA K 137 -42.98 32.09 -26.91
N ALA K 138 -42.19 31.62 -25.95
CA ALA K 138 -40.74 31.75 -26.02
C ALA K 138 -40.12 30.95 -27.16
N CYS K 139 -40.87 30.02 -27.75
CA CYS K 139 -40.43 29.26 -28.92
C CYS K 139 -41.37 29.57 -30.08
N PRO K 140 -41.33 30.80 -30.60
CA PRO K 140 -42.32 31.19 -31.60
C PRO K 140 -41.95 30.70 -33.00
N TYR K 141 -42.99 30.33 -33.76
CA TYR K 141 -42.85 30.03 -35.17
C TYR K 141 -43.89 30.85 -35.93
N GLN K 142 -43.42 31.81 -36.72
CA GLN K 142 -44.30 32.73 -37.45
C GLN K 142 -45.21 33.49 -36.50
N GLY K 143 -44.69 33.85 -35.33
CA GLY K 143 -45.42 34.61 -34.35
C GLY K 143 -46.36 33.82 -33.48
N ALA K 144 -46.59 32.54 -33.79
CA ALA K 144 -47.47 31.66 -33.04
C ALA K 144 -46.67 30.81 -32.06
N PRO K 145 -47.23 30.50 -30.89
CA PRO K 145 -46.52 29.65 -29.94
C PRO K 145 -46.19 28.28 -30.53
N SER K 146 -44.99 27.81 -30.27
CA SER K 146 -44.52 26.53 -30.79
C SER K 146 -43.53 25.95 -29.79
N PHE K 147 -42.77 24.95 -30.23
CA PHE K 147 -41.86 24.23 -29.35
C PHE K 147 -40.80 23.56 -30.22
N PHE K 148 -39.80 22.98 -29.56
CA PHE K 148 -38.77 22.23 -30.26
C PHE K 148 -39.40 21.14 -31.11
N ARG K 149 -38.94 21.04 -32.37
CA ARG K 149 -39.62 20.16 -33.32
C ARG K 149 -39.31 18.69 -33.06
N ASN K 150 -38.11 18.38 -32.57
CA ASN K 150 -37.66 17.00 -32.47
C ASN K 150 -38.07 16.34 -31.16
N VAL K 151 -38.62 17.07 -30.20
CA VAL K 151 -39.09 16.51 -28.95
C VAL K 151 -40.52 16.97 -28.70
N VAL K 152 -41.27 16.17 -27.94
CA VAL K 152 -42.69 16.38 -27.72
C VAL K 152 -42.92 16.71 -26.25
N TRP K 153 -43.60 17.83 -26.00
CA TRP K 153 -43.97 18.24 -24.65
C TRP K 153 -45.31 17.62 -24.34
N LEU K 154 -45.31 16.54 -23.57
CA LEU K 154 -46.54 15.80 -23.31
C LEU K 154 -47.31 16.44 -22.16
N ILE K 155 -48.62 16.56 -22.36
CA ILE K 155 -49.54 17.17 -21.40
C ILE K 155 -50.64 16.17 -21.08
N LYS K 156 -51.23 16.31 -19.90
CA LYS K 156 -52.31 15.43 -19.49
C LYS K 156 -53.50 15.55 -20.44
N LYS K 157 -54.19 14.42 -20.63
CA LYS K 157 -55.43 14.38 -21.40
C LYS K 157 -56.56 13.91 -20.49
N ASN K 158 -57.68 14.63 -20.55
CA ASN K 158 -58.85 14.33 -19.71
C ASN K 158 -58.51 14.35 -18.22
N ASP K 159 -57.72 15.36 -17.81
CA ASP K 159 -57.33 15.52 -16.42
C ASP K 159 -56.67 14.25 -15.89
N ALA K 160 -55.81 13.65 -16.71
CA ALA K 160 -55.15 12.41 -16.34
C ALA K 160 -53.85 12.29 -17.13
N TYR K 161 -52.81 11.79 -16.47
CA TYR K 161 -51.51 11.54 -17.09
C TYR K 161 -51.14 10.10 -16.77
N PRO K 162 -51.59 9.15 -17.60
CA PRO K 162 -51.25 7.74 -17.35
C PRO K 162 -49.73 7.54 -17.42
N THR K 163 -49.23 6.64 -16.58
CA THR K 163 -47.80 6.36 -16.55
C THR K 163 -47.35 5.82 -17.89
N ILE K 164 -46.27 6.39 -18.42
CA ILE K 164 -45.73 6.00 -19.72
C ILE K 164 -44.75 4.84 -19.52
N LYS K 165 -44.90 3.80 -20.33
CA LYS K 165 -43.95 2.68 -20.36
C LYS K 165 -43.73 2.34 -21.83
N ILE K 166 -42.74 3.00 -22.44
CA ILE K 166 -42.46 2.85 -23.85
C ILE K 166 -40.97 2.56 -24.03
N SER K 167 -40.64 1.90 -25.14
CA SER K 167 -39.26 1.56 -25.42
C SER K 167 -39.05 1.50 -26.92
N TYR K 168 -37.83 1.83 -27.35
CA TYR K 168 -37.43 1.79 -28.75
C TYR K 168 -36.17 0.96 -28.88
N ASN K 169 -36.19 -0.01 -29.79
CA ASN K 169 -35.05 -0.86 -30.08
C ASN K 169 -34.38 -0.38 -31.36
N ASN K 170 -33.06 -0.18 -31.28
CA ASN K 170 -32.31 0.38 -32.42
C ASN K 170 -32.11 -0.72 -33.46
N THR K 171 -33.09 -0.86 -34.35
CA THR K 171 -32.97 -1.82 -35.43
C THR K 171 -32.01 -1.35 -36.50
N ASN K 172 -31.66 -0.06 -36.50
CA ASN K 172 -30.72 0.47 -37.49
C ASN K 172 -29.32 -0.08 -37.25
N ARG K 173 -28.50 -0.03 -38.29
CA ARG K 173 -27.14 -0.55 -38.24
C ARG K 173 -26.13 0.48 -37.76
N GLU K 174 -26.57 1.69 -37.40
CA GLU K 174 -25.69 2.76 -36.97
C GLU K 174 -26.14 3.26 -35.59
N ASP K 175 -25.23 3.96 -34.92
CA ASP K 175 -25.56 4.53 -33.61
C ASP K 175 -26.66 5.58 -33.75
N LEU K 176 -27.43 5.74 -32.68
CA LEU K 176 -28.51 6.72 -32.63
C LEU K 176 -28.25 7.70 -31.49
N LEU K 177 -28.35 8.99 -31.80
CA LEU K 177 -28.32 10.04 -30.78
C LEU K 177 -29.75 10.39 -30.40
N ILE K 178 -30.10 10.16 -29.15
CA ILE K 178 -31.46 10.36 -28.66
C ILE K 178 -31.44 11.44 -27.60
N LEU K 179 -32.33 12.43 -27.74
CA LEU K 179 -32.44 13.52 -26.79
C LEU K 179 -33.83 13.54 -26.17
N TRP K 180 -33.87 13.74 -24.85
CA TRP K 180 -35.10 13.88 -24.11
C TRP K 180 -34.87 14.93 -23.03
N GLY K 181 -35.93 15.27 -22.30
CA GLY K 181 -35.78 16.30 -21.29
C GLY K 181 -36.84 16.20 -20.20
N ILE K 182 -36.65 17.00 -19.17
CA ILE K 182 -37.59 17.10 -18.05
C ILE K 182 -37.96 18.57 -17.87
N HIS K 183 -39.26 18.83 -17.72
CA HIS K 183 -39.75 20.19 -17.50
C HIS K 183 -39.95 20.42 -16.01
N HIS K 184 -39.33 21.49 -15.51
CA HIS K 184 -39.47 21.87 -14.10
C HIS K 184 -40.63 22.84 -13.97
N SER K 185 -41.60 22.48 -13.13
CA SER K 185 -42.75 23.34 -12.89
C SER K 185 -42.34 24.53 -12.02
N ASN K 186 -43.25 25.49 -11.89
CA ASN K 186 -43.04 26.64 -11.03
C ASN K 186 -43.75 26.53 -9.69
N ASN K 187 -44.92 25.89 -9.66
CA ASN K 187 -45.68 25.74 -8.42
C ASN K 187 -46.55 24.50 -8.52
N ALA K 188 -47.21 24.17 -7.40
CA ALA K 188 -48.04 22.98 -7.36
C ALA K 188 -49.21 23.09 -8.31
N GLU K 189 -49.82 24.28 -8.42
CA GLU K 189 -50.99 24.44 -9.28
C GLU K 189 -50.64 24.20 -10.75
N GLU K 190 -49.49 24.72 -11.20
CA GLU K 190 -49.06 24.48 -12.58
C GLU K 190 -48.80 23.00 -12.82
N GLN K 191 -48.21 22.32 -11.84
CA GLN K 191 -47.97 20.88 -11.97
C GLN K 191 -49.28 20.12 -12.16
N THR K 192 -50.30 20.48 -11.37
CA THR K 192 -51.62 19.87 -11.54
C THR K 192 -52.23 20.26 -12.88
N ASN K 193 -52.13 21.54 -13.25
CA ASN K 193 -52.73 22.01 -14.50
C ASN K 193 -52.10 21.39 -15.74
N LEU K 194 -50.86 20.91 -15.64
CA LEU K 194 -50.15 20.35 -16.78
C LEU K 194 -50.06 18.83 -16.75
N TYR K 195 -49.93 18.22 -15.59
CA TYR K 195 -49.68 16.78 -15.50
C TYR K 195 -50.57 16.04 -14.52
N LYS K 196 -51.33 16.73 -13.68
CA LYS K 196 -52.36 16.11 -12.82
C LYS K 196 -51.73 15.29 -11.70
N ASN K 197 -50.43 15.06 -11.76
CA ASN K 197 -49.74 14.24 -10.77
C ASN K 197 -48.80 15.12 -9.95
N PRO K 198 -49.06 15.31 -8.65
CA PRO K 198 -48.21 16.22 -7.87
C PRO K 198 -46.74 15.80 -7.82
N ILE K 199 -46.47 14.50 -7.75
CA ILE K 199 -45.10 14.00 -7.67
C ILE K 199 -44.85 13.12 -8.88
N THR K 200 -43.96 13.55 -9.76
CA THR K 200 -43.65 12.83 -10.99
C THR K 200 -42.17 12.48 -11.04
N TYR K 201 -41.81 11.69 -12.05
CA TYR K 201 -40.44 11.24 -12.23
C TYR K 201 -40.24 10.89 -13.69
N ILE K 202 -38.97 10.79 -14.08
CA ILE K 202 -38.57 10.24 -15.38
C ILE K 202 -37.45 9.24 -15.13
N SER K 203 -37.61 8.03 -15.67
CA SER K 203 -36.57 7.01 -15.59
C SER K 203 -36.26 6.54 -17.01
N VAL K 204 -34.99 6.64 -17.40
CA VAL K 204 -34.53 6.28 -18.73
C VAL K 204 -33.48 5.19 -18.59
N GLY K 205 -33.66 4.09 -19.33
CA GLY K 205 -32.76 2.97 -19.20
C GLY K 205 -32.32 2.34 -20.50
N THR K 206 -31.01 2.10 -20.63
CA THR K 206 -30.46 1.36 -21.75
C THR K 206 -29.58 0.24 -21.20
N SER K 207 -28.79 -0.39 -22.07
CA SER K 207 -27.81 -1.37 -21.60
C SER K 207 -26.73 -0.72 -20.74
N THR K 208 -26.54 0.60 -20.86
CA THR K 208 -25.51 1.31 -20.10
C THR K 208 -26.06 2.45 -19.26
N LEU K 209 -27.24 2.98 -19.58
CA LEU K 209 -27.78 4.17 -18.91
C LEU K 209 -28.84 3.76 -17.90
N ASN K 210 -28.75 4.32 -16.70
CA ASN K 210 -29.74 4.11 -15.65
C ASN K 210 -29.96 5.47 -14.98
N GLN K 211 -30.91 6.24 -15.50
CA GLN K 211 -31.13 7.62 -15.09
C GLN K 211 -32.51 7.77 -14.46
N ARG K 212 -32.57 8.49 -13.34
CA ARG K 212 -33.82 8.85 -12.69
C ARG K 212 -33.86 10.36 -12.54
N LEU K 213 -34.91 10.98 -13.09
CA LEU K 213 -35.08 12.42 -13.06
C LEU K 213 -36.31 12.77 -12.22
N ALA K 214 -36.22 13.88 -11.50
CA ALA K 214 -37.33 14.38 -10.69
C ALA K 214 -37.43 15.89 -10.89
N PRO K 215 -38.62 16.42 -11.14
CA PRO K 215 -38.75 17.87 -11.38
C PRO K 215 -38.46 18.66 -10.11
N LYS K 216 -37.64 19.71 -10.26
CA LYS K 216 -37.33 20.63 -9.17
C LYS K 216 -38.25 21.83 -9.31
N ILE K 217 -39.29 21.87 -8.48
CA ILE K 217 -40.28 22.92 -8.51
C ILE K 217 -39.83 24.02 -7.55
N ALA K 218 -39.51 25.19 -8.11
CA ALA K 218 -39.07 26.33 -7.31
C ALA K 218 -39.35 27.60 -8.10
N THR K 219 -39.39 28.72 -7.37
CA THR K 219 -39.55 30.02 -8.00
C THR K 219 -38.19 30.48 -8.53
N ARG K 220 -38.15 30.85 -9.81
CA ARG K 220 -36.92 31.23 -10.47
C ARG K 220 -37.11 32.54 -11.21
N SER K 221 -35.99 33.16 -11.57
CA SER K 221 -36.02 34.40 -12.33
C SER K 221 -36.56 34.16 -13.73
N GLN K 222 -37.17 35.19 -14.30
CA GLN K 222 -37.74 35.10 -15.64
C GLN K 222 -36.65 35.13 -16.69
N VAL K 223 -36.67 34.15 -17.59
CA VAL K 223 -35.82 34.12 -18.77
C VAL K 223 -36.71 33.87 -19.98
N ASN K 224 -36.60 34.74 -20.98
CA ASN K 224 -37.48 34.72 -22.15
C ASN K 224 -38.95 34.82 -21.75
N GLY K 225 -39.22 35.55 -20.67
CA GLY K 225 -40.57 35.67 -20.15
C GLY K 225 -41.08 34.49 -19.37
N LEU K 226 -40.25 33.48 -19.15
CA LEU K 226 -40.66 32.24 -18.48
C LEU K 226 -39.82 32.01 -17.23
N ARG K 227 -40.50 31.60 -16.16
CA ARG K 227 -39.82 31.18 -14.94
C ARG K 227 -39.57 29.68 -14.89
N GLY K 228 -40.12 28.92 -15.83
CA GLY K 228 -39.89 27.50 -15.87
C GLY K 228 -38.66 27.11 -16.68
N ARG K 229 -38.13 25.93 -16.38
CA ARG K 229 -36.90 25.45 -17.01
C ARG K 229 -37.13 24.07 -17.60
N MET K 230 -36.32 23.74 -18.60
CA MET K 230 -36.31 22.41 -19.22
C MET K 230 -34.87 21.94 -19.35
N ASP K 231 -34.52 20.88 -18.64
CA ASP K 231 -33.20 20.29 -18.71
C ASP K 231 -33.25 19.10 -19.67
N PHE K 232 -32.40 19.14 -20.69
CA PHE K 232 -32.34 18.10 -21.70
C PHE K 232 -31.15 17.19 -21.46
N PHE K 233 -31.29 15.93 -21.86
CA PHE K 233 -30.26 14.92 -21.72
C PHE K 233 -30.14 14.14 -23.01
N TRP K 234 -29.03 13.44 -23.17
CA TRP K 234 -28.78 12.68 -24.39
C TRP K 234 -27.98 11.44 -24.07
N THR K 235 -28.09 10.45 -24.96
CA THR K 235 -27.31 9.22 -24.90
C THR K 235 -27.04 8.76 -26.32
N ILE K 236 -26.22 7.73 -26.44
CA ILE K 236 -25.94 7.09 -27.72
C ILE K 236 -26.44 5.66 -27.63
N LEU K 237 -27.49 5.35 -28.40
CA LEU K 237 -28.08 4.02 -28.41
C LEU K 237 -27.41 3.22 -29.52
N LYS K 238 -26.56 2.27 -29.13
CA LYS K 238 -25.82 1.47 -30.08
C LYS K 238 -26.76 0.47 -30.76
N PRO K 239 -26.38 -0.04 -31.94
CA PRO K 239 -27.29 -0.92 -32.68
C PRO K 239 -27.67 -2.16 -31.89
N ASP K 240 -28.91 -2.60 -32.09
CA ASP K 240 -29.53 -3.74 -31.43
C ASP K 240 -29.75 -3.53 -29.94
N ASP K 241 -29.52 -2.32 -29.43
CA ASP K 241 -29.84 -1.98 -28.06
C ASP K 241 -31.19 -1.27 -28.02
N ALA K 242 -31.75 -1.20 -26.81
CA ALA K 242 -33.06 -0.58 -26.60
C ALA K 242 -32.96 0.46 -25.50
N ILE K 243 -33.76 1.52 -25.65
CA ILE K 243 -33.90 2.55 -24.62
C ILE K 243 -35.31 2.45 -24.06
N HIS K 244 -35.43 2.47 -22.74
CA HIS K 244 -36.69 2.27 -22.05
C HIS K 244 -37.05 3.55 -21.30
N PHE K 245 -38.23 4.10 -21.59
CA PHE K 245 -38.70 5.33 -20.98
C PHE K 245 -39.86 5.03 -20.05
N GLU K 246 -39.79 5.55 -18.83
CA GLU K 246 -40.91 5.51 -17.90
C GLU K 246 -41.05 6.88 -17.24
N SER K 247 -42.28 7.39 -17.21
CA SER K 247 -42.54 8.69 -16.61
C SER K 247 -44.02 8.81 -16.32
N ASN K 248 -44.35 9.76 -15.43
CA ASN K 248 -45.74 10.07 -15.08
C ASN K 248 -45.99 11.57 -15.10
N GLY K 249 -45.18 12.33 -15.82
CA GLY K 249 -45.34 13.76 -15.93
C GLY K 249 -44.01 14.44 -16.10
N ASN K 250 -44.06 15.68 -16.59
CA ASN K 250 -42.90 16.54 -16.81
C ASN K 250 -41.91 15.94 -17.82
N PHE K 251 -42.39 15.06 -18.69
CA PHE K 251 -41.53 14.32 -19.61
C PHE K 251 -41.57 14.95 -20.99
N ILE K 252 -40.39 15.30 -21.51
CA ILE K 252 -40.24 15.83 -22.86
C ILE K 252 -39.79 14.67 -23.73
N ALA K 253 -40.76 13.98 -24.32
CA ALA K 253 -40.49 12.74 -25.03
C ALA K 253 -39.76 13.01 -26.34
N PRO K 254 -38.92 12.07 -26.79
CA PRO K 254 -38.30 12.21 -28.11
C PRO K 254 -39.25 11.76 -29.22
N GLU K 255 -39.18 12.49 -30.34
CA GLU K 255 -39.85 12.07 -31.57
C GLU K 255 -38.86 11.68 -32.65
N TYR K 256 -37.83 12.49 -32.86
CA TYR K 256 -36.81 12.21 -33.86
C TYR K 256 -35.48 11.90 -33.18
N ALA K 257 -34.62 11.18 -33.90
CA ALA K 257 -33.29 10.85 -33.44
C ALA K 257 -32.35 10.82 -34.65
N TYR K 258 -31.07 10.97 -34.39
CA TYR K 258 -30.07 11.13 -35.44
C TYR K 258 -29.22 9.87 -35.54
N LYS K 259 -29.21 9.24 -36.71
CA LYS K 259 -28.24 8.19 -36.99
C LYS K 259 -26.86 8.84 -37.15
N ILE K 260 -25.89 8.37 -36.36
CA ILE K 260 -24.61 9.03 -36.24
C ILE K 260 -23.48 8.02 -36.42
N VAL K 261 -22.52 8.37 -37.26
CA VAL K 261 -21.29 7.60 -37.44
C VAL K 261 -20.12 8.56 -37.27
N LYS K 262 -19.20 8.21 -36.38
CA LYS K 262 -18.04 9.06 -36.10
C LYS K 262 -16.76 8.29 -36.39
N LYS K 263 -15.90 8.87 -37.21
CA LYS K 263 -14.62 8.27 -37.55
C LYS K 263 -13.43 9.18 -37.28
N GLY K 264 -13.66 10.38 -36.75
CA GLY K 264 -12.58 11.33 -36.52
C GLY K 264 -13.05 12.45 -35.62
N ASP K 265 -12.10 13.30 -35.25
CA ASP K 265 -12.33 14.35 -34.27
C ASP K 265 -11.94 15.71 -34.81
N SER K 266 -12.63 16.74 -34.34
CA SER K 266 -12.39 18.13 -34.69
C SER K 266 -12.80 18.98 -33.49
N THR K 267 -13.00 20.28 -33.71
CA THR K 267 -13.46 21.17 -32.65
C THR K 267 -14.44 22.18 -33.24
N ILE K 268 -14.94 23.05 -32.36
CA ILE K 268 -15.87 24.12 -32.76
C ILE K 268 -15.06 25.35 -33.11
N MET K 269 -15.30 25.91 -34.30
CA MET K 269 -14.63 27.12 -34.74
C MET K 269 -15.57 28.31 -34.59
N LYS K 270 -15.16 29.29 -33.80
CA LYS K 270 -15.92 30.52 -33.61
C LYS K 270 -15.47 31.53 -34.65
N SER K 271 -16.29 31.78 -35.66
CA SER K 271 -15.92 32.65 -36.76
C SER K 271 -17.18 33.18 -37.44
N GLY K 272 -17.14 34.46 -37.78
CA GLY K 272 -18.17 35.10 -38.59
C GLY K 272 -17.80 35.25 -40.05
N VAL K 273 -16.74 34.63 -40.51
CA VAL K 273 -16.30 34.72 -41.90
C VAL K 273 -17.21 33.87 -42.78
N GLU K 274 -17.40 34.31 -44.03
CA GLU K 274 -18.28 33.63 -44.96
C GLU K 274 -17.56 32.44 -45.61
N TYR K 275 -18.35 31.45 -46.00
CA TYR K 275 -17.82 30.26 -46.68
C TYR K 275 -17.49 30.60 -48.13
N GLY K 276 -16.30 30.19 -48.57
CA GLY K 276 -15.79 30.54 -49.88
C GLY K 276 -15.78 29.45 -50.94
N HIS K 277 -16.33 28.27 -50.66
CA HIS K 277 -16.36 27.17 -51.62
C HIS K 277 -14.95 26.81 -52.09
N CYS K 278 -14.05 26.61 -51.13
CA CYS K 278 -12.65 26.33 -51.39
C CYS K 278 -12.22 25.12 -50.57
N ASN K 279 -11.04 24.59 -50.88
CA ASN K 279 -10.49 23.45 -50.16
C ASN K 279 -9.17 23.86 -49.50
N THR K 280 -8.91 23.27 -48.34
CA THR K 280 -7.66 23.55 -47.62
C THR K 280 -7.35 22.40 -46.68
N LYS K 281 -6.08 22.31 -46.29
CA LYS K 281 -5.66 21.42 -45.22
C LYS K 281 -5.52 22.15 -43.88
N CYS K 282 -5.62 23.47 -43.89
CA CYS K 282 -5.43 24.28 -42.69
C CYS K 282 -6.42 25.44 -42.70
N GLN K 283 -7.20 25.57 -41.64
CA GLN K 283 -8.24 26.58 -41.54
C GLN K 283 -8.08 27.38 -40.27
N THR K 284 -8.13 28.71 -40.40
CA THR K 284 -8.13 29.64 -39.29
C THR K 284 -9.47 30.38 -39.23
N PRO K 285 -9.82 30.96 -38.08
CA PRO K 285 -11.09 31.70 -38.01
C PRO K 285 -11.15 32.91 -38.95
N VAL K 286 -10.02 33.36 -39.48
CA VAL K 286 -9.99 34.49 -40.39
C VAL K 286 -9.76 34.09 -41.84
N GLY K 287 -9.35 32.87 -42.11
CA GLY K 287 -9.13 32.43 -43.47
C GLY K 287 -8.18 31.25 -43.53
N ALA K 288 -8.28 30.51 -44.64
CA ALA K 288 -7.51 29.30 -44.81
C ALA K 288 -6.07 29.60 -45.24
N ILE K 289 -5.19 28.62 -45.01
CA ILE K 289 -3.78 28.74 -45.33
C ILE K 289 -3.40 27.62 -46.29
N ASN K 290 -2.70 27.97 -47.37
CA ASN K 290 -2.14 26.99 -48.31
C ASN K 290 -0.66 27.30 -48.42
N SER K 291 0.15 26.72 -47.52
CA SER K 291 1.56 27.03 -47.45
C SER K 291 2.33 25.80 -47.05
N SER K 292 3.55 25.68 -47.57
CA SER K 292 4.50 24.66 -47.16
C SER K 292 5.50 25.17 -46.14
N MET K 293 5.38 26.43 -45.72
CA MET K 293 6.33 27.01 -44.79
C MET K 293 6.16 26.41 -43.39
N PRO K 294 7.24 26.36 -42.60
CA PRO K 294 7.16 25.73 -41.28
C PRO K 294 6.61 26.62 -40.18
N PHE K 295 6.33 27.90 -40.45
CA PHE K 295 5.82 28.80 -39.42
C PHE K 295 4.76 29.73 -40.01
N HIS K 296 3.88 30.21 -39.14
CA HIS K 296 2.87 31.18 -39.51
C HIS K 296 2.52 32.02 -38.29
N ASN K 297 1.95 33.20 -38.56
CA ASN K 297 1.60 34.16 -37.50
C ASN K 297 0.18 34.67 -37.67
N ILE K 298 -0.69 33.85 -38.27
CA ILE K 298 -2.02 34.32 -38.63
C ILE K 298 -2.97 34.24 -37.43
N HIS K 299 -3.17 33.03 -36.90
CA HIS K 299 -4.13 32.84 -35.82
C HIS K 299 -3.78 31.58 -35.05
N PRO K 300 -3.96 31.55 -33.72
CA PRO K 300 -3.63 30.34 -32.97
C PRO K 300 -4.68 29.24 -33.08
N LEU K 301 -5.95 29.62 -33.23
CA LEU K 301 -7.06 28.66 -33.16
C LEU K 301 -7.30 28.04 -34.54
N THR K 302 -6.36 27.21 -34.96
CA THR K 302 -6.39 26.59 -36.28
C THR K 302 -6.98 25.18 -36.20
N ILE K 303 -7.46 24.71 -37.34
CA ILE K 303 -7.95 23.33 -37.48
C ILE K 303 -7.32 22.74 -38.74
N GLY K 304 -6.55 21.66 -38.57
CA GLY K 304 -5.96 20.94 -39.67
C GLY K 304 -4.47 20.79 -39.51
N GLU K 305 -3.82 20.38 -40.59
CA GLU K 305 -2.36 20.28 -40.64
C GLU K 305 -1.82 21.66 -40.97
N CYS K 306 -1.31 22.36 -39.96
CA CYS K 306 -0.90 23.75 -40.07
C CYS K 306 0.56 23.92 -39.67
N PRO K 307 1.22 24.96 -40.17
CA PRO K 307 2.55 25.30 -39.66
C PRO K 307 2.49 25.74 -38.20
N LYS K 308 3.67 25.88 -37.61
CA LYS K 308 3.78 26.24 -36.20
C LYS K 308 3.49 27.73 -36.02
N TYR K 309 2.65 28.05 -35.05
CA TYR K 309 2.23 29.43 -34.79
C TYR K 309 3.27 30.11 -33.91
N VAL K 310 3.82 31.22 -34.39
CA VAL K 310 4.88 31.95 -33.69
C VAL K 310 4.51 33.41 -33.60
N LYS K 311 5.14 34.10 -32.64
CA LYS K 311 4.97 35.55 -32.46
C LYS K 311 6.10 36.25 -33.21
N SER K 312 5.95 36.34 -34.53
CA SER K 312 6.99 36.91 -35.37
C SER K 312 6.34 37.63 -36.55
N ASN K 313 7.06 38.62 -37.07
CA ASN K 313 6.63 39.36 -38.25
C ASN K 313 7.43 39.03 -39.50
N LYS K 314 8.68 38.60 -39.34
CA LYS K 314 9.50 38.20 -40.47
C LYS K 314 10.49 37.15 -40.01
N LEU K 315 10.60 36.06 -40.79
CA LEU K 315 11.62 35.04 -40.59
C LEU K 315 12.31 34.87 -41.95
N VAL K 316 13.29 35.73 -42.22
CA VAL K 316 13.89 35.86 -43.54
C VAL K 316 15.26 35.22 -43.51
N LEU K 317 15.46 34.19 -44.33
CA LEU K 317 16.72 33.49 -44.43
C LEU K 317 17.54 34.04 -45.59
N ALA K 318 18.85 34.18 -45.35
CA ALA K 318 19.75 34.65 -46.40
C ALA K 318 20.02 33.51 -47.37
N THR K 319 19.77 33.75 -48.66
CA THR K 319 20.07 32.80 -49.72
C THR K 319 21.31 33.18 -50.51
N GLY K 320 21.50 34.46 -50.80
CA GLY K 320 22.65 34.94 -51.55
C GLY K 320 23.73 35.51 -50.66
N LEU K 321 24.60 36.31 -51.28
CA LEU K 321 25.76 36.88 -50.60
C LEU K 321 25.39 38.25 -50.02
N ARG K 322 26.40 38.98 -49.56
CA ARG K 322 26.22 40.36 -49.13
C ARG K 322 26.22 41.26 -50.36
N ASN K 323 25.14 41.98 -50.58
CA ASN K 323 25.11 42.97 -51.64
C ASN K 323 25.91 44.19 -51.23
N SER K 324 26.35 44.95 -52.24
CA SER K 324 27.18 46.13 -51.99
C SER K 324 26.81 47.28 -52.93
N GLY L 1 32.83 37.47 -43.49
CA GLY L 1 33.90 38.06 -42.70
C GLY L 1 34.73 37.04 -41.94
N LEU L 2 34.20 35.81 -41.85
CA LEU L 2 34.92 34.75 -41.15
C LEU L 2 36.18 34.34 -41.90
N PHE L 3 36.20 34.48 -43.23
CA PHE L 3 37.34 34.10 -44.03
C PHE L 3 38.06 35.30 -44.64
N GLY L 4 37.57 36.51 -44.41
CA GLY L 4 38.27 37.71 -44.81
C GLY L 4 38.28 38.01 -46.29
N ALA L 5 37.42 37.35 -47.07
CA ALA L 5 37.41 37.55 -48.52
C ALA L 5 36.33 38.51 -48.98
N ILE L 6 35.07 38.28 -48.59
CA ILE L 6 33.94 39.00 -49.17
C ILE L 6 34.11 40.51 -48.99
N ALA L 7 34.40 40.94 -47.76
CA ALA L 7 34.61 42.36 -47.49
C ALA L 7 35.99 42.62 -46.88
N GLY L 8 36.87 41.63 -46.88
CA GLY L 8 38.18 41.79 -46.26
C GLY L 8 39.26 42.24 -47.22
N PHE L 9 39.44 41.54 -48.33
CA PHE L 9 40.40 41.96 -49.35
C PHE L 9 39.83 42.06 -50.76
N ILE L 10 38.76 41.32 -51.08
CA ILE L 10 38.05 41.60 -52.33
C ILE L 10 37.34 42.95 -52.23
N GLU L 11 36.63 43.18 -51.14
CA GLU L 11 35.98 44.45 -50.80
C GLU L 11 35.13 44.98 -51.97
N GLY L 12 34.05 44.24 -52.22
CA GLY L 12 33.06 44.70 -53.17
C GLY L 12 32.66 43.69 -54.21
N GLY L 13 31.36 43.58 -54.47
CA GLY L 13 30.86 42.70 -55.49
C GLY L 13 30.92 43.32 -56.87
N TRP L 14 30.59 42.50 -57.87
CA TRP L 14 30.62 42.90 -59.27
C TRP L 14 29.20 42.90 -59.81
N GLN L 15 28.62 44.09 -60.00
CA GLN L 15 27.34 44.20 -60.66
C GLN L 15 27.41 43.68 -62.09
N GLY L 16 28.57 43.78 -62.72
CA GLY L 16 28.74 43.34 -64.10
C GLY L 16 28.69 41.83 -64.27
N MET L 17 28.89 41.08 -63.20
CA MET L 17 28.82 39.62 -63.26
C MET L 17 27.40 39.18 -62.94
N VAL L 18 26.69 38.71 -63.97
CA VAL L 18 25.32 38.24 -63.84
C VAL L 18 25.20 36.76 -64.18
N ASP L 19 26.33 36.05 -64.27
CA ASP L 19 26.34 34.66 -64.69
C ASP L 19 26.52 33.69 -63.53
N GLY L 20 26.78 34.17 -62.33
CA GLY L 20 26.97 33.28 -61.20
C GLY L 20 27.23 34.06 -59.92
N TRP L 21 27.37 33.31 -58.83
CA TRP L 21 27.65 33.93 -57.54
C TRP L 21 29.12 34.29 -57.37
N TYR L 22 30.03 33.47 -57.91
CA TYR L 22 31.46 33.73 -57.84
C TYR L 22 32.06 33.56 -59.22
N GLY L 23 33.10 34.34 -59.50
CA GLY L 23 33.73 34.27 -60.80
C GLY L 23 34.95 35.16 -60.87
N TYR L 24 35.43 35.35 -62.10
CA TYR L 24 36.67 36.06 -62.38
C TYR L 24 36.40 37.27 -63.27
N HIS L 25 37.44 38.08 -63.44
CA HIS L 25 37.38 39.24 -64.34
C HIS L 25 38.78 39.49 -64.87
N HIS L 26 38.92 39.49 -66.20
CA HIS L 26 40.21 39.67 -66.86
C HIS L 26 40.29 41.04 -67.52
N SER L 27 41.53 41.50 -67.72
CA SER L 27 41.77 42.74 -68.47
C SER L 27 43.14 42.60 -69.13
N ASN L 28 43.15 42.20 -70.40
CA ASN L 28 44.39 42.04 -71.15
C ASN L 28 44.33 42.82 -72.46
N GLU L 29 45.29 42.57 -73.36
CA GLU L 29 45.36 43.31 -74.61
C GLU L 29 44.10 43.14 -75.44
N GLN L 30 43.54 41.92 -75.48
CA GLN L 30 42.33 41.70 -76.26
C GLN L 30 41.16 42.51 -75.71
N GLY L 31 41.01 42.56 -74.39
CA GLY L 31 39.93 43.32 -73.80
C GLY L 31 39.69 42.89 -72.36
N SER L 32 38.51 43.26 -71.86
CA SER L 32 38.10 42.93 -70.51
C SER L 32 36.75 42.23 -70.55
N GLY L 33 36.45 41.50 -69.48
CA GLY L 33 35.18 40.79 -69.42
C GLY L 33 34.99 40.15 -68.07
N TYR L 34 33.80 39.58 -67.89
CA TYR L 34 33.41 38.89 -66.66
C TYR L 34 33.15 37.42 -66.97
N ALA L 35 33.74 36.55 -66.16
CA ALA L 35 33.55 35.11 -66.29
C ALA L 35 33.20 34.53 -64.92
N ALA L 36 32.18 33.69 -64.88
CA ALA L 36 31.68 33.12 -63.64
C ALA L 36 32.05 31.65 -63.55
N ASP L 37 32.60 31.25 -62.40
CA ASP L 37 32.94 29.86 -62.16
C ASP L 37 31.67 29.06 -61.91
N LYS L 38 31.32 28.17 -62.86
CA LYS L 38 30.08 27.41 -62.73
C LYS L 38 30.16 26.43 -61.56
N GLU L 39 31.33 25.85 -61.34
CA GLU L 39 31.48 24.77 -60.36
C GLU L 39 31.24 25.28 -58.95
N SER L 40 31.92 26.36 -58.57
CA SER L 40 31.73 26.93 -57.24
C SER L 40 30.32 27.49 -57.08
N THR L 41 29.80 28.15 -58.12
CA THR L 41 28.43 28.67 -58.06
C THR L 41 27.42 27.55 -57.91
N GLN L 42 27.58 26.47 -58.67
CA GLN L 42 26.65 25.35 -58.57
C GLN L 42 26.77 24.65 -57.23
N LYS L 43 27.99 24.52 -56.71
CA LYS L 43 28.17 23.94 -55.38
C LYS L 43 27.51 24.81 -54.32
N ALA L 44 27.55 26.14 -54.49
CA ALA L 44 26.94 27.03 -53.52
C ALA L 44 25.42 26.98 -53.58
N ILE L 45 24.86 26.99 -54.78
CA ILE L 45 23.40 27.00 -54.92
C ILE L 45 22.81 25.69 -54.41
N ASP L 46 23.51 24.57 -54.63
CA ASP L 46 23.04 23.29 -54.11
C ASP L 46 23.04 23.28 -52.59
N GLY L 47 24.10 23.81 -51.97
CA GLY L 47 24.18 23.81 -50.51
C GLY L 47 23.12 24.69 -49.87
N VAL L 48 22.91 25.90 -50.41
CA VAL L 48 21.90 26.80 -49.87
C VAL L 48 20.50 26.23 -50.12
N THR L 49 20.30 25.59 -51.27
CA THR L 49 19.02 24.95 -51.54
C THR L 49 18.74 23.84 -50.53
N ASN L 50 19.76 23.04 -50.20
CA ASN L 50 19.58 22.00 -49.19
C ASN L 50 19.31 22.61 -47.82
N LYS L 51 20.01 23.69 -47.47
CA LYS L 51 19.82 24.30 -46.16
C LYS L 51 18.40 24.82 -46.00
N VAL L 52 17.88 25.52 -47.03
CA VAL L 52 16.51 26.02 -46.96
C VAL L 52 15.53 24.86 -46.94
N ASN L 53 15.74 23.85 -47.79
CA ASN L 53 14.81 22.73 -47.84
C ASN L 53 14.80 21.95 -46.53
N SER L 54 15.98 21.73 -45.93
CA SER L 54 16.04 21.00 -44.67
C SER L 54 15.28 21.74 -43.56
N ILE L 55 15.42 23.07 -43.52
CA ILE L 55 14.71 23.86 -42.52
C ILE L 55 13.21 23.75 -42.72
N ILE L 56 12.76 23.61 -43.96
CA ILE L 56 11.33 23.52 -44.26
C ILE L 56 10.83 22.09 -44.19
N ASP L 57 11.57 21.13 -44.78
CA ASP L 57 11.06 19.76 -44.88
C ASP L 57 11.04 19.07 -43.52
N LYS L 58 12.06 19.30 -42.69
CA LYS L 58 12.18 18.56 -41.44
C LYS L 58 11.08 18.88 -40.44
N MET L 59 10.32 19.94 -40.65
CA MET L 59 9.22 20.26 -39.75
C MET L 59 8.14 19.18 -39.86
N ASN L 60 7.69 18.69 -38.71
CA ASN L 60 6.66 17.66 -38.64
C ASN L 60 5.34 18.31 -38.23
N THR L 61 4.34 18.21 -39.09
CA THR L 61 3.03 18.82 -38.87
C THR L 61 1.97 17.74 -38.82
N GLN L 62 1.02 17.88 -37.88
CA GLN L 62 -0.04 16.92 -37.69
C GLN L 62 -1.37 17.65 -37.59
N PHE L 63 -2.44 16.92 -37.89
CA PHE L 63 -3.79 17.48 -37.77
C PHE L 63 -4.09 17.76 -36.30
N GLU L 64 -4.36 19.03 -35.99
CA GLU L 64 -4.74 19.44 -34.64
C GLU L 64 -5.93 20.39 -34.74
N ALA L 65 -6.93 20.17 -33.89
CA ALA L 65 -8.11 21.03 -33.83
C ALA L 65 -8.01 21.88 -32.58
N VAL L 66 -7.73 23.18 -32.76
CA VAL L 66 -7.53 24.10 -31.65
C VAL L 66 -8.80 24.92 -31.47
N GLY L 67 -9.37 24.88 -30.27
CA GLY L 67 -10.59 25.62 -29.99
C GLY L 67 -10.73 25.92 -28.50
N ARG L 68 -11.93 26.36 -28.09
CA ARG L 68 -12.22 26.72 -26.70
C ARG L 68 -13.51 26.02 -26.31
N GLU L 69 -13.39 24.85 -25.68
CA GLU L 69 -14.54 24.00 -25.38
C GLU L 69 -14.78 23.84 -23.88
N PHE L 70 -14.15 24.67 -23.04
CA PHE L 70 -14.32 24.59 -21.60
C PHE L 70 -15.13 25.78 -21.11
N ASN L 71 -15.99 25.53 -20.11
CA ASN L 71 -17.01 26.47 -19.70
C ASN L 71 -16.58 27.26 -18.45
N ASN L 72 -17.52 28.02 -17.90
CA ASN L 72 -17.22 28.94 -16.81
C ASN L 72 -16.88 28.23 -15.51
N LEU L 73 -17.19 26.93 -15.40
CA LEU L 73 -16.78 26.13 -14.24
C LEU L 73 -15.72 25.10 -14.61
N GLU L 74 -14.98 25.35 -15.70
CA GLU L 74 -13.84 24.53 -16.10
C GLU L 74 -12.64 25.42 -16.43
N ARG L 75 -12.50 26.53 -15.69
CA ARG L 75 -11.50 27.54 -16.05
C ARG L 75 -10.09 27.08 -15.72
N ARG L 76 -9.92 26.31 -14.65
CA ARG L 76 -8.59 25.77 -14.35
C ARG L 76 -8.09 24.87 -15.47
N ILE L 77 -9.00 24.17 -16.15
CA ILE L 77 -8.63 23.38 -17.31
C ILE L 77 -8.23 24.28 -18.47
N GLU L 78 -8.96 25.39 -18.66
CA GLU L 78 -8.62 26.32 -19.72
C GLU L 78 -7.26 26.98 -19.46
N ASN L 79 -6.98 27.32 -18.20
CA ASN L 79 -5.67 27.85 -17.86
C ASN L 79 -4.56 26.85 -18.19
N LEU L 80 -4.84 25.56 -18.00
CA LEU L 80 -3.87 24.52 -18.39
C LEU L 80 -3.61 24.56 -19.89
N ASN L 81 -4.67 24.73 -20.70
CA ASN L 81 -4.49 24.84 -22.14
C ASN L 81 -3.79 26.14 -22.51
N LYS L 82 -4.09 27.21 -21.78
CA LYS L 82 -3.42 28.48 -22.05
C LYS L 82 -1.93 28.38 -21.79
N LYS L 83 -1.55 27.76 -20.68
CA LYS L 83 -0.12 27.60 -20.39
C LYS L 83 0.55 26.69 -21.41
N MET L 84 -0.17 25.66 -21.87
CA MET L 84 0.38 24.80 -22.92
C MET L 84 0.56 25.56 -24.23
N GLU L 85 -0.48 26.25 -24.68
CA GLU L 85 -0.39 26.98 -25.94
C GLU L 85 0.65 28.09 -25.88
N ASP L 86 0.67 28.85 -24.76
CA ASP L 86 1.66 29.91 -24.64
C ASP L 86 3.07 29.36 -24.51
N GLY L 87 3.23 28.24 -23.81
CA GLY L 87 4.54 27.62 -23.71
C GLY L 87 5.07 27.16 -25.05
N PHE L 88 4.20 26.57 -25.88
CA PHE L 88 4.64 26.11 -27.20
C PHE L 88 4.96 27.28 -28.12
N LEU L 89 4.19 28.36 -28.05
CA LEU L 89 4.50 29.54 -28.84
C LEU L 89 5.84 30.12 -28.44
N ASP L 90 6.13 30.17 -27.13
CA ASP L 90 7.43 30.64 -26.67
C ASP L 90 8.56 29.75 -27.17
N VAL L 91 8.34 28.43 -27.17
CA VAL L 91 9.37 27.50 -27.65
C VAL L 91 9.62 27.72 -29.13
N TRP L 92 8.56 27.76 -29.94
CA TRP L 92 8.72 27.86 -31.38
C TRP L 92 9.24 29.24 -31.79
N THR L 93 8.76 30.30 -31.14
CA THR L 93 9.23 31.64 -31.49
C THR L 93 10.72 31.80 -31.18
N TYR L 94 11.15 31.33 -30.00
CA TYR L 94 12.57 31.43 -29.65
C TYR L 94 13.42 30.60 -30.61
N ASN L 95 12.96 29.39 -30.95
CA ASN L 95 13.71 28.54 -31.86
C ASN L 95 13.75 29.13 -33.26
N ALA L 96 12.59 29.55 -33.77
CA ALA L 96 12.53 30.05 -35.14
C ALA L 96 13.38 31.31 -35.33
N GLU L 97 13.29 32.25 -34.39
CA GLU L 97 14.07 33.48 -34.51
C GLU L 97 15.57 33.19 -34.43
N LEU L 98 15.98 32.31 -33.50
CA LEU L 98 17.40 32.01 -33.37
C LEU L 98 17.89 31.16 -34.53
N LEU L 99 17.05 30.26 -35.05
CA LEU L 99 17.45 29.45 -36.20
C LEU L 99 17.76 30.33 -37.40
N VAL L 100 16.93 31.34 -37.65
CA VAL L 100 17.19 32.27 -38.75
C VAL L 100 18.48 33.05 -38.50
N LEU L 101 18.66 33.54 -37.27
CA LEU L 101 19.85 34.35 -36.98
C LEU L 101 21.13 33.53 -37.13
N MET L 102 21.14 32.30 -36.62
CA MET L 102 22.35 31.50 -36.65
C MET L 102 22.66 31.01 -38.06
N GLU L 103 21.65 30.51 -38.78
CA GLU L 103 21.89 29.97 -40.11
C GLU L 103 22.14 31.05 -41.15
N ASN L 104 21.70 32.29 -40.90
CA ASN L 104 22.09 33.39 -41.78
C ASN L 104 23.58 33.68 -41.66
N GLU L 105 24.10 33.65 -40.43
CA GLU L 105 25.54 33.85 -40.25
C GLU L 105 26.34 32.76 -40.94
N ARG L 106 25.88 31.51 -40.84
CA ARG L 106 26.58 30.42 -41.51
C ARG L 106 26.49 30.56 -43.03
N THR L 107 25.35 31.03 -43.54
CA THR L 107 25.20 31.19 -44.98
C THR L 107 26.13 32.24 -45.53
N LEU L 108 26.24 33.39 -44.84
CA LEU L 108 27.11 34.45 -45.33
C LEU L 108 28.58 34.03 -45.28
N ASP L 109 28.98 33.32 -44.23
CA ASP L 109 30.36 32.82 -44.16
C ASP L 109 30.59 31.68 -45.14
N PHE L 110 29.54 30.95 -45.49
CA PHE L 110 29.67 29.91 -46.50
C PHE L 110 30.01 30.51 -47.86
N HIS L 111 29.36 31.62 -48.23
CA HIS L 111 29.77 32.35 -49.42
C HIS L 111 31.18 32.88 -49.28
N ASP L 112 31.54 33.36 -48.09
CA ASP L 112 32.87 33.92 -47.86
C ASP L 112 33.95 32.87 -48.09
N SER L 113 33.73 31.65 -47.59
CA SER L 113 34.71 30.60 -47.80
C SER L 113 34.82 30.20 -49.26
N ASN L 114 33.72 30.25 -50.01
CA ASN L 114 33.77 29.92 -51.43
C ASN L 114 34.67 30.89 -52.19
N VAL L 115 34.54 32.19 -51.91
CA VAL L 115 35.39 33.18 -52.57
C VAL L 115 36.85 32.97 -52.19
N LYS L 116 37.11 32.71 -50.91
CA LYS L 116 38.48 32.48 -50.44
C LYS L 116 39.08 31.25 -51.11
N ASN L 117 38.30 30.17 -51.23
CA ASN L 117 38.81 28.96 -51.87
C ASN L 117 39.13 29.20 -53.33
N LEU L 118 38.31 29.99 -54.02
CA LEU L 118 38.59 30.31 -55.41
C LEU L 118 39.86 31.16 -55.53
N TYR L 119 40.02 32.15 -54.64
CA TYR L 119 41.22 32.97 -54.66
C TYR L 119 42.47 32.15 -54.35
N ASP L 120 42.36 31.22 -53.40
CA ASP L 120 43.50 30.37 -53.06
C ASP L 120 43.88 29.44 -54.21
N LYS L 121 42.90 29.02 -55.01
CA LYS L 121 43.20 28.15 -56.15
C LYS L 121 44.08 28.87 -57.16
N VAL L 122 43.72 30.11 -57.51
CA VAL L 122 44.47 30.86 -58.50
C VAL L 122 45.87 31.21 -57.98
N ARG L 123 45.96 31.56 -56.70
CA ARG L 123 47.23 31.98 -56.13
C ARG L 123 48.27 30.86 -56.17
N LEU L 124 47.83 29.61 -56.06
CA LEU L 124 48.79 28.49 -56.07
C LEU L 124 49.40 28.30 -57.45
N GLN L 125 48.60 28.45 -58.51
CA GLN L 125 49.10 28.19 -59.86
C GLN L 125 50.15 29.22 -60.28
N LEU L 126 49.87 30.50 -60.02
CA LEU L 126 50.74 31.55 -60.53
C LEU L 126 52.04 31.63 -59.75
N ARG L 127 51.99 31.43 -58.43
CA ARG L 127 53.15 31.50 -57.55
C ARG L 127 53.89 32.82 -57.72
N ASP L 128 55.08 32.76 -58.33
CA ASP L 128 55.90 33.95 -58.53
C ASP L 128 55.60 34.69 -59.83
N ASN L 129 54.87 34.05 -60.76
CA ASN L 129 54.61 34.66 -62.06
C ASN L 129 53.60 35.79 -62.00
N ALA L 130 52.91 35.96 -60.88
CA ALA L 130 51.98 37.07 -60.70
C ALA L 130 52.07 37.56 -59.26
N LYS L 131 51.98 38.87 -59.09
CA LYS L 131 52.11 39.46 -57.76
C LYS L 131 50.75 39.56 -57.09
N GLU L 132 50.76 39.41 -55.76
CA GLU L 132 49.55 39.55 -54.95
C GLU L 132 49.29 41.04 -54.73
N LEU L 133 48.38 41.61 -55.53
CA LEU L 133 48.08 43.04 -55.40
C LEU L 133 47.42 43.35 -54.07
N GLY L 134 46.64 42.43 -53.52
CA GLY L 134 46.00 42.60 -52.24
C GLY L 134 44.52 42.95 -52.32
N ASN L 135 44.03 43.36 -53.49
CA ASN L 135 42.61 43.62 -53.69
C ASN L 135 41.89 42.46 -54.36
N GLY L 136 42.45 41.26 -54.28
CA GLY L 136 41.89 40.10 -54.92
C GLY L 136 42.26 39.92 -56.38
N CYS L 137 43.18 40.74 -56.89
CA CYS L 137 43.61 40.66 -58.27
C CYS L 137 45.08 40.25 -58.34
N PHE L 138 45.43 39.53 -59.39
CA PHE L 138 46.81 39.10 -59.64
C PHE L 138 47.30 39.79 -60.90
N GLU L 139 48.22 40.74 -60.74
CA GLU L 139 48.86 41.37 -61.89
C GLU L 139 49.98 40.45 -62.37
N PHE L 140 49.86 39.93 -63.59
CA PHE L 140 50.83 38.99 -64.11
C PHE L 140 52.15 39.68 -64.37
N TYR L 141 53.25 39.09 -63.87
CA TYR L 141 54.58 39.57 -64.21
C TYR L 141 54.93 39.35 -65.66
N HIS L 142 54.20 38.47 -66.36
CA HIS L 142 54.37 38.22 -67.78
C HIS L 142 53.12 38.69 -68.53
N LYS L 143 53.15 38.53 -69.84
CA LYS L 143 52.02 38.90 -70.70
C LYS L 143 51.12 37.70 -70.90
N CYS L 144 49.83 37.88 -70.60
CA CYS L 144 48.86 36.79 -70.61
C CYS L 144 47.71 37.13 -71.55
N ASP L 145 47.39 36.20 -72.45
CA ASP L 145 46.33 36.38 -73.43
C ASP L 145 45.06 35.66 -72.99
N ASN L 146 44.01 35.78 -73.79
CA ASN L 146 42.73 35.16 -73.45
C ASN L 146 42.84 33.64 -73.37
N GLU L 147 43.67 33.05 -74.23
CA GLU L 147 43.86 31.61 -74.20
C GLU L 147 44.46 31.16 -72.88
N CYS L 148 45.45 31.90 -72.37
CA CYS L 148 46.03 31.60 -71.07
C CYS L 148 45.20 32.14 -69.92
N MET L 149 44.28 33.09 -70.19
CA MET L 149 43.30 33.47 -69.18
C MET L 149 42.39 32.30 -68.84
N GLU L 150 41.97 31.53 -69.85
CA GLU L 150 41.15 30.35 -69.61
C GLU L 150 41.91 29.29 -68.83
N SER L 151 43.22 29.18 -69.05
CA SER L 151 44.01 28.18 -68.31
C SER L 151 43.95 28.44 -66.81
N VAL L 152 43.93 29.71 -66.41
CA VAL L 152 43.79 30.04 -65.00
C VAL L 152 42.39 29.67 -64.50
N ARG L 153 41.38 29.83 -65.36
CA ARG L 153 40.00 29.56 -64.94
C ARG L 153 39.66 28.08 -64.87
N ASN L 154 40.49 27.20 -65.44
CA ASN L 154 40.31 25.76 -65.28
C ASN L 154 41.55 25.09 -64.70
N GLY L 155 42.42 25.86 -64.05
CA GLY L 155 43.56 25.32 -63.33
C GLY L 155 44.60 24.62 -64.17
N THR L 156 45.00 25.24 -65.28
CA THR L 156 46.01 24.67 -66.17
C THR L 156 47.04 25.72 -66.55
N TYR L 157 47.53 26.47 -65.57
CA TYR L 157 48.57 27.47 -65.80
C TYR L 157 49.94 26.83 -65.64
N ASP L 158 50.77 26.94 -66.67
CA ASP L 158 52.12 26.39 -66.64
C ASP L 158 53.06 27.42 -66.02
N TYR L 159 53.63 27.08 -64.85
CA TYR L 159 54.50 28.03 -64.15
C TYR L 159 55.79 28.30 -64.93
N PRO L 160 56.64 27.30 -65.24
CA PRO L 160 57.94 27.60 -65.84
C PRO L 160 57.86 28.08 -67.27
N GLN L 161 56.68 28.13 -67.88
CA GLN L 161 56.55 28.66 -69.22
C GLN L 161 56.93 30.15 -69.27
N TYR L 162 56.54 30.90 -68.26
CA TYR L 162 56.82 32.33 -68.17
C TYR L 162 57.58 32.65 -66.90
N SER L 163 58.54 31.80 -66.52
CA SER L 163 59.27 32.01 -65.28
C SER L 163 60.30 33.12 -65.43
N GLU L 164 61.26 32.96 -66.35
CA GLU L 164 62.30 33.95 -66.51
C GLU L 164 61.76 35.25 -67.08
N GLU L 165 60.72 35.18 -67.91
CA GLU L 165 60.06 36.40 -68.40
C GLU L 165 59.52 37.22 -67.25
N ALA L 166 59.00 36.56 -66.21
CA ALA L 166 58.60 37.26 -64.99
C ALA L 166 59.82 37.82 -64.27
N ARG L 167 60.92 37.06 -64.22
CA ARG L 167 62.09 37.49 -63.47
C ARG L 167 62.73 38.73 -64.08
N LEU L 168 62.78 38.82 -65.42
CA LEU L 168 63.40 39.97 -66.05
C LEU L 168 62.69 41.26 -65.69
N LYS L 169 61.36 41.25 -65.71
CA LYS L 169 60.60 42.42 -65.26
C LYS L 169 60.68 42.59 -63.76
N ARG L 170 60.66 41.49 -63.01
CA ARG L 170 60.70 41.58 -61.54
C ARG L 170 62.00 42.21 -61.06
N GLU L 171 63.12 41.87 -61.70
CA GLU L 171 64.41 42.39 -61.28
C GLU L 171 64.62 43.85 -61.66
N GLU L 172 63.82 44.37 -62.58
CA GLU L 172 63.93 45.77 -62.98
C GLU L 172 62.78 46.64 -62.48
N ILE L 173 61.60 46.07 -62.25
CA ILE L 173 60.50 46.84 -61.68
C ILE L 173 60.84 47.31 -60.28
N SER L 174 61.38 46.41 -59.46
CA SER L 174 61.81 46.81 -58.12
C SER L 174 63.02 47.74 -58.16
N SER L 175 63.68 47.85 -59.32
CA SER L 175 64.80 48.76 -59.47
C SER L 175 64.36 50.20 -59.76
N GLY L 176 63.08 50.44 -59.97
CA GLY L 176 62.58 51.78 -60.23
C GLY L 176 62.64 52.11 -61.71
N PRO M 3 19.79 65.97 48.72
CA PRO M 3 19.37 64.67 48.16
C PRO M 3 20.22 63.51 48.69
N GLY M 4 19.77 62.29 48.43
CA GLY M 4 20.48 61.13 48.93
C GLY M 4 19.62 59.89 48.80
N ASP M 5 19.92 58.89 49.64
CA ASP M 5 19.20 57.62 49.67
C ASP M 5 19.23 56.94 48.30
N GLN M 6 20.45 56.56 47.91
CA GLN M 6 20.69 55.94 46.62
C GLN M 6 21.16 54.49 46.79
N ILE M 7 20.60 53.61 45.97
CA ILE M 7 21.02 52.22 45.88
C ILE M 7 21.57 51.98 44.48
N CYS M 8 22.77 51.40 44.40
CA CYS M 8 23.48 51.29 43.13
C CYS M 8 23.70 49.83 42.75
N ILE M 9 23.57 49.54 41.46
CA ILE M 9 23.84 48.22 40.91
C ILE M 9 25.18 48.26 40.20
N GLY M 10 26.04 47.28 40.50
CA GLY M 10 27.36 47.24 39.91
C GLY M 10 27.90 45.83 39.92
N TYR M 11 29.14 45.70 39.45
CA TYR M 11 29.75 44.38 39.27
C TYR M 11 31.18 44.38 39.77
N HIS M 12 31.74 43.18 39.90
CA HIS M 12 33.04 42.98 40.50
C HIS M 12 34.18 43.46 39.58
N ALA M 13 35.30 43.80 40.21
CA ALA M 13 36.53 44.14 39.49
C ALA M 13 37.70 43.89 40.44
N ASN M 14 38.85 43.56 39.85
CA ASN M 14 40.02 43.24 40.67
C ASN M 14 41.28 43.65 39.91
N ASN M 15 42.43 43.16 40.35
CA ASN M 15 43.73 43.52 39.81
C ASN M 15 44.21 42.57 38.70
N SER M 16 43.32 41.73 38.18
CA SER M 16 43.70 40.73 37.20
C SER M 16 44.16 41.38 35.90
N THR M 17 45.28 40.91 35.37
CA THR M 17 45.76 41.30 34.05
C THR M 17 45.53 40.20 33.01
N GLU M 18 44.81 39.14 33.37
CA GLU M 18 44.55 38.05 32.44
C GLU M 18 43.69 38.53 31.28
N GLN M 19 44.07 38.14 30.08
CA GLN M 19 43.39 38.55 28.87
C GLN M 19 42.92 37.33 28.08
N VAL M 20 41.71 37.42 27.53
CA VAL M 20 41.13 36.38 26.70
C VAL M 20 40.69 37.00 25.38
N ASP M 21 40.55 36.16 24.37
CA ASP M 21 40.08 36.58 23.06
C ASP M 21 38.65 36.07 22.84
N THR M 22 37.82 36.91 22.24
CA THR M 22 36.46 36.56 21.87
C THR M 22 36.35 36.50 20.35
N ILE M 23 35.16 36.14 19.87
CA ILE M 23 34.97 35.98 18.43
C ILE M 23 35.04 37.34 17.73
N MET M 24 34.67 38.43 18.42
CA MET M 24 34.66 39.75 17.81
C MET M 24 35.64 40.73 18.44
N GLU M 25 36.22 40.42 19.60
CA GLU M 25 37.20 41.29 20.23
C GLU M 25 38.40 40.47 20.68
N LYS M 26 39.57 41.10 20.63
CA LYS M 26 40.83 40.49 21.00
C LYS M 26 41.43 41.24 22.18
N ASN M 27 42.19 40.52 23.00
CA ASN M 27 42.91 41.10 24.15
C ASN M 27 41.94 41.81 25.10
N VAL M 28 41.02 41.04 25.66
CA VAL M 28 40.01 41.56 26.58
C VAL M 28 40.40 41.14 27.99
N THR M 29 40.65 42.12 28.86
CA THR M 29 41.05 41.84 30.23
C THR M 29 39.86 41.32 31.03
N VAL M 30 40.07 40.24 31.78
CA VAL M 30 39.03 39.62 32.59
C VAL M 30 39.53 39.41 34.00
N THR M 31 38.59 39.32 34.95
CA THR M 31 38.95 39.14 36.34
C THR M 31 39.48 37.74 36.60
N HIS M 32 38.89 36.73 35.97
CA HIS M 32 39.32 35.34 36.14
C HIS M 32 39.24 34.64 34.80
N ALA M 33 40.10 33.64 34.62
CA ALA M 33 40.16 32.89 33.38
C ALA M 33 40.73 31.51 33.66
N GLN M 34 40.54 30.60 32.70
CA GLN M 34 41.06 29.26 32.82
C GLN M 34 41.56 28.78 31.46
N ASP M 35 42.74 28.17 31.44
CA ASP M 35 43.33 27.63 30.23
C ASP M 35 43.03 26.13 30.16
N ILE M 36 42.53 25.69 29.01
CA ILE M 36 42.16 24.30 28.82
C ILE M 36 43.16 23.58 27.92
N LEU M 37 44.36 24.11 27.78
CA LEU M 37 45.40 23.53 26.94
C LEU M 37 46.57 23.11 27.83
N GLU M 38 46.89 21.83 27.83
CA GLU M 38 48.02 21.32 28.61
C GLU M 38 49.32 21.56 27.85
N LYS M 39 50.31 22.11 28.55
CA LYS M 39 51.61 22.39 27.94
C LYS M 39 52.78 21.88 28.77
N THR M 40 52.51 21.11 29.83
CA THR M 40 53.54 20.66 30.75
C THR M 40 53.74 19.16 30.66
N HIS M 41 55.00 18.73 30.77
CA HIS M 41 55.34 17.31 30.77
C HIS M 41 56.40 17.06 31.83
N ASN M 42 56.33 15.87 32.45
CA ASN M 42 57.24 15.54 33.54
C ASN M 42 58.68 15.37 33.06
N GLY M 43 58.89 15.21 31.75
CA GLY M 43 60.23 15.09 31.22
C GLY M 43 60.90 13.75 31.42
N LYS M 44 60.16 12.73 31.86
CA LYS M 44 60.72 11.41 32.08
C LYS M 44 59.76 10.36 31.53
N LEU M 45 60.33 9.27 31.03
CA LEU M 45 59.53 8.12 30.65
C LEU M 45 58.99 7.43 31.90
N CYS M 46 57.73 7.01 31.83
CA CYS M 46 57.06 6.43 32.99
C CYS M 46 56.42 5.11 32.62
N ASP M 47 56.00 4.37 33.65
CA ASP M 47 55.16 3.20 33.44
C ASP M 47 53.82 3.62 32.88
N LEU M 48 53.26 2.79 32.00
CA LEU M 48 51.97 3.06 31.37
C LEU M 48 50.93 2.17 32.03
N ASN M 49 50.06 2.78 32.84
CA ASN M 49 49.01 2.07 33.57
C ASN M 49 49.60 0.94 34.42
N GLY M 50 50.69 1.25 35.10
CA GLY M 50 51.28 0.35 36.06
C GLY M 50 52.17 -0.74 35.48
N VAL M 51 52.57 -0.62 34.21
CA VAL M 51 53.44 -1.61 33.56
C VAL M 51 54.70 -0.91 33.09
N LYS M 52 55.85 -1.46 33.45
CA LYS M 52 57.13 -0.87 33.09
C LYS M 52 57.40 -1.04 31.60
N PRO M 53 57.82 0.00 30.90
CA PRO M 53 58.20 -0.16 29.49
C PRO M 53 59.49 -0.95 29.34
N LEU M 54 59.60 -1.66 28.22
CA LEU M 54 60.83 -2.36 27.85
C LEU M 54 61.74 -1.37 27.13
N ILE M 55 62.88 -1.09 27.72
CA ILE M 55 63.83 -0.12 27.18
C ILE M 55 65.05 -0.88 26.67
N LEU M 56 65.35 -0.71 25.39
CA LEU M 56 66.56 -1.24 24.77
C LEU M 56 67.56 -0.10 24.67
N LYS M 57 68.60 -0.15 25.51
CA LYS M 57 69.51 0.99 25.62
C LYS M 57 70.21 1.28 24.30
N ASP M 58 71.02 0.35 23.81
CA ASP M 58 71.76 0.55 22.57
C ASP M 58 71.45 -0.51 21.52
N CYS M 59 70.49 -1.40 21.78
CA CYS M 59 70.21 -2.52 20.91
C CYS M 59 68.87 -2.34 20.21
N SER M 60 68.75 -2.94 19.02
CA SER M 60 67.49 -2.99 18.32
C SER M 60 66.71 -4.23 18.76
N VAL M 61 65.43 -4.27 18.37
CA VAL M 61 64.59 -5.42 18.72
C VAL M 61 65.15 -6.69 18.12
N ALA M 62 65.61 -6.63 16.87
CA ALA M 62 66.18 -7.80 16.22
C ALA M 62 67.44 -8.28 16.93
N GLY M 63 68.32 -7.36 17.33
CA GLY M 63 69.51 -7.75 18.07
C GLY M 63 69.18 -8.34 19.43
N TRP M 64 68.20 -7.74 20.13
CA TRP M 64 67.79 -8.25 21.42
C TRP M 64 67.16 -9.65 21.30
N LEU M 65 66.31 -9.85 20.28
CA LEU M 65 65.64 -11.14 20.11
C LEU M 65 66.65 -12.23 19.75
N LEU M 66 67.48 -11.99 18.75
CA LEU M 66 68.39 -13.02 18.26
C LEU M 66 69.56 -13.27 19.22
N GLY M 67 69.82 -12.36 20.14
CA GLY M 67 70.89 -12.55 21.09
C GLY M 67 72.23 -12.02 20.59
N ASN M 68 72.26 -10.75 20.22
CA ASN M 68 73.51 -10.12 19.84
C ASN M 68 74.48 -10.17 21.02
N PRO M 69 75.72 -10.63 20.82
CA PRO M 69 76.64 -10.75 21.97
C PRO M 69 76.91 -9.43 22.68
N MET M 70 76.79 -8.30 21.98
CA MET M 70 76.95 -6.99 22.59
C MET M 70 75.71 -6.51 23.32
N CYS M 71 74.67 -7.35 23.43
CA CYS M 71 73.41 -6.98 24.06
C CYS M 71 73.19 -7.83 25.30
N ASP M 72 72.79 -7.19 26.39
CA ASP M 72 72.54 -7.90 27.63
C ASP M 72 71.31 -8.79 27.52
N GLU M 73 71.29 -9.84 28.33
CA GLU M 73 70.21 -10.83 28.33
C GLU M 73 69.38 -10.72 29.62
N PHE M 74 69.10 -9.50 30.04
CA PHE M 74 68.33 -9.24 31.25
C PHE M 74 67.00 -9.96 31.22
N ILE M 75 66.74 -10.78 32.24
CA ILE M 75 65.55 -11.63 32.28
C ILE M 75 64.42 -11.00 33.08
N ARG M 76 64.63 -9.82 33.66
CA ARG M 76 63.55 -9.15 34.38
C ARG M 76 62.67 -8.40 33.39
N VAL M 77 62.21 -9.07 32.35
CA VAL M 77 61.28 -8.51 31.39
C VAL M 77 60.14 -9.49 31.16
N PRO M 78 59.34 -9.82 32.17
CA PRO M 78 58.21 -10.74 31.95
C PRO M 78 56.98 -10.05 31.41
N GLU M 79 56.95 -8.72 31.38
CA GLU M 79 55.80 -7.97 30.90
C GLU M 79 56.24 -6.53 30.65
N TRP M 80 55.69 -5.92 29.60
CA TRP M 80 55.96 -4.52 29.33
C TRP M 80 54.77 -3.91 28.61
N SER M 81 54.67 -2.58 28.71
CA SER M 81 53.57 -1.84 28.10
C SER M 81 53.94 -1.22 26.76
N TYR M 82 55.20 -0.83 26.57
CA TYR M 82 55.68 -0.34 25.29
C TYR M 82 57.19 -0.51 25.23
N ILE M 83 57.74 -0.32 24.03
CA ILE M 83 59.16 -0.50 23.78
C ILE M 83 59.77 0.85 23.43
N VAL M 84 60.84 1.21 24.11
CA VAL M 84 61.56 2.46 23.85
C VAL M 84 62.84 2.10 23.12
N GLU M 85 62.81 2.25 21.79
CA GLU M 85 64.04 2.22 21.01
C GLU M 85 64.64 3.61 20.96
N ARG M 86 65.94 3.66 20.69
CA ARG M 86 66.58 4.91 20.35
C ARG M 86 66.49 5.13 18.84
N ALA M 87 66.81 6.35 18.41
CA ALA M 87 66.65 6.70 17.00
C ALA M 87 67.50 5.79 16.11
N ASN M 88 68.77 5.62 16.47
CA ASN M 88 69.68 4.77 15.71
C ASN M 88 70.39 3.83 16.68
N PRO M 89 69.79 2.68 16.98
CA PRO M 89 70.47 1.71 17.85
C PRO M 89 71.75 1.21 17.22
N ALA M 90 72.84 1.28 17.99
CA ALA M 90 74.15 0.87 17.48
C ALA M 90 74.25 -0.64 17.34
N ASN M 91 73.66 -1.38 18.28
CA ASN M 91 73.72 -2.84 18.28
C ASN M 91 72.50 -3.39 17.54
N ASP M 92 72.74 -3.83 16.32
CA ASP M 92 71.71 -4.44 15.47
C ASP M 92 72.27 -5.79 15.05
N LEU M 93 71.67 -6.40 14.03
CA LEU M 93 72.25 -7.63 13.49
C LEU M 93 73.72 -7.40 13.19
N CYS M 94 74.60 -8.03 13.97
CA CYS M 94 76.03 -7.80 13.80
C CYS M 94 76.53 -8.47 12.53
N TYR M 95 76.07 -9.69 12.26
CA TYR M 95 76.24 -10.27 10.94
C TYR M 95 75.25 -9.62 9.98
N PRO M 96 75.72 -9.08 8.86
CA PRO M 96 74.80 -8.41 7.93
C PRO M 96 73.74 -9.37 7.40
N GLY M 97 72.55 -8.84 7.22
CA GLY M 97 71.44 -9.65 6.75
C GLY M 97 70.12 -8.92 6.95
N SER M 98 69.09 -9.70 7.26
CA SER M 98 67.74 -9.17 7.41
C SER M 98 66.93 -10.07 8.33
N LEU M 99 65.81 -9.53 8.82
CA LEU M 99 64.82 -10.27 9.58
C LEU M 99 63.48 -10.09 8.91
N ASN M 100 62.87 -11.20 8.48
CA ASN M 100 61.64 -11.13 7.69
C ASN M 100 60.48 -10.65 8.55
N ASP M 101 59.65 -9.79 7.96
CA ASP M 101 58.50 -9.20 8.64
C ASP M 101 58.91 -8.54 9.96
N TYR M 102 60.03 -7.82 9.91
CA TYR M 102 60.59 -7.23 11.13
C TYR M 102 59.65 -6.19 11.73
N GLU M 103 59.04 -5.34 10.89
CA GLU M 103 58.15 -4.32 11.40
C GLU M 103 56.91 -4.94 12.05
N GLU M 104 56.34 -5.97 11.41
CA GLU M 104 55.20 -6.65 12.00
C GLU M 104 55.59 -7.35 13.30
N LEU M 105 56.80 -7.93 13.34
CA LEU M 105 57.28 -8.54 14.57
C LEU M 105 57.45 -7.51 15.68
N LYS M 106 58.00 -6.34 15.34
CA LYS M 106 58.16 -5.30 16.35
C LYS M 106 56.81 -4.81 16.87
N HIS M 107 55.83 -4.66 15.98
CA HIS M 107 54.50 -4.23 16.42
C HIS M 107 53.87 -5.26 17.35
N MET M 108 54.04 -6.54 17.04
CA MET M 108 53.52 -7.60 17.91
C MET M 108 54.15 -7.56 19.29
N LEU M 109 55.46 -7.37 19.35
CA LEU M 109 56.20 -7.39 20.60
C LEU M 109 56.11 -6.07 21.35
N SER M 110 55.35 -5.10 20.85
CA SER M 110 55.27 -3.80 21.51
C SER M 110 54.66 -3.92 22.91
N ARG M 111 53.64 -4.77 23.06
CA ARG M 111 52.99 -4.97 24.34
C ARG M 111 52.77 -6.47 24.56
N ILE M 112 53.43 -7.03 25.57
CA ILE M 112 53.40 -8.46 25.83
C ILE M 112 53.04 -8.68 27.29
N ASN M 113 52.12 -9.62 27.54
CA ASN M 113 51.69 -9.92 28.90
C ASN M 113 52.66 -10.87 29.60
N HIS M 114 53.21 -11.85 28.87
CA HIS M 114 54.17 -12.78 29.45
C HIS M 114 55.24 -13.11 28.44
N PHE M 115 56.50 -12.94 28.84
CA PHE M 115 57.65 -13.19 27.99
C PHE M 115 58.68 -13.98 28.78
N GLU M 116 59.12 -15.11 28.23
CA GLU M 116 60.05 -15.99 28.93
C GLU M 116 60.85 -16.80 27.92
N LYS M 117 62.16 -16.66 27.96
CA LYS M 117 63.03 -17.42 27.07
C LYS M 117 63.22 -18.84 27.61
N ILE M 118 63.08 -19.83 26.73
CA ILE M 118 63.35 -21.21 27.04
C ILE M 118 64.26 -21.78 25.97
N GLN M 119 64.93 -22.88 26.31
CA GLN M 119 65.74 -23.64 25.36
C GLN M 119 64.89 -24.77 24.80
N ILE M 120 64.81 -24.85 23.47
CA ILE M 120 64.01 -25.84 22.79
C ILE M 120 64.88 -26.93 22.17
N ILE M 121 66.05 -26.57 21.65
CA ILE M 121 66.94 -27.54 20.99
C ILE M 121 68.34 -27.38 21.54
N PRO M 122 68.78 -28.24 22.46
CA PRO M 122 70.16 -28.15 22.95
C PRO M 122 71.15 -28.55 21.86
N LYS M 123 72.41 -28.13 22.05
CA LYS M 123 73.45 -28.48 21.10
C LYS M 123 73.72 -29.98 21.06
N SER M 124 73.23 -30.73 22.05
CA SER M 124 73.34 -32.19 22.02
C SER M 124 72.50 -32.80 20.92
N SER M 125 71.62 -32.04 20.29
CA SER M 125 70.76 -32.53 19.22
C SER M 125 71.45 -32.54 17.86
N TRP M 126 72.72 -32.14 17.78
CA TRP M 126 73.46 -32.09 16.53
C TRP M 126 74.74 -32.91 16.70
N PRO M 127 74.63 -34.23 16.81
CA PRO M 127 75.83 -35.04 17.08
C PRO M 127 76.76 -35.15 15.88
N ASN M 128 76.23 -35.02 14.66
CA ASN M 128 77.03 -35.19 13.45
C ASN M 128 77.32 -33.88 12.74
N HIS M 129 77.26 -32.76 13.46
CA HIS M 129 77.58 -31.45 12.92
C HIS M 129 78.37 -30.66 13.93
N GLU M 130 79.13 -29.68 13.45
CA GLU M 130 79.97 -28.87 14.32
C GLU M 130 79.18 -27.67 14.80
N THR M 131 79.11 -27.52 16.13
CA THR M 131 78.30 -26.48 16.75
C THR M 131 79.12 -25.30 17.28
N SER M 132 80.39 -25.50 17.57
CA SER M 132 81.19 -24.45 18.19
C SER M 132 81.94 -23.57 17.19
N LEU M 133 81.90 -23.91 15.90
CA LEU M 133 82.62 -23.15 14.89
C LEU M 133 81.75 -22.11 14.18
N GLY M 134 80.48 -22.01 14.54
CA GLY M 134 79.63 -20.98 13.97
C GLY M 134 79.89 -19.63 14.59
N VAL M 135 81.04 -19.05 14.28
CA VAL M 135 81.57 -17.89 14.99
C VAL M 135 82.16 -16.92 13.99
N SER M 136 81.90 -15.62 14.18
CA SER M 136 82.38 -14.58 13.28
C SER M 136 82.98 -13.43 14.08
N ALA M 137 83.89 -12.70 13.42
CA ALA M 137 84.53 -11.56 14.08
C ALA M 137 83.60 -10.36 14.18
N ALA M 138 82.63 -10.25 13.28
CA ALA M 138 81.70 -9.13 13.31
C ALA M 138 80.75 -9.16 14.50
N CYS M 139 80.74 -10.27 15.26
CA CYS M 139 79.92 -10.40 16.46
C CYS M 139 80.82 -10.79 17.63
N PRO M 140 81.63 -9.85 18.13
CA PRO M 140 82.55 -10.17 19.22
C PRO M 140 81.90 -10.04 20.58
N TYR M 141 82.25 -10.95 21.50
CA TYR M 141 81.68 -10.87 22.83
C TYR M 141 82.64 -10.26 23.83
N GLN M 142 83.76 -10.93 24.12
CA GLN M 142 84.86 -10.33 24.86
C GLN M 142 86.02 -10.05 23.90
N GLY M 143 85.85 -9.08 23.02
CA GLY M 143 86.86 -8.78 22.02
C GLY M 143 87.26 -9.95 21.15
N ALA M 144 86.60 -11.10 21.35
CA ALA M 144 86.88 -12.35 20.66
C ALA M 144 85.67 -12.76 19.84
N PRO M 145 85.88 -13.39 18.68
CA PRO M 145 84.75 -13.67 17.78
C PRO M 145 83.71 -14.56 18.44
N SER M 146 82.45 -14.26 18.15
CA SER M 146 81.31 -14.97 18.72
C SER M 146 80.17 -14.91 17.70
N PHE M 147 78.94 -15.17 18.16
CA PHE M 147 77.78 -15.20 17.28
C PHE M 147 76.54 -14.88 18.10
N PHE M 148 75.39 -14.85 17.43
CA PHE M 148 74.12 -14.69 18.13
C PHE M 148 73.94 -15.78 19.17
N ARG M 149 73.52 -15.41 20.37
CA ARG M 149 73.48 -16.35 21.48
C ARG M 149 72.30 -17.30 21.42
N ASN M 150 71.16 -16.87 20.86
CA ASN M 150 69.95 -17.67 20.87
C ASN M 150 69.83 -18.62 19.68
N VAL M 151 70.78 -18.59 18.75
CA VAL M 151 70.70 -19.40 17.55
C VAL M 151 72.10 -19.92 17.23
N VAL M 152 72.18 -21.15 16.71
CA VAL M 152 73.44 -21.84 16.47
C VAL M 152 73.71 -21.89 14.98
N TRP M 153 74.92 -21.51 14.59
CA TRP M 153 75.37 -21.58 13.20
C TRP M 153 76.07 -22.92 13.00
N LEU M 154 75.34 -23.90 12.49
CA LEU M 154 75.89 -25.24 12.32
C LEU M 154 76.87 -25.29 11.17
N ILE M 155 77.97 -26.02 11.38
CA ILE M 155 79.02 -26.20 10.38
C ILE M 155 79.27 -27.69 10.22
N LYS M 156 79.82 -28.07 9.07
CA LYS M 156 80.07 -29.47 8.77
C LYS M 156 81.05 -30.07 9.78
N LYS M 157 80.89 -31.37 10.03
CA LYS M 157 81.80 -32.13 10.87
C LYS M 157 82.39 -33.28 10.06
N ASN M 158 83.69 -33.50 10.22
CA ASN M 158 84.41 -34.55 9.49
C ASN M 158 84.24 -34.38 7.99
N ASP M 159 84.23 -33.13 7.53
CA ASP M 159 84.01 -32.79 6.13
C ASP M 159 82.73 -33.44 5.60
N ALA M 160 81.66 -33.35 6.41
CA ALA M 160 80.37 -33.91 6.04
C ALA M 160 79.27 -33.11 6.71
N TYR M 161 78.14 -32.96 6.01
CA TYR M 161 76.96 -32.28 6.51
C TYR M 161 75.75 -33.18 6.28
N PRO M 162 75.50 -34.13 7.18
CA PRO M 162 74.34 -35.01 7.01
C PRO M 162 73.03 -34.21 7.02
N THR M 163 72.06 -34.71 6.25
CA THR M 163 70.77 -34.02 6.15
C THR M 163 70.06 -34.01 7.48
N ILE M 164 69.85 -32.79 8.02
CA ILE M 164 69.22 -32.65 9.32
C ILE M 164 67.74 -32.93 9.22
N LYS M 165 67.20 -33.66 10.20
CA LYS M 165 65.76 -33.88 10.33
C LYS M 165 65.43 -33.87 11.83
N ILE M 166 64.96 -32.73 12.32
CA ILE M 166 64.64 -32.56 13.72
C ILE M 166 63.24 -31.95 13.83
N SER M 167 62.56 -32.25 14.93
CA SER M 167 61.21 -31.74 15.17
C SER M 167 61.07 -31.39 16.64
N TYR M 168 60.35 -30.29 16.91
CA TYR M 168 60.05 -29.86 18.26
C TYR M 168 58.54 -29.76 18.43
N ASN M 169 58.05 -30.23 19.58
CA ASN M 169 56.64 -30.18 19.92
C ASN M 169 56.46 -29.18 21.06
N ASN M 170 55.60 -28.20 20.85
CA ASN M 170 55.35 -27.15 21.83
C ASN M 170 54.48 -27.75 22.94
N THR M 171 55.12 -28.36 23.93
CA THR M 171 54.43 -28.93 25.07
C THR M 171 54.05 -27.89 26.12
N ASN M 172 54.48 -26.65 25.95
CA ASN M 172 54.09 -25.59 26.86
C ASN M 172 52.62 -25.23 26.63
N ARG M 173 52.06 -24.48 27.58
CA ARG M 173 50.69 -23.99 27.49
C ARG M 173 50.60 -22.64 26.80
N GLU M 174 51.71 -22.09 26.33
CA GLU M 174 51.76 -20.75 25.77
C GLU M 174 52.39 -20.80 24.39
N ASP M 175 52.11 -19.76 23.60
CA ASP M 175 52.69 -19.66 22.26
C ASP M 175 54.21 -19.53 22.34
N LEU M 176 54.89 -20.00 21.30
CA LEU M 176 56.34 -19.94 21.22
C LEU M 176 56.76 -19.14 20.00
N LEU M 177 57.58 -18.12 20.22
CA LEU M 177 58.21 -17.37 19.14
C LEU M 177 59.56 -18.01 18.84
N ILE M 178 59.71 -18.57 17.63
CA ILE M 178 60.89 -19.30 17.24
C ILE M 178 61.54 -18.58 16.06
N LEU M 179 62.85 -18.36 16.15
CA LEU M 179 63.60 -17.70 15.10
C LEU M 179 64.67 -18.64 14.55
N TRP M 180 64.84 -18.62 13.23
CA TRP M 180 65.89 -19.35 12.55
C TRP M 180 66.38 -18.50 11.37
N GLY M 181 67.39 -18.98 10.68
CA GLY M 181 67.95 -18.20 9.59
C GLY M 181 68.65 -19.07 8.56
N ILE M 182 69.12 -18.41 7.51
CA ILE M 182 69.88 -19.04 6.44
C ILE M 182 71.12 -18.19 6.16
N HIS M 183 72.26 -18.85 5.98
CA HIS M 183 73.51 -18.16 5.67
C HIS M 183 73.74 -18.20 4.17
N HIS M 184 73.89 -17.03 3.58
CA HIS M 184 74.19 -16.91 2.15
C HIS M 184 75.70 -16.93 1.96
N SER M 185 76.19 -17.95 1.26
CA SER M 185 77.62 -18.04 1.00
C SER M 185 78.04 -17.02 -0.04
N ASN M 186 79.35 -16.75 -0.10
CA ASN M 186 79.90 -15.79 -1.05
C ASN M 186 80.26 -16.43 -2.37
N ASN M 187 80.72 -17.67 -2.36
CA ASN M 187 81.22 -18.32 -3.57
C ASN M 187 81.16 -19.83 -3.35
N ALA M 188 81.36 -20.58 -4.44
CA ALA M 188 81.19 -22.02 -4.40
C ALA M 188 82.17 -22.70 -3.45
N GLU M 189 83.38 -22.15 -3.34
CA GLU M 189 84.42 -22.76 -2.50
C GLU M 189 84.09 -22.60 -1.03
N GLU M 190 83.66 -21.41 -0.62
CA GLU M 190 83.23 -21.20 0.76
C GLU M 190 82.02 -22.07 1.09
N GLN M 191 81.20 -22.40 0.09
CA GLN M 191 80.06 -23.27 0.31
C GLN M 191 80.50 -24.65 0.77
N THR M 192 81.49 -25.22 0.09
CA THR M 192 81.99 -26.54 0.46
C THR M 192 82.88 -26.50 1.70
N ASN M 193 83.64 -25.42 1.88
CA ASN M 193 84.50 -25.30 3.06
C ASN M 193 83.69 -25.23 4.34
N LEU M 194 82.44 -24.76 4.26
CA LEU M 194 81.58 -24.63 5.43
C LEU M 194 80.55 -25.74 5.54
N TYR M 195 80.03 -26.23 4.42
CA TYR M 195 78.93 -27.18 4.44
C TYR M 195 79.14 -28.41 3.57
N LYS M 196 80.14 -28.42 2.68
CA LYS M 196 80.54 -29.61 1.93
C LYS M 196 79.50 -29.99 0.86
N ASN M 197 78.33 -29.35 0.89
CA ASN M 197 77.27 -29.63 -0.05
C ASN M 197 77.05 -28.42 -0.94
N PRO M 198 77.26 -28.53 -2.26
CA PRO M 198 77.15 -27.34 -3.13
C PRO M 198 75.74 -26.78 -3.21
N ILE M 199 74.74 -27.64 -3.39
CA ILE M 199 73.34 -27.22 -3.49
C ILE M 199 72.66 -27.61 -2.18
N THR M 200 72.21 -26.61 -1.43
CA THR M 200 71.64 -26.82 -0.11
C THR M 200 70.24 -26.21 -0.04
N TYR M 201 69.49 -26.62 0.99
CA TYR M 201 68.12 -26.18 1.17
C TYR M 201 67.78 -26.20 2.65
N ILE M 202 66.73 -25.45 3.01
CA ILE M 202 66.15 -25.47 4.34
C ILE M 202 64.64 -25.63 4.19
N SER M 203 64.06 -26.57 4.94
CA SER M 203 62.63 -26.80 4.95
C SER M 203 62.12 -26.63 6.38
N VAL M 204 61.16 -25.73 6.57
CA VAL M 204 60.52 -25.49 7.86
C VAL M 204 59.04 -25.73 7.70
N GLY M 205 58.47 -26.53 8.60
CA GLY M 205 57.07 -26.87 8.51
C GLY M 205 56.37 -26.97 9.84
N THR M 206 55.23 -26.27 9.96
CA THR M 206 54.35 -26.38 11.11
C THR M 206 52.94 -26.70 10.62
N SER M 207 51.95 -26.59 11.49
CA SER M 207 50.57 -26.76 11.05
C SER M 207 50.20 -25.71 10.00
N THR M 208 50.74 -24.50 10.14
CA THR M 208 50.42 -23.41 9.23
C THR M 208 51.58 -22.99 8.33
N LEU M 209 52.82 -23.35 8.67
CA LEU M 209 53.99 -22.86 7.95
C LEU M 209 54.46 -23.90 6.94
N ASN M 210 54.88 -23.42 5.77
CA ASN M 210 55.47 -24.27 4.74
C ASN M 210 56.48 -23.41 3.97
N GLN M 211 57.74 -23.47 4.41
CA GLN M 211 58.79 -22.59 3.90
C GLN M 211 59.87 -23.42 3.21
N ARG M 212 60.36 -22.90 2.08
CA ARG M 212 61.49 -23.48 1.37
C ARG M 212 62.53 -22.40 1.17
N LEU M 213 63.74 -22.62 1.67
CA LEU M 213 64.82 -21.66 1.59
C LEU M 213 66.01 -22.25 0.87
N ALA M 214 66.62 -21.44 -0.01
CA ALA M 214 67.84 -21.81 -0.70
C ALA M 214 68.83 -20.65 -0.64
N PRO M 215 70.12 -20.94 -0.45
CA PRO M 215 71.10 -19.86 -0.40
C PRO M 215 71.25 -19.15 -1.73
N LYS M 216 71.57 -17.86 -1.65
CA LYS M 216 71.84 -17.02 -2.81
C LYS M 216 73.34 -16.71 -2.79
N ILE M 217 74.12 -17.54 -3.47
CA ILE M 217 75.57 -17.44 -3.49
C ILE M 217 75.94 -16.45 -4.60
N ALA M 218 76.26 -15.22 -4.21
CA ALA M 218 76.55 -14.16 -5.17
C ALA M 218 77.51 -13.16 -4.56
N THR M 219 78.15 -12.38 -5.43
CA THR M 219 79.05 -11.32 -4.98
C THR M 219 78.25 -10.17 -4.40
N ARG M 220 78.66 -9.71 -3.22
CA ARG M 220 78.00 -8.61 -2.54
C ARG M 220 79.05 -7.66 -1.98
N SER M 221 78.59 -6.47 -1.59
CA SER M 221 79.47 -5.48 -0.99
C SER M 221 79.78 -5.85 0.46
N GLN M 222 80.70 -5.10 1.06
CA GLN M 222 81.22 -5.40 2.38
C GLN M 222 80.45 -4.60 3.43
N VAL M 223 79.85 -5.31 4.38
CA VAL M 223 79.17 -4.71 5.53
C VAL M 223 79.76 -5.34 6.79
N ASN M 224 80.25 -4.50 7.70
CA ASN M 224 80.90 -4.95 8.93
C ASN M 224 82.06 -5.90 8.64
N GLY M 225 82.71 -5.72 7.49
CA GLY M 225 83.83 -6.55 7.09
C GLY M 225 83.47 -7.88 6.47
N LEU M 226 82.18 -8.17 6.27
CA LEU M 226 81.75 -9.43 5.71
C LEU M 226 80.93 -9.18 4.44
N ARG M 227 81.08 -10.10 3.48
CA ARG M 227 80.27 -10.07 2.27
C ARG M 227 79.13 -11.07 2.30
N GLY M 228 79.18 -12.06 3.19
CA GLY M 228 78.07 -12.97 3.35
C GLY M 228 76.89 -12.33 4.07
N ARG M 229 75.73 -12.93 3.90
CA ARG M 229 74.49 -12.42 4.47
C ARG M 229 73.76 -13.52 5.22
N MET M 230 72.94 -13.11 6.18
CA MET M 230 72.14 -14.03 6.98
C MET M 230 70.73 -13.46 7.11
N ASP M 231 69.78 -14.05 6.41
CA ASP M 231 68.38 -13.68 6.50
C ASP M 231 67.71 -14.52 7.57
N PHE M 232 67.03 -13.86 8.50
CA PHE M 232 66.38 -14.53 9.63
C PHE M 232 64.88 -14.50 9.45
N PHE M 233 64.23 -15.54 9.96
CA PHE M 233 62.77 -15.70 9.88
C PHE M 233 62.23 -16.04 11.26
N TRP M 234 60.91 -16.02 11.39
CA TRP M 234 60.29 -16.32 12.68
C TRP M 234 58.89 -16.88 12.44
N THR M 235 58.36 -17.51 13.49
CA THR M 235 57.02 -18.07 13.47
C THR M 235 56.48 -18.14 14.89
N ILE M 236 55.17 -18.26 15.00
CA ILE M 236 54.50 -18.41 16.28
C ILE M 236 53.96 -19.84 16.35
N LEU M 237 54.61 -20.68 17.15
CA LEU M 237 54.23 -22.08 17.29
C LEU M 237 53.14 -22.17 18.34
N LYS M 238 51.93 -22.52 17.92
CA LYS M 238 50.82 -22.68 18.84
C LYS M 238 51.06 -23.88 19.75
N PRO M 239 50.43 -23.91 20.93
CA PRO M 239 50.61 -25.05 21.82
C PRO M 239 50.17 -26.36 21.17
N ASP M 240 50.90 -27.43 21.49
CA ASP M 240 50.71 -28.78 20.97
C ASP M 240 51.02 -28.90 19.49
N ASP M 241 51.42 -27.83 18.81
CA ASP M 241 51.85 -27.91 17.44
C ASP M 241 53.32 -28.34 17.38
N ALA M 242 53.76 -28.73 16.19
CA ALA M 242 55.13 -29.15 15.99
C ALA M 242 55.76 -28.36 14.85
N ILE M 243 57.06 -28.13 14.96
CA ILE M 243 57.83 -27.47 13.92
C ILE M 243 58.89 -28.46 13.43
N HIS M 244 58.98 -28.62 12.12
CA HIS M 244 59.82 -29.67 11.51
C HIS M 244 60.87 -29.01 10.65
N PHE M 245 62.14 -29.15 11.04
CA PHE M 245 63.27 -28.60 10.30
C PHE M 245 63.94 -29.69 9.48
N GLU M 246 64.38 -29.33 8.29
CA GLU M 246 65.15 -30.23 7.43
C GLU M 246 66.08 -29.41 6.56
N SER M 247 67.38 -29.74 6.59
CA SER M 247 68.37 -28.99 5.84
C SER M 247 69.61 -29.86 5.62
N ASN M 248 70.39 -29.47 4.62
CA ASN M 248 71.66 -30.13 4.30
C ASN M 248 72.78 -29.11 4.17
N GLY M 249 72.60 -27.97 4.80
CA GLY M 249 73.64 -26.94 4.81
C GLY M 249 73.03 -25.56 4.92
N ASN M 250 73.89 -24.61 5.30
CA ASN M 250 73.56 -23.19 5.41
C ASN M 250 72.45 -22.92 6.43
N PHE M 251 72.21 -23.85 7.35
CA PHE M 251 71.11 -23.74 8.30
C PHE M 251 71.59 -23.08 9.58
N ILE M 252 70.88 -22.05 10.03
CA ILE M 252 71.15 -21.39 11.30
C ILE M 252 70.03 -21.86 12.23
N ALA M 253 70.32 -22.95 12.95
CA ALA M 253 69.31 -23.68 13.70
C ALA M 253 68.97 -22.96 15.00
N PRO M 254 67.69 -22.90 15.37
CA PRO M 254 67.32 -22.27 16.64
C PRO M 254 67.82 -23.07 17.83
N GLU M 255 68.16 -22.34 18.90
CA GLU M 255 68.48 -22.95 20.19
C GLU M 255 67.52 -22.53 21.27
N TYR M 256 67.31 -21.23 21.45
CA TYR M 256 66.36 -20.71 22.42
C TYR M 256 65.12 -20.18 21.70
N ALA M 257 64.03 -20.06 22.46
CA ALA M 257 62.78 -19.53 21.96
C ALA M 257 62.08 -18.82 23.11
N TYR M 258 61.06 -18.04 22.77
CA TYR M 258 60.38 -17.19 23.74
C TYR M 258 58.92 -17.61 23.86
N LYS M 259 58.47 -17.82 25.09
CA LYS M 259 57.05 -18.05 25.36
C LYS M 259 56.32 -16.71 25.29
N ILE M 260 55.31 -16.63 24.43
CA ILE M 260 54.64 -15.38 24.11
C ILE M 260 53.20 -15.46 24.57
N VAL M 261 52.76 -14.48 25.35
CA VAL M 261 51.36 -14.26 25.67
C VAL M 261 51.06 -12.80 25.39
N LYS M 262 50.14 -12.54 24.47
CA LYS M 262 49.78 -11.19 24.07
C LYS M 262 48.33 -10.93 24.43
N LYS M 263 48.07 -9.79 25.07
CA LYS M 263 46.73 -9.41 25.49
C LYS M 263 46.39 -7.96 25.12
N GLY M 264 47.26 -7.27 24.40
CA GLY M 264 47.01 -5.88 24.06
C GLY M 264 47.97 -5.42 22.99
N ASP M 265 47.80 -4.17 22.56
CA ASP M 265 48.55 -3.60 21.46
C ASP M 265 49.19 -2.28 21.88
N SER M 266 50.38 -2.02 21.34
CA SER M 266 51.12 -0.79 21.59
C SER M 266 51.95 -0.50 20.34
N THR M 267 52.96 0.37 20.48
CA THR M 267 53.86 0.69 19.37
C THR M 267 55.26 0.88 19.92
N ILE M 268 56.17 1.27 19.03
CA ILE M 268 57.57 1.51 19.36
C ILE M 268 57.77 3.01 19.55
N MET M 269 58.34 3.40 20.69
CA MET M 269 58.62 4.80 20.98
C MET M 269 60.10 5.07 20.77
N LYS M 270 60.40 6.10 19.99
CA LYS M 270 61.78 6.52 19.73
C LYS M 270 62.09 7.72 20.61
N SER M 271 62.89 7.50 21.66
CA SER M 271 63.20 8.56 22.61
C SER M 271 64.47 8.20 23.37
N GLY M 272 65.24 9.23 23.72
CA GLY M 272 66.42 9.10 24.53
C GLY M 272 66.24 9.48 25.99
N VAL M 273 65.03 9.88 26.39
CA VAL M 273 64.78 10.27 27.77
C VAL M 273 64.90 9.06 28.68
N GLU M 274 65.50 9.26 29.86
CA GLU M 274 65.72 8.17 30.78
C GLU M 274 64.47 7.90 31.62
N TYR M 275 64.39 6.67 32.14
CA TYR M 275 63.26 6.26 32.97
C TYR M 275 63.25 7.04 34.28
N GLY M 276 62.05 7.31 34.78
CA GLY M 276 61.89 8.17 35.94
C GLY M 276 61.24 7.53 37.16
N HIS M 277 60.91 6.24 37.08
CA HIS M 277 60.23 5.52 38.15
C HIS M 277 58.91 6.20 38.51
N CYS M 278 58.05 6.34 37.50
CA CYS M 278 56.79 7.06 37.64
C CYS M 278 55.69 6.28 36.95
N ASN M 279 54.47 6.79 37.04
CA ASN M 279 53.31 6.20 36.40
C ASN M 279 52.53 7.29 35.68
N THR M 280 51.90 6.93 34.57
CA THR M 280 51.16 7.90 33.77
C THR M 280 50.12 7.18 32.93
N LYS M 281 49.12 7.95 32.50
CA LYS M 281 48.15 7.47 31.51
C LYS M 281 48.51 7.87 30.08
N CYS M 282 49.36 8.88 29.91
CA CYS M 282 49.78 9.35 28.60
C CYS M 282 51.29 9.50 28.59
N GLN M 283 51.94 8.94 27.58
CA GLN M 283 53.39 8.98 27.47
C GLN M 283 53.80 9.56 26.12
N THR M 284 54.68 10.55 26.14
CA THR M 284 55.24 11.18 24.96
C THR M 284 56.75 10.98 24.96
N PRO M 285 57.40 11.08 23.80
CA PRO M 285 58.87 10.89 23.76
C PRO M 285 59.64 11.92 24.56
N VAL M 286 59.03 13.06 24.91
CA VAL M 286 59.70 14.08 25.70
C VAL M 286 59.25 14.10 27.16
N GLY M 287 58.25 13.31 27.52
CA GLY M 287 57.80 13.27 28.90
C GLY M 287 56.40 12.69 28.98
N ALA M 288 55.89 12.64 30.21
CA ALA M 288 54.55 12.16 30.49
C ALA M 288 53.64 13.33 30.86
N ILE M 289 52.35 13.14 30.63
CA ILE M 289 51.35 14.19 30.78
C ILE M 289 50.31 13.73 31.80
N ASN M 290 50.01 14.61 32.75
CA ASN M 290 48.86 14.40 33.64
C ASN M 290 47.62 15.01 33.00
N SER M 291 46.59 14.19 32.88
CA SER M 291 45.43 14.43 32.03
C SER M 291 44.41 15.38 32.63
N SER M 292 43.17 15.29 32.12
CA SER M 292 41.97 16.08 32.37
C SER M 292 41.92 17.36 31.55
N MET M 293 42.96 17.70 30.81
CA MET M 293 42.61 18.81 29.92
C MET M 293 42.27 18.27 28.55
N PRO M 294 41.31 18.87 27.84
CA PRO M 294 40.87 18.30 26.56
C PRO M 294 41.90 18.42 25.45
N PHE M 295 42.89 19.29 25.58
CA PHE M 295 43.84 19.53 24.50
C PHE M 295 45.24 19.67 25.09
N HIS M 296 46.23 19.40 24.24
CA HIS M 296 47.64 19.55 24.62
C HIS M 296 48.44 19.84 23.36
N ASN M 297 49.67 20.35 23.56
CA ASN M 297 50.54 20.72 22.46
C ASN M 297 51.95 20.18 22.66
N ILE M 298 52.11 19.09 23.40
CA ILE M 298 53.45 18.61 23.77
C ILE M 298 54.09 17.88 22.59
N HIS M 299 53.47 16.80 22.12
CA HIS M 299 54.08 15.93 21.12
C HIS M 299 52.97 15.12 20.46
N PRO M 300 53.13 14.78 19.17
CA PRO M 300 52.10 13.96 18.51
C PRO M 300 52.22 12.47 18.80
N LEU M 301 53.44 11.96 18.95
CA LEU M 301 53.69 10.52 19.07
C LEU M 301 53.45 10.06 20.51
N THR M 302 52.17 9.99 20.87
CA THR M 302 51.76 9.68 22.23
C THR M 302 51.26 8.25 22.33
N ILE M 303 51.46 7.65 23.50
CA ILE M 303 50.96 6.31 23.82
C ILE M 303 50.15 6.41 25.10
N GLY M 304 48.86 6.09 25.02
CA GLY M 304 47.97 6.09 26.16
C GLY M 304 46.74 6.93 25.90
N GLU M 305 45.93 7.09 26.95
CA GLU M 305 44.75 7.95 26.88
C GLU M 305 45.24 9.39 27.01
N CYS M 306 45.29 10.10 25.89
CA CYS M 306 45.88 11.43 25.82
C CYS M 306 44.88 12.46 25.34
N PRO M 307 45.09 13.73 25.68
CA PRO M 307 44.27 14.80 25.12
C PRO M 307 44.53 14.97 23.64
N LYS M 308 43.68 15.79 23.00
CA LYS M 308 43.79 16.02 21.57
C LYS M 308 44.96 16.98 21.28
N TYR M 309 45.82 16.57 20.36
CA TYR M 309 47.01 17.35 20.01
C TYR M 309 46.62 18.44 19.01
N VAL M 310 46.98 19.68 19.34
CA VAL M 310 46.62 20.85 18.53
C VAL M 310 47.86 21.70 18.29
N LYS M 311 47.77 22.56 17.29
CA LYS M 311 48.78 23.59 17.02
C LYS M 311 48.27 24.90 17.61
N SER M 312 48.50 25.05 18.91
CA SER M 312 48.09 26.27 19.60
C SER M 312 48.98 26.47 20.82
N ASN M 313 49.23 27.74 21.15
CA ASN M 313 50.04 28.07 22.30
C ASN M 313 49.24 28.43 23.54
N LYS M 314 47.98 28.85 23.39
CA LYS M 314 47.12 29.06 24.54
C LYS M 314 45.67 28.91 24.10
N LEU M 315 44.85 28.37 25.01
CA LEU M 315 43.40 28.28 24.84
C LEU M 315 42.79 28.69 26.18
N VAL M 316 42.57 29.98 26.36
CA VAL M 316 42.17 30.54 27.65
C VAL M 316 40.70 30.92 27.58
N LEU M 317 39.89 30.28 28.42
CA LEU M 317 38.47 30.58 28.53
C LEU M 317 38.24 31.70 29.54
N ALA M 318 37.24 32.53 29.25
CA ALA M 318 36.85 33.62 30.15
C ALA M 318 35.85 33.07 31.17
N THR M 319 36.23 33.09 32.45
CA THR M 319 35.34 32.67 33.52
C THR M 319 34.82 33.82 34.35
N GLY M 320 35.55 34.94 34.41
CA GLY M 320 35.16 36.10 35.16
C GLY M 320 34.55 37.18 34.28
N LEU M 321 34.49 38.39 34.83
CA LEU M 321 33.89 39.52 34.15
C LEU M 321 34.95 40.35 33.44
N ARG M 322 34.48 41.25 32.57
CA ARG M 322 35.36 42.15 31.83
C ARG M 322 35.89 43.21 32.78
N ASN M 323 37.13 43.05 33.21
CA ASN M 323 37.74 43.97 34.15
C ASN M 323 38.11 45.28 33.45
N SER M 324 37.75 46.40 34.07
CA SER M 324 38.03 47.71 33.50
C SER M 324 38.54 48.68 34.57
N GLY N 1 29.15 43.97 24.69
CA GLY N 1 28.04 44.64 25.35
C GLY N 1 26.73 44.47 24.61
N LEU N 2 26.12 43.29 24.73
CA LEU N 2 24.86 43.03 24.07
C LEU N 2 23.67 43.57 24.84
N PHE N 3 23.79 43.73 26.15
CA PHE N 3 22.71 44.26 26.99
C PHE N 3 22.98 45.66 27.48
N GLY N 4 24.14 46.23 27.17
CA GLY N 4 24.43 47.62 27.51
C GLY N 4 24.48 47.90 29.00
N ALA N 5 24.93 46.94 29.80
CA ALA N 5 25.00 47.11 31.24
C ALA N 5 26.42 47.02 31.78
N ILE N 6 27.17 46.01 31.38
CA ILE N 6 28.53 45.82 31.90
C ILE N 6 29.45 46.94 31.46
N ALA N 7 29.11 47.65 30.39
CA ALA N 7 29.88 48.80 29.95
C ALA N 7 28.99 49.96 29.51
N GLY N 8 27.69 49.91 29.79
CA GLY N 8 26.78 50.96 29.38
C GLY N 8 26.52 51.97 30.48
N PHE N 9 25.34 51.91 31.09
CA PHE N 9 25.03 52.84 32.17
C PHE N 9 25.94 52.62 33.37
N ILE N 10 26.29 51.36 33.66
CA ILE N 10 27.27 51.04 34.68
C ILE N 10 28.63 50.99 33.99
N GLU N 11 29.36 52.11 34.06
CA GLU N 11 30.58 52.27 33.26
C GLU N 11 31.66 51.29 33.68
N GLY N 12 31.88 51.12 34.99
CA GLY N 12 32.96 50.29 35.47
C GLY N 12 32.58 49.54 36.73
N GLY N 13 33.38 48.51 37.01
CA GLY N 13 33.15 47.69 38.19
C GLY N 13 33.67 48.33 39.46
N TRP N 14 33.37 47.68 40.58
CA TRP N 14 33.71 48.17 41.90
C TRP N 14 34.85 47.32 42.47
N GLN N 15 35.96 47.98 42.81
CA GLN N 15 37.06 47.27 43.46
C GLN N 15 36.74 46.91 44.90
N GLY N 16 35.90 47.70 45.56
CA GLY N 16 35.51 47.42 46.93
C GLY N 16 34.53 46.28 47.08
N MET N 17 34.10 45.67 45.97
CA MET N 17 33.17 44.56 46.00
C MET N 17 33.96 43.26 45.86
N VAL N 18 33.99 42.46 46.94
CA VAL N 18 34.82 41.26 46.96
C VAL N 18 34.04 40.04 47.47
N ASP N 19 32.71 40.14 47.50
CA ASP N 19 31.86 39.02 47.90
C ASP N 19 31.00 38.52 46.74
N GLY N 20 31.49 38.63 45.53
CA GLY N 20 30.77 38.08 44.40
C GLY N 20 30.94 38.95 43.16
N TRP N 21 30.27 38.53 42.10
CA TRP N 21 30.36 39.20 40.81
C TRP N 21 29.34 40.31 40.65
N TYR N 22 28.14 40.17 41.21
CA TYR N 22 27.09 41.17 41.09
C TYR N 22 26.51 41.46 42.47
N GLY N 23 26.03 42.68 42.64
CA GLY N 23 25.44 43.06 43.92
C GLY N 23 25.10 44.54 43.94
N TYR N 24 25.05 45.08 45.16
CA TYR N 24 24.51 46.42 45.39
C TYR N 24 25.50 47.26 46.18
N HIS N 25 25.47 48.57 45.93
CA HIS N 25 26.12 49.57 46.75
C HIS N 25 25.08 50.57 47.21
N HIS N 26 25.04 50.85 48.51
CA HIS N 26 24.00 51.67 49.10
C HIS N 26 24.61 52.93 49.71
N SER N 27 23.78 53.96 49.83
CA SER N 27 24.20 55.22 50.45
C SER N 27 22.96 55.84 51.10
N ASN N 28 22.80 55.62 52.40
CA ASN N 28 21.68 56.19 53.14
C ASN N 28 22.19 56.94 54.38
N GLU N 29 21.28 57.34 55.27
CA GLU N 29 21.66 58.10 56.44
C GLU N 29 22.60 57.32 57.36
N GLN N 30 22.43 56.00 57.43
CA GLN N 30 23.24 55.18 58.33
C GLN N 30 24.65 54.93 57.81
N GLY N 31 24.95 55.33 56.57
CA GLY N 31 26.28 55.15 56.02
C GLY N 31 26.28 54.69 54.58
N SER N 32 27.35 53.98 54.19
CA SER N 32 27.46 53.45 52.85
C SER N 32 28.31 52.18 52.89
N GLY N 33 28.18 51.37 51.85
CA GLY N 33 28.93 50.12 51.79
C GLY N 33 28.57 49.33 50.55
N TYR N 34 29.06 48.10 50.52
CA TYR N 34 28.85 47.19 49.40
C TYR N 34 28.08 45.97 49.87
N ALA N 35 27.16 45.50 49.03
CA ALA N 35 26.39 44.30 49.29
C ALA N 35 26.40 43.40 48.06
N ALA N 36 26.36 42.09 48.30
CA ALA N 36 26.46 41.10 47.25
C ALA N 36 25.18 40.27 47.21
N ASP N 37 24.62 40.11 46.02
CA ASP N 37 23.46 39.24 45.83
C ASP N 37 23.96 37.81 45.66
N LYS N 38 23.90 37.03 46.74
CA LYS N 38 24.33 35.64 46.66
C LYS N 38 23.47 34.84 45.67
N GLU N 39 22.20 35.18 45.57
CA GLU N 39 21.32 34.49 44.63
C GLU N 39 21.75 34.73 43.19
N SER N 40 22.13 35.98 42.87
CA SER N 40 22.57 36.29 41.52
C SER N 40 23.98 35.79 41.23
N THR N 41 24.87 35.81 42.22
CA THR N 41 26.25 35.39 41.99
C THR N 41 26.34 33.87 41.86
N GLN N 42 25.73 33.13 42.78
CA GLN N 42 25.89 31.69 42.78
C GLN N 42 25.22 31.05 41.57
N LYS N 43 24.11 31.61 41.10
CA LYS N 43 23.54 31.14 39.83
C LYS N 43 24.46 31.42 38.66
N ALA N 44 25.36 32.39 38.78
CA ALA N 44 26.36 32.68 37.74
C ALA N 44 27.60 31.79 37.88
N ILE N 45 28.08 31.59 39.11
CA ILE N 45 29.25 30.74 39.31
C ILE N 45 28.96 29.32 38.86
N ASP N 46 27.79 28.78 39.22
CA ASP N 46 27.45 27.41 38.83
C ASP N 46 27.37 27.26 37.32
N GLY N 47 26.77 28.24 36.63
CA GLY N 47 26.69 28.17 35.19
C GLY N 47 28.04 28.20 34.52
N VAL N 48 28.90 29.14 34.94
CA VAL N 48 30.23 29.24 34.34
C VAL N 48 31.05 27.99 34.68
N THR N 49 30.88 27.47 35.89
CA THR N 49 31.56 26.22 36.26
C THR N 49 31.09 25.07 35.37
N ASN N 50 29.78 24.97 35.14
CA ASN N 50 29.25 23.90 34.30
C ASN N 50 29.71 24.05 32.85
N LYS N 51 29.87 25.28 32.36
CA LYS N 51 30.36 25.48 31.01
C LYS N 51 31.78 24.96 30.85
N VAL N 52 32.65 25.28 31.81
CA VAL N 52 34.03 24.81 31.74
C VAL N 52 34.10 23.30 31.86
N ASN N 53 33.33 22.73 32.79
CA ASN N 53 33.32 21.27 32.94
C ASN N 53 32.77 20.59 31.70
N SER N 54 31.70 21.13 31.11
CA SER N 54 31.12 20.52 29.92
C SER N 54 32.11 20.54 28.76
N ILE N 55 32.89 21.63 28.63
CA ILE N 55 33.93 21.67 27.60
C ILE N 55 34.98 20.61 27.88
N ILE N 56 35.27 20.33 29.14
CA ILE N 56 36.29 19.36 29.52
C ILE N 56 35.74 17.95 29.58
N ASP N 57 34.60 17.75 30.26
CA ASP N 57 34.13 16.41 30.55
C ASP N 57 33.48 15.71 29.35
N LYS N 58 33.10 16.46 28.31
CA LYS N 58 32.49 15.83 27.15
C LYS N 58 33.52 15.31 26.14
N MET N 59 34.80 15.59 26.35
CA MET N 59 35.84 15.13 25.44
C MET N 59 36.05 13.63 25.61
N ASN N 60 35.84 12.87 24.54
CA ASN N 60 36.04 11.43 24.57
C ASN N 60 37.50 11.12 24.22
N THR N 61 38.18 10.41 25.10
CA THR N 61 39.57 10.02 24.89
C THR N 61 39.68 8.50 24.90
N GLN N 62 40.54 7.98 24.04
CA GLN N 62 40.75 6.55 23.90
C GLN N 62 42.24 6.25 23.87
N PHE N 63 42.59 5.03 24.30
CA PHE N 63 43.98 4.59 24.24
C PHE N 63 44.41 4.45 22.79
N GLU N 64 45.53 5.09 22.44
CA GLU N 64 46.11 4.98 21.11
C GLU N 64 47.62 4.90 21.23
N ALA N 65 48.24 4.19 20.30
CA ALA N 65 49.70 4.04 20.24
C ALA N 65 50.17 4.65 18.92
N VAL N 66 50.82 5.80 19.01
CA VAL N 66 51.24 6.56 17.83
C VAL N 66 52.74 6.39 17.65
N GLY N 67 53.12 5.82 16.51
CA GLY N 67 54.52 5.60 16.19
C GLY N 67 54.70 5.56 14.69
N ARG N 68 55.94 5.30 14.27
CA ARG N 68 56.32 5.24 12.86
C ARG N 68 56.88 3.85 12.59
N GLU N 69 56.01 2.93 12.19
CA GLU N 69 56.36 1.52 12.03
C GLU N 69 56.41 1.09 10.56
N PHE N 70 56.61 2.02 9.64
CA PHE N 70 56.65 1.72 8.21
C PHE N 70 58.03 2.03 7.66
N ASN N 71 58.56 1.11 6.86
CA ASN N 71 59.93 1.18 6.38
C ASN N 71 60.02 2.05 5.13
N ASN N 72 61.19 2.03 4.48
CA ASN N 72 61.46 2.90 3.34
C ASN N 72 60.71 2.49 2.09
N LEU N 73 60.12 1.30 2.04
CA LEU N 73 59.31 0.87 0.90
C LEU N 73 57.82 0.84 1.24
N GLU N 74 57.41 1.53 2.29
CA GLU N 74 56.01 1.66 2.67
C GLU N 74 55.65 3.14 2.85
N ARG N 75 56.29 4.01 2.08
CA ARG N 75 56.09 5.45 2.25
C ARG N 75 54.68 5.87 1.84
N ARG N 76 54.05 5.15 0.91
CA ARG N 76 52.67 5.44 0.57
C ARG N 76 51.76 5.21 1.77
N ILE N 77 51.97 4.12 2.52
CA ILE N 77 51.19 3.87 3.72
C ILE N 77 51.47 4.95 4.76
N GLU N 78 52.73 5.32 4.94
CA GLU N 78 53.08 6.34 5.92
C GLU N 78 52.46 7.68 5.57
N ASN N 79 52.45 8.03 4.28
CA ASN N 79 51.79 9.26 3.85
C ASN N 79 50.30 9.24 4.17
N LEU N 80 49.68 8.05 4.16
CA LEU N 80 48.29 7.95 4.59
C LEU N 80 48.14 8.32 6.06
N ASN N 81 49.05 7.83 6.90
CA ASN N 81 49.02 8.20 8.32
C ASN N 81 49.30 9.68 8.51
N LYS N 82 50.20 10.24 7.69
CA LYS N 82 50.48 11.67 7.75
C LYS N 82 49.23 12.48 7.44
N LYS N 83 48.53 12.12 6.36
CA LYS N 83 47.30 12.83 6.01
C LYS N 83 46.23 12.67 7.07
N MET N 84 46.20 11.51 7.74
CA MET N 84 45.25 11.31 8.84
C MET N 84 45.62 12.16 10.04
N GLU N 85 46.89 12.12 10.45
CA GLU N 85 47.31 12.84 11.65
C GLU N 85 47.21 14.35 11.46
N ASP N 86 47.73 14.86 10.34
CA ASP N 86 47.66 16.28 10.08
C ASP N 86 46.21 16.73 9.92
N GLY N 87 45.39 15.93 9.24
CA GLY N 87 43.98 16.27 9.09
C GLY N 87 43.26 16.35 10.43
N PHE N 88 43.57 15.41 11.34
CA PHE N 88 42.96 15.46 12.66
C PHE N 88 43.49 16.64 13.47
N LEU N 89 44.77 16.99 13.30
CA LEU N 89 45.29 18.17 13.96
C LEU N 89 44.58 19.44 13.48
N ASP N 90 44.33 19.53 12.18
CA ASP N 90 43.61 20.68 11.64
C ASP N 90 42.19 20.75 12.20
N VAL N 91 41.51 19.60 12.31
CA VAL N 91 40.14 19.58 12.83
C VAL N 91 40.11 20.02 14.28
N TRP N 92 41.02 19.49 15.11
CA TRP N 92 41.01 19.81 16.53
C TRP N 92 41.48 21.24 16.79
N THR N 93 42.50 21.70 16.04
CA THR N 93 43.00 23.04 16.24
C THR N 93 41.94 24.08 15.90
N TYR N 94 41.25 23.91 14.77
CA TYR N 94 40.20 24.84 14.38
C TYR N 94 39.04 24.80 15.36
N ASN N 95 38.64 23.60 15.78
CA ASN N 95 37.54 23.48 16.72
C ASN N 95 37.89 24.05 18.09
N ALA N 96 39.11 23.80 18.57
CA ALA N 96 39.50 24.31 19.88
C ALA N 96 39.58 25.83 19.89
N GLU N 97 40.20 26.41 18.86
CA GLU N 97 40.35 27.86 18.82
C GLU N 97 38.99 28.56 18.71
N LEU N 98 38.15 28.11 17.77
CA LEU N 98 36.86 28.78 17.57
C LEU N 98 35.91 28.54 18.73
N LEU N 99 35.99 27.37 19.38
CA LEU N 99 35.16 27.12 20.56
C LEU N 99 35.45 28.12 21.66
N VAL N 100 36.73 28.40 21.89
CA VAL N 100 37.12 29.37 22.91
C VAL N 100 36.61 30.76 22.54
N LEU N 101 36.77 31.16 21.27
CA LEU N 101 36.35 32.49 20.85
C LEU N 101 34.84 32.66 20.98
N MET N 102 34.07 31.66 20.57
CA MET N 102 32.62 31.75 20.62
C MET N 102 32.10 31.70 22.05
N GLU N 103 32.68 30.83 22.89
CA GLU N 103 32.20 30.69 24.26
C GLU N 103 32.64 31.84 25.15
N ASN N 104 33.80 32.44 24.88
CA ASN N 104 34.21 33.61 25.65
C ASN N 104 33.26 34.78 25.41
N GLU N 105 32.83 34.97 24.16
CA GLU N 105 31.84 36.00 23.87
C GLU N 105 30.53 35.73 24.59
N ARG N 106 30.11 34.47 24.65
CA ARG N 106 28.89 34.13 25.36
C ARG N 106 29.01 34.40 26.85
N THR N 107 30.16 34.07 27.45
CA THR N 107 30.33 34.24 28.88
C THR N 107 30.29 35.71 29.28
N LEU N 108 30.94 36.57 28.51
CA LEU N 108 30.89 38.01 28.78
C LEU N 108 29.48 38.55 28.61
N ASP N 109 28.77 38.09 27.57
CA ASP N 109 27.37 38.48 27.42
C ASP N 109 26.50 37.90 28.53
N PHE N 110 26.88 36.75 29.08
CA PHE N 110 26.15 36.20 30.20
C PHE N 110 26.26 37.08 31.43
N HIS N 111 27.45 37.63 31.70
CA HIS N 111 27.60 38.58 32.80
C HIS N 111 26.78 39.85 32.54
N ASP N 112 26.68 40.26 31.27
CA ASP N 112 25.92 41.46 30.94
C ASP N 112 24.44 41.28 31.29
N SER N 113 23.87 40.11 31.00
CA SER N 113 22.46 39.87 31.28
C SER N 113 22.18 39.86 32.77
N ASN N 114 23.07 39.23 33.56
CA ASN N 114 22.85 39.15 35.00
C ASN N 114 22.88 40.53 35.65
N VAL N 115 23.79 41.40 35.20
CA VAL N 115 23.85 42.76 35.73
C VAL N 115 22.57 43.51 35.38
N LYS N 116 22.12 43.41 34.14
CA LYS N 116 20.91 44.10 33.73
C LYS N 116 19.68 43.54 34.43
N ASN N 117 19.60 42.22 34.58
CA ASN N 117 18.47 41.62 35.29
C ASN N 117 18.44 42.06 36.74
N LEU N 118 19.62 42.16 37.37
CA LEU N 118 19.68 42.67 38.73
C LEU N 118 19.21 44.11 38.80
N TYR N 119 19.60 44.93 37.81
CA TYR N 119 19.11 46.30 37.73
C TYR N 119 17.60 46.34 37.56
N ASP N 120 17.06 45.49 36.69
CA ASP N 120 15.62 45.49 36.44
C ASP N 120 14.83 44.96 37.63
N LYS N 121 15.42 44.04 38.41
CA LYS N 121 14.74 43.54 39.60
C LYS N 121 14.51 44.66 40.62
N VAL N 122 15.52 45.51 40.81
CA VAL N 122 15.37 46.64 41.72
C VAL N 122 14.41 47.68 41.14
N ARG N 123 14.54 47.97 39.84
CA ARG N 123 13.72 49.00 39.22
C ARG N 123 12.24 48.62 39.27
N LEU N 124 11.94 47.34 39.03
CA LEU N 124 10.55 46.88 39.01
C LEU N 124 9.88 46.99 40.37
N GLN N 125 10.66 47.06 41.45
CA GLN N 125 10.12 47.22 42.80
C GLN N 125 9.85 48.68 43.15
N LEU N 126 10.83 49.55 42.91
CA LEU N 126 10.71 50.94 43.36
C LEU N 126 9.69 51.71 42.52
N ARG N 127 9.71 51.53 41.20
CA ARG N 127 8.76 52.17 40.28
C ARG N 127 8.87 53.68 40.44
N ASP N 128 7.80 54.39 40.80
CA ASP N 128 7.83 55.83 40.95
C ASP N 128 8.29 56.28 42.33
N ASN N 129 8.51 55.35 43.26
CA ASN N 129 9.06 55.69 44.57
C ASN N 129 10.56 55.92 44.54
N ALA N 130 11.16 55.98 43.35
CA ALA N 130 12.57 56.29 43.19
C ALA N 130 12.77 56.87 41.80
N LYS N 131 13.92 57.52 41.61
CA LYS N 131 14.27 58.16 40.36
C LYS N 131 15.40 57.39 39.68
N GLU N 132 15.23 57.11 38.39
CA GLU N 132 16.29 56.49 37.60
C GLU N 132 17.31 57.55 37.20
N LEU N 133 18.59 57.25 37.44
CA LEU N 133 19.65 58.21 37.18
C LEU N 133 20.41 57.93 35.89
N GLY N 134 20.32 56.72 35.36
CA GLY N 134 21.03 56.37 34.14
C GLY N 134 22.47 55.95 34.34
N ASN N 135 22.92 55.76 35.59
CA ASN N 135 24.27 55.30 35.86
C ASN N 135 24.30 53.99 36.63
N GLY N 136 23.15 53.35 36.83
CA GLY N 136 23.07 52.15 37.64
C GLY N 136 22.65 52.34 39.07
N CYS N 137 22.16 53.53 39.43
CA CYS N 137 21.74 53.82 40.80
C CYS N 137 20.29 54.31 40.79
N PHE N 138 19.64 54.20 41.94
CA PHE N 138 18.26 54.65 42.12
C PHE N 138 18.20 55.59 43.31
N GLU N 139 17.76 56.82 43.08
CA GLU N 139 17.66 57.82 44.14
C GLU N 139 16.25 57.75 44.73
N PHE N 140 16.16 57.35 45.99
CA PHE N 140 14.86 57.21 46.65
C PHE N 140 14.21 58.57 46.87
N TYR N 141 12.90 58.62 46.69
CA TYR N 141 12.11 59.78 47.08
C TYR N 141 11.65 59.70 48.53
N HIS N 142 11.88 58.58 49.20
CA HIS N 142 11.54 58.39 50.61
C HIS N 142 12.81 58.05 51.39
N LYS N 143 12.62 57.69 52.66
CA LYS N 143 13.73 57.34 53.53
C LYS N 143 13.83 55.82 53.58
N CYS N 144 14.88 55.27 52.98
CA CYS N 144 15.12 53.83 52.94
C CYS N 144 16.29 53.52 53.88
N ASP N 145 15.96 52.99 55.06
CA ASP N 145 16.97 52.66 56.04
C ASP N 145 17.65 51.33 55.69
N ASN N 146 18.64 50.94 56.48
CA ASN N 146 19.39 49.72 56.19
C ASN N 146 18.50 48.49 56.17
N GLU N 147 17.45 48.47 57.00
CA GLU N 147 16.52 47.35 56.98
C GLU N 147 15.76 47.28 55.65
N CYS N 148 15.28 48.43 55.16
CA CYS N 148 14.56 48.45 53.89
C CYS N 148 15.51 48.31 52.71
N MET N 149 16.76 48.73 52.85
CA MET N 149 17.75 48.47 51.82
C MET N 149 17.95 46.97 51.62
N GLU N 150 17.96 46.21 52.71
CA GLU N 150 18.00 44.76 52.61
C GLU N 150 16.76 44.22 51.92
N SER N 151 15.59 44.79 52.20
CA SER N 151 14.35 44.33 51.58
C SER N 151 14.41 44.51 50.06
N VAL N 152 14.98 45.62 49.60
CA VAL N 152 15.20 45.80 48.17
C VAL N 152 16.14 44.73 47.65
N ARG N 153 17.21 44.44 48.40
CA ARG N 153 18.15 43.39 48.01
C ARG N 153 17.58 41.99 48.22
N ASN N 154 16.54 41.84 49.05
CA ASN N 154 15.87 40.58 49.26
C ASN N 154 14.62 40.43 48.40
N GLY N 155 14.29 41.43 47.59
CA GLY N 155 13.06 41.39 46.82
C GLY N 155 11.80 41.56 47.65
N THR N 156 11.93 42.11 48.87
CA THR N 156 10.81 42.28 49.77
C THR N 156 10.57 43.76 50.09
N TYR N 157 10.88 44.65 49.16
CA TYR N 157 10.60 46.07 49.35
C TYR N 157 9.10 46.30 49.34
N ASP N 158 8.60 46.98 50.38
CA ASP N 158 7.17 47.22 50.53
C ASP N 158 6.83 48.57 49.91
N TYR N 159 6.22 48.54 48.73
CA TYR N 159 5.83 49.78 48.05
C TYR N 159 4.79 50.59 48.83
N PRO N 160 3.67 50.01 49.31
CA PRO N 160 2.63 50.86 49.93
C PRO N 160 3.09 51.59 51.18
N GLN N 161 4.10 51.08 51.89
CA GLN N 161 4.53 51.71 53.14
C GLN N 161 5.05 53.12 52.90
N TYR N 162 5.87 53.30 51.86
CA TYR N 162 6.47 54.59 51.56
C TYR N 162 5.81 55.27 50.36
N SER N 163 4.65 54.79 49.91
CA SER N 163 4.04 55.31 48.70
C SER N 163 3.63 56.77 48.86
N GLU N 164 3.02 57.12 50.00
CA GLU N 164 2.59 58.50 50.20
C GLU N 164 3.78 59.44 50.36
N GLU N 165 4.83 59.00 51.06
CA GLU N 165 5.99 59.86 51.27
C GLU N 165 6.70 60.14 49.94
N ALA N 166 6.80 59.14 49.07
CA ALA N 166 7.41 59.34 47.76
C ALA N 166 6.62 60.36 46.94
N ARG N 167 5.29 60.28 46.98
CA ARG N 167 4.47 61.24 46.24
C ARG N 167 4.57 62.63 46.85
N LEU N 168 4.76 62.74 48.16
CA LEU N 168 4.94 64.05 48.78
C LEU N 168 6.22 64.71 48.29
N LYS N 169 7.31 63.95 48.20
CA LYS N 169 8.58 64.51 47.74
C LYS N 169 8.60 64.73 46.24
N ARG N 170 7.84 63.94 45.48
CA ARG N 170 7.70 64.20 44.05
C ARG N 170 7.01 65.54 43.81
N GLU N 171 5.97 65.83 44.59
CA GLU N 171 5.31 67.13 44.51
C GLU N 171 6.10 68.23 45.23
N GLU N 172 7.06 67.86 46.09
CA GLU N 172 7.86 68.83 46.81
C GLU N 172 8.90 69.49 45.91
N ILE N 173 9.21 68.88 44.78
CA ILE N 173 10.17 69.44 43.82
C ILE N 173 9.46 69.99 42.59
N SER N 174 8.17 70.25 42.69
CA SER N 174 7.39 70.78 41.56
C SER N 174 7.17 72.28 41.71
N ASP O 2 -13.59 50.61 40.93
CA ASP O 2 -12.73 49.89 41.88
C ASP O 2 -11.99 48.70 41.27
N PRO O 3 -12.70 47.76 40.59
CA PRO O 3 -11.98 46.59 40.05
C PRO O 3 -11.12 46.95 38.86
N GLY O 4 -9.81 46.97 39.06
CA GLY O 4 -8.88 47.25 37.97
C GLY O 4 -8.79 46.06 37.04
N ASP O 5 -9.19 46.26 35.78
CA ASP O 5 -9.04 45.19 34.80
C ASP O 5 -7.56 44.84 34.65
N GLN O 6 -7.29 43.54 34.45
CA GLN O 6 -5.92 43.04 34.48
C GLN O 6 -5.65 42.20 33.23
N ILE O 7 -4.53 42.48 32.58
CA ILE O 7 -4.03 41.70 31.45
C ILE O 7 -2.65 41.19 31.82
N CYS O 8 -2.40 39.90 31.55
CA CYS O 8 -1.19 39.24 31.98
C CYS O 8 -0.44 38.63 30.80
N ILE O 9 0.86 38.52 30.96
CA ILE O 9 1.75 37.93 29.95
C ILE O 9 2.35 36.66 30.53
N GLY O 10 2.36 35.60 29.74
CA GLY O 10 2.91 34.33 30.22
C GLY O 10 3.15 33.39 29.06
N TYR O 11 3.78 32.27 29.38
CA TYR O 11 4.18 31.26 28.41
C TYR O 11 3.52 29.92 28.75
N HIS O 12 3.83 28.91 27.96
CA HIS O 12 3.15 27.63 28.03
C HIS O 12 3.84 26.68 28.99
N ALA O 13 3.04 25.79 29.58
CA ALA O 13 3.54 24.71 30.43
C ALA O 13 2.59 23.53 30.31
N ASN O 14 3.11 22.34 30.56
CA ASN O 14 2.32 21.12 30.42
C ASN O 14 2.84 20.08 31.40
N ASN O 15 2.37 18.84 31.24
CA ASN O 15 2.80 17.72 32.08
C ASN O 15 3.83 16.90 31.29
N SER O 16 5.07 17.35 31.35
CA SER O 16 6.18 16.71 30.66
C SER O 16 7.35 16.54 31.62
N THR O 17 7.88 15.32 31.69
CA THR O 17 9.05 15.03 32.49
C THR O 17 10.34 15.07 31.68
N GLU O 18 10.27 15.43 30.41
CA GLU O 18 11.45 15.47 29.55
C GLU O 18 12.50 16.41 30.12
N GLN O 19 13.75 15.95 30.15
CA GLN O 19 14.86 16.73 30.67
C GLN O 19 15.94 16.87 29.60
N VAL O 20 16.48 18.08 29.48
CA VAL O 20 17.59 18.36 28.59
C VAL O 20 18.72 18.97 29.40
N ASP O 21 19.92 18.93 28.82
CA ASP O 21 21.08 19.61 29.38
C ASP O 21 21.49 20.74 28.46
N THR O 22 21.85 21.87 29.06
CA THR O 22 22.42 23.00 28.34
C THR O 22 23.89 23.15 28.73
N ILE O 23 24.55 24.14 28.12
CA ILE O 23 25.97 24.33 28.38
C ILE O 23 26.23 24.78 29.81
N MET O 24 25.23 25.36 30.48
CA MET O 24 25.39 25.84 31.84
C MET O 24 24.43 25.23 32.84
N GLU O 25 23.36 24.58 32.40
CA GLU O 25 22.38 23.98 33.29
C GLU O 25 22.18 22.53 32.90
N LYS O 26 22.09 21.65 33.91
CA LYS O 26 21.89 20.23 33.69
C LYS O 26 20.54 19.80 34.24
N ASN O 27 19.93 18.82 33.57
CA ASN O 27 18.62 18.27 33.95
C ASN O 27 17.57 19.38 34.01
N VAL O 28 17.32 19.99 32.85
CA VAL O 28 16.35 21.07 32.71
C VAL O 28 15.08 20.48 32.12
N THR O 29 13.98 20.58 32.87
CA THR O 29 12.71 20.08 32.38
C THR O 29 12.15 21.01 31.30
N VAL O 30 11.70 20.41 30.19
CA VAL O 30 11.20 21.17 29.05
C VAL O 30 9.82 20.64 28.66
N THR O 31 9.07 21.50 27.96
CA THR O 31 7.72 21.12 27.55
C THR O 31 7.74 20.11 26.40
N HIS O 32 8.70 20.26 25.48
CA HIS O 32 8.86 19.33 24.37
C HIS O 32 10.34 19.16 24.06
N ALA O 33 10.67 18.04 23.45
CA ALA O 33 12.07 17.75 23.12
C ALA O 33 12.12 16.74 21.98
N GLN O 34 13.24 16.76 21.26
CA GLN O 34 13.47 15.86 20.14
C GLN O 34 14.87 15.27 20.26
N ASP O 35 14.97 13.97 20.04
CA ASP O 35 16.24 13.25 20.12
C ASP O 35 16.78 13.03 18.71
N ILE O 36 18.01 13.48 18.48
CA ILE O 36 18.64 13.36 17.17
C ILE O 36 19.61 12.19 17.11
N LEU O 37 19.48 11.22 18.01
CA LEU O 37 20.34 10.06 18.05
C LEU O 37 19.54 8.80 17.73
N GLU O 38 20.02 8.04 16.77
CA GLU O 38 19.38 6.77 16.44
C GLU O 38 19.93 5.68 17.36
N LYS O 39 19.03 4.89 17.96
CA LYS O 39 19.43 3.92 18.98
C LYS O 39 18.87 2.53 18.77
N THR O 40 18.02 2.32 17.77
CA THR O 40 17.33 1.04 17.58
C THR O 40 17.77 0.38 16.29
N HIS O 41 18.13 -0.90 16.37
CA HIS O 41 18.36 -1.74 15.20
C HIS O 41 17.39 -2.91 15.24
N ASN O 42 16.92 -3.32 14.06
CA ASN O 42 15.90 -4.36 13.97
C ASN O 42 16.41 -5.73 14.36
N GLY O 43 17.73 -5.91 14.53
CA GLY O 43 18.26 -7.17 14.98
C GLY O 43 18.28 -8.25 13.93
N LYS O 44 18.18 -7.90 12.65
CA LYS O 44 18.18 -8.86 11.56
C LYS O 44 19.12 -8.37 10.46
N LEU O 45 19.46 -9.28 9.55
CA LEU O 45 20.26 -8.96 8.37
C LEU O 45 19.31 -8.72 7.20
N CYS O 46 19.51 -7.60 6.50
CA CYS O 46 18.57 -7.15 5.49
C CYS O 46 19.26 -6.94 4.15
N ASP O 47 18.44 -6.75 3.11
CA ASP O 47 18.93 -6.33 1.82
C ASP O 47 19.47 -4.90 1.90
N LEU O 48 20.44 -4.60 1.05
CA LEU O 48 21.04 -3.27 1.01
C LEU O 48 20.61 -2.60 -0.30
N ASN O 49 19.72 -1.62 -0.19
CA ASN O 49 19.17 -0.91 -1.34
C ASN O 49 18.53 -1.87 -2.33
N GLY O 50 17.81 -2.87 -1.80
CA GLY O 50 17.03 -3.79 -2.60
C GLY O 50 17.76 -5.05 -3.05
N VAL O 51 19.04 -5.20 -2.76
CA VAL O 51 19.83 -6.35 -3.19
C VAL O 51 20.18 -7.18 -1.96
N LYS O 52 19.80 -8.45 -1.99
CA LYS O 52 20.09 -9.35 -0.88
C LYS O 52 21.59 -9.63 -0.82
N PRO O 53 22.16 -9.72 0.37
CA PRO O 53 23.58 -10.10 0.50
C PRO O 53 23.78 -11.59 0.29
N LEU O 54 25.05 -11.93 0.02
CA LEU O 54 25.47 -13.33 -0.05
C LEU O 54 25.84 -13.80 1.34
N ILE O 55 25.09 -14.76 1.87
CA ILE O 55 25.25 -15.24 3.24
C ILE O 55 25.85 -16.64 3.19
N LEU O 56 27.09 -16.78 3.65
CA LEU O 56 27.77 -18.07 3.73
C LEU O 56 27.63 -18.57 5.16
N LYS O 57 26.62 -19.40 5.39
CA LYS O 57 26.26 -19.81 6.75
C LYS O 57 27.31 -20.72 7.36
N ASP O 58 27.80 -21.70 6.60
CA ASP O 58 28.72 -22.70 7.14
C ASP O 58 30.03 -22.78 6.34
N CYS O 59 30.32 -21.78 5.51
CA CYS O 59 31.44 -21.84 4.60
C CYS O 59 32.17 -20.51 4.59
N SER O 60 33.45 -20.56 4.23
CA SER O 60 34.21 -19.36 3.94
C SER O 60 34.15 -19.07 2.44
N VAL O 61 34.65 -17.89 2.06
CA VAL O 61 34.67 -17.53 0.64
C VAL O 61 35.57 -18.48 -0.14
N ALA O 62 36.73 -18.82 0.43
CA ALA O 62 37.62 -19.77 -0.23
C ALA O 62 36.97 -21.13 -0.37
N GLY O 63 36.31 -21.61 0.67
CA GLY O 63 35.60 -22.88 0.58
C GLY O 63 34.46 -22.83 -0.41
N TRP O 64 33.73 -21.72 -0.45
CA TRP O 64 32.61 -21.58 -1.38
C TRP O 64 33.10 -21.59 -2.83
N LEU O 65 34.14 -20.81 -3.13
CA LEU O 65 34.63 -20.72 -4.51
C LEU O 65 35.20 -22.05 -4.98
N LEU O 66 36.10 -22.64 -4.20
CA LEU O 66 36.73 -23.89 -4.61
C LEU O 66 35.76 -25.06 -4.60
N GLY O 67 34.63 -24.93 -3.92
CA GLY O 67 33.65 -26.00 -3.88
C GLY O 67 33.92 -27.04 -2.82
N ASN O 68 34.08 -26.58 -1.57
CA ASN O 68 34.28 -27.49 -0.45
C ASN O 68 33.08 -28.42 -0.35
N PRO O 69 33.28 -29.74 -0.41
CA PRO O 69 32.12 -30.65 -0.40
C PRO O 69 31.38 -30.68 0.94
N MET O 70 31.99 -30.21 2.02
CA MET O 70 31.33 -30.18 3.32
C MET O 70 30.55 -28.90 3.56
N CYS O 71 30.56 -27.97 2.61
CA CYS O 71 29.74 -26.77 2.70
C CYS O 71 28.37 -27.04 2.10
N ASP O 72 27.33 -26.46 2.70
CA ASP O 72 25.98 -26.64 2.20
C ASP O 72 25.82 -26.04 0.81
N GLU O 73 25.13 -26.76 -0.06
CA GLU O 73 24.81 -26.26 -1.38
C GLU O 73 23.52 -25.45 -1.33
N PHE O 74 23.46 -24.40 -2.14
CA PHE O 74 22.31 -23.50 -2.14
C PHE O 74 22.07 -23.01 -3.56
N ILE O 75 20.89 -22.43 -3.76
CA ILE O 75 20.53 -21.89 -5.07
C ILE O 75 21.47 -20.74 -5.42
N ARG O 76 21.96 -20.75 -6.65
CA ARG O 76 22.94 -19.77 -7.09
C ARG O 76 22.38 -18.35 -7.01
N VAL O 77 23.22 -17.44 -6.53
CA VAL O 77 22.86 -16.03 -6.37
C VAL O 77 23.56 -15.24 -7.47
N PRO O 78 22.82 -14.66 -8.42
CA PRO O 78 23.49 -13.95 -9.53
C PRO O 78 24.08 -12.60 -9.13
N GLU O 79 23.65 -12.02 -8.02
CA GLU O 79 24.14 -10.71 -7.59
C GLU O 79 23.97 -10.58 -6.09
N TRP O 80 24.79 -9.73 -5.49
CA TRP O 80 24.70 -9.47 -4.06
C TRP O 80 25.32 -8.12 -3.74
N SER O 81 24.83 -7.50 -2.67
CA SER O 81 25.30 -6.20 -2.24
C SER O 81 26.50 -6.29 -1.30
N TYR O 82 26.50 -7.27 -0.40
CA TYR O 82 27.64 -7.51 0.48
C TYR O 82 27.69 -8.99 0.81
N ILE O 83 28.79 -9.41 1.43
CA ILE O 83 29.02 -10.80 1.78
C ILE O 83 28.99 -10.93 3.29
N VAL O 84 28.22 -11.90 3.78
CA VAL O 84 28.11 -12.17 5.21
C VAL O 84 28.82 -13.48 5.50
N GLU O 85 29.80 -13.41 6.39
CA GLU O 85 30.52 -14.58 6.90
C GLU O 85 30.34 -14.67 8.40
N ARG O 86 30.47 -15.88 8.92
CA ARG O 86 30.53 -16.02 10.37
C ARG O 86 31.93 -15.65 10.86
N ALA O 87 32.02 -15.31 12.15
CA ALA O 87 33.32 -14.95 12.71
C ALA O 87 34.31 -16.09 12.57
N ASN O 88 33.84 -17.34 12.76
CA ASN O 88 34.66 -18.53 12.57
C ASN O 88 33.84 -19.50 11.73
N PRO O 89 34.02 -19.48 10.40
CA PRO O 89 33.25 -20.39 9.54
C PRO O 89 33.53 -21.85 9.90
N ALA O 90 32.48 -22.67 9.81
CA ALA O 90 32.61 -24.08 10.15
C ALA O 90 33.59 -24.79 9.22
N ASN O 91 33.50 -24.51 7.92
CA ASN O 91 34.37 -25.13 6.92
C ASN O 91 35.04 -24.04 6.11
N ASP O 92 36.37 -24.07 6.06
CA ASP O 92 37.14 -23.15 5.23
C ASP O 92 37.89 -23.86 4.12
N LEU O 93 38.76 -24.81 4.47
CA LEU O 93 39.55 -25.56 3.49
C LEU O 93 39.65 -27.00 4.00
N CYS O 94 38.85 -27.89 3.40
CA CYS O 94 38.83 -29.27 3.85
C CYS O 94 40.20 -29.92 3.71
N TYR O 95 40.85 -29.72 2.57
CA TYR O 95 42.27 -30.06 2.44
C TYR O 95 43.09 -28.86 2.86
N PRO O 96 43.95 -28.97 3.88
CA PRO O 96 44.65 -27.78 4.39
C PRO O 96 45.55 -27.15 3.34
N GLY O 97 45.69 -25.84 3.43
CA GLY O 97 46.49 -25.07 2.50
C GLY O 97 46.23 -23.58 2.63
N SER O 98 46.20 -22.88 1.49
CA SER O 98 45.96 -21.45 1.50
C SER O 98 45.45 -21.01 0.13
N LEU O 99 44.79 -19.86 0.12
CA LEU O 99 44.38 -19.20 -1.11
C LEU O 99 45.13 -17.87 -1.21
N ASN O 100 45.83 -17.68 -2.32
CA ASN O 100 46.71 -16.52 -2.48
C ASN O 100 45.89 -15.25 -2.72
N ASP O 101 46.39 -14.13 -2.19
CA ASP O 101 45.72 -12.83 -2.28
C ASP O 101 44.27 -12.94 -1.81
N TYR O 102 44.08 -13.70 -0.72
CA TYR O 102 42.73 -14.04 -0.28
C TYR O 102 41.94 -12.82 0.14
N GLU O 103 42.56 -11.93 0.92
CA GLU O 103 41.85 -10.74 1.40
C GLU O 103 41.47 -9.82 0.25
N GLU O 104 42.38 -9.65 -0.73
CA GLU O 104 42.07 -8.82 -1.89
C GLU O 104 40.99 -9.47 -2.75
N LEU O 105 41.06 -10.79 -2.93
CA LEU O 105 40.00 -11.49 -3.66
C LEU O 105 38.66 -11.35 -2.95
N LYS O 106 38.68 -11.46 -1.62
CA LYS O 106 37.45 -11.30 -0.85
C LYS O 106 36.86 -9.91 -1.01
N HIS O 107 37.72 -8.89 -0.99
CA HIS O 107 37.24 -7.52 -1.12
C HIS O 107 36.61 -7.26 -2.48
N MET O 108 37.18 -7.85 -3.54
CA MET O 108 36.61 -7.70 -4.88
C MET O 108 35.25 -8.35 -4.99
N LEU O 109 35.08 -9.52 -4.39
CA LEU O 109 33.84 -10.27 -4.49
C LEU O 109 32.77 -9.81 -3.50
N SER O 110 33.07 -8.78 -2.69
CA SER O 110 32.12 -8.34 -1.68
C SER O 110 30.82 -7.84 -2.32
N ARG O 111 30.92 -7.09 -3.41
CA ARG O 111 29.75 -6.66 -4.17
C ARG O 111 29.97 -7.02 -5.63
N ILE O 112 29.07 -7.83 -6.19
CA ILE O 112 29.19 -8.31 -7.56
C ILE O 112 27.88 -8.05 -8.28
N ASN O 113 27.96 -7.43 -9.46
CA ASN O 113 26.77 -7.10 -10.23
C ASN O 113 26.20 -8.33 -10.93
N HIS O 114 27.06 -9.19 -11.47
CA HIS O 114 26.63 -10.43 -12.10
C HIS O 114 27.64 -11.52 -11.80
N PHE O 115 27.15 -12.67 -11.35
CA PHE O 115 27.99 -13.80 -10.99
C PHE O 115 27.39 -15.06 -11.57
N GLU O 116 28.19 -15.86 -12.26
CA GLU O 116 27.69 -17.06 -12.92
C GLU O 116 28.84 -18.05 -13.07
N LYS O 117 28.73 -19.19 -12.39
CA LYS O 117 29.72 -20.25 -12.57
C LYS O 117 29.51 -20.90 -13.93
N ILE O 118 30.61 -21.12 -14.65
CA ILE O 118 30.58 -21.81 -15.94
C ILE O 118 31.66 -22.88 -15.93
N GLN O 119 31.50 -23.86 -16.81
CA GLN O 119 32.48 -24.93 -16.98
C GLN O 119 33.40 -24.59 -18.14
N ILE O 120 34.71 -24.63 -17.89
CA ILE O 120 35.71 -24.28 -18.88
C ILE O 120 36.53 -25.50 -19.31
N ILE O 121 36.92 -26.35 -18.37
CA ILE O 121 37.71 -27.54 -18.69
C ILE O 121 36.99 -28.77 -18.15
N PRO O 122 36.15 -29.42 -18.95
CA PRO O 122 35.46 -30.62 -18.47
C PRO O 122 36.43 -31.77 -18.20
N LYS O 123 36.03 -32.65 -17.29
CA LYS O 123 36.89 -33.77 -16.91
C LYS O 123 37.19 -34.71 -18.08
N SER O 124 36.31 -34.75 -19.08
CA SER O 124 36.55 -35.57 -20.26
C SER O 124 37.60 -34.98 -21.18
N SER O 125 38.24 -33.86 -20.81
CA SER O 125 39.30 -33.25 -21.60
C SER O 125 40.69 -33.68 -21.15
N TRP O 126 40.80 -34.73 -20.33
CA TRP O 126 42.07 -35.22 -19.81
C TRP O 126 42.23 -36.68 -20.24
N PRO O 127 42.85 -36.94 -21.39
CA PRO O 127 42.98 -38.31 -21.87
C PRO O 127 44.21 -39.06 -21.35
N ASN O 128 45.17 -38.36 -20.75
CA ASN O 128 46.40 -38.99 -20.30
C ASN O 128 46.65 -38.78 -18.81
N HIS O 129 45.65 -38.34 -18.06
CA HIS O 129 45.75 -38.16 -16.62
C HIS O 129 44.44 -38.60 -15.98
N GLU O 130 44.51 -38.92 -14.69
CA GLU O 130 43.35 -39.41 -13.96
C GLU O 130 42.62 -38.25 -13.30
N THR O 131 41.30 -38.21 -13.48
CA THR O 131 40.48 -37.11 -12.97
C THR O 131 39.58 -37.50 -11.80
N SER O 132 39.35 -38.79 -11.57
CA SER O 132 38.40 -39.23 -10.55
C SER O 132 39.06 -39.78 -9.29
N LEU O 133 40.40 -39.74 -9.20
CA LEU O 133 41.09 -40.27 -8.04
C LEU O 133 41.73 -39.19 -7.18
N GLY O 134 41.68 -37.94 -7.60
CA GLY O 134 42.20 -36.84 -6.80
C GLY O 134 41.28 -36.59 -5.62
N VAL O 135 41.29 -37.54 -4.69
CA VAL O 135 40.21 -37.72 -3.72
C VAL O 135 40.81 -37.87 -2.33
N SER O 136 40.17 -37.28 -1.34
CA SER O 136 40.66 -37.33 0.03
C SER O 136 39.50 -37.59 0.99
N ALA O 137 39.80 -38.26 2.11
CA ALA O 137 38.80 -38.50 3.14
C ALA O 137 38.53 -37.25 3.98
N ALA O 138 39.42 -36.26 3.95
CA ALA O 138 39.18 -35.01 4.64
C ALA O 138 38.10 -34.18 3.97
N CYS O 139 37.69 -34.54 2.75
CA CYS O 139 36.69 -33.80 1.98
C CYS O 139 35.59 -34.77 1.55
N PRO O 140 34.78 -35.25 2.48
CA PRO O 140 33.74 -36.21 2.11
C PRO O 140 32.63 -35.56 1.30
N TYR O 141 32.02 -36.35 0.42
CA TYR O 141 30.84 -35.91 -0.31
C TYR O 141 29.95 -37.11 -0.58
N GLN O 142 28.71 -37.04 -0.09
CA GLN O 142 27.72 -38.10 -0.28
C GLN O 142 28.25 -39.45 0.20
N GLY O 143 28.92 -39.45 1.34
CA GLY O 143 29.41 -40.67 1.93
C GLY O 143 30.70 -41.21 1.33
N ALA O 144 31.32 -40.48 0.41
CA ALA O 144 32.54 -40.91 -0.24
C ALA O 144 33.61 -39.84 -0.09
N PRO O 145 34.88 -40.24 -0.04
CA PRO O 145 35.96 -39.25 -0.06
C PRO O 145 35.92 -38.48 -1.38
N SER O 146 36.19 -37.19 -1.30
CA SER O 146 36.10 -36.31 -2.47
C SER O 146 37.10 -35.18 -2.29
N PHE O 147 36.91 -34.10 -3.04
CA PHE O 147 37.83 -32.97 -3.04
C PHE O 147 37.01 -31.71 -3.26
N PHE O 148 37.70 -30.57 -3.39
CA PHE O 148 37.04 -29.35 -3.83
C PHE O 148 36.38 -29.60 -5.17
N ARG O 149 35.06 -29.41 -5.24
CA ARG O 149 34.29 -29.88 -6.38
C ARG O 149 34.39 -28.99 -7.61
N ASN O 150 34.94 -27.78 -7.49
CA ASN O 150 35.11 -26.88 -8.61
C ASN O 150 36.49 -26.98 -9.26
N VAL O 151 37.39 -27.79 -8.70
CA VAL O 151 38.71 -28.01 -9.28
C VAL O 151 38.95 -29.51 -9.35
N VAL O 152 39.93 -29.90 -10.16
CA VAL O 152 40.23 -31.31 -10.41
C VAL O 152 41.66 -31.57 -9.95
N TRP O 153 41.81 -32.52 -9.02
CA TRP O 153 43.12 -32.96 -8.54
C TRP O 153 43.59 -34.07 -9.47
N LEU O 154 44.51 -33.74 -10.37
CA LEU O 154 44.96 -34.69 -11.39
C LEU O 154 45.99 -35.65 -10.82
N ILE O 155 45.89 -36.92 -11.23
CA ILE O 155 46.79 -37.98 -10.80
C ILE O 155 47.29 -38.72 -12.04
N LYS O 156 48.46 -39.33 -11.90
CA LYS O 156 49.07 -40.07 -13.00
C LYS O 156 48.16 -41.20 -13.47
N LYS O 157 48.20 -41.47 -14.77
CA LYS O 157 47.45 -42.56 -15.38
C LYS O 157 48.42 -43.54 -16.01
N ASN O 158 48.24 -44.83 -15.69
CA ASN O 158 49.12 -45.90 -16.20
C ASN O 158 50.58 -45.62 -15.87
N ASP O 159 50.82 -45.18 -14.64
CA ASP O 159 52.18 -44.89 -14.15
C ASP O 159 52.91 -43.91 -15.06
N ALA O 160 52.19 -42.89 -15.54
CA ALA O 160 52.79 -41.88 -16.39
C ALA O 160 52.05 -40.56 -16.21
N TYR O 161 52.80 -39.46 -16.20
CA TYR O 161 52.24 -38.12 -16.10
C TYR O 161 52.86 -37.29 -17.21
N PRO O 162 52.30 -37.36 -18.43
CA PRO O 162 52.80 -36.53 -19.52
C PRO O 162 52.66 -35.05 -19.19
N THR O 163 53.60 -34.25 -19.67
CA THR O 163 53.55 -32.82 -19.43
C THR O 163 52.29 -32.23 -20.03
N ILE O 164 51.55 -31.47 -19.22
CA ILE O 164 50.29 -30.88 -19.63
C ILE O 164 50.56 -29.56 -20.32
N LYS O 165 49.94 -29.35 -21.48
CA LYS O 165 50.06 -28.10 -22.23
C LYS O 165 48.67 -27.78 -22.78
N ILE O 166 47.91 -26.97 -22.04
CA ILE O 166 46.55 -26.62 -22.41
C ILE O 166 46.40 -25.11 -22.37
N SER O 167 45.37 -24.62 -23.06
CA SER O 167 45.07 -23.20 -23.11
C SER O 167 43.56 -23.01 -23.20
N TYR O 168 43.05 -22.05 -22.46
CA TYR O 168 41.64 -21.67 -22.51
C TYR O 168 41.52 -20.21 -22.89
N ASN O 169 40.69 -19.92 -23.89
CA ASN O 169 40.46 -18.58 -24.39
C ASN O 169 39.12 -18.08 -23.87
N ASN O 170 39.12 -16.92 -23.22
CA ASN O 170 37.89 -16.35 -22.68
C ASN O 170 37.06 -15.76 -23.82
N THR O 171 36.18 -16.57 -24.39
CA THR O 171 35.30 -16.14 -25.47
C THR O 171 34.05 -15.43 -24.97
N ASN O 172 33.89 -15.28 -23.66
CA ASN O 172 32.75 -14.59 -23.09
C ASN O 172 33.01 -13.08 -23.06
N ARG O 173 31.91 -12.32 -22.96
CA ARG O 173 31.99 -10.87 -22.90
C ARG O 173 32.40 -10.35 -21.53
N GLU O 174 32.43 -11.20 -20.51
CA GLU O 174 32.67 -10.78 -19.13
C GLU O 174 34.03 -11.27 -18.64
N ASP O 175 34.51 -10.61 -17.58
CA ASP O 175 35.72 -11.07 -16.91
C ASP O 175 35.49 -12.45 -16.30
N LEU O 176 36.56 -13.25 -16.27
CA LEU O 176 36.49 -14.61 -15.79
C LEU O 176 37.43 -14.79 -14.60
N LEU O 177 36.90 -15.30 -13.50
CA LEU O 177 37.70 -15.63 -12.32
C LEU O 177 38.03 -17.12 -12.39
N ILE O 178 39.31 -17.42 -12.56
CA ILE O 178 39.80 -18.79 -12.68
C ILE O 178 40.70 -19.09 -11.49
N LEU O 179 40.47 -20.23 -10.85
CA LEU O 179 41.26 -20.68 -9.72
C LEU O 179 41.92 -22.02 -10.04
N TRP O 180 43.20 -22.13 -9.69
CA TRP O 180 43.96 -23.36 -9.83
C TRP O 180 44.81 -23.53 -8.58
N GLY O 181 45.60 -24.59 -8.54
CA GLY O 181 46.40 -24.83 -7.34
C GLY O 181 47.55 -25.77 -7.59
N ILE O 182 48.34 -25.95 -6.53
CA ILE O 182 49.50 -26.83 -6.53
C ILE O 182 49.43 -27.71 -5.29
N HIS O 183 49.76 -28.99 -5.44
CA HIS O 183 49.76 -29.93 -4.34
C HIS O 183 51.19 -30.14 -3.84
N HIS O 184 51.43 -29.84 -2.57
CA HIS O 184 52.72 -30.06 -1.95
C HIS O 184 52.77 -31.48 -1.40
N SER O 185 53.77 -32.24 -1.82
CA SER O 185 53.93 -33.62 -1.40
C SER O 185 54.52 -33.68 0.01
N ASN O 186 54.61 -34.89 0.55
CA ASN O 186 55.20 -35.14 1.86
C ASN O 186 56.57 -35.78 1.78
N ASN O 187 56.79 -36.69 0.84
CA ASN O 187 58.08 -37.35 0.68
C ASN O 187 58.23 -37.78 -0.76
N ALA O 188 59.46 -38.21 -1.10
CA ALA O 188 59.77 -38.57 -2.48
C ALA O 188 58.94 -39.76 -2.95
N GLU O 189 58.57 -40.66 -2.03
CA GLU O 189 57.77 -41.81 -2.44
C GLU O 189 56.33 -41.42 -2.73
N GLU O 190 55.75 -40.54 -1.91
CA GLU O 190 54.40 -40.05 -2.18
C GLU O 190 54.35 -39.27 -3.49
N GLN O 191 55.40 -38.50 -3.78
CA GLN O 191 55.45 -37.74 -5.03
C GLN O 191 55.39 -38.65 -6.24
N THR O 192 56.19 -39.72 -6.23
CA THR O 192 56.20 -40.65 -7.36
C THR O 192 54.96 -41.53 -7.39
N ASN O 193 54.43 -41.90 -6.22
CA ASN O 193 53.20 -42.70 -6.19
C ASN O 193 52.01 -41.95 -6.77
N LEU O 194 52.04 -40.62 -6.70
CA LEU O 194 50.95 -39.79 -7.22
C LEU O 194 51.22 -39.26 -8.62
N TYR O 195 52.45 -38.86 -8.92
CA TYR O 195 52.74 -38.19 -10.17
C TYR O 195 53.88 -38.81 -10.97
N LYS O 196 54.70 -39.68 -10.37
CA LYS O 196 55.72 -40.47 -11.06
C LYS O 196 56.89 -39.61 -11.52
N ASN O 197 56.77 -38.29 -11.41
CA ASN O 197 57.84 -37.40 -11.80
C ASN O 197 58.46 -36.78 -10.55
N PRO O 198 59.69 -37.15 -10.18
CA PRO O 198 60.24 -36.70 -8.89
C PRO O 198 60.35 -35.18 -8.76
N ILE O 199 60.66 -34.48 -9.85
CA ILE O 199 60.78 -33.02 -9.84
C ILE O 199 59.75 -32.47 -10.83
N THR O 200 58.88 -31.60 -10.34
CA THR O 200 57.76 -31.11 -11.14
C THR O 200 57.67 -29.59 -11.04
N TYR O 201 56.88 -29.02 -11.95
CA TYR O 201 56.70 -27.58 -12.02
C TYR O 201 55.29 -27.29 -12.51
N ILE O 202 54.86 -26.03 -12.33
CA ILE O 202 53.60 -25.54 -12.87
C ILE O 202 53.86 -24.17 -13.48
N SER O 203 53.38 -23.94 -14.70
CA SER O 203 53.52 -22.68 -15.40
C SER O 203 52.16 -22.15 -15.78
N VAL O 204 51.88 -20.90 -15.39
CA VAL O 204 50.62 -20.22 -15.70
C VAL O 204 50.95 -18.93 -16.42
N GLY O 205 50.29 -18.69 -17.55
CA GLY O 205 50.57 -17.52 -18.35
C GLY O 205 49.36 -16.88 -19.00
N THR O 206 49.20 -15.56 -18.80
CA THR O 206 48.18 -14.79 -19.49
C THR O 206 48.83 -13.55 -20.10
N SER O 207 48.02 -12.59 -20.55
CA SER O 207 48.57 -11.34 -21.05
C SER O 207 49.30 -10.56 -19.97
N THR O 208 48.98 -10.79 -18.70
CA THR O 208 49.65 -10.13 -17.59
C THR O 208 50.30 -11.08 -16.60
N LEU O 209 49.84 -12.33 -16.50
CA LEU O 209 50.34 -13.27 -15.52
C LEU O 209 51.45 -14.13 -16.11
N ASN O 210 52.52 -14.30 -15.33
CA ASN O 210 53.66 -15.15 -15.70
C ASN O 210 54.13 -15.82 -14.41
N GLN O 211 53.60 -17.02 -14.15
CA GLN O 211 53.82 -17.70 -12.88
C GLN O 211 54.52 -19.03 -13.10
N ARG O 212 55.48 -19.33 -12.22
CA ARG O 212 56.11 -20.63 -12.16
C ARG O 212 56.06 -21.14 -10.72
N LEU O 213 55.62 -22.39 -10.55
CA LEU O 213 55.43 -22.98 -9.23
C LEU O 213 56.13 -24.33 -9.15
N ALA O 214 56.70 -24.62 -7.98
CA ALA O 214 57.31 -25.91 -7.71
C ALA O 214 56.83 -26.44 -6.36
N PRO O 215 56.64 -27.75 -6.24
CA PRO O 215 56.17 -28.29 -4.96
C PRO O 215 57.25 -28.23 -3.89
N LYS O 216 56.83 -27.84 -2.69
CA LYS O 216 57.71 -27.78 -1.53
C LYS O 216 57.51 -29.06 -0.74
N ILE O 217 58.22 -30.11 -1.15
CA ILE O 217 58.08 -31.43 -0.54
C ILE O 217 58.86 -31.44 0.77
N ALA O 218 58.14 -31.43 1.89
CA ALA O 218 58.76 -31.36 3.20
C ALA O 218 57.81 -31.98 4.23
N THR O 219 58.24 -31.99 5.48
CA THR O 219 57.48 -32.57 6.58
C THR O 219 56.75 -31.47 7.34
N ARG O 220 55.44 -31.66 7.51
CA ARG O 220 54.59 -30.68 8.18
C ARG O 220 53.73 -31.39 9.22
N SER O 221 53.09 -30.59 10.06
CA SER O 221 52.18 -31.13 11.08
C SER O 221 50.86 -31.54 10.44
N GLN O 222 50.12 -32.38 11.15
CA GLN O 222 48.83 -32.85 10.66
C GLN O 222 47.76 -31.80 10.90
N VAL O 223 47.04 -31.44 9.83
CA VAL O 223 45.85 -30.60 9.92
C VAL O 223 44.74 -31.33 9.17
N ASN O 224 43.60 -31.51 9.82
CA ASN O 224 42.53 -32.37 9.31
C ASN O 224 43.07 -33.77 9.03
N GLY O 225 44.00 -34.22 9.87
CA GLY O 225 44.63 -35.51 9.69
C GLY O 225 45.53 -35.63 8.49
N LEU O 226 45.92 -34.51 7.89
CA LEU O 226 46.71 -34.50 6.66
C LEU O 226 47.96 -33.65 6.84
N ARG O 227 49.08 -34.13 6.30
CA ARG O 227 50.32 -33.37 6.28
C ARG O 227 50.58 -32.69 4.95
N GLY O 228 49.87 -33.08 3.89
CA GLY O 228 49.98 -32.38 2.63
C GLY O 228 49.25 -31.05 2.63
N ARG O 229 49.62 -30.20 1.68
CA ARG O 229 49.06 -28.86 1.58
C ARG O 229 48.68 -28.56 0.14
N MET O 230 47.61 -27.79 -0.02
CA MET O 230 47.11 -27.35 -1.33
C MET O 230 47.12 -25.83 -1.36
N ASP O 231 48.03 -25.25 -2.13
CA ASP O 231 48.10 -23.80 -2.31
C ASP O 231 47.39 -23.43 -3.60
N PHE O 232 46.37 -22.57 -3.49
CA PHE O 232 45.53 -22.18 -4.61
C PHE O 232 45.84 -20.75 -5.05
N PHE O 233 45.64 -20.50 -6.34
CA PHE O 233 45.92 -19.20 -6.94
C PHE O 233 44.76 -18.82 -7.85
N TRP O 234 44.63 -17.52 -8.10
CA TRP O 234 43.52 -17.00 -8.90
C TRP O 234 44.01 -15.84 -9.76
N THR O 235 43.26 -15.60 -10.85
CA THR O 235 43.50 -14.47 -11.73
C THR O 235 42.19 -14.08 -12.38
N ILE O 236 42.14 -12.87 -12.91
CA ILE O 236 40.98 -12.34 -13.61
C ILE O 236 41.31 -12.32 -15.09
N LEU O 237 40.77 -13.29 -15.84
CA LEU O 237 41.06 -13.41 -17.27
C LEU O 237 40.16 -12.44 -18.03
N LYS O 238 40.77 -11.41 -18.62
CA LYS O 238 40.04 -10.42 -19.38
C LYS O 238 39.45 -11.06 -20.64
N PRO O 239 38.37 -10.49 -21.18
CA PRO O 239 37.75 -11.07 -22.38
C PRO O 239 38.73 -11.13 -23.54
N ASP O 240 38.61 -12.19 -24.34
CA ASP O 240 39.44 -12.46 -25.51
C ASP O 240 40.90 -12.71 -25.17
N ASP O 241 41.23 -12.87 -23.89
CA ASP O 241 42.54 -13.28 -23.45
C ASP O 241 42.53 -14.77 -23.14
N ALA O 242 43.72 -15.38 -23.13
CA ALA O 242 43.85 -16.81 -22.93
C ALA O 242 44.79 -17.09 -21.76
N ILE O 243 44.48 -18.15 -21.01
CA ILE O 243 45.33 -18.63 -19.93
C ILE O 243 45.99 -19.93 -20.38
N HIS O 244 47.30 -20.03 -20.15
CA HIS O 244 48.08 -21.17 -20.61
C HIS O 244 48.65 -21.90 -19.40
N PHE O 245 48.37 -23.21 -19.33
CA PHE O 245 48.82 -24.05 -18.23
C PHE O 245 49.86 -25.04 -18.74
N GLU O 246 50.94 -25.19 -17.98
CA GLU O 246 51.96 -26.20 -18.25
C GLU O 246 52.41 -26.81 -16.93
N SER O 247 52.36 -28.14 -16.85
CA SER O 247 52.77 -28.83 -15.63
C SER O 247 53.07 -30.28 -15.93
N ASN O 248 54.01 -30.84 -15.16
CA ASN O 248 54.34 -32.26 -15.22
C ASN O 248 54.03 -32.96 -13.91
N GLY O 249 53.19 -32.39 -13.08
CA GLY O 249 52.79 -33.00 -11.83
C GLY O 249 52.36 -31.96 -10.81
N ASN O 250 51.59 -32.43 -9.82
CA ASN O 250 51.14 -31.61 -8.69
C ASN O 250 50.23 -30.46 -9.14
N PHE O 251 49.52 -30.64 -10.25
CA PHE O 251 48.69 -29.58 -10.82
C PHE O 251 47.24 -29.80 -10.41
N ILE O 252 46.65 -28.80 -9.76
CA ILE O 252 45.24 -28.81 -9.38
C ILE O 252 44.52 -28.04 -10.48
N ALA O 253 44.04 -28.77 -11.49
CA ALA O 253 43.48 -28.14 -12.67
C ALA O 253 42.09 -27.58 -12.39
N PRO O 254 41.72 -26.48 -13.04
CA PRO O 254 40.36 -25.97 -12.90
C PRO O 254 39.36 -26.81 -13.68
N GLU O 255 38.13 -26.79 -13.21
CA GLU O 255 37.01 -27.27 -14.00
C GLU O 255 35.97 -26.19 -14.24
N TYR O 256 35.64 -25.41 -13.23
CA TYR O 256 34.68 -24.33 -13.33
C TYR O 256 35.34 -22.99 -13.08
N ALA O 257 34.82 -21.96 -13.73
CA ALA O 257 35.25 -20.58 -13.55
C ALA O 257 34.01 -19.71 -13.40
N TYR O 258 34.22 -18.45 -13.02
CA TYR O 258 33.13 -17.55 -12.67
C TYR O 258 33.13 -16.34 -13.60
N LYS O 259 32.09 -16.24 -14.42
CA LYS O 259 31.83 -15.01 -15.17
C LYS O 259 31.41 -13.92 -14.20
N ILE O 260 32.23 -12.88 -14.09
CA ILE O 260 32.09 -11.88 -13.04
C ILE O 260 32.03 -10.50 -13.67
N VAL O 261 31.05 -9.70 -13.23
CA VAL O 261 30.93 -8.30 -13.61
C VAL O 261 30.83 -7.49 -12.33
N LYS O 262 31.77 -6.58 -12.12
CA LYS O 262 31.83 -5.77 -10.92
C LYS O 262 31.56 -4.31 -11.26
N LYS O 263 30.58 -3.71 -10.57
CA LYS O 263 30.24 -2.31 -10.76
C LYS O 263 30.45 -1.46 -9.53
N GLY O 264 30.59 -2.06 -8.35
CA GLY O 264 30.79 -1.30 -7.13
C GLY O 264 31.56 -2.12 -6.11
N ASP O 265 32.00 -1.44 -5.05
CA ASP O 265 32.81 -2.06 -4.01
C ASP O 265 32.06 -2.05 -2.69
N SER O 266 32.39 -3.02 -1.84
CA SER O 266 31.77 -3.20 -0.54
C SER O 266 32.80 -3.81 0.40
N THR O 267 32.34 -4.37 1.52
CA THR O 267 33.23 -5.12 2.39
C THR O 267 32.59 -6.44 2.78
N ILE O 268 33.20 -7.16 3.73
CA ILE O 268 32.70 -8.44 4.20
C ILE O 268 32.25 -8.26 5.64
N MET O 269 31.00 -8.57 5.92
CA MET O 269 30.44 -8.42 7.25
C MET O 269 30.52 -9.74 7.99
N LYS O 270 31.20 -9.73 9.14
CA LYS O 270 31.27 -10.89 10.02
C LYS O 270 30.12 -10.82 11.00
N SER O 271 29.12 -11.69 10.83
CA SER O 271 27.93 -11.64 11.67
C SER O 271 27.22 -12.98 11.62
N GLY O 272 26.68 -13.40 12.76
CA GLY O 272 25.84 -14.57 12.86
C GLY O 272 24.36 -14.28 12.95
N VAL O 273 23.95 -13.03 12.76
CA VAL O 273 22.54 -12.67 12.85
C VAL O 273 21.79 -13.24 11.65
N GLU O 274 20.53 -13.61 11.87
CA GLU O 274 19.72 -14.24 10.85
C GLU O 274 19.22 -13.22 9.83
N TYR O 275 19.02 -13.68 8.60
CA TYR O 275 18.45 -12.85 7.55
C TYR O 275 16.96 -12.64 7.79
N GLY O 276 16.53 -11.38 7.78
CA GLY O 276 15.18 -11.02 8.14
C GLY O 276 14.23 -10.71 7.01
N HIS O 277 14.62 -10.94 5.75
CA HIS O 277 13.80 -10.63 4.59
C HIS O 277 13.31 -9.19 4.64
N CYS O 278 14.28 -8.28 4.65
CA CYS O 278 14.01 -6.86 4.84
C CYS O 278 14.96 -6.05 3.95
N ASN O 279 14.66 -4.76 3.84
CA ASN O 279 15.47 -3.83 3.06
C ASN O 279 15.93 -2.70 3.96
N THR O 280 17.12 -2.18 3.68
CA THR O 280 17.67 -1.07 4.46
C THR O 280 18.67 -0.32 3.60
N LYS O 281 18.97 0.91 4.03
CA LYS O 281 20.07 1.69 3.47
C LYS O 281 21.30 1.67 4.34
N CYS O 282 21.25 0.99 5.49
CA CYS O 282 22.38 0.94 6.41
C CYS O 282 22.28 -0.35 7.22
N GLN O 283 23.30 -1.19 7.13
CA GLN O 283 23.32 -2.48 7.81
C GLN O 283 24.50 -2.53 8.77
N THR O 284 24.23 -2.88 10.02
CA THR O 284 25.24 -3.14 11.01
C THR O 284 25.31 -4.65 11.30
N PRO O 285 26.44 -5.14 11.82
CA PRO O 285 26.54 -6.58 12.08
C PRO O 285 25.49 -7.12 13.05
N VAL O 286 24.94 -6.28 13.92
CA VAL O 286 23.91 -6.72 14.86
C VAL O 286 22.49 -6.46 14.36
N GLY O 287 22.33 -5.63 13.35
CA GLY O 287 21.01 -5.39 12.78
C GLY O 287 21.02 -4.18 11.88
N ALA O 288 19.91 -4.02 11.17
CA ALA O 288 19.71 -2.90 10.28
C ALA O 288 19.12 -1.72 11.05
N ILE O 289 19.42 -0.51 10.59
CA ILE O 289 18.96 0.71 11.23
C ILE O 289 18.38 1.65 10.19
N ASN O 290 17.61 2.63 10.67
CA ASN O 290 17.13 3.72 9.84
C ASN O 290 18.13 4.87 9.88
N SER O 291 18.30 5.53 8.74
CA SER O 291 19.34 6.53 8.55
C SER O 291 18.77 7.93 8.35
N SER O 292 17.76 8.29 9.14
CA SER O 292 17.23 9.65 9.10
C SER O 292 17.99 10.60 10.03
N MET O 293 18.28 10.15 11.26
CA MET O 293 18.99 11.00 12.20
C MET O 293 20.45 11.15 11.79
N PRO O 294 21.11 12.23 12.23
CA PRO O 294 22.52 12.45 11.87
C PRO O 294 23.51 11.60 12.65
N PHE O 295 23.09 10.93 13.72
CA PHE O 295 24.02 10.16 14.55
C PHE O 295 23.36 8.86 14.99
N HIS O 296 24.20 7.88 15.31
CA HIS O 296 23.74 6.60 15.84
C HIS O 296 24.83 6.01 16.72
N ASN O 297 24.43 5.08 17.59
CA ASN O 297 25.35 4.48 18.56
C ASN O 297 25.20 2.96 18.59
N ILE O 298 24.88 2.34 17.46
CA ILE O 298 24.59 0.91 17.42
C ILE O 298 25.86 0.08 17.27
N HIS O 299 26.63 0.34 16.21
CA HIS O 299 27.79 -0.47 15.89
C HIS O 299 28.66 0.31 14.92
N PRO O 300 29.99 0.14 14.96
CA PRO O 300 30.86 0.91 14.05
C PRO O 300 31.03 0.28 12.68
N LEU O 301 30.84 -1.04 12.56
CA LEU O 301 31.17 -1.77 11.33
C LEU O 301 29.97 -1.79 10.38
N THR O 302 29.51 -0.59 10.03
CA THR O 302 28.31 -0.45 9.21
C THR O 302 28.64 -0.55 7.72
N ILE O 303 27.64 -0.96 6.95
CA ILE O 303 27.71 -0.98 5.49
C ILE O 303 26.49 -0.24 4.95
N GLY O 304 26.74 0.81 4.16
CA GLY O 304 25.68 1.59 3.55
C GLY O 304 25.88 3.06 3.82
N GLU O 305 24.81 3.83 3.61
CA GLU O 305 24.80 5.26 3.88
C GLU O 305 24.18 5.44 5.26
N CYS O 306 25.02 5.64 6.26
CA CYS O 306 24.65 5.57 7.66
C CYS O 306 24.87 6.90 8.36
N PRO O 307 24.19 7.14 9.48
CA PRO O 307 24.52 8.28 10.33
C PRO O 307 25.94 8.13 10.90
N LYS O 308 26.44 9.22 11.45
CA LYS O 308 27.77 9.20 12.05
C LYS O 308 27.74 8.42 13.37
N TYR O 309 28.71 7.53 13.53
CA TYR O 309 28.78 6.73 14.74
C TYR O 309 29.36 7.56 15.88
N VAL O 310 28.64 7.60 17.00
CA VAL O 310 29.04 8.37 18.16
C VAL O 310 28.93 7.50 19.40
N LYS O 311 29.77 7.80 20.39
CA LYS O 311 29.75 7.10 21.67
C LYS O 311 28.93 7.91 22.67
N SER O 312 27.61 7.90 22.45
CA SER O 312 26.67 8.62 23.28
C SER O 312 25.47 7.74 23.57
N ASN O 313 24.70 8.14 24.59
CA ASN O 313 23.48 7.46 24.96
C ASN O 313 22.22 8.28 24.67
N LYS O 314 22.35 9.61 24.52
CA LYS O 314 21.22 10.46 24.23
C LYS O 314 21.72 11.78 23.68
N LEU O 315 21.06 12.27 22.64
CA LEU O 315 21.32 13.60 22.08
C LEU O 315 19.97 14.30 21.95
N VAL O 316 19.52 14.92 23.03
CA VAL O 316 18.16 15.44 23.13
C VAL O 316 18.22 16.95 22.99
N LEU O 317 17.63 17.46 21.91
CA LEU O 317 17.50 18.90 21.69
C LEU O 317 16.20 19.40 22.30
N ALA O 318 16.28 20.53 22.99
CA ALA O 318 15.08 21.18 23.50
C ALA O 318 14.36 21.91 22.36
N THR O 319 13.07 21.65 22.23
CA THR O 319 12.24 22.33 21.24
C THR O 319 11.22 23.27 21.86
N GLY O 320 10.64 22.90 23.00
CA GLY O 320 9.70 23.75 23.70
C GLY O 320 10.38 24.62 24.73
N LEU O 321 9.55 25.18 25.62
CA LEU O 321 10.03 26.10 26.65
C LEU O 321 10.49 25.32 27.88
N ARG O 322 10.87 26.06 28.92
CA ARG O 322 11.26 25.47 30.19
C ARG O 322 10.00 25.20 31.01
N ASN O 323 9.79 23.94 31.37
CA ASN O 323 8.60 23.53 32.09
C ASN O 323 8.84 23.66 33.60
N SER O 324 7.81 24.12 34.30
CA SER O 324 7.91 24.39 35.74
C SER O 324 6.81 23.66 36.49
N PRO O 325 7.10 23.21 37.72
CA PRO O 325 6.11 22.57 38.58
C PRO O 325 5.29 23.57 39.39
N GLY P 1 15.50 34.04 32.34
CA GLY P 1 16.86 33.58 32.16
C GLY P 1 17.78 34.65 31.60
N LEU P 2 18.16 34.51 30.33
CA LEU P 2 19.04 35.48 29.71
C LEU P 2 18.34 36.82 29.49
N PHE P 3 17.02 36.80 29.32
CA PHE P 3 16.24 38.02 29.17
C PHE P 3 15.30 38.28 30.33
N GLY P 4 15.32 37.42 31.34
CA GLY P 4 14.61 37.69 32.58
C GLY P 4 13.11 37.50 32.54
N ALA P 5 12.58 36.82 31.53
CA ALA P 5 11.14 36.65 31.40
C ALA P 5 10.64 35.27 31.85
N ILE P 6 11.22 34.19 31.31
CA ILE P 6 10.70 32.85 31.56
C ILE P 6 10.84 32.49 33.03
N ALA P 7 12.08 32.38 33.50
CA ALA P 7 12.35 32.20 34.93
C ALA P 7 12.70 33.54 35.57
N GLY P 8 11.87 34.54 35.37
CA GLY P 8 12.15 35.89 35.83
C GLY P 8 10.95 36.60 36.41
N PHE P 9 10.67 37.81 35.91
CA PHE P 9 9.53 38.57 36.42
C PHE P 9 8.21 37.89 36.12
N ILE P 10 8.20 36.95 35.18
CA ILE P 10 7.10 35.99 35.03
C ILE P 10 7.55 34.69 35.66
N GLU P 11 6.72 34.13 36.54
CA GLU P 11 7.20 33.09 37.45
C GLU P 11 7.26 31.71 36.79
N GLY P 12 6.11 31.17 36.40
CA GLY P 12 6.08 29.76 36.07
C GLY P 12 5.52 29.38 34.72
N GLY P 13 4.65 30.22 34.17
CA GLY P 13 3.95 29.89 32.96
C GLY P 13 2.65 29.14 33.25
N TRP P 14 1.77 29.14 32.27
CA TRP P 14 0.40 28.68 32.45
C TRP P 14 0.20 27.30 31.86
N GLN P 15 -0.37 26.39 32.65
CA GLN P 15 -0.86 25.13 32.12
C GLN P 15 -2.19 25.26 31.39
N GLY P 16 -2.88 26.39 31.56
CA GLY P 16 -4.19 26.56 30.98
C GLY P 16 -4.22 27.09 29.56
N MET P 17 -3.12 27.71 29.12
CA MET P 17 -3.02 28.22 27.76
C MET P 17 -2.39 27.13 26.89
N VAL P 18 -3.26 26.32 26.29
CA VAL P 18 -2.82 25.19 25.48
C VAL P 18 -2.92 25.47 23.99
N ASP P 19 -3.21 26.72 23.61
CA ASP P 19 -3.34 27.09 22.21
C ASP P 19 -2.05 27.62 21.60
N GLY P 20 -0.98 27.71 22.37
CA GLY P 20 0.27 28.22 21.84
C GLY P 20 1.34 28.22 22.91
N TRP P 21 2.52 28.71 22.52
CA TRP P 21 3.65 28.82 23.44
C TRP P 21 3.65 30.12 24.23
N TYR P 22 3.15 31.21 23.63
CA TYR P 22 3.06 32.50 24.30
C TYR P 22 1.66 33.05 24.13
N GLY P 23 1.23 33.85 25.10
CA GLY P 23 -0.11 34.39 25.03
C GLY P 23 -0.41 35.32 26.18
N TYR P 24 -1.71 35.51 26.42
CA TYR P 24 -2.22 36.49 27.36
C TYR P 24 -3.24 35.84 28.28
N HIS P 25 -3.54 36.54 29.38
CA HIS P 25 -4.61 36.11 30.30
C HIS P 25 -5.30 37.37 30.80
N HIS P 26 -6.54 37.58 30.38
CA HIS P 26 -7.31 38.77 30.74
C HIS P 26 -8.20 38.47 31.94
N SER P 27 -8.66 39.56 32.58
CA SER P 27 -9.58 39.44 33.70
C SER P 27 -10.35 40.76 33.80
N ASN P 28 -11.60 40.76 33.31
CA ASN P 28 -12.44 41.95 33.41
C ASN P 28 -13.80 41.60 34.00
N GLU P 29 -14.74 42.55 33.94
CA GLU P 29 -16.08 42.30 34.47
C GLU P 29 -16.78 41.19 33.69
N GLN P 30 -16.61 41.15 32.37
CA GLN P 30 -17.27 40.14 31.55
C GLN P 30 -16.75 38.74 31.86
N GLY P 31 -15.52 38.62 32.33
CA GLY P 31 -14.96 37.34 32.70
C GLY P 31 -13.46 37.34 32.51
N SER P 32 -12.88 36.16 32.69
CA SER P 32 -11.45 35.94 32.52
C SER P 32 -11.23 34.73 31.62
N GLY P 33 -10.07 34.69 30.98
CA GLY P 33 -9.76 33.58 30.09
C GLY P 33 -8.36 33.68 29.57
N TYR P 34 -7.99 32.66 28.79
CA TYR P 34 -6.68 32.57 28.17
C TYR P 34 -6.77 32.85 26.68
N ALA P 35 -5.70 33.46 26.15
CA ALA P 35 -5.60 33.72 24.72
C ALA P 35 -4.14 33.59 24.33
N ALA P 36 -3.91 33.31 23.05
CA ALA P 36 -2.57 33.10 22.51
C ALA P 36 -2.32 34.09 21.38
N ASP P 37 -1.08 34.55 21.28
CA ASP P 37 -0.65 35.43 20.19
C ASP P 37 -0.13 34.54 19.06
N LYS P 38 -0.90 34.48 17.96
CA LYS P 38 -0.57 33.54 16.89
C LYS P 38 0.77 33.86 16.25
N GLU P 39 1.08 35.15 16.07
CA GLU P 39 2.29 35.53 15.36
C GLU P 39 3.55 35.10 16.11
N SER P 40 3.58 35.30 17.42
CA SER P 40 4.80 35.04 18.18
C SER P 40 5.09 33.54 18.30
N THR P 41 4.06 32.73 18.55
CA THR P 41 4.29 31.29 18.62
C THR P 41 4.62 30.72 17.25
N GLN P 42 4.06 31.28 16.18
CA GLN P 42 4.35 30.79 14.84
C GLN P 42 5.82 31.01 14.48
N LYS P 43 6.33 32.22 14.74
CA LYS P 43 7.75 32.46 14.48
C LYS P 43 8.64 31.64 15.39
N ALA P 44 8.16 31.30 16.58
CA ALA P 44 8.90 30.41 17.46
C ALA P 44 8.86 28.97 16.95
N ILE P 45 7.69 28.53 16.47
CA ILE P 45 7.57 27.18 15.93
C ILE P 45 8.46 27.01 14.71
N ASP P 46 8.42 27.97 13.80
CA ASP P 46 9.27 27.90 12.61
C ASP P 46 10.74 27.98 12.97
N GLY P 47 11.08 28.81 13.97
CA GLY P 47 12.48 28.97 14.34
C GLY P 47 13.10 27.70 14.90
N VAL P 48 12.39 27.01 15.78
CA VAL P 48 12.95 25.79 16.36
C VAL P 48 12.86 24.62 15.38
N THR P 49 11.85 24.62 14.51
CA THR P 49 11.76 23.58 13.50
C THR P 49 12.89 23.68 12.50
N ASN P 50 13.24 24.90 12.09
CA ASN P 50 14.38 25.10 11.21
C ASN P 50 15.68 24.70 11.90
N LYS P 51 15.81 25.03 13.19
CA LYS P 51 17.02 24.67 13.92
C LYS P 51 17.21 23.17 13.99
N VAL P 52 16.13 22.43 14.26
CA VAL P 52 16.21 20.96 14.27
C VAL P 52 16.53 20.44 12.88
N ASN P 53 15.85 20.98 11.86
CA ASN P 53 16.08 20.51 10.50
C ASN P 53 17.47 20.90 10.00
N SER P 54 17.97 22.07 10.40
CA SER P 54 19.32 22.47 10.00
C SER P 54 20.37 21.50 10.57
N ILE P 55 20.21 21.12 11.83
CA ILE P 55 21.15 20.18 12.44
C ILE P 55 21.07 18.82 11.77
N ILE P 56 19.88 18.41 11.32
CA ILE P 56 19.72 17.10 10.70
C ILE P 56 20.11 17.15 9.23
N ASP P 57 19.60 18.11 8.48
CA ASP P 57 19.73 18.12 7.03
C ASP P 57 21.10 18.58 6.53
N LYS P 58 21.91 19.21 7.38
CA LYS P 58 23.25 19.63 6.93
C LYS P 58 24.28 18.51 7.04
N MET P 59 23.90 17.34 7.55
CA MET P 59 24.83 16.23 7.70
C MET P 59 24.96 15.50 6.36
N ASN P 60 26.18 15.48 5.81
CA ASN P 60 26.46 14.75 4.58
C ASN P 60 26.83 13.32 4.93
N THR P 61 26.14 12.36 4.32
CA THR P 61 26.40 10.95 4.52
C THR P 61 26.72 10.31 3.18
N GLN P 62 27.77 9.49 3.16
CA GLN P 62 28.16 8.76 1.97
C GLN P 62 28.11 7.26 2.24
N PHE P 63 28.06 6.49 1.16
CA PHE P 63 28.16 5.04 1.30
C PHE P 63 29.57 4.66 1.74
N GLU P 64 29.67 3.99 2.87
CA GLU P 64 30.93 3.43 3.34
C GLU P 64 30.71 1.96 3.73
N ALA P 65 31.77 1.18 3.60
CA ALA P 65 31.75 -0.24 3.94
C ALA P 65 32.85 -0.49 4.96
N VAL P 66 32.47 -0.67 6.22
CA VAL P 66 33.43 -0.80 7.32
C VAL P 66 33.53 -2.28 7.67
N GLY P 67 34.72 -2.85 7.48
CA GLY P 67 34.99 -4.23 7.85
C GLY P 67 36.40 -4.37 8.38
N ARG P 68 36.84 -5.59 8.63
CA ARG P 68 38.20 -5.90 9.09
C ARG P 68 38.79 -6.90 8.11
N GLU P 69 39.49 -6.40 7.09
CA GLU P 69 39.99 -7.24 6.01
C GLU P 69 41.51 -7.34 5.99
N PHE P 70 42.15 -7.19 7.14
CA PHE P 70 43.61 -7.29 7.24
C PHE P 70 43.99 -8.45 8.15
N ASN P 71 45.03 -9.17 7.77
CA ASN P 71 45.36 -10.46 8.36
C ASN P 71 46.34 -10.30 9.53
N ASN P 72 46.91 -11.42 9.98
CA ASN P 72 47.79 -11.42 11.14
C ASN P 72 49.07 -10.62 10.89
N LEU P 73 49.50 -10.52 9.63
CA LEU P 73 50.72 -9.78 9.30
C LEU P 73 50.42 -8.45 8.63
N GLU P 74 49.24 -7.89 8.91
CA GLU P 74 48.85 -6.56 8.45
C GLU P 74 48.30 -5.73 9.61
N ARG P 75 48.83 -5.96 10.82
CA ARG P 75 48.30 -5.29 12.01
C ARG P 75 48.75 -3.83 12.09
N ARG P 76 49.90 -3.49 11.50
CA ARG P 76 50.31 -2.09 11.46
C ARG P 76 49.32 -1.26 10.65
N ILE P 77 48.84 -1.81 9.53
CA ILE P 77 47.82 -1.13 8.75
C ILE P 77 46.49 -1.08 9.52
N GLU P 78 46.12 -2.20 10.15
CA GLU P 78 44.87 -2.23 10.90
C GLU P 78 44.89 -1.22 12.05
N ASN P 79 46.06 -1.03 12.66
CA ASN P 79 46.20 0.00 13.70
C ASN P 79 45.92 1.38 13.13
N LEU P 80 46.35 1.63 11.89
CA LEU P 80 46.03 2.89 11.24
C LEU P 80 44.53 3.04 11.05
N ASN P 81 43.85 1.97 10.65
CA ASN P 81 42.39 2.02 10.52
C ASN P 81 41.73 2.24 11.88
N LYS P 82 42.28 1.63 12.93
CA LYS P 82 41.76 1.85 14.28
C LYS P 82 41.91 3.32 14.70
N LYS P 83 43.08 3.91 14.43
CA LYS P 83 43.32 5.29 14.85
C LYS P 83 42.38 6.25 14.11
N MET P 84 42.10 5.98 12.84
CA MET P 84 41.15 6.80 12.10
C MET P 84 39.75 6.66 12.65
N GLU P 85 39.28 5.42 12.85
CA GLU P 85 37.91 5.19 13.29
C GLU P 85 37.65 5.80 14.65
N ASP P 86 38.59 5.63 15.59
CA ASP P 86 38.44 6.25 16.90
C ASP P 86 38.60 7.76 16.84
N GLY P 87 39.44 8.25 15.95
CA GLY P 87 39.58 9.70 15.80
C GLY P 87 38.30 10.36 15.32
N PHE P 88 37.64 9.76 14.34
CA PHE P 88 36.36 10.29 13.89
C PHE P 88 35.28 10.12 14.94
N LEU P 89 35.32 9.03 15.72
CA LEU P 89 34.39 8.86 16.83
C LEU P 89 34.57 9.96 17.86
N ASP P 90 35.82 10.29 18.19
CA ASP P 90 36.08 11.35 19.15
C ASP P 90 35.60 12.70 18.62
N VAL P 91 35.84 12.97 17.34
CA VAL P 91 35.41 14.25 16.75
C VAL P 91 33.89 14.36 16.77
N TRP P 92 33.21 13.33 16.28
CA TRP P 92 31.75 13.40 16.18
C TRP P 92 31.09 13.39 17.54
N THR P 93 31.62 12.60 18.49
CA THR P 93 31.06 12.59 19.84
C THR P 93 31.18 13.96 20.50
N TYR P 94 32.35 14.58 20.39
CA TYR P 94 32.56 15.88 21.00
C TYR P 94 31.66 16.94 20.38
N ASN P 95 31.55 16.95 19.05
CA ASN P 95 30.72 17.94 18.39
C ASN P 95 29.24 17.70 18.66
N ALA P 96 28.79 16.45 18.59
CA ALA P 96 27.37 16.16 18.79
C ALA P 96 26.93 16.51 20.21
N GLU P 97 27.77 16.23 21.20
CA GLU P 97 27.43 16.57 22.57
C GLU P 97 27.42 18.09 22.77
N LEU P 98 28.47 18.77 22.32
CA LEU P 98 28.55 20.21 22.54
C LEU P 98 27.54 20.97 21.71
N LEU P 99 27.26 20.51 20.49
CA LEU P 99 26.23 21.15 19.68
C LEU P 99 24.87 21.09 20.36
N VAL P 100 24.54 19.95 20.96
CA VAL P 100 23.28 19.82 21.69
C VAL P 100 23.26 20.77 22.88
N LEU P 101 24.36 20.85 23.63
CA LEU P 101 24.40 21.69 24.82
C LEU P 101 24.27 23.17 24.46
N MET P 102 25.01 23.62 23.45
CA MET P 102 24.99 25.05 23.12
C MET P 102 23.67 25.48 22.51
N GLU P 103 23.16 24.70 21.55
CA GLU P 103 21.91 25.07 20.89
C GLU P 103 20.70 24.93 21.81
N ASN P 104 20.78 24.10 22.85
CA ASN P 104 19.71 24.07 23.83
C ASN P 104 19.69 25.34 24.68
N GLU P 105 20.87 25.85 25.03
CA GLU P 105 20.94 27.09 25.78
C GLU P 105 20.35 28.25 24.98
N ARG P 106 20.65 28.30 23.68
CA ARG P 106 20.08 29.34 22.83
C ARG P 106 18.58 29.16 22.64
N THR P 107 18.10 27.91 22.60
CA THR P 107 16.66 27.67 22.44
C THR P 107 15.89 28.23 23.62
N LEU P 108 16.35 27.97 24.84
CA LEU P 108 15.67 28.52 26.02
C LEU P 108 15.78 30.03 26.05
N ASP P 109 16.93 30.58 25.67
CA ASP P 109 17.05 32.03 25.55
C ASP P 109 16.15 32.57 24.45
N PHE P 110 16.00 31.82 23.36
CA PHE P 110 15.11 32.24 22.28
C PHE P 110 13.67 32.32 22.75
N HIS P 111 13.22 31.34 23.54
CA HIS P 111 11.90 31.42 24.14
C HIS P 111 11.81 32.58 25.12
N ASP P 112 12.89 32.83 25.87
CA ASP P 112 12.91 33.95 26.81
C ASP P 112 12.75 35.27 26.09
N SER P 113 13.47 35.45 24.98
CA SER P 113 13.43 36.71 24.24
C SER P 113 12.04 36.98 23.68
N ASN P 114 11.37 35.94 23.17
CA ASN P 114 10.06 36.13 22.59
C ASN P 114 9.05 36.58 23.63
N VAL P 115 9.09 36.00 24.83
CA VAL P 115 8.17 36.42 25.88
C VAL P 115 8.45 37.85 26.30
N LYS P 116 9.73 38.21 26.47
CA LYS P 116 10.07 39.56 26.90
C LYS P 116 9.62 40.60 25.89
N ASN P 117 9.79 40.32 24.60
CA ASN P 117 9.34 41.25 23.57
C ASN P 117 7.82 41.34 23.51
N LEU P 118 7.12 40.23 23.81
CA LEU P 118 5.66 40.29 23.88
C LEU P 118 5.20 41.15 25.03
N TYR P 119 5.89 41.06 26.18
CA TYR P 119 5.56 41.93 27.31
C TYR P 119 5.87 43.38 26.99
N ASP P 120 7.01 43.63 26.32
CA ASP P 120 7.38 45.00 25.96
C ASP P 120 6.40 45.62 24.98
N LYS P 121 5.90 44.84 24.03
CA LYS P 121 4.95 45.35 23.04
C LYS P 121 3.70 45.88 23.71
N VAL P 122 3.14 45.10 24.65
CA VAL P 122 1.95 45.55 25.37
C VAL P 122 2.29 46.74 26.27
N ARG P 123 3.50 46.73 26.85
CA ARG P 123 3.89 47.83 27.75
C ARG P 123 3.99 49.14 27.00
N LEU P 124 4.50 49.13 25.77
CA LEU P 124 4.60 50.35 24.98
C LEU P 124 3.23 50.93 24.63
N GLN P 125 2.18 50.11 24.63
CA GLN P 125 0.85 50.56 24.26
C GLN P 125 0.08 51.13 25.44
N LEU P 126 0.17 50.50 26.61
CA LEU P 126 -0.59 50.98 27.76
C LEU P 126 -0.04 52.29 28.30
N ARG P 127 1.28 52.36 28.49
CA ARG P 127 1.97 53.54 29.04
C ARG P 127 1.35 53.82 30.41
N ASP P 128 0.95 55.06 30.70
CA ASP P 128 0.43 55.41 32.02
C ASP P 128 -1.05 55.04 32.19
N ASN P 129 -1.72 54.57 31.14
CA ASN P 129 -3.09 54.10 31.26
C ASN P 129 -3.19 52.80 32.04
N ALA P 130 -2.07 52.12 32.29
CA ALA P 130 -2.04 50.91 33.09
C ALA P 130 -0.78 50.91 33.93
N LYS P 131 -0.81 50.13 35.01
CA LYS P 131 0.31 50.05 35.95
C LYS P 131 0.94 48.67 35.90
N GLU P 132 2.27 48.62 35.94
CA GLU P 132 3.01 47.36 35.89
C GLU P 132 3.03 46.75 37.28
N LEU P 133 2.32 45.62 37.44
CA LEU P 133 2.35 44.90 38.71
C LEU P 133 3.70 44.28 38.99
N GLY P 134 4.56 44.15 37.98
CA GLY P 134 5.88 43.58 38.15
C GLY P 134 5.95 42.07 38.06
N ASN P 135 4.81 41.39 37.90
CA ASN P 135 4.77 39.94 37.79
C ASN P 135 4.36 39.47 36.41
N GLY P 136 4.51 40.33 35.40
CA GLY P 136 4.07 40.02 34.05
C GLY P 136 2.65 40.45 33.74
N CYS P 137 1.97 41.11 34.67
CA CYS P 137 0.59 41.56 34.48
C CYS P 137 0.54 43.09 34.49
N PHE P 138 -0.59 43.62 34.05
CA PHE P 138 -0.84 45.06 34.03
C PHE P 138 -2.17 45.35 34.70
N GLU P 139 -2.21 46.42 35.48
CA GLU P 139 -3.42 46.86 36.18
C GLU P 139 -3.97 48.08 35.46
N PHE P 140 -5.12 47.91 34.81
CA PHE P 140 -5.74 49.01 34.09
C PHE P 140 -6.27 50.07 35.04
N TYR P 141 -6.11 51.34 34.64
CA TYR P 141 -6.76 52.45 35.33
C TYR P 141 -8.15 52.73 34.79
N HIS P 142 -8.64 51.92 33.84
CA HIS P 142 -9.93 52.15 33.21
C HIS P 142 -10.76 50.87 33.20
N LYS P 143 -11.87 50.90 32.46
CA LYS P 143 -12.66 49.71 32.18
C LYS P 143 -12.33 49.22 30.78
N CYS P 144 -11.81 47.99 30.69
CA CYS P 144 -11.38 47.40 29.43
C CYS P 144 -12.25 46.19 29.13
N ASP P 145 -13.05 46.29 28.08
CA ASP P 145 -13.92 45.19 27.69
C ASP P 145 -13.11 44.13 26.94
N ASN P 146 -13.81 43.17 26.34
CA ASN P 146 -13.12 42.11 25.61
C ASN P 146 -12.57 42.59 24.28
N GLU P 147 -13.31 43.48 23.60
CA GLU P 147 -12.76 44.13 22.42
C GLU P 147 -11.56 44.99 22.79
N CYS P 148 -11.63 45.70 23.92
CA CYS P 148 -10.47 46.42 24.41
C CYS P 148 -9.33 45.47 24.74
N MET P 149 -9.65 44.32 25.35
CA MET P 149 -8.61 43.32 25.62
C MET P 149 -7.99 42.82 24.32
N GLU P 150 -8.80 42.60 23.29
CA GLU P 150 -8.25 42.21 22.00
C GLU P 150 -7.33 43.29 21.46
N SER P 151 -7.76 44.55 21.54
CA SER P 151 -6.94 45.66 21.05
C SER P 151 -5.64 45.80 21.81
N VAL P 152 -5.54 45.21 23.00
CA VAL P 152 -4.24 45.03 23.64
C VAL P 152 -3.48 43.89 22.97
N ARG P 153 -4.18 42.82 22.60
CA ARG P 153 -3.52 41.64 22.02
C ARG P 153 -3.13 41.88 20.57
N ASN P 154 -4.08 42.30 19.73
CA ASN P 154 -3.75 42.77 18.40
C ASN P 154 -3.49 44.27 18.47
N GLY P 155 -2.44 44.73 17.80
CA GLY P 155 -1.88 46.02 18.12
C GLY P 155 -2.73 47.20 17.69
N THR P 156 -3.89 47.36 18.34
CA THR P 156 -4.84 48.42 18.00
C THR P 156 -5.41 49.07 19.26
N TYR P 157 -4.59 49.20 20.30
CA TYR P 157 -5.03 49.88 21.51
C TYR P 157 -4.92 51.39 21.33
N ASP P 158 -6.01 52.10 21.58
CA ASP P 158 -6.10 53.54 21.35
C ASP P 158 -5.85 54.27 22.66
N TYR P 159 -4.71 54.96 22.75
CA TYR P 159 -4.37 55.70 23.96
C TYR P 159 -5.33 56.85 24.27
N PRO P 160 -5.66 57.75 23.34
CA PRO P 160 -6.45 58.94 23.73
C PRO P 160 -7.82 58.62 24.29
N GLN P 161 -8.44 57.52 23.88
CA GLN P 161 -9.79 57.20 24.35
C GLN P 161 -9.85 57.07 25.87
N TYR P 162 -8.79 56.54 26.48
CA TYR P 162 -8.80 56.24 27.91
C TYR P 162 -7.86 57.11 28.72
N SER P 163 -7.12 58.02 28.09
CA SER P 163 -6.12 58.80 28.82
C SER P 163 -6.78 59.68 29.88
N GLU P 164 -7.91 60.31 29.54
CA GLU P 164 -8.58 61.17 30.50
C GLU P 164 -9.16 60.37 31.66
N GLU P 165 -9.70 59.18 31.38
CA GLU P 165 -10.18 58.31 32.45
C GLU P 165 -9.04 57.85 33.35
N ALA P 166 -7.88 57.58 32.75
CA ALA P 166 -6.72 57.18 33.55
C ALA P 166 -6.31 58.27 34.52
N ARG P 167 -6.39 59.54 34.10
CA ARG P 167 -6.11 60.65 35.00
C ARG P 167 -7.07 60.66 36.18
N LEU P 168 -8.34 60.35 35.93
CA LEU P 168 -9.30 60.25 37.03
C LEU P 168 -8.94 59.14 38.01
N LYS P 169 -8.16 58.16 37.57
CA LYS P 169 -7.66 57.10 38.43
C LYS P 169 -6.21 57.28 38.85
N ARG P 170 -5.43 58.07 38.10
CA ARG P 170 -4.04 58.32 38.47
C ARG P 170 -3.93 59.44 39.50
N GLU P 171 -4.35 60.65 39.14
CA GLU P 171 -4.16 61.82 40.00
C GLU P 171 -5.23 61.90 41.08
N GLU P 172 -6.49 61.68 40.73
CA GLU P 172 -7.58 61.86 41.69
C GLU P 172 -7.54 60.81 42.78
N ILE P 173 -6.99 59.63 42.50
CA ILE P 173 -6.83 58.59 43.51
C ILE P 173 -5.57 58.93 44.31
N SER P 174 -5.76 59.52 45.49
CA SER P 174 -4.64 59.94 46.32
C SER P 174 -4.39 58.94 47.45
N ASP Q 2 0.75 71.63 17.03
CA ASP Q 2 1.47 70.59 17.77
C ASP Q 2 2.61 69.99 16.95
N PRO Q 3 3.63 70.79 16.64
CA PRO Q 3 4.77 70.28 15.85
C PRO Q 3 5.88 69.73 16.74
N GLY Q 4 5.57 68.67 17.48
CA GLY Q 4 6.52 68.06 18.38
C GLY Q 4 7.77 67.56 17.66
N ASP Q 5 8.91 68.20 17.92
CA ASP Q 5 10.16 67.80 17.28
C ASP Q 5 10.49 66.35 17.60
N GLN Q 6 10.97 65.63 16.60
CA GLN Q 6 11.17 64.19 16.69
C GLN Q 6 12.62 63.82 16.42
N ILE Q 7 13.19 63.01 17.31
CA ILE Q 7 14.46 62.34 17.07
C ILE Q 7 14.17 60.85 16.94
N CYS Q 8 14.75 60.21 15.93
CA CYS Q 8 14.41 58.84 15.59
C CYS Q 8 15.64 57.94 15.59
N ILE Q 9 15.40 56.66 15.82
CA ILE Q 9 16.44 55.64 15.81
C ILE Q 9 16.20 54.74 14.60
N GLY Q 10 17.26 54.49 13.83
CA GLY Q 10 17.13 53.67 12.64
C GLY Q 10 18.45 53.06 12.26
N TYR Q 11 18.44 52.31 11.15
CA TYR Q 11 19.60 51.54 10.76
C TYR Q 11 19.70 51.47 9.23
N HIS Q 12 20.85 51.00 8.77
CA HIS Q 12 21.18 51.00 7.35
C HIS Q 12 20.29 50.03 6.58
N ALA Q 13 19.89 50.45 5.37
CA ALA Q 13 19.35 49.56 4.36
C ALA Q 13 19.86 50.03 3.00
N ASN Q 14 20.13 49.08 2.10
CA ASN Q 14 20.67 49.41 0.79
C ASN Q 14 20.00 48.51 -0.26
N ASN Q 15 20.57 48.51 -1.47
CA ASN Q 15 20.03 47.78 -2.60
C ASN Q 15 20.61 46.37 -2.73
N SER Q 16 21.09 45.79 -1.64
CA SER Q 16 21.68 44.47 -1.68
C SER Q 16 20.61 43.39 -1.84
N THR Q 17 20.93 42.37 -2.62
CA THR Q 17 20.12 41.17 -2.73
C THR Q 17 20.83 39.93 -2.22
N GLU Q 18 22.02 40.08 -1.64
CA GLU Q 18 22.73 38.95 -1.09
C GLU Q 18 21.96 38.36 0.09
N GLN Q 19 21.90 37.03 0.14
CA GLN Q 19 21.13 36.32 1.15
C GLN Q 19 22.03 35.35 1.91
N VAL Q 20 21.81 35.31 3.23
CA VAL Q 20 22.48 34.38 4.11
C VAL Q 20 21.41 33.54 4.81
N ASP Q 21 21.83 32.42 5.36
CA ASP Q 21 20.96 31.57 6.16
C ASP Q 21 21.42 31.57 7.61
N THR Q 22 20.45 31.50 8.52
CA THR Q 22 20.71 31.30 9.93
C THR Q 22 20.18 29.94 10.34
N ILE Q 23 20.47 29.55 11.59
CA ILE Q 23 20.02 28.25 12.06
C ILE Q 23 18.50 28.21 12.21
N MET Q 24 17.85 29.37 12.36
CA MET Q 24 16.41 29.44 12.55
C MET Q 24 15.65 30.03 11.37
N GLU Q 25 16.33 30.72 10.45
CA GLU Q 25 15.67 31.35 9.33
C GLU Q 25 16.39 30.99 8.03
N LYS Q 26 15.63 30.47 7.08
CA LYS Q 26 16.16 30.16 5.75
C LYS Q 26 16.10 31.39 4.87
N ASN Q 27 17.14 31.58 4.06
CA ASN Q 27 17.34 32.81 3.31
C ASN Q 27 17.29 33.99 4.28
N VAL Q 28 17.04 35.20 3.76
CA VAL Q 28 16.97 36.54 4.38
C VAL Q 28 18.02 37.40 3.70
N THR Q 29 17.62 38.59 3.28
CA THR Q 29 18.53 39.52 2.62
C THR Q 29 19.30 40.34 3.66
N VAL Q 30 20.57 40.57 3.38
CA VAL Q 30 21.43 41.35 4.25
C VAL Q 30 22.09 42.47 3.45
N THR Q 31 22.46 43.55 4.13
CA THR Q 31 23.10 44.68 3.46
C THR Q 31 24.47 44.31 2.92
N HIS Q 32 25.25 43.57 3.69
CA HIS Q 32 26.58 43.14 3.28
C HIS Q 32 26.78 41.68 3.66
N ALA Q 33 27.55 40.96 2.84
CA ALA Q 33 27.80 39.55 3.09
C ALA Q 33 29.18 39.19 2.57
N GLN Q 34 29.78 38.17 3.19
CA GLN Q 34 31.12 37.70 2.83
C GLN Q 34 31.10 36.19 2.66
N ASP Q 35 31.59 35.70 1.53
CA ASP Q 35 31.66 34.28 1.27
C ASP Q 35 33.04 33.77 1.65
N ILE Q 36 33.08 32.62 2.35
CA ILE Q 36 34.32 32.02 2.81
C ILE Q 36 34.60 30.70 2.12
N LEU Q 37 33.90 30.40 1.03
CA LEU Q 37 34.10 29.18 0.25
C LEU Q 37 34.74 29.54 -1.08
N GLU Q 38 35.91 28.98 -1.35
CA GLU Q 38 36.61 29.25 -2.60
C GLU Q 38 36.06 28.38 -3.72
N LYS Q 39 35.68 29.03 -4.82
CA LYS Q 39 35.09 28.33 -5.96
C LYS Q 39 35.82 28.58 -7.27
N THR Q 40 36.92 29.33 -7.26
CA THR Q 40 37.59 29.76 -8.48
C THR Q 40 38.94 29.09 -8.62
N HIS Q 41 39.29 28.73 -9.84
CA HIS Q 41 40.60 28.20 -10.18
C HIS Q 41 41.01 28.73 -11.55
N ASN Q 42 42.32 28.76 -11.80
CA ASN Q 42 42.83 29.33 -13.03
C ASN Q 42 42.80 28.36 -14.21
N GLY Q 43 42.45 27.08 -13.96
CA GLY Q 43 42.31 26.13 -15.04
C GLY Q 43 43.60 25.74 -15.73
N LYS Q 44 44.73 25.88 -15.06
CA LYS Q 44 46.03 25.55 -15.65
C LYS Q 44 46.89 24.85 -14.61
N LEU Q 45 47.85 24.07 -15.08
CA LEU Q 45 48.83 23.42 -14.22
C LEU Q 45 49.99 24.38 -14.00
N CYS Q 46 50.26 24.72 -12.74
CA CYS Q 46 51.22 25.75 -12.39
C CYS Q 46 52.41 25.16 -11.64
N ASP Q 47 53.42 26.01 -11.46
CA ASP Q 47 54.55 25.67 -10.60
C ASP Q 47 54.10 25.66 -9.15
N LEU Q 48 54.73 24.81 -8.35
CA LEU Q 48 54.43 24.70 -6.93
C LEU Q 48 55.56 25.35 -6.14
N ASN Q 49 55.28 26.55 -5.62
CA ASN Q 49 56.25 27.33 -4.85
C ASN Q 49 57.52 27.59 -5.66
N GLY Q 50 57.35 27.95 -6.93
CA GLY Q 50 58.47 28.31 -7.79
C GLY Q 50 59.14 27.17 -8.50
N VAL Q 51 58.68 25.93 -8.31
CA VAL Q 51 59.28 24.76 -8.94
C VAL Q 51 58.29 24.21 -9.95
N LYS Q 52 58.73 24.13 -11.21
CA LYS Q 52 57.86 23.60 -12.25
C LYS Q 52 57.65 22.11 -12.06
N PRO Q 53 56.45 21.60 -12.32
CA PRO Q 53 56.24 20.14 -12.26
C PRO Q 53 56.88 19.43 -13.44
N LEU Q 54 57.04 18.12 -13.27
CA LEU Q 54 57.50 17.24 -14.35
C LEU Q 54 56.27 16.76 -15.11
N ILE Q 55 56.14 17.20 -16.36
CA ILE Q 55 54.95 16.88 -17.15
C ILE Q 55 55.31 15.86 -18.23
N LEU Q 56 55.13 14.58 -17.92
CA LEU Q 56 55.24 13.55 -18.95
C LEU Q 56 54.04 13.65 -19.88
N LYS Q 57 54.31 13.72 -21.19
CA LYS Q 57 53.23 13.99 -22.13
C LYS Q 57 52.34 12.78 -22.35
N ASP Q 58 52.90 11.70 -22.88
CA ASP Q 58 52.14 10.47 -23.08
C ASP Q 58 52.93 9.26 -22.61
N CYS Q 59 53.93 9.46 -21.76
CA CYS Q 59 54.73 8.39 -21.20
C CYS Q 59 54.50 8.30 -19.70
N SER Q 60 54.56 7.08 -19.19
CA SER Q 60 54.48 6.85 -17.75
C SER Q 60 55.88 7.00 -17.14
N VAL Q 61 55.93 6.95 -15.81
CA VAL Q 61 57.21 7.03 -15.11
C VAL Q 61 58.10 5.86 -15.54
N ALA Q 62 57.52 4.68 -15.70
CA ALA Q 62 58.31 3.52 -16.13
C ALA Q 62 58.91 3.73 -17.51
N GLY Q 63 58.10 4.17 -18.47
CA GLY Q 63 58.62 4.42 -19.81
C GLY Q 63 59.60 5.57 -19.84
N TRP Q 64 59.33 6.62 -19.06
CA TRP Q 64 60.24 7.75 -18.98
C TRP Q 64 61.58 7.34 -18.38
N LEU Q 65 61.56 6.53 -17.32
CA LEU Q 65 62.80 6.13 -16.65
C LEU Q 65 63.63 5.20 -17.52
N LEU Q 66 63.01 4.15 -18.06
CA LEU Q 66 63.77 3.15 -18.80
C LEU Q 66 64.19 3.63 -20.19
N GLY Q 67 63.52 4.64 -20.73
CA GLY Q 67 63.90 5.17 -22.02
C GLY Q 67 63.18 4.53 -23.18
N ASN Q 68 61.85 4.49 -23.11
CA ASN Q 68 61.05 4.04 -24.24
C ASN Q 68 61.37 4.92 -25.45
N PRO Q 69 61.67 4.34 -26.62
CA PRO Q 69 62.03 5.17 -27.77
C PRO Q 69 60.96 6.17 -28.17
N MET Q 70 59.71 5.93 -27.78
CA MET Q 70 58.64 6.89 -28.04
C MET Q 70 58.62 8.05 -27.06
N CYS Q 71 59.47 8.02 -26.01
CA CYS Q 71 59.55 9.10 -25.04
C CYS Q 71 60.72 10.02 -25.39
N ASP Q 72 61.01 10.95 -24.48
CA ASP Q 72 62.05 11.95 -24.69
C ASP Q 72 63.40 11.40 -24.26
N GLU Q 73 64.36 11.38 -25.19
CA GLU Q 73 65.68 10.83 -24.88
C GLU Q 73 66.40 11.64 -23.81
N PHE Q 74 66.33 12.97 -23.91
CA PHE Q 74 67.02 13.87 -22.99
C PHE Q 74 65.98 14.65 -22.19
N ILE Q 75 66.10 14.62 -20.87
CA ILE Q 75 65.20 15.34 -19.98
C ILE Q 75 65.88 16.61 -19.51
N ARG Q 76 65.17 17.73 -19.61
CA ARG Q 76 65.69 19.05 -19.25
C ARG Q 76 65.02 19.58 -17.99
N VAL Q 77 64.72 18.70 -17.06
CA VAL Q 77 64.06 19.07 -15.80
C VAL Q 77 64.90 18.53 -14.65
N PRO Q 78 65.89 19.28 -14.16
CA PRO Q 78 66.72 18.77 -13.05
C PRO Q 78 65.99 18.69 -11.72
N GLU Q 79 64.84 19.36 -11.57
CA GLU Q 79 64.06 19.29 -10.35
C GLU Q 79 62.60 19.51 -10.70
N TRP Q 80 61.72 18.94 -9.88
CA TRP Q 80 60.29 19.14 -10.05
C TRP Q 80 59.60 19.01 -8.70
N SER Q 81 58.41 19.62 -8.61
CA SER Q 81 57.60 19.56 -7.41
C SER Q 81 56.57 18.44 -7.44
N TYR Q 82 56.05 18.08 -8.62
CA TYR Q 82 55.14 16.94 -8.74
C TYR Q 82 55.18 16.45 -10.17
N ILE Q 83 54.74 15.21 -10.37
CA ILE Q 83 54.73 14.57 -11.68
C ILE Q 83 53.31 14.57 -12.21
N VAL Q 84 53.14 14.92 -13.48
CA VAL Q 84 51.84 14.94 -14.13
C VAL Q 84 51.81 13.80 -15.15
N GLU Q 85 50.93 12.84 -14.92
CA GLU Q 85 50.68 11.74 -15.85
C GLU Q 85 49.28 11.87 -16.44
N ARG Q 86 49.11 11.30 -17.63
CA ARG Q 86 47.77 11.13 -18.16
C ARG Q 86 47.10 9.93 -17.50
N ALA Q 87 45.79 9.82 -17.68
CA ALA Q 87 45.05 8.72 -17.07
C ALA Q 87 45.53 7.37 -17.60
N ASN Q 88 45.70 7.26 -18.91
CA ASN Q 88 46.18 6.03 -19.55
C ASN Q 88 47.34 6.40 -20.47
N PRO Q 89 48.55 6.51 -19.94
CA PRO Q 89 49.70 6.82 -20.80
C PRO Q 89 49.88 5.78 -21.89
N ALA Q 90 50.19 6.26 -23.09
CA ALA Q 90 50.30 5.37 -24.24
C ALA Q 90 51.61 4.59 -24.22
N ASN Q 91 52.70 5.21 -23.76
CA ASN Q 91 54.02 4.60 -23.77
C ASN Q 91 54.41 4.30 -22.33
N ASP Q 92 54.22 3.05 -21.91
CA ASP Q 92 54.58 2.62 -20.56
C ASP Q 92 55.72 1.61 -20.57
N LEU Q 93 55.55 0.48 -21.26
CA LEU Q 93 56.59 -0.53 -21.40
C LEU Q 93 56.40 -1.17 -22.77
N CYS Q 94 57.15 -0.68 -23.75
CA CYS Q 94 57.00 -1.15 -25.13
C CYS Q 94 57.22 -2.65 -25.20
N TYR Q 95 58.27 -3.14 -24.58
CA TYR Q 95 58.43 -4.58 -24.39
C TYR Q 95 57.60 -5.00 -23.17
N PRO Q 96 56.62 -5.89 -23.32
CA PRO Q 96 55.72 -6.20 -22.20
C PRO Q 96 56.48 -6.83 -21.03
N GLY Q 97 55.98 -6.55 -19.83
CA GLY Q 97 56.61 -7.04 -18.62
C GLY Q 97 56.10 -6.34 -17.38
N SER Q 98 57.02 -5.90 -16.52
CA SER Q 98 56.65 -5.19 -15.30
C SER Q 98 57.88 -4.51 -14.73
N LEU Q 99 57.64 -3.59 -13.80
CA LEU Q 99 58.70 -2.93 -13.03
C LEU Q 99 58.39 -3.13 -11.56
N ASN Q 100 59.36 -3.67 -10.83
CA ASN Q 100 59.15 -4.03 -9.43
C ASN Q 100 59.02 -2.78 -8.57
N ASP Q 101 58.12 -2.85 -7.58
CA ASP Q 101 57.89 -1.75 -6.64
C ASP Q 101 57.59 -0.45 -7.38
N TYR Q 102 56.77 -0.56 -8.43
CA TYR Q 102 56.54 0.58 -9.31
C TYR Q 102 55.90 1.75 -8.57
N GLU Q 103 54.88 1.46 -7.75
CA GLU Q 103 54.17 2.54 -7.07
C GLU Q 103 55.07 3.24 -6.04
N GLU Q 104 55.87 2.47 -5.30
CA GLU Q 104 56.77 3.09 -4.34
C GLU Q 104 57.89 3.86 -5.03
N LEU Q 105 58.33 3.41 -6.20
CA LEU Q 105 59.31 4.16 -6.98
C LEU Q 105 58.73 5.50 -7.45
N LYS Q 106 57.48 5.50 -7.91
CA LYS Q 106 56.85 6.73 -8.37
C LYS Q 106 56.64 7.71 -7.22
N HIS Q 107 56.30 7.20 -6.04
CA HIS Q 107 56.11 8.08 -4.89
C HIS Q 107 57.41 8.79 -4.52
N MET Q 108 58.53 8.07 -4.57
CA MET Q 108 59.83 8.70 -4.34
C MET Q 108 60.14 9.74 -5.41
N LEU Q 109 59.85 9.43 -6.67
CA LEU Q 109 60.17 10.30 -7.79
C LEU Q 109 59.21 11.48 -7.91
N SER Q 110 58.16 11.54 -7.09
CA SER Q 110 57.16 12.60 -7.24
C SER Q 110 57.76 13.99 -7.07
N ARG Q 111 58.72 14.14 -6.15
CA ARG Q 111 59.39 15.41 -5.91
C ARG Q 111 60.88 15.16 -5.74
N ILE Q 112 61.70 15.67 -6.66
CA ILE Q 112 63.13 15.43 -6.68
C ILE Q 112 63.87 16.76 -6.69
N ASN Q 113 64.83 16.91 -5.78
CA ASN Q 113 65.61 18.15 -5.71
C ASN Q 113 66.66 18.22 -6.81
N HIS Q 114 67.31 17.10 -7.13
CA HIS Q 114 68.32 17.08 -8.18
C HIS Q 114 68.26 15.74 -8.91
N PHE Q 115 68.15 15.80 -10.23
CA PHE Q 115 68.07 14.63 -11.08
C PHE Q 115 69.03 14.80 -12.25
N GLU Q 116 69.86 13.79 -12.49
CA GLU Q 116 70.84 13.86 -13.57
C GLU Q 116 71.11 12.46 -14.09
N LYS Q 117 70.94 12.28 -15.40
CA LYS Q 117 71.23 11.00 -16.04
C LYS Q 117 72.71 10.93 -16.41
N ILE Q 118 73.38 9.85 -16.00
CA ILE Q 118 74.78 9.63 -16.28
C ILE Q 118 74.95 8.20 -16.79
N GLN Q 119 76.08 7.95 -17.44
CA GLN Q 119 76.42 6.64 -17.97
C GLN Q 119 77.32 5.91 -16.96
N ILE Q 120 76.91 4.72 -16.54
CA ILE Q 120 77.62 3.99 -15.51
C ILE Q 120 78.34 2.79 -16.15
N ILE Q 121 77.75 2.24 -17.20
CA ILE Q 121 78.35 1.12 -17.92
C ILE Q 121 78.27 1.38 -19.42
N PRO Q 122 79.35 1.78 -20.07
CA PRO Q 122 79.31 1.97 -21.52
C PRO Q 122 79.18 0.64 -22.25
N LYS Q 123 78.66 0.74 -23.48
CA LYS Q 123 78.50 -0.45 -24.31
C LYS Q 123 79.83 -1.09 -24.66
N SER Q 124 80.94 -0.36 -24.52
CA SER Q 124 82.26 -0.93 -24.74
C SER Q 124 82.69 -1.86 -23.62
N SER Q 125 81.92 -1.94 -22.53
CA SER Q 125 82.23 -2.83 -21.42
C SER Q 125 81.79 -4.27 -21.68
N TRP Q 126 81.23 -4.55 -22.86
CA TRP Q 126 80.77 -5.90 -23.22
C TRP Q 126 81.46 -6.28 -24.53
N PRO Q 127 82.75 -6.62 -24.50
CA PRO Q 127 83.45 -6.98 -25.74
C PRO Q 127 83.14 -8.37 -26.24
N ASN Q 128 82.70 -9.28 -25.37
CA ASN Q 128 82.42 -10.66 -25.76
C ASN Q 128 80.92 -10.93 -25.92
N HIS Q 129 80.09 -9.90 -25.84
CA HIS Q 129 78.65 -10.04 -26.00
C HIS Q 129 78.16 -9.05 -27.05
N GLU Q 130 77.01 -9.37 -27.64
CA GLU Q 130 76.40 -8.51 -28.64
C GLU Q 130 75.58 -7.42 -27.96
N THR Q 131 75.85 -6.16 -28.30
CA THR Q 131 75.13 -5.02 -27.77
C THR Q 131 74.34 -4.28 -28.85
N SER Q 132 74.19 -4.88 -30.03
CA SER Q 132 73.53 -4.22 -31.15
C SER Q 132 72.30 -4.95 -31.68
N LEU Q 133 72.14 -6.23 -31.38
CA LEU Q 133 70.99 -6.99 -31.86
C LEU Q 133 69.84 -7.02 -30.87
N GLY Q 134 69.99 -6.40 -29.70
CA GLY Q 134 68.94 -6.42 -28.69
C GLY Q 134 67.87 -5.38 -28.92
N VAL Q 135 67.11 -5.53 -30.01
CA VAL Q 135 66.04 -4.61 -30.36
C VAL Q 135 64.79 -5.41 -30.68
N SER Q 136 63.64 -4.73 -30.62
CA SER Q 136 62.35 -5.36 -30.84
C SER Q 136 61.46 -4.46 -31.68
N ALA Q 137 60.59 -5.09 -32.48
CA ALA Q 137 59.58 -4.35 -33.20
C ALA Q 137 58.54 -3.75 -32.26
N ALA Q 138 58.38 -4.32 -31.07
CA ALA Q 138 57.48 -3.75 -30.06
C ALA Q 138 57.99 -2.44 -29.50
N CYS Q 139 59.26 -2.09 -29.75
CA CYS Q 139 59.85 -0.84 -29.27
C CYS Q 139 60.42 -0.06 -30.46
N PRO Q 140 59.58 0.33 -31.41
CA PRO Q 140 60.08 0.94 -32.63
C PRO Q 140 60.51 2.38 -32.44
N TYR Q 141 61.49 2.79 -33.24
CA TYR Q 141 61.87 4.20 -33.38
C TYR Q 141 61.93 4.50 -34.87
N GLN Q 142 61.11 5.45 -35.32
CA GLN Q 142 61.02 5.82 -36.73
C GLN Q 142 60.74 4.59 -37.59
N GLY Q 143 59.87 3.71 -37.10
CA GLY Q 143 59.54 2.48 -37.77
C GLY Q 143 60.54 1.36 -37.63
N ALA Q 144 61.81 1.69 -37.37
CA ALA Q 144 62.83 0.67 -37.22
C ALA Q 144 62.76 0.05 -35.82
N PRO Q 145 63.02 -1.26 -35.70
CA PRO Q 145 63.05 -1.88 -34.37
C PRO Q 145 64.12 -1.26 -33.48
N SER Q 146 63.79 -1.12 -32.19
CA SER Q 146 64.68 -0.49 -31.23
C SER Q 146 64.37 -1.08 -29.86
N PHE Q 147 64.87 -0.42 -28.81
CA PHE Q 147 64.78 -0.92 -27.44
C PHE Q 147 64.83 0.27 -26.49
N PHE Q 148 64.66 -0.01 -25.20
CA PHE Q 148 64.83 1.01 -24.18
C PHE Q 148 66.23 1.60 -24.26
N ARG Q 149 66.32 2.93 -24.19
CA ARG Q 149 67.58 3.60 -24.43
C ARG Q 149 68.55 3.48 -23.25
N ASN Q 150 68.04 3.33 -22.03
CA ASN Q 150 68.89 3.37 -20.85
C ASN Q 150 69.35 2.00 -20.38
N VAL Q 151 68.98 0.92 -21.07
CA VAL Q 151 69.43 -0.42 -20.74
C VAL Q 151 69.81 -1.14 -22.03
N VAL Q 152 70.63 -2.18 -21.88
CA VAL Q 152 71.17 -2.93 -23.00
C VAL Q 152 70.70 -4.38 -22.90
N TRP Q 153 70.18 -4.91 -24.01
CA TRP Q 153 69.69 -6.28 -24.09
C TRP Q 153 70.82 -7.15 -24.65
N LEU Q 154 71.66 -7.67 -23.74
CA LEU Q 154 72.85 -8.40 -24.14
C LEU Q 154 72.49 -9.75 -24.75
N ILE Q 155 73.14 -10.07 -25.86
CA ILE Q 155 72.88 -11.29 -26.63
C ILE Q 155 74.20 -12.02 -26.85
N LYS Q 156 74.10 -13.32 -27.09
CA LYS Q 156 75.28 -14.16 -27.29
C LYS Q 156 76.07 -13.69 -28.51
N LYS Q 157 77.37 -13.92 -28.47
CA LYS Q 157 78.25 -13.62 -29.60
C LYS Q 157 79.08 -14.85 -29.92
N ASN Q 158 79.18 -15.17 -31.21
CA ASN Q 158 79.89 -16.37 -31.69
C ASN Q 158 79.36 -17.63 -31.02
N ASP Q 159 78.04 -17.72 -30.91
CA ASP Q 159 77.36 -18.89 -30.32
C ASP Q 159 77.87 -19.18 -28.92
N ALA Q 160 78.06 -18.14 -28.13
CA ALA Q 160 78.54 -18.29 -26.76
C ALA Q 160 78.12 -17.07 -25.94
N TYR Q 161 77.88 -17.31 -24.65
CA TYR Q 161 77.51 -16.27 -23.70
C TYR Q 161 78.38 -16.44 -22.46
N PRO Q 162 79.58 -15.88 -22.46
CA PRO Q 162 80.45 -16.00 -21.28
C PRO Q 162 79.80 -15.37 -20.05
N THR Q 163 80.01 -15.99 -18.90
CA THR Q 163 79.42 -15.50 -17.66
C THR Q 163 79.92 -14.09 -17.36
N ILE Q 164 78.98 -13.21 -17.04
CA ILE Q 164 79.27 -11.81 -16.78
C ILE Q 164 79.57 -11.62 -15.30
N LYS Q 165 80.67 -10.95 -15.00
CA LYS Q 165 81.03 -10.57 -13.62
C LYS Q 165 81.53 -9.12 -13.68
N ILE Q 166 80.60 -8.18 -13.50
CA ILE Q 166 80.90 -6.76 -13.60
C ILE Q 166 80.41 -6.08 -12.34
N SER Q 167 81.00 -4.91 -12.05
CA SER Q 167 80.62 -4.15 -10.87
C SER Q 167 80.85 -2.67 -11.14
N TYR Q 168 80.17 -1.84 -10.35
CA TYR Q 168 80.28 -0.39 -10.45
C TYR Q 168 80.22 0.21 -9.04
N ASN Q 169 81.19 1.06 -8.72
CA ASN Q 169 81.25 1.75 -7.44
C ASN Q 169 80.70 3.16 -7.63
N ASN Q 170 79.80 3.56 -6.73
CA ASN Q 170 79.18 4.88 -6.79
C ASN Q 170 80.18 5.92 -6.29
N THR Q 171 81.09 6.29 -7.18
CA THR Q 171 82.09 7.32 -6.86
C THR Q 171 81.49 8.70 -6.72
N ASN Q 172 80.22 8.89 -7.10
CA ASN Q 172 79.57 10.18 -6.96
C ASN Q 172 79.30 10.48 -5.49
N ARG Q 173 78.93 11.73 -5.22
CA ARG Q 173 78.55 12.16 -3.89
C ARG Q 173 77.04 12.12 -3.68
N GLU Q 174 76.29 11.62 -4.66
CA GLU Q 174 74.84 11.56 -4.60
C GLU Q 174 74.37 10.14 -4.86
N ASP Q 175 73.16 9.84 -4.38
CA ASP Q 175 72.59 8.51 -4.58
C ASP Q 175 72.32 8.26 -6.07
N LEU Q 176 72.38 6.99 -6.45
CA LEU Q 176 72.18 6.57 -7.84
C LEU Q 176 70.99 5.65 -7.94
N LEU Q 177 70.11 5.93 -8.90
CA LEU Q 177 68.99 5.06 -9.24
C LEU Q 177 69.39 4.21 -10.43
N ILE Q 178 69.57 2.92 -10.20
CA ILE Q 178 70.08 1.99 -11.21
C ILE Q 178 69.00 0.96 -11.51
N LEU Q 179 68.71 0.78 -12.80
CA LEU Q 179 67.67 -0.15 -13.24
C LEU Q 179 68.27 -1.23 -14.12
N TRP Q 180 67.86 -2.48 -13.87
CA TRP Q 180 68.22 -3.61 -14.69
C TRP Q 180 66.97 -4.46 -14.90
N GLY Q 181 67.13 -5.57 -15.61
CA GLY Q 181 65.99 -6.42 -15.89
C GLY Q 181 66.41 -7.82 -16.29
N ILE Q 182 65.40 -8.67 -16.46
CA ILE Q 182 65.59 -10.05 -16.91
C ILE Q 182 64.56 -10.35 -17.99
N HIS Q 183 65.00 -11.02 -19.05
CA HIS Q 183 64.13 -11.39 -20.16
C HIS Q 183 63.68 -12.83 -19.98
N HIS Q 184 62.37 -13.05 -20.07
CA HIS Q 184 61.78 -14.37 -19.95
C HIS Q 184 61.55 -14.95 -21.35
N SER Q 185 62.19 -16.07 -21.63
CA SER Q 185 62.10 -16.70 -22.94
C SER Q 185 60.74 -17.39 -23.12
N ASN Q 186 60.45 -17.74 -24.38
CA ASN Q 186 59.20 -18.41 -24.71
C ASN Q 186 59.33 -19.93 -24.72
N ASN Q 187 60.47 -20.45 -25.17
CA ASN Q 187 60.70 -21.89 -25.21
C ASN Q 187 62.20 -22.14 -25.11
N ALA Q 188 62.57 -23.42 -25.07
CA ALA Q 188 63.98 -23.79 -24.91
C ALA Q 188 64.80 -23.38 -26.13
N GLU Q 189 64.25 -23.57 -27.33
CA GLU Q 189 64.99 -23.22 -28.55
C GLU Q 189 65.28 -21.72 -28.61
N GLU Q 190 64.28 -20.89 -28.30
CA GLU Q 190 64.49 -19.46 -28.28
C GLU Q 190 65.53 -19.05 -27.25
N GLN Q 191 65.56 -19.76 -26.11
CA GLN Q 191 66.55 -19.46 -25.07
C GLN Q 191 67.97 -19.68 -25.60
N THR Q 192 68.19 -20.78 -26.32
CA THR Q 192 69.52 -21.07 -26.85
C THR Q 192 69.88 -20.15 -28.00
N ASN Q 193 68.92 -19.85 -28.88
CA ASN Q 193 69.19 -18.97 -30.01
C ASN Q 193 69.59 -17.57 -29.59
N LEU Q 194 69.25 -17.17 -28.36
CA LEU Q 194 69.61 -15.85 -27.87
C LEU Q 194 70.76 -15.85 -26.85
N TYR Q 195 70.96 -16.96 -26.12
CA TYR Q 195 71.93 -16.97 -25.03
C TYR Q 195 72.80 -18.23 -24.98
N LYS Q 196 72.45 -19.29 -25.70
CA LYS Q 196 73.29 -20.48 -25.85
C LYS Q 196 73.35 -21.30 -24.57
N ASN Q 197 72.81 -20.75 -23.48
CA ASN Q 197 72.86 -21.43 -22.18
C ASN Q 197 71.45 -21.85 -21.79
N PRO Q 198 71.17 -23.16 -21.69
CA PRO Q 198 69.80 -23.58 -21.35
C PRO Q 198 69.33 -23.09 -19.99
N ILE Q 199 70.15 -23.23 -18.95
CA ILE Q 199 69.81 -22.79 -17.60
C ILE Q 199 70.62 -21.53 -17.31
N THR Q 200 69.94 -20.44 -17.03
CA THR Q 200 70.58 -19.14 -16.82
C THR Q 200 70.10 -18.53 -15.51
N TYR Q 201 70.84 -17.50 -15.07
CA TYR Q 201 70.54 -16.83 -13.81
C TYR Q 201 71.06 -15.40 -13.87
N ILE Q 202 70.59 -14.59 -12.93
CA ILE Q 202 71.08 -13.23 -12.73
C ILE Q 202 71.29 -13.01 -11.24
N SER Q 203 72.44 -12.48 -10.86
CA SER Q 203 72.75 -12.16 -9.47
C SER Q 203 73.14 -10.70 -9.38
N VAL Q 204 72.44 -9.95 -8.53
CA VAL Q 204 72.73 -8.54 -8.30
C VAL Q 204 72.90 -8.32 -6.80
N GLY Q 205 74.01 -7.69 -6.42
CA GLY Q 205 74.29 -7.51 -5.01
C GLY Q 205 74.92 -6.19 -4.64
N THR Q 206 74.41 -5.55 -3.59
CA THR Q 206 75.00 -4.35 -3.02
C THR Q 206 75.23 -4.58 -1.53
N SER Q 207 75.52 -3.51 -0.78
CA SER Q 207 75.64 -3.65 0.67
C SER Q 207 74.33 -4.12 1.30
N THR Q 208 73.21 -3.85 0.66
CA THR Q 208 71.90 -4.26 1.18
C THR Q 208 71.14 -5.20 0.25
N LEU Q 209 71.31 -5.07 -1.06
CA LEU Q 209 70.56 -5.88 -2.01
C LEU Q 209 71.24 -7.24 -2.21
N ASN Q 210 70.43 -8.30 -2.25
CA ASN Q 210 70.92 -9.66 -2.49
C ASN Q 210 69.81 -10.39 -3.26
N GLN Q 211 69.93 -10.39 -4.58
CA GLN Q 211 68.86 -10.82 -5.46
C GLN Q 211 69.37 -11.85 -6.45
N ARG Q 212 68.63 -12.95 -6.61
CA ARG Q 212 68.89 -13.94 -7.64
C ARG Q 212 67.62 -14.16 -8.45
N LEU Q 213 67.73 -14.03 -9.78
CA LEU Q 213 66.62 -14.18 -10.69
C LEU Q 213 66.90 -15.30 -11.67
N ALA Q 214 65.83 -15.96 -12.14
CA ALA Q 214 65.94 -16.98 -13.16
C ALA Q 214 64.83 -16.77 -14.18
N PRO Q 215 65.07 -17.02 -15.45
CA PRO Q 215 64.02 -16.85 -16.45
C PRO Q 215 62.86 -17.82 -16.23
N LYS Q 216 61.65 -17.34 -16.45
CA LYS Q 216 60.45 -18.17 -16.41
C LYS Q 216 60.05 -18.44 -17.85
N ILE Q 217 60.56 -19.54 -18.39
CA ILE Q 217 60.39 -19.89 -19.79
C ILE Q 217 59.09 -20.68 -19.91
N ALA Q 218 58.05 -20.02 -20.41
CA ALA Q 218 56.75 -20.65 -20.58
C ALA Q 218 55.96 -19.86 -21.62
N THR Q 219 54.95 -20.52 -22.18
CA THR Q 219 54.08 -19.88 -23.15
C THR Q 219 53.13 -18.91 -22.45
N ARG Q 220 53.06 -17.68 -22.95
CA ARG Q 220 52.20 -16.65 -22.40
C ARG Q 220 51.35 -16.06 -23.51
N SER Q 221 50.37 -15.25 -23.13
CA SER Q 221 49.53 -14.61 -24.12
C SER Q 221 50.31 -13.50 -24.82
N GLN Q 222 49.84 -13.15 -26.02
CA GLN Q 222 50.56 -12.21 -26.86
C GLN Q 222 50.19 -10.77 -26.50
N VAL Q 223 51.18 -9.98 -26.12
CA VAL Q 223 51.01 -8.57 -25.81
C VAL Q 223 51.99 -7.78 -26.67
N ASN Q 224 51.48 -6.76 -27.37
CA ASN Q 224 52.27 -5.97 -28.31
C ASN Q 224 52.92 -6.84 -29.39
N GLY Q 225 52.25 -7.93 -29.75
CA GLY Q 225 52.77 -8.87 -30.73
C GLY Q 225 53.82 -9.82 -30.20
N LEU Q 226 54.11 -9.80 -28.91
CA LEU Q 226 55.18 -10.59 -28.31
C LEU Q 226 54.62 -11.48 -27.20
N ARG Q 227 55.19 -12.67 -27.07
CA ARG Q 227 54.85 -13.57 -25.98
C ARG Q 227 55.89 -13.56 -24.86
N GLY Q 228 57.07 -12.99 -25.09
CA GLY Q 228 58.06 -12.87 -24.04
C GLY Q 228 57.78 -11.69 -23.13
N ARG Q 229 58.47 -11.69 -21.99
CA ARG Q 229 58.31 -10.65 -20.99
C ARG Q 229 59.67 -10.22 -20.46
N MET Q 230 59.73 -9.00 -19.95
CA MET Q 230 60.92 -8.49 -19.28
C MET Q 230 60.52 -7.86 -17.95
N ASP Q 231 61.02 -8.43 -16.86
CA ASP Q 231 60.77 -7.91 -15.52
C ASP Q 231 61.94 -7.02 -15.11
N PHE Q 232 61.65 -5.76 -14.81
CA PHE Q 232 62.67 -4.80 -14.47
C PHE Q 232 62.70 -4.56 -12.96
N PHE Q 233 63.88 -4.19 -12.46
CA PHE Q 233 64.10 -3.99 -11.04
C PHE Q 233 64.95 -2.75 -10.85
N TRP Q 234 64.97 -2.24 -9.62
CA TRP Q 234 65.72 -1.03 -9.33
C TRP Q 234 66.20 -1.05 -7.89
N THR Q 235 67.29 -0.32 -7.63
CA THR Q 235 67.82 -0.13 -6.30
C THR Q 235 68.44 1.26 -6.23
N ILE Q 236 68.72 1.71 -5.01
CA ILE Q 236 69.37 2.98 -4.77
C ILE Q 236 70.78 2.70 -4.27
N LEU Q 237 71.77 2.92 -5.12
CA LEU Q 237 73.16 2.69 -4.76
C LEU Q 237 73.69 3.91 -4.03
N LYS Q 238 73.85 3.80 -2.72
CA LYS Q 238 74.32 4.93 -1.93
C LYS Q 238 75.78 5.24 -2.27
N PRO Q 239 76.22 6.48 -2.06
CA PRO Q 239 77.59 6.85 -2.41
C PRO Q 239 78.62 6.00 -1.67
N ASP Q 240 79.71 5.69 -2.37
CA ASP Q 240 80.82 4.85 -1.90
C ASP Q 240 80.42 3.39 -1.72
N ASP Q 241 79.26 2.98 -2.23
CA ASP Q 241 78.87 1.59 -2.27
C ASP Q 241 78.84 1.10 -3.71
N ALA Q 242 79.03 -0.20 -3.89
CA ALA Q 242 79.12 -0.79 -5.22
C ALA Q 242 78.01 -1.82 -5.44
N ILE Q 243 77.64 -1.99 -6.70
CA ILE Q 243 76.65 -2.97 -7.11
C ILE Q 243 77.35 -3.99 -8.01
N HIS Q 244 77.12 -5.27 -7.74
CA HIS Q 244 77.82 -6.35 -8.43
C HIS Q 244 76.82 -7.18 -9.23
N PHE Q 245 77.08 -7.32 -10.52
CA PHE Q 245 76.22 -8.06 -11.43
C PHE Q 245 76.88 -9.37 -11.82
N GLU Q 246 76.13 -10.46 -11.74
CA GLU Q 246 76.56 -11.74 -12.28
C GLU Q 246 75.41 -12.38 -13.02
N SER Q 247 75.66 -12.80 -14.27
CA SER Q 247 74.62 -13.37 -15.10
C SER Q 247 75.26 -14.12 -16.26
N ASN Q 248 74.66 -15.26 -16.64
CA ASN Q 248 75.10 -16.04 -17.78
C ASN Q 248 74.04 -16.08 -18.89
N GLY Q 249 73.09 -15.16 -18.87
CA GLY Q 249 72.09 -15.09 -19.90
C GLY Q 249 70.83 -14.39 -19.42
N ASN Q 250 70.01 -13.99 -20.38
CA ASN Q 250 68.73 -13.32 -20.14
C ASN Q 250 68.90 -12.05 -19.32
N PHE Q 251 69.99 -11.33 -19.53
CA PHE Q 251 70.34 -10.17 -18.72
C PHE Q 251 70.11 -8.89 -19.50
N ILE Q 252 69.34 -7.97 -18.91
CA ILE Q 252 69.11 -6.66 -19.47
C ILE Q 252 69.98 -5.70 -18.67
N ALA Q 253 71.18 -5.44 -19.18
CA ALA Q 253 72.20 -4.71 -18.44
C ALA Q 253 71.89 -3.21 -18.39
N PRO Q 254 72.28 -2.54 -17.31
CA PRO Q 254 72.15 -1.07 -17.26
C PRO Q 254 73.25 -0.39 -18.05
N GLU Q 255 72.87 0.64 -18.79
CA GLU Q 255 73.83 1.52 -19.45
C GLU Q 255 73.88 2.90 -18.80
N TYR Q 256 72.72 3.48 -18.51
CA TYR Q 256 72.64 4.77 -17.85
C TYR Q 256 71.97 4.62 -16.49
N ALA Q 257 72.32 5.52 -15.58
CA ALA Q 257 71.70 5.60 -14.26
C ALA Q 257 71.32 7.06 -13.99
N TYR Q 258 70.72 7.30 -12.83
CA TYR Q 258 70.26 8.63 -12.47
C TYR Q 258 70.82 9.02 -11.11
N LYS Q 259 71.56 10.13 -11.08
CA LYS Q 259 71.91 10.76 -9.81
C LYS Q 259 70.69 11.47 -9.25
N ILE Q 260 70.32 11.14 -8.02
CA ILE Q 260 69.07 11.59 -7.44
C ILE Q 260 69.33 12.18 -6.06
N VAL Q 261 68.70 13.31 -5.78
CA VAL Q 261 68.72 13.94 -4.46
C VAL Q 261 67.28 14.25 -4.08
N LYS Q 262 66.83 13.69 -2.95
CA LYS Q 262 65.45 13.87 -2.50
C LYS Q 262 65.45 14.61 -1.17
N LYS Q 263 64.69 15.71 -1.12
CA LYS Q 263 64.54 16.50 0.09
C LYS Q 263 63.09 16.67 0.52
N GLY Q 264 62.13 16.32 -0.35
CA GLY Q 264 60.73 16.43 -0.02
C GLY Q 264 59.93 15.40 -0.79
N ASP Q 265 58.66 15.26 -0.42
CA ASP Q 265 57.79 14.27 -1.00
C ASP Q 265 56.54 14.92 -1.59
N SER Q 266 55.97 14.26 -2.58
CA SER Q 266 54.77 14.71 -3.28
C SER Q 266 54.02 13.47 -3.74
N THR Q 267 53.12 13.63 -4.70
CA THR Q 267 52.43 12.49 -5.30
C THR Q 267 52.35 12.69 -6.81
N ILE Q 268 51.72 11.74 -7.48
CA ILE Q 268 51.51 11.78 -8.91
C ILE Q 268 50.11 12.35 -9.18
N MET Q 269 50.03 13.31 -10.10
CA MET Q 269 48.77 13.92 -10.47
C MET Q 269 48.35 13.44 -11.85
N LYS Q 270 47.09 13.01 -11.97
CA LYS Q 270 46.53 12.57 -13.24
C LYS Q 270 45.72 13.73 -13.83
N SER Q 271 46.24 14.32 -14.91
CA SER Q 271 45.59 15.48 -15.51
C SER Q 271 46.04 15.62 -16.96
N GLY Q 272 45.19 16.26 -17.75
CA GLY Q 272 45.51 16.57 -19.13
C GLY Q 272 45.55 18.07 -19.36
N VAL Q 273 45.36 18.84 -18.30
CA VAL Q 273 45.35 20.29 -18.39
C VAL Q 273 46.74 20.79 -18.80
N GLU Q 274 46.77 21.80 -19.67
CA GLU Q 274 48.02 22.34 -20.16
C GLU Q 274 48.78 23.09 -19.06
N TYR Q 275 50.10 23.17 -19.24
CA TYR Q 275 50.91 23.99 -18.36
C TYR Q 275 50.59 25.46 -18.57
N GLY Q 276 50.60 26.23 -17.48
CA GLY Q 276 50.12 27.59 -17.53
C GLY Q 276 51.15 28.69 -17.31
N HIS Q 277 52.42 28.32 -17.14
CA HIS Q 277 53.48 29.29 -16.86
C HIS Q 277 53.11 30.18 -15.68
N CYS Q 278 52.66 29.54 -14.60
CA CYS Q 278 52.12 30.22 -13.43
C CYS Q 278 52.73 29.60 -12.17
N ASN Q 279 52.40 30.22 -11.03
CA ASN Q 279 52.86 29.73 -9.74
C ASN Q 279 51.69 29.68 -8.77
N THR Q 280 51.75 28.73 -7.85
CA THR Q 280 50.68 28.54 -6.88
C THR Q 280 51.21 27.75 -5.70
N LYS Q 281 50.48 27.82 -4.59
CA LYS Q 281 50.74 26.99 -3.43
C LYS Q 281 49.72 25.88 -3.27
N CYS Q 282 48.79 25.76 -4.20
CA CYS Q 282 47.77 24.71 -4.15
C CYS Q 282 47.35 24.39 -5.58
N GLN Q 283 47.56 23.14 -5.99
CA GLN Q 283 47.30 22.69 -7.36
C GLN Q 283 46.28 21.56 -7.36
N THR Q 284 45.24 21.71 -8.17
CA THR Q 284 44.24 20.69 -8.42
C THR Q 284 44.39 20.15 -9.84
N PRO Q 285 43.91 18.94 -10.12
CA PRO Q 285 44.03 18.38 -11.48
C PRO Q 285 43.25 19.14 -12.53
N VAL Q 286 42.45 20.13 -12.13
CA VAL Q 286 41.69 20.95 -13.08
C VAL Q 286 42.13 22.40 -13.11
N GLY Q 287 43.02 22.81 -12.22
CA GLY Q 287 43.49 24.18 -12.18
C GLY Q 287 43.93 24.56 -10.78
N ALA Q 288 44.91 25.45 -10.71
CA ALA Q 288 45.43 25.93 -9.44
C ALA Q 288 44.48 26.93 -8.81
N ILE Q 289 44.57 27.05 -7.49
CA ILE Q 289 43.77 28.02 -6.74
C ILE Q 289 44.70 28.89 -5.90
N ASN Q 290 44.38 30.18 -5.82
CA ASN Q 290 45.12 31.16 -5.03
C ASN Q 290 44.10 31.79 -4.08
N SER Q 291 44.02 31.25 -2.86
CA SER Q 291 43.01 31.69 -1.92
C SER Q 291 43.52 31.55 -0.50
N SER Q 292 43.06 32.46 0.36
CA SER Q 292 43.23 32.36 1.79
C SER Q 292 41.97 31.91 2.51
N MET Q 293 40.92 31.57 1.76
CA MET Q 293 39.68 31.12 2.38
C MET Q 293 39.88 29.75 3.04
N PRO Q 294 39.15 29.48 4.12
CA PRO Q 294 39.34 28.19 4.82
C PRO Q 294 38.80 26.99 4.06
N PHE Q 295 37.88 27.19 3.11
CA PHE Q 295 37.24 26.07 2.44
C PHE Q 295 37.20 26.29 0.93
N HIS Q 296 37.13 25.18 0.20
CA HIS Q 296 36.98 25.22 -1.25
C HIS Q 296 36.22 23.99 -1.69
N ASN Q 297 35.69 24.04 -2.91
CA ASN Q 297 34.91 22.92 -3.46
C ASN Q 297 35.30 22.61 -4.90
N ILE Q 298 36.56 22.86 -5.26
CA ILE Q 298 36.99 22.66 -6.64
C ILE Q 298 37.22 21.19 -6.94
N HIS Q 299 38.16 20.56 -6.23
CA HIS Q 299 38.56 19.20 -6.54
C HIS Q 299 39.21 18.59 -5.30
N PRO Q 300 39.01 17.30 -5.03
CA PRO Q 300 39.57 16.72 -3.80
C PRO Q 300 41.06 16.41 -3.89
N LEU Q 301 41.55 16.02 -5.08
CA LEU Q 301 42.92 15.54 -5.24
C LEU Q 301 43.87 16.73 -5.43
N THR Q 302 44.14 17.41 -4.33
CA THR Q 302 44.98 18.61 -4.36
C THR Q 302 46.38 18.32 -3.86
N ILE Q 303 47.33 19.14 -4.31
CA ILE Q 303 48.72 19.10 -3.85
C ILE Q 303 49.10 20.51 -3.42
N GLY Q 304 49.56 20.65 -2.18
CA GLY Q 304 50.01 21.92 -1.66
C GLY Q 304 49.27 22.30 -0.38
N GLU Q 305 49.52 23.53 0.05
CA GLU Q 305 48.78 24.12 1.17
C GLU Q 305 47.43 24.59 0.64
N CYS Q 306 46.38 23.86 0.97
CA CYS Q 306 45.07 24.08 0.36
C CYS Q 306 44.00 24.26 1.43
N PRO Q 307 42.92 24.97 1.10
CA PRO Q 307 41.77 25.00 1.99
C PRO Q 307 41.10 23.63 2.06
N LYS Q 308 40.25 23.47 3.07
CA LYS Q 308 39.59 22.20 3.27
C LYS Q 308 38.49 21.98 2.24
N TYR Q 309 38.50 20.82 1.60
CA TYR Q 309 37.53 20.49 0.56
C TYR Q 309 36.22 20.06 1.20
N VAL Q 310 35.12 20.70 0.80
CA VAL Q 310 33.81 20.47 1.40
C VAL Q 310 32.78 20.23 0.29
N LYS Q 311 31.68 19.60 0.68
CA LYS Q 311 30.54 19.40 -0.22
C LYS Q 311 29.57 20.55 0.01
N SER Q 312 29.87 21.69 -0.61
CA SER Q 312 29.07 22.89 -0.43
C SER Q 312 29.18 23.76 -1.66
N ASN Q 313 28.16 24.59 -1.88
CA ASN Q 313 28.14 25.53 -3.00
C ASN Q 313 28.34 26.97 -2.57
N LYS Q 314 28.07 27.30 -1.31
CA LYS Q 314 28.25 28.66 -0.82
C LYS Q 314 28.27 28.63 0.70
N LEU Q 315 29.24 29.33 1.29
CA LEU Q 315 29.35 29.52 2.73
C LEU Q 315 29.43 31.04 2.93
N VAL Q 316 28.27 31.68 2.97
CA VAL Q 316 28.17 33.14 2.95
C VAL Q 316 27.87 33.62 4.36
N LEU Q 317 28.83 34.28 4.98
CA LEU Q 317 28.64 34.88 6.29
C LEU Q 317 27.95 36.23 6.17
N ALA Q 318 27.10 36.53 7.15
CA ALA Q 318 26.45 37.83 7.21
C ALA Q 318 27.39 38.83 7.87
N THR Q 319 27.72 39.91 7.15
CA THR Q 319 28.48 41.01 7.71
C THR Q 319 27.66 42.24 7.98
N GLY Q 320 26.58 42.46 7.22
CA GLY Q 320 25.72 43.60 7.37
C GLY Q 320 24.45 43.29 8.12
N LEU Q 321 23.48 44.19 8.00
CA LEU Q 321 22.23 44.13 8.73
C LEU Q 321 21.13 43.54 7.85
N ARG Q 322 19.95 43.35 8.45
CA ARG Q 322 18.79 42.96 7.67
C ARG Q 322 18.38 44.08 6.72
N ASN Q 323 18.27 43.76 5.44
CA ASN Q 323 17.90 44.74 4.44
C ASN Q 323 16.39 44.87 4.35
N SER Q 324 15.92 46.10 4.19
CA SER Q 324 14.49 46.38 4.14
C SER Q 324 14.20 47.54 3.20
N GLY R 1 13.90 40.69 15.60
CA GLY R 1 15.18 40.31 16.17
C GLY R 1 15.06 39.62 17.51
N LEU R 2 16.21 39.42 18.18
CA LEU R 2 16.20 38.75 19.47
C LEU R 2 15.84 39.73 20.59
N PHE R 3 16.68 40.74 20.81
CA PHE R 3 16.31 41.82 21.72
C PHE R 3 15.10 42.57 21.20
N GLY R 4 15.11 42.85 19.90
CA GLY R 4 13.96 43.26 19.12
C GLY R 4 13.90 44.75 18.91
N ALA R 5 14.55 45.21 17.84
CA ALA R 5 14.34 46.55 17.32
C ALA R 5 14.27 46.52 15.80
N ILE R 6 15.10 45.68 15.18
CA ILE R 6 15.30 45.74 13.73
C ILE R 6 14.00 45.45 13.00
N ALA R 7 13.43 44.28 13.25
CA ALA R 7 12.08 43.96 12.82
C ALA R 7 11.07 44.19 13.93
N GLY R 8 11.49 44.81 15.03
CA GLY R 8 10.65 45.01 16.19
C GLY R 8 9.91 46.34 16.16
N PHE R 9 10.27 47.27 17.05
CA PHE R 9 9.55 48.54 17.09
C PHE R 9 10.02 49.50 16.00
N ILE R 10 11.27 49.39 15.53
CA ILE R 10 11.72 50.24 14.43
C ILE R 10 10.98 49.88 13.15
N GLU R 11 10.92 48.59 12.82
CA GLU R 11 10.16 48.07 11.68
C GLU R 11 10.61 48.71 10.37
N GLY R 12 11.88 48.46 10.01
CA GLY R 12 12.38 48.89 8.73
C GLY R 12 13.63 49.74 8.80
N GLY R 13 14.53 49.57 7.81
CA GLY R 13 15.73 50.37 7.76
C GLY R 13 15.56 51.61 6.90
N TRP R 14 16.50 52.54 7.06
CA TRP R 14 16.47 53.80 6.35
C TRP R 14 17.45 53.76 5.18
N GLN R 15 16.94 53.93 3.96
CA GLN R 15 17.81 54.07 2.81
C GLN R 15 18.50 55.43 2.78
N GLY R 16 17.93 56.44 3.43
CA GLY R 16 18.55 57.75 3.46
C GLY R 16 19.89 57.75 4.16
N MET R 17 20.01 56.99 5.24
CA MET R 17 21.27 56.90 5.96
C MET R 17 22.30 56.15 5.12
N VAL R 18 23.36 56.84 4.72
CA VAL R 18 24.41 56.25 3.90
C VAL R 18 25.76 56.50 4.57
N ASP R 19 25.74 57.03 5.78
CA ASP R 19 26.96 57.34 6.53
C ASP R 19 27.36 56.25 7.51
N GLY R 20 26.55 55.20 7.66
CA GLY R 20 26.89 54.15 8.61
C GLY R 20 25.77 53.15 8.75
N TRP R 21 25.95 52.24 9.71
CA TRP R 21 24.98 51.17 9.94
C TRP R 21 23.85 51.64 10.84
N TYR R 22 24.14 52.41 11.87
CA TYR R 22 23.13 52.92 12.79
C TYR R 22 23.30 54.42 12.94
N GLY R 23 22.18 55.11 13.15
CA GLY R 23 22.23 56.55 13.28
C GLY R 23 20.88 57.12 13.66
N TYR R 24 20.82 58.45 13.63
CA TYR R 24 19.66 59.21 14.04
C TYR R 24 19.03 59.91 12.83
N HIS R 25 17.71 60.01 12.84
CA HIS R 25 16.99 60.88 11.92
C HIS R 25 16.33 61.98 12.75
N HIS R 26 16.64 63.23 12.40
CA HIS R 26 16.16 64.38 13.15
C HIS R 26 15.28 65.24 12.26
N SER R 27 14.21 65.80 12.85
CA SER R 27 13.28 66.64 12.10
C SER R 27 12.72 67.68 13.06
N ASN R 28 13.09 68.93 12.85
CA ASN R 28 12.68 70.03 13.73
C ASN R 28 12.28 71.21 12.85
N GLU R 29 12.15 72.39 13.48
CA GLU R 29 11.75 73.59 12.76
C GLU R 29 12.77 73.97 11.70
N GLN R 30 14.06 73.83 12.00
CA GLN R 30 15.09 74.17 11.03
C GLN R 30 15.00 73.29 9.79
N GLY R 31 14.75 72.00 9.97
CA GLY R 31 14.65 71.10 8.83
C GLY R 31 14.68 69.65 9.29
N SER R 32 15.03 68.78 8.35
CA SER R 32 15.15 67.35 8.60
C SER R 32 16.46 66.84 8.05
N GLY R 33 17.04 65.85 8.72
CA GLY R 33 18.33 65.33 8.31
C GLY R 33 18.56 63.92 8.81
N TYR R 34 19.71 63.38 8.44
CA TYR R 34 20.13 62.04 8.84
C TYR R 34 21.49 62.10 9.52
N ALA R 35 21.63 61.34 10.61
CA ALA R 35 22.86 61.24 11.37
C ALA R 35 23.37 59.81 11.34
N ALA R 36 24.53 59.59 11.96
CA ALA R 36 25.12 58.26 12.02
C ALA R 36 26.06 58.22 13.21
N ASP R 37 25.75 57.36 14.18
CA ASP R 37 26.57 57.21 15.38
C ASP R 37 27.88 56.53 14.98
N LYS R 38 28.95 57.32 14.89
CA LYS R 38 30.25 56.78 14.49
C LYS R 38 30.78 55.78 15.50
N GLU R 39 30.53 56.02 16.79
CA GLU R 39 31.07 55.15 17.84
C GLU R 39 30.50 53.74 17.72
N SER R 40 29.17 53.62 17.63
CA SER R 40 28.54 52.32 17.54
C SER R 40 28.84 51.66 16.19
N THR R 41 28.85 52.47 15.11
CA THR R 41 29.08 51.91 13.78
C THR R 41 30.48 51.33 13.65
N GLN R 42 31.49 52.02 14.18
CA GLN R 42 32.85 51.52 14.09
C GLN R 42 33.05 50.30 14.98
N LYS R 43 32.48 50.31 16.18
CA LYS R 43 32.58 49.15 17.05
C LYS R 43 31.89 47.94 16.45
N ALA R 44 30.78 48.15 15.73
CA ALA R 44 30.14 47.04 15.03
C ALA R 44 30.96 46.59 13.84
N ILE R 45 31.59 47.54 13.12
CA ILE R 45 32.42 47.19 11.98
C ILE R 45 33.66 46.43 12.43
N ASP R 46 34.30 46.87 13.51
CA ASP R 46 35.49 46.18 14.01
C ASP R 46 35.15 44.78 14.49
N GLY R 47 34.03 44.61 15.19
CA GLY R 47 33.67 43.30 15.70
C GLY R 47 33.35 42.30 14.61
N VAL R 48 32.58 42.72 13.60
CA VAL R 48 32.24 41.83 12.50
C VAL R 48 33.48 41.50 11.69
N THR R 49 34.38 42.48 11.51
CA THR R 49 35.64 42.20 10.82
C THR R 49 36.47 41.17 11.58
N ASN R 50 36.51 41.28 12.91
CA ASN R 50 37.21 40.28 13.70
C ASN R 50 36.58 38.91 13.55
N LYS R 51 35.25 38.83 13.57
CA LYS R 51 34.58 37.54 13.44
C LYS R 51 34.87 36.89 12.09
N VAL R 52 34.80 37.69 11.02
CA VAL R 52 35.11 37.15 9.69
C VAL R 52 36.57 36.75 9.58
N ASN R 53 37.47 37.60 10.11
CA ASN R 53 38.90 37.28 10.05
C ASN R 53 39.24 36.09 10.93
N SER R 54 38.60 35.97 12.09
CA SER R 54 38.88 34.85 12.98
C SER R 54 38.51 33.52 12.33
N ILE R 55 37.37 33.47 11.65
CA ILE R 55 36.95 32.24 10.98
C ILE R 55 37.92 31.87 9.87
N ILE R 56 38.47 32.87 9.18
CA ILE R 56 39.43 32.61 8.12
C ILE R 56 40.81 32.30 8.68
N ASP R 57 41.27 33.11 9.63
CA ASP R 57 42.68 33.01 10.06
C ASP R 57 42.93 31.80 10.95
N LYS R 58 41.97 31.41 11.78
CA LYS R 58 42.19 30.32 12.72
C LYS R 58 42.36 28.97 12.04
N MET R 59 42.06 28.87 10.75
CA MET R 59 42.26 27.64 10.00
C MET R 59 43.76 27.34 9.86
N ASN R 60 44.14 26.10 10.15
CA ASN R 60 45.51 25.65 9.97
C ASN R 60 45.58 24.85 8.66
N THR R 61 46.43 25.31 7.74
CA THR R 61 46.60 24.66 6.45
C THR R 61 48.03 24.15 6.33
N GLN R 62 48.18 22.89 5.96
CA GLN R 62 49.47 22.25 5.80
C GLN R 62 49.60 21.69 4.38
N PHE R 63 50.86 21.48 3.97
CA PHE R 63 51.12 20.85 2.68
C PHE R 63 50.70 19.39 2.73
N GLU R 64 49.90 18.98 1.74
CA GLU R 64 49.51 17.59 1.60
C GLU R 64 49.50 17.23 0.12
N ALA R 65 49.80 15.96 -0.17
CA ALA R 65 49.84 15.44 -1.54
C ALA R 65 48.78 14.35 -1.65
N VAL R 66 47.64 14.68 -2.24
CA VAL R 66 46.52 13.76 -2.36
C VAL R 66 46.56 13.16 -3.75
N GLY R 67 46.93 11.89 -3.84
CA GLY R 67 46.95 11.18 -5.09
C GLY R 67 46.31 9.80 -5.00
N ARG R 68 46.50 8.97 -6.02
CA ARG R 68 45.98 7.60 -6.05
C ARG R 68 47.13 6.69 -6.46
N GLU R 69 47.88 6.20 -5.46
CA GLU R 69 49.12 5.49 -5.71
C GLU R 69 49.03 4.00 -5.41
N PHE R 70 47.83 3.45 -5.27
CA PHE R 70 47.66 2.04 -4.94
C PHE R 70 47.09 1.29 -6.15
N ASN R 71 47.63 0.10 -6.40
CA ASN R 71 47.30 -0.67 -7.59
C ASN R 71 46.06 -1.53 -7.34
N ASN R 72 45.78 -2.45 -8.26
CA ASN R 72 44.55 -3.24 -8.19
C ASN R 72 44.62 -4.33 -7.13
N LEU R 73 45.81 -4.66 -6.62
CA LEU R 73 45.96 -5.62 -5.54
C LEU R 73 46.21 -4.94 -4.20
N GLU R 74 46.01 -3.63 -4.12
CA GLU R 74 46.07 -2.88 -2.86
C GLU R 74 44.77 -2.12 -2.62
N ARG R 75 43.65 -2.70 -3.08
CA ARG R 75 42.37 -2.01 -3.01
C ARG R 75 41.90 -1.83 -1.56
N ARG R 76 42.25 -2.76 -0.67
CA ARG R 76 41.86 -2.63 0.73
C ARG R 76 42.48 -1.39 1.36
N ILE R 77 43.76 -1.13 1.07
CA ILE R 77 44.40 0.08 1.58
C ILE R 77 43.78 1.32 0.95
N GLU R 78 43.50 1.25 -0.36
CA GLU R 78 42.86 2.38 -1.02
C GLU R 78 41.49 2.68 -0.42
N ASN R 79 40.75 1.65 -0.04
CA ASN R 79 39.47 1.86 0.65
C ASN R 79 39.68 2.54 1.99
N LEU R 80 40.79 2.22 2.68
CA LEU R 80 41.10 2.93 3.91
C LEU R 80 41.33 4.42 3.66
N ASN R 81 42.02 4.74 2.56
CA ASN R 81 42.18 6.14 2.17
C ASN R 81 40.84 6.76 1.82
N LYS R 82 39.98 6.02 1.12
CA LYS R 82 38.67 6.54 0.74
C LYS R 82 37.85 6.91 1.96
N LYS R 83 37.78 6.00 2.94
CA LYS R 83 37.04 6.30 4.16
C LYS R 83 37.66 7.46 4.92
N MET R 84 38.99 7.56 4.90
CA MET R 84 39.66 8.68 5.55
C MET R 84 39.28 10.00 4.88
N GLU R 85 39.42 10.09 3.56
CA GLU R 85 39.10 11.32 2.85
C GLU R 85 37.62 11.65 2.95
N ASP R 86 36.77 10.65 2.80
CA ASP R 86 35.33 10.88 2.95
C ASP R 86 34.99 11.31 4.38
N GLY R 87 35.69 10.76 5.36
CA GLY R 87 35.43 11.13 6.74
C GLY R 87 35.73 12.60 7.01
N PHE R 88 36.88 13.07 6.54
CA PHE R 88 37.23 14.48 6.73
C PHE R 88 36.33 15.40 5.94
N LEU R 89 35.87 14.96 4.75
CA LEU R 89 34.93 15.77 3.98
C LEU R 89 33.63 15.97 4.75
N ASP R 90 33.11 14.91 5.37
CA ASP R 90 31.87 15.03 6.12
C ASP R 90 32.05 15.87 7.37
N VAL R 91 33.21 15.76 8.02
CA VAL R 91 33.47 16.55 9.23
C VAL R 91 33.52 18.03 8.89
N TRP R 92 34.31 18.39 7.87
CA TRP R 92 34.46 19.80 7.52
C TRP R 92 33.17 20.39 6.98
N THR R 93 32.45 19.63 6.15
CA THR R 93 31.20 20.14 5.58
C THR R 93 30.17 20.42 6.67
N TYR R 94 30.03 19.51 7.63
CA TYR R 94 29.10 19.73 8.73
C TYR R 94 29.50 20.93 9.57
N ASN R 95 30.80 21.06 9.87
CA ASN R 95 31.26 22.22 10.63
C ASN R 95 31.06 23.52 9.86
N ALA R 96 31.40 23.52 8.57
CA ALA R 96 31.33 24.75 7.79
C ALA R 96 29.89 25.25 7.67
N GLU R 97 28.97 24.37 7.33
CA GLU R 97 27.56 24.77 7.20
C GLU R 97 27.01 25.23 8.54
N LEU R 98 27.29 24.48 9.60
CA LEU R 98 26.74 24.84 10.92
C LEU R 98 27.37 26.11 11.46
N LEU R 99 28.68 26.31 11.23
CA LEU R 99 29.34 27.52 11.71
C LEU R 99 28.75 28.77 11.08
N VAL R 100 28.51 28.72 9.75
CA VAL R 100 27.90 29.86 9.08
C VAL R 100 26.48 30.07 9.59
N LEU R 101 25.73 28.99 9.80
CA LEU R 101 24.34 29.11 10.27
C LEU R 101 24.29 29.75 11.64
N MET R 102 25.16 29.32 12.57
CA MET R 102 25.10 29.84 13.93
C MET R 102 25.64 31.27 14.02
N GLU R 103 26.73 31.56 13.31
CA GLU R 103 27.33 32.88 13.40
C GLU R 103 26.46 33.95 12.72
N ASN R 104 25.75 33.58 11.65
CA ASN R 104 24.82 34.52 11.04
C ASN R 104 23.71 34.88 12.02
N GLU R 105 23.27 33.90 12.83
CA GLU R 105 22.33 34.20 13.90
C GLU R 105 22.92 35.17 14.91
N ARG R 106 24.19 34.97 15.28
CA ARG R 106 24.83 35.87 16.23
C ARG R 106 25.06 37.25 15.63
N THR R 107 25.42 37.31 14.34
CA THR R 107 25.68 38.60 13.71
C THR R 107 24.42 39.45 13.65
N LEU R 108 23.28 38.86 13.26
CA LEU R 108 22.05 39.63 13.16
C LEU R 108 21.56 40.07 14.54
N ASP R 109 21.76 39.25 15.57
CA ASP R 109 21.40 39.67 16.92
C ASP R 109 22.38 40.71 17.46
N PHE R 110 23.62 40.70 16.97
CA PHE R 110 24.57 41.76 17.34
C PHE R 110 24.11 43.12 16.82
N HIS R 111 23.62 43.15 15.58
CA HIS R 111 23.08 44.39 15.04
C HIS R 111 21.82 44.82 15.78
N ASP R 112 21.00 43.86 16.18
CA ASP R 112 19.75 44.17 16.89
C ASP R 112 20.02 44.91 18.20
N SER R 113 20.99 44.43 18.98
CA SER R 113 21.30 45.07 20.25
C SER R 113 21.94 46.45 20.06
N ASN R 114 22.75 46.60 19.01
CA ASN R 114 23.43 47.88 18.79
C ASN R 114 22.42 49.00 18.56
N VAL R 115 21.32 48.70 17.87
CA VAL R 115 20.25 49.69 17.75
C VAL R 115 19.54 49.88 19.09
N LYS R 116 19.25 48.77 19.79
CA LYS R 116 18.56 48.88 21.07
C LYS R 116 19.39 49.64 22.10
N ASN R 117 20.71 49.49 22.07
CA ASN R 117 21.58 50.25 22.97
C ASN R 117 21.46 51.75 22.70
N LEU R 118 21.43 52.13 21.41
CA LEU R 118 21.24 53.54 21.08
C LEU R 118 19.86 54.02 21.48
N TYR R 119 18.83 53.19 21.28
CA TYR R 119 17.47 53.58 21.65
C TYR R 119 17.34 53.74 23.16
N ASP R 120 17.93 52.83 23.93
CA ASP R 120 17.91 52.95 25.39
C ASP R 120 18.80 54.08 25.88
N LYS R 121 19.79 54.49 25.07
CA LYS R 121 20.60 55.65 25.43
C LYS R 121 19.76 56.92 25.44
N VAL R 122 18.97 57.14 24.38
CA VAL R 122 18.16 58.35 24.28
C VAL R 122 17.01 58.31 25.28
N ARG R 123 16.41 57.13 25.49
CA ARG R 123 15.25 57.02 26.36
C ARG R 123 15.56 57.49 27.78
N LEU R 124 16.79 57.30 28.24
CA LEU R 124 17.18 57.77 29.56
C LEU R 124 17.40 59.27 29.60
N GLN R 125 17.90 59.85 28.52
CA GLN R 125 18.17 61.29 28.49
C GLN R 125 16.89 62.09 28.64
N LEU R 126 15.84 61.72 27.90
CA LEU R 126 14.64 62.53 27.80
C LEU R 126 13.63 62.27 28.92
N ARG R 127 13.69 61.10 29.56
CA ARG R 127 12.83 60.75 30.68
C ARG R 127 11.37 61.11 30.43
N ASP R 128 10.91 62.20 31.04
CA ASP R 128 9.55 62.69 30.86
C ASP R 128 9.46 63.90 29.94
N ASN R 129 10.60 64.44 29.51
CA ASN R 129 10.61 65.59 28.61
C ASN R 129 10.23 65.24 27.18
N ALA R 130 10.15 63.96 26.84
CA ALA R 130 9.69 63.52 25.53
C ALA R 130 8.96 62.19 25.69
N LYS R 131 8.03 61.92 24.79
CA LYS R 131 7.20 60.72 24.88
C LYS R 131 7.72 59.65 23.92
N GLU R 132 7.49 58.40 24.30
CA GLU R 132 7.90 57.25 23.49
C GLU R 132 6.76 56.88 22.54
N LEU R 133 6.94 57.22 21.26
CA LEU R 133 5.92 56.90 20.27
C LEU R 133 5.76 55.39 20.08
N GLY R 134 6.85 54.64 20.21
CA GLY R 134 6.83 53.21 20.02
C GLY R 134 7.34 52.75 18.67
N ASN R 135 7.63 53.67 17.75
CA ASN R 135 8.15 53.34 16.44
C ASN R 135 9.66 53.54 16.34
N GLY R 136 10.32 53.83 17.46
CA GLY R 136 11.73 54.16 17.46
C GLY R 136 12.03 55.64 17.49
N CYS R 137 11.01 56.48 17.58
CA CYS R 137 11.17 57.93 17.61
C CYS R 137 10.71 58.49 18.94
N PHE R 138 11.33 59.58 19.36
CA PHE R 138 10.96 60.30 20.57
C PHE R 138 10.45 61.67 20.16
N GLU R 139 9.15 61.89 20.30
CA GLU R 139 8.58 63.21 20.04
C GLU R 139 8.79 64.10 21.26
N PHE R 140 9.55 65.18 21.06
CA PHE R 140 9.86 66.07 22.17
C PHE R 140 8.61 66.77 22.66
N TYR R 141 8.28 66.58 23.94
CA TYR R 141 7.21 67.36 24.56
C TYR R 141 7.55 68.85 24.56
N HIS R 142 8.83 69.18 24.63
CA HIS R 142 9.30 70.56 24.56
C HIS R 142 9.66 70.91 23.12
N LYS R 143 10.33 72.03 22.92
CA LYS R 143 10.84 72.44 21.62
C LYS R 143 12.34 72.22 21.60
N CYS R 144 12.83 71.55 20.55
CA CYS R 144 14.24 71.17 20.44
C CYS R 144 14.80 71.68 19.13
N ASP R 145 15.91 72.40 19.20
CA ASP R 145 16.59 72.94 18.03
C ASP R 145 17.76 72.04 17.66
N ASN R 146 18.51 72.46 16.62
CA ASN R 146 19.63 71.65 16.15
C ASN R 146 20.72 71.51 17.21
N GLU R 147 20.98 72.59 17.96
CA GLU R 147 21.95 72.49 19.05
C GLU R 147 21.49 71.50 20.11
N CYS R 148 20.21 71.56 20.49
CA CYS R 148 19.68 70.59 21.44
C CYS R 148 19.50 69.22 20.78
N MET R 149 19.31 69.18 19.46
CA MET R 149 19.32 67.91 18.75
C MET R 149 20.67 67.23 18.87
N GLU R 150 21.75 68.02 18.80
CA GLU R 150 23.10 67.47 18.96
C GLU R 150 23.28 66.86 20.35
N SER R 151 22.85 67.59 21.39
CA SER R 151 23.09 67.15 22.77
C SER R 151 22.53 65.76 23.03
N VAL R 152 21.42 65.42 22.35
CA VAL R 152 20.90 64.05 22.44
C VAL R 152 21.85 63.08 21.74
N ARG R 153 22.59 63.55 20.73
CA ARG R 153 23.44 62.68 19.93
C ARG R 153 24.86 62.54 20.48
N ASN R 154 25.17 63.19 21.61
CA ASN R 154 26.38 62.87 22.36
C ASN R 154 26.09 62.82 23.86
N GLY R 155 24.81 62.59 24.22
CA GLY R 155 24.43 62.33 25.59
C GLY R 155 24.68 63.47 26.56
N THR R 156 24.28 64.69 26.17
CA THR R 156 24.45 65.85 27.03
C THR R 156 23.16 66.65 27.15
N TYR R 157 22.02 65.98 27.01
CA TYR R 157 20.73 66.64 27.16
C TYR R 157 20.44 66.87 28.64
N ASP R 158 20.11 68.10 28.99
CA ASP R 158 19.78 68.45 30.37
C ASP R 158 18.27 68.40 30.56
N TYR R 159 17.81 67.48 31.41
CA TYR R 159 16.38 67.32 31.63
C TYR R 159 15.71 68.56 32.23
N PRO R 160 16.22 69.19 33.29
CA PRO R 160 15.46 70.27 33.92
C PRO R 160 15.38 71.56 33.12
N GLN R 161 15.99 71.61 31.92
CA GLN R 161 15.89 72.83 31.12
C GLN R 161 14.46 73.07 30.66
N TYR R 162 13.73 72.01 30.29
CA TYR R 162 12.37 72.14 29.80
C TYR R 162 11.42 71.20 30.54
N SER R 163 11.66 70.98 31.83
CA SER R 163 10.80 70.09 32.60
C SER R 163 9.38 70.65 32.69
N GLU R 164 9.24 71.85 33.28
CA GLU R 164 7.92 72.47 33.38
C GLU R 164 7.39 72.88 32.01
N GLU R 165 8.29 73.17 31.06
CA GLU R 165 7.84 73.47 29.70
C GLU R 165 7.14 72.27 29.08
N ALA R 166 7.62 71.06 29.37
CA ALA R 166 6.93 69.86 28.91
C ALA R 166 5.67 69.61 29.72
N ARG R 167 5.71 69.90 31.02
CA ARG R 167 4.57 69.60 31.90
C ARG R 167 3.34 70.41 31.52
N LEU R 168 3.52 71.68 31.15
CA LEU R 168 2.39 72.49 30.70
C LEU R 168 1.74 71.89 29.46
N LYS R 169 2.56 71.44 28.50
CA LYS R 169 2.02 70.77 27.33
C LYS R 169 1.48 69.38 27.67
N ARG R 170 2.20 68.64 28.52
CA ARG R 170 1.82 67.28 28.85
C ARG R 170 0.46 67.23 29.54
N GLU R 171 0.24 68.11 30.52
CA GLU R 171 -1.05 68.13 31.21
C GLU R 171 -2.15 68.71 30.33
N GLU R 172 -1.79 69.58 29.38
CA GLU R 172 -2.78 70.10 28.44
C GLU R 172 -3.13 69.06 27.39
N ILE R 173 -2.15 68.31 26.91
CA ILE R 173 -2.41 67.27 25.90
C ILE R 173 -3.33 66.20 26.47
N SER R 174 -3.04 65.74 27.69
CA SER R 174 -3.85 64.69 28.29
C SER R 174 -5.27 65.15 28.60
N SER R 175 -5.51 66.46 28.63
CA SER R 175 -6.86 66.99 28.86
C SER R 175 -7.71 66.95 27.60
N GLY R 176 -7.13 66.73 26.43
CA GLY R 176 -7.88 66.68 25.18
C GLY R 176 -7.97 68.01 24.49
#